data_6DU7
#
_entry.id   6DU7
#
_cell.length_a   96.748
_cell.length_b   172.671
_cell.length_c   135.434
_cell.angle_alpha   90.000
_cell.angle_beta   91.050
_cell.angle_gamma   90.000
#
_symmetry.space_group_name_H-M   'P 1 21 1'
#
loop_
_entity.id
_entity.type
_entity.pdbx_description
1 polymer 'Glutathione reductase'
2 non-polymer 'FLAVIN-ADENINE DINUCLEOTIDE'
3 non-polymer 'THIOCYANATE ION'
4 water water
#
_entity_poly.entity_id   1
_entity_poly.type   'polypeptide(L)'
_entity_poly.pdbx_seq_one_letter_code
;MREYDIIAIGGGSGGIATMNRAGEHGAQAAVIEEKKLGGTCVNVGCVPKKIMWYGAQIAETFHQFGEDYGFKTTDLNFDF
ATLRRNRESYIDRARSSYDGSFKRNGVDLIEGHAEFVDSHTVSVNGELIRAKHIVIATGAHPSIPNIPGAELGGSSDDVF
AWEELPESVAILGAGYIAVELAGVLHTFGVKTDLFVRRDRPLRGFDSYIVEGLVKEMERTNLPLHTHKVPVKLEKTTDGI
TIHFEDGTSHTASQVIWATGRRPNVKGLQLEKAGVTLNERGFIQVDEYQNTVVEGIYALGDVTGEKELTPVAIKAGRTLS
ERLFNGKTTAKMDYSTIPTVVFSHPAIGTVGLTEEQAIKEYGQDQIKVYKSSFASMYSACTRNRQESRFKLITAGSEEKV
VGLHGIGYGVDEMIQGFAVAIKMGATKADFDATVAIHPTSSEEFVTMR
;
_entity_poly.pdbx_strand_id   A,B,C,D,E,F,G,H
#
loop_
_chem_comp.id
_chem_comp.type
_chem_comp.name
_chem_comp.formula
FAD non-polymer 'FLAVIN-ADENINE DINUCLEOTIDE' 'C27 H33 N9 O15 P2'
SCN non-polymer 'THIOCYANATE ION' 'C N S -1'
#
# COMPACT_ATOMS: atom_id res chain seq x y z
N MET A 1 0.80 20.53 -62.84
CA MET A 1 1.43 19.30 -62.27
C MET A 1 2.36 18.62 -63.29
N ARG A 2 3.66 18.73 -63.07
CA ARG A 2 4.66 18.06 -63.92
C ARG A 2 4.70 16.58 -63.57
N GLU A 3 4.79 15.73 -64.59
CA GLU A 3 4.78 14.27 -64.42
C GLU A 3 5.98 13.62 -65.09
N TYR A 4 6.48 12.54 -64.48
CA TYR A 4 7.62 11.77 -65.00
C TYR A 4 7.42 10.28 -64.74
N ASP A 5 8.08 9.46 -65.56
CA ASP A 5 8.13 8.01 -65.31
C ASP A 5 8.97 7.71 -64.06
N ILE A 6 10.06 8.47 -63.89
CA ILE A 6 10.96 8.30 -62.77
C ILE A 6 11.71 9.60 -62.43
N ILE A 7 11.96 9.82 -61.14
CA ILE A 7 12.77 10.96 -60.68
C ILE A 7 13.80 10.55 -59.62
N ALA A 8 14.87 11.33 -59.54
CA ALA A 8 15.95 11.11 -58.58
C ALA A 8 16.05 12.32 -57.63
N ILE A 9 15.90 12.07 -56.33
CA ILE A 9 16.17 13.09 -55.32
C ILE A 9 17.66 13.05 -55.01
N GLY A 10 18.40 13.98 -55.63
CA GLY A 10 19.85 14.06 -55.50
C GLY A 10 20.51 13.87 -56.86
N GLY A 11 21.40 14.78 -57.21
CA GLY A 11 22.12 14.75 -58.50
C GLY A 11 23.59 14.43 -58.32
N GLY A 12 23.87 13.38 -57.55
CA GLY A 12 25.23 12.88 -57.35
C GLY A 12 25.51 11.66 -58.20
N SER A 13 26.40 10.81 -57.70
CA SER A 13 26.82 9.59 -58.42
C SER A 13 25.64 8.64 -58.64
N GLY A 14 24.91 8.35 -57.57
CA GLY A 14 23.77 7.45 -57.61
C GLY A 14 22.63 7.97 -58.48
N GLY A 15 22.23 9.21 -58.22
CA GLY A 15 21.10 9.82 -58.94
C GLY A 15 21.30 9.98 -60.43
N ILE A 16 22.46 10.51 -60.82
CA ILE A 16 22.78 10.74 -62.24
C ILE A 16 22.82 9.42 -63.02
N ALA A 17 23.53 8.43 -62.48
CA ALA A 17 23.68 7.14 -63.14
C ALA A 17 22.36 6.39 -63.31
N THR A 18 21.45 6.51 -62.33
CA THR A 18 20.14 5.87 -62.39
C THR A 18 19.24 6.50 -63.46
N MET A 19 19.21 7.84 -63.51
CA MET A 19 18.34 8.55 -64.46
C MET A 19 18.84 8.45 -65.90
N ASN A 20 20.15 8.55 -66.12
CA ASN A 20 20.73 8.39 -67.47
C ASN A 20 20.44 7.02 -68.08
N ARG A 21 20.57 5.96 -67.27
CA ARG A 21 20.25 4.60 -67.73
C ARG A 21 18.75 4.38 -67.87
N ALA A 22 17.95 5.03 -67.01
CA ALA A 22 16.49 5.03 -67.15
C ALA A 22 16.08 5.70 -68.46
N GLY A 23 16.65 6.89 -68.72
CA GLY A 23 16.44 7.62 -69.96
C GLY A 23 16.92 6.91 -71.21
N GLU A 24 17.99 6.12 -71.05
CA GLU A 24 18.54 5.30 -72.14
C GLU A 24 17.56 4.26 -72.68
N HIS A 25 16.68 3.74 -71.81
CA HIS A 25 15.63 2.80 -72.23
C HIS A 25 14.26 3.46 -72.47
N GLY A 26 14.24 4.77 -72.73
CA GLY A 26 13.02 5.47 -73.16
C GLY A 26 12.15 6.08 -72.08
N ALA A 27 12.48 5.86 -70.81
CA ALA A 27 11.68 6.41 -69.70
C ALA A 27 11.94 7.90 -69.53
N GLN A 28 10.88 8.68 -69.37
CA GLN A 28 11.02 10.13 -69.12
C GLN A 28 11.48 10.35 -67.68
N ALA A 29 12.73 10.80 -67.53
CA ALA A 29 13.39 10.90 -66.23
C ALA A 29 13.86 12.31 -65.91
N ALA A 30 14.08 12.58 -64.62
CA ALA A 30 14.58 13.87 -64.17
C ALA A 30 15.42 13.76 -62.89
N VAL A 31 16.47 14.59 -62.81
CA VAL A 31 17.36 14.65 -61.67
C VAL A 31 17.09 15.94 -60.89
N ILE A 32 16.85 15.82 -59.58
CA ILE A 32 16.60 16.97 -58.70
C ILE A 32 17.82 17.18 -57.80
N GLU A 33 18.43 18.37 -57.88
CA GLU A 33 19.67 18.66 -57.15
C GLU A 33 19.61 19.99 -56.38
N GLU A 34 19.99 19.97 -55.10
CA GLU A 34 20.07 21.17 -54.26
C GLU A 34 21.25 22.05 -54.65
N LYS A 35 22.46 21.54 -54.41
CA LYS A 35 23.69 22.32 -54.47
C LYS A 35 24.34 22.25 -55.86
N LYS A 36 25.38 21.43 -56.02
CA LYS A 36 26.17 21.37 -57.24
C LYS A 36 25.94 20.01 -57.91
N LEU A 37 25.89 20.02 -59.23
CA LEU A 37 25.68 18.79 -59.99
C LEU A 37 26.95 17.93 -59.91
N GLY A 38 26.76 16.62 -59.80
CA GLY A 38 27.89 15.67 -59.65
C GLY A 38 28.03 15.09 -58.24
N GLY A 39 27.52 15.80 -57.25
CA GLY A 39 27.49 15.32 -55.87
C GLY A 39 28.81 15.45 -55.15
N THR A 40 28.95 14.69 -54.06
CA THR A 40 30.13 14.73 -53.20
C THR A 40 31.42 14.34 -53.92
N CYS A 41 31.35 13.36 -54.81
CA CYS A 41 32.55 12.84 -55.48
C CYS A 41 33.23 13.88 -56.38
N VAL A 42 32.43 14.54 -57.20
CA VAL A 42 32.94 15.47 -58.21
C VAL A 42 33.37 16.81 -57.58
N ASN A 43 32.59 17.31 -56.63
CA ASN A 43 32.76 18.66 -56.09
C ASN A 43 33.62 18.74 -54.82
N VAL A 44 33.43 17.83 -53.88
CA VAL A 44 34.16 17.85 -52.60
C VAL A 44 34.61 16.45 -52.12
N GLY A 45 35.05 15.60 -53.06
CA GLY A 45 35.44 14.22 -52.73
C GLY A 45 36.55 13.61 -53.56
N CYS A 46 36.25 12.50 -54.24
CA CYS A 46 37.21 11.72 -55.04
C CYS A 46 38.10 12.61 -55.92
N VAL A 47 37.45 13.45 -56.71
CA VAL A 47 38.12 14.24 -57.76
C VAL A 47 39.08 15.32 -57.23
N PRO A 48 38.61 16.24 -56.37
CA PRO A 48 39.57 17.23 -55.83
C PRO A 48 40.68 16.62 -54.96
N LYS A 49 40.36 15.56 -54.24
CA LYS A 49 41.34 14.85 -53.41
C LYS A 49 42.44 14.21 -54.25
N LYS A 50 42.05 13.49 -55.29
CA LYS A 50 43.00 12.78 -56.15
C LYS A 50 43.91 13.75 -56.92
N ILE A 51 43.37 14.90 -57.31
CA ILE A 51 44.17 15.96 -57.93
C ILE A 51 45.20 16.52 -56.93
N MET A 52 44.75 16.74 -55.69
CA MET A 52 45.66 17.16 -54.61
C MET A 52 46.68 16.07 -54.24
N TRP A 53 46.25 14.80 -54.31
CA TRP A 53 47.15 13.67 -54.11
C TRP A 53 48.25 13.63 -55.17
N TYR A 54 47.85 13.78 -56.44
CA TYR A 54 48.83 13.87 -57.54
C TYR A 54 49.79 15.04 -57.35
N GLY A 55 49.26 16.18 -56.91
CA GLY A 55 50.08 17.34 -56.57
C GLY A 55 51.11 17.02 -55.48
N ALA A 56 50.66 16.32 -54.45
CA ALA A 56 51.53 15.87 -53.35
C ALA A 56 52.57 14.84 -53.82
N GLN A 57 52.17 13.94 -54.73
CA GLN A 57 53.10 12.94 -55.30
C GLN A 57 54.24 13.60 -56.08
N ILE A 58 53.96 14.72 -56.73
CA ILE A 58 54.99 15.51 -57.42
C ILE A 58 55.93 16.17 -56.40
N ALA A 59 55.38 16.70 -55.31
CA ALA A 59 56.19 17.28 -54.23
C ALA A 59 57.10 16.24 -53.59
N GLU A 60 56.54 15.06 -53.31
CA GLU A 60 57.32 13.94 -52.79
C GLU A 60 58.45 13.54 -53.74
N THR A 61 58.17 13.54 -55.04
CA THR A 61 59.13 13.14 -56.08
C THR A 61 60.37 14.05 -56.13
N PHE A 62 60.16 15.36 -56.07
CA PHE A 62 61.28 16.32 -56.14
C PHE A 62 62.13 16.31 -54.88
N HIS A 63 61.49 16.32 -53.71
CA HIS A 63 62.20 16.42 -52.42
C HIS A 63 62.98 15.16 -52.06
N GLN A 64 62.35 13.99 -52.19
CA GLN A 64 62.91 12.72 -51.71
C GLN A 64 63.67 11.90 -52.76
N PHE A 65 63.25 11.95 -54.02
CA PHE A 65 63.87 11.13 -55.08
C PHE A 65 64.69 11.91 -56.12
N GLY A 66 64.31 13.16 -56.40
CA GLY A 66 64.95 13.96 -57.44
C GLY A 66 66.47 13.97 -57.46
N GLU A 67 67.10 14.20 -56.31
CA GLU A 67 68.56 14.36 -56.22
C GLU A 67 69.33 13.14 -56.70
N ASP A 68 68.93 11.96 -56.27
CA ASP A 68 69.61 10.71 -56.64
C ASP A 68 69.31 10.23 -58.07
N TYR A 69 68.28 10.81 -58.70
CA TYR A 69 68.03 10.60 -60.14
C TYR A 69 68.70 11.67 -61.02
N GLY A 70 69.48 12.58 -60.40
CA GLY A 70 70.28 13.58 -61.11
C GLY A 70 69.66 14.95 -61.27
N PHE A 71 68.60 15.24 -60.52
CA PHE A 71 67.88 16.52 -60.62
C PHE A 71 68.13 17.37 -59.37
N LYS A 72 68.62 18.59 -59.59
CA LYS A 72 68.78 19.57 -58.51
C LYS A 72 68.25 20.94 -58.97
N THR A 73 67.86 21.76 -58.00
CA THR A 73 67.32 23.11 -58.25
C THR A 73 67.88 24.12 -57.25
N THR A 74 68.01 25.38 -57.69
CA THR A 74 68.39 26.49 -56.80
C THR A 74 67.25 26.82 -55.83
N ASP A 75 66.02 26.82 -56.34
CA ASP A 75 64.83 27.01 -55.50
C ASP A 75 63.61 26.30 -56.11
N LEU A 76 63.00 25.40 -55.32
CA LEU A 76 61.73 24.77 -55.68
C LEU A 76 60.62 25.55 -54.97
N ASN A 77 59.67 26.08 -55.75
CA ASN A 77 58.64 26.99 -55.25
C ASN A 77 57.24 26.44 -55.52
N PHE A 78 56.47 26.23 -54.45
CA PHE A 78 55.09 25.71 -54.54
C PHE A 78 54.05 26.80 -54.28
N ASP A 79 53.07 26.92 -55.16
CA ASP A 79 51.95 27.86 -55.03
C ASP A 79 50.63 27.10 -55.09
N PHE A 80 49.97 26.96 -53.94
CA PHE A 80 48.71 26.20 -53.83
C PHE A 80 47.57 26.79 -54.66
N ALA A 81 47.52 28.12 -54.78
CA ALA A 81 46.49 28.81 -55.56
C ALA A 81 46.42 28.36 -57.02
N THR A 82 47.58 28.08 -57.61
CA THR A 82 47.65 27.57 -58.99
C THR A 82 47.08 26.16 -59.10
N LEU A 83 47.41 25.30 -58.13
CA LEU A 83 46.85 23.95 -58.04
C LEU A 83 45.32 23.97 -57.90
N ARG A 84 44.82 24.82 -56.99
CA ARG A 84 43.39 24.95 -56.73
C ARG A 84 42.60 25.46 -57.93
N ARG A 85 43.14 26.46 -58.63
CA ARG A 85 42.48 27.03 -59.82
C ARG A 85 42.27 25.97 -60.89
N ASN A 86 43.33 25.22 -61.19
CA ASN A 86 43.27 24.14 -62.17
C ASN A 86 42.45 22.93 -61.70
N ARG A 87 42.48 22.67 -60.39
CA ARG A 87 41.61 21.64 -59.78
C ARG A 87 40.14 21.95 -60.05
N GLU A 88 39.73 23.19 -59.74
CA GLU A 88 38.34 23.62 -59.94
C GLU A 88 37.94 23.80 -61.41
N SER A 89 38.91 24.05 -62.30
CA SER A 89 38.65 24.05 -63.75
C SER A 89 38.33 22.65 -64.28
N TYR A 90 39.06 21.66 -63.81
CA TYR A 90 38.77 20.26 -64.14
C TYR A 90 37.38 19.86 -63.63
N ILE A 91 37.01 20.33 -62.44
CA ILE A 91 35.69 20.05 -61.86
C ILE A 91 34.57 20.79 -62.60
N ASP A 92 34.85 22.02 -63.05
CA ASP A 92 33.91 22.77 -63.92
C ASP A 92 33.56 22.00 -65.20
N ARG A 93 34.59 21.45 -65.86
CA ARG A 93 34.41 20.71 -67.11
C ARG A 93 33.70 19.37 -66.92
N ALA A 94 34.05 18.64 -65.85
CA ALA A 94 33.37 17.39 -65.50
C ALA A 94 31.89 17.60 -65.21
N ARG A 95 31.59 18.70 -64.51
CA ARG A 95 30.21 19.11 -64.20
C ARG A 95 29.42 19.52 -65.44
N SER A 96 30.10 20.18 -66.39
CA SER A 96 29.51 20.52 -67.69
C SER A 96 29.20 19.30 -68.56
N SER A 97 30.01 18.24 -68.44
CA SER A 97 29.82 17.01 -69.22
C SER A 97 28.51 16.27 -68.93
N TYR A 98 27.99 16.41 -67.71
CA TYR A 98 26.69 15.82 -67.34
C TYR A 98 25.52 16.45 -68.11
N ASP A 99 25.62 17.72 -68.45
CA ASP A 99 24.60 18.41 -69.25
C ASP A 99 24.46 17.80 -70.65
N GLY A 100 25.59 17.38 -71.23
CA GLY A 100 25.60 16.69 -72.52
C GLY A 100 24.97 15.30 -72.47
N SER A 101 25.26 14.54 -71.43
CA SER A 101 24.70 13.20 -71.24
C SER A 101 23.19 13.23 -70.95
N PHE A 102 22.71 14.28 -70.29
CA PHE A 102 21.27 14.47 -70.06
C PHE A 102 20.49 14.72 -71.35
N LYS A 103 21.06 15.51 -72.27
CA LYS A 103 20.39 15.84 -73.54
C LYS A 103 20.28 14.63 -74.49
N ARG A 104 21.23 13.71 -74.41
CA ARG A 104 21.20 12.48 -75.20
C ARG A 104 20.12 11.52 -74.68
N ASN A 105 20.12 11.28 -73.37
CA ASN A 105 19.18 10.35 -72.73
C ASN A 105 17.80 10.93 -72.40
N GLY A 106 17.60 12.24 -72.59
CA GLY A 106 16.30 12.88 -72.38
C GLY A 106 15.97 13.06 -70.91
N VAL A 107 16.92 13.64 -70.18
CA VAL A 107 16.83 13.82 -68.74
C VAL A 107 16.73 15.32 -68.43
N ASP A 108 15.66 15.71 -67.72
CA ASP A 108 15.50 17.10 -67.29
C ASP A 108 16.25 17.33 -65.98
N LEU A 109 16.95 18.46 -65.89
CA LEU A 109 17.62 18.88 -64.67
C LEU A 109 16.73 19.89 -63.94
N ILE A 110 16.17 19.48 -62.82
CA ILE A 110 15.43 20.37 -61.92
C ILE A 110 16.36 20.79 -60.79
N GLU A 111 16.32 22.06 -60.41
CA GLU A 111 17.22 22.62 -59.40
C GLU A 111 16.43 23.11 -58.20
N GLY A 112 16.79 22.60 -57.02
CA GLY A 112 16.12 22.96 -55.76
C GLY A 112 16.05 21.80 -54.78
N HIS A 113 15.70 22.13 -53.53
CA HIS A 113 15.53 21.14 -52.47
C HIS A 113 14.20 20.38 -52.65
N ALA A 114 14.30 19.08 -52.94
CA ALA A 114 13.12 18.20 -53.02
C ALA A 114 12.63 17.81 -51.64
N GLU A 115 11.36 17.44 -51.56
CA GLU A 115 10.68 17.17 -50.30
C GLU A 115 9.39 16.42 -50.61
N PHE A 116 9.18 15.26 -49.97
CA PHE A 116 8.00 14.43 -50.22
C PHE A 116 6.70 15.12 -49.79
N VAL A 117 5.65 14.93 -50.59
CA VAL A 117 4.29 15.38 -50.27
C VAL A 117 3.44 14.16 -49.90
N ASP A 118 3.49 13.13 -50.74
CA ASP A 118 2.93 11.81 -50.42
C ASP A 118 3.80 10.71 -51.08
N SER A 119 3.29 9.49 -51.21
CA SER A 119 4.07 8.36 -51.73
C SER A 119 4.47 8.45 -53.22
N HIS A 120 3.83 9.32 -53.99
CA HIS A 120 4.14 9.48 -55.42
C HIS A 120 4.35 10.93 -55.88
N THR A 121 4.60 11.85 -54.95
CA THR A 121 4.74 13.28 -55.27
C THR A 121 5.80 13.95 -54.39
N VAL A 122 6.52 14.91 -54.99
CA VAL A 122 7.49 15.74 -54.28
C VAL A 122 7.26 17.22 -54.57
N SER A 123 7.90 18.09 -53.79
CA SER A 123 7.79 19.53 -53.92
C SER A 123 9.17 20.15 -54.05
N VAL A 124 9.37 20.91 -55.13
CA VAL A 124 10.62 21.65 -55.36
C VAL A 124 10.24 23.09 -55.64
N ASN A 125 10.55 23.99 -54.70
CA ASN A 125 10.25 25.42 -54.81
C ASN A 125 8.75 25.71 -55.02
N GLY A 126 7.90 24.94 -54.35
CA GLY A 126 6.44 25.08 -54.47
C GLY A 126 5.80 24.23 -55.57
N GLU A 127 6.50 24.06 -56.69
CA GLU A 127 5.99 23.28 -57.82
C GLU A 127 5.93 21.80 -57.47
N LEU A 128 4.76 21.18 -57.67
CA LEU A 128 4.55 19.76 -57.40
C LEU A 128 5.00 18.92 -58.60
N ILE A 129 5.78 17.87 -58.31
CA ILE A 129 6.30 16.95 -59.33
C ILE A 129 5.87 15.53 -58.95
N ARG A 130 5.02 14.93 -59.79
CA ARG A 130 4.51 13.56 -59.56
C ARG A 130 5.37 12.57 -60.34
N ALA A 131 5.45 11.33 -59.85
CA ALA A 131 6.18 10.26 -60.55
C ALA A 131 5.75 8.84 -60.11
N LYS A 132 5.73 7.93 -61.09
CA LYS A 132 5.46 6.51 -60.86
C LYS A 132 6.57 5.85 -60.02
N HIS A 133 7.81 6.27 -60.26
CA HIS A 133 9.00 5.74 -59.59
C HIS A 133 9.81 6.90 -58.99
N ILE A 134 10.16 6.83 -57.71
CA ILE A 134 10.98 7.87 -57.07
C ILE A 134 12.22 7.21 -56.44
N VAL A 135 13.40 7.74 -56.76
CA VAL A 135 14.68 7.19 -56.27
C VAL A 135 15.33 8.18 -55.32
N ILE A 136 15.47 7.80 -54.06
CA ILE A 136 16.14 8.60 -53.03
C ILE A 136 17.64 8.33 -53.10
N ALA A 137 18.41 9.31 -53.57
CA ALA A 137 19.87 9.22 -53.63
C ALA A 137 20.49 10.49 -53.08
N THR A 138 20.19 10.76 -51.81
CA THR A 138 20.54 12.02 -51.17
C THR A 138 21.97 12.07 -50.62
N GLY A 139 22.63 10.92 -50.54
CA GLY A 139 24.03 10.88 -50.14
C GLY A 139 24.23 11.02 -48.65
N ALA A 140 25.36 11.63 -48.27
CA ALA A 140 25.79 11.71 -46.87
C ALA A 140 26.41 13.07 -46.54
N HIS A 141 26.67 13.28 -45.25
CA HIS A 141 27.30 14.50 -44.75
C HIS A 141 28.40 14.15 -43.73
N PRO A 142 29.41 15.03 -43.57
CA PRO A 142 30.43 14.76 -42.55
C PRO A 142 29.85 14.77 -41.14
N SER A 143 30.23 13.78 -40.33
CA SER A 143 29.75 13.67 -38.95
C SER A 143 30.57 14.60 -38.06
N ILE A 144 29.88 15.39 -37.24
CA ILE A 144 30.54 16.26 -36.25
C ILE A 144 30.14 15.75 -34.86
N PRO A 145 31.13 15.37 -34.02
CA PRO A 145 30.78 14.88 -32.68
C PRO A 145 30.11 15.93 -31.80
N ASN A 146 29.38 15.45 -30.79
CA ASN A 146 28.73 16.32 -29.83
C ASN A 146 29.61 16.49 -28.59
N ILE A 147 30.51 17.48 -28.66
CA ILE A 147 31.31 17.92 -27.51
C ILE A 147 31.36 19.46 -27.48
N PRO A 148 31.71 20.05 -26.32
CA PRO A 148 31.88 21.51 -26.24
C PRO A 148 32.87 22.07 -27.27
N GLY A 149 32.42 23.07 -28.03
CA GLY A 149 33.25 23.71 -29.05
C GLY A 149 33.48 22.94 -30.35
N ALA A 150 32.71 21.87 -30.59
CA ALA A 150 32.85 21.06 -31.82
C ALA A 150 32.63 21.89 -33.09
N GLU A 151 31.74 22.88 -33.02
CA GLU A 151 31.52 23.83 -34.14
C GLU A 151 32.78 24.56 -34.63
N LEU A 152 33.75 24.78 -33.74
CA LEU A 152 35.01 25.45 -34.08
C LEU A 152 35.87 24.67 -35.06
N GLY A 153 35.71 23.34 -35.07
CA GLY A 153 36.39 22.47 -36.04
C GLY A 153 35.57 22.28 -37.30
N GLY A 154 36.25 22.14 -38.43
CA GLY A 154 35.62 21.92 -39.73
C GLY A 154 35.62 20.47 -40.16
N SER A 155 35.35 20.24 -41.45
CA SER A 155 35.30 18.91 -42.05
C SER A 155 36.10 18.91 -43.36
N SER A 156 36.04 17.80 -44.10
CA SER A 156 36.65 17.72 -45.43
C SER A 156 36.12 18.77 -46.41
N ASP A 157 34.84 19.13 -46.29
CA ASP A 157 34.25 20.25 -47.08
C ASP A 157 35.06 21.54 -46.95
N ASP A 158 35.49 21.86 -45.73
CA ASP A 158 36.26 23.07 -45.45
C ASP A 158 37.69 23.00 -45.98
N VAL A 159 38.28 21.80 -46.01
CA VAL A 159 39.62 21.60 -46.58
C VAL A 159 39.65 21.98 -48.07
N PHE A 160 38.64 21.55 -48.82
CA PHE A 160 38.54 21.88 -50.25
C PHE A 160 38.09 23.33 -50.48
N ALA A 161 37.31 23.87 -49.55
CA ALA A 161 36.93 25.29 -49.57
C ALA A 161 38.13 26.24 -49.39
N TRP A 162 39.20 25.79 -48.73
CA TRP A 162 40.39 26.61 -48.49
C TRP A 162 40.96 27.20 -49.77
N GLU A 163 41.17 28.52 -49.78
CA GLU A 163 41.85 29.21 -50.88
C GLU A 163 43.36 29.19 -50.67
N GLU A 164 43.79 29.32 -49.41
CA GLU A 164 45.20 29.20 -49.02
C GLU A 164 45.34 28.06 -48.03
N LEU A 165 46.50 27.38 -48.05
CA LEU A 165 46.80 26.36 -47.04
C LEU A 165 47.13 27.05 -45.71
N PRO A 166 46.59 26.52 -44.58
CA PRO A 166 46.95 27.07 -43.29
C PRO A 166 48.37 26.69 -42.86
N GLU A 167 48.89 27.35 -41.84
CA GLU A 167 50.22 27.04 -41.31
C GLU A 167 50.22 25.69 -40.59
N SER A 168 49.17 25.41 -39.82
CA SER A 168 49.03 24.16 -39.07
C SER A 168 47.60 23.63 -39.12
N VAL A 169 47.47 22.31 -39.04
CA VAL A 169 46.16 21.64 -38.97
C VAL A 169 46.22 20.42 -38.05
N ALA A 170 45.10 20.16 -37.37
CA ALA A 170 44.93 18.96 -36.56
C ALA A 170 43.77 18.15 -37.13
N ILE A 171 44.05 16.95 -37.60
CA ILE A 171 43.01 16.06 -38.14
C ILE A 171 42.60 15.09 -37.03
N LEU A 172 41.31 15.12 -36.67
CA LEU A 172 40.76 14.24 -35.64
C LEU A 172 39.95 13.12 -36.31
N GLY A 173 40.55 11.92 -36.39
CA GLY A 173 39.90 10.78 -37.02
C GLY A 173 40.86 9.66 -37.38
N ALA A 174 40.29 8.47 -37.62
CA ALA A 174 41.06 7.26 -37.94
C ALA A 174 40.71 6.58 -39.28
N GLY A 175 39.74 7.11 -40.02
CA GLY A 175 39.27 6.49 -41.26
C GLY A 175 40.12 6.86 -42.46
N TYR A 176 39.62 6.53 -43.65
CA TYR A 176 40.37 6.71 -44.89
C TYR A 176 40.55 8.19 -45.28
N ILE A 177 39.54 9.02 -45.02
CA ILE A 177 39.61 10.46 -45.31
C ILE A 177 40.63 11.15 -44.41
N ALA A 178 40.70 10.77 -43.14
CA ALA A 178 41.66 11.34 -42.19
C ALA A 178 43.10 11.05 -42.61
N VAL A 179 43.36 9.79 -42.94
CA VAL A 179 44.68 9.34 -43.42
C VAL A 179 45.07 9.98 -44.76
N GLU A 180 44.11 10.13 -45.66
CA GLU A 180 44.35 10.73 -46.97
C GLU A 180 44.71 12.22 -46.86
N LEU A 181 43.91 12.96 -46.10
CA LEU A 181 44.15 14.39 -45.89
C LEU A 181 45.42 14.67 -45.09
N ALA A 182 45.70 13.84 -44.08
CA ALA A 182 46.92 13.96 -43.29
C ALA A 182 48.18 13.81 -44.15
N GLY A 183 48.16 12.85 -45.07
CA GLY A 183 49.29 12.61 -45.97
C GLY A 183 49.52 13.73 -46.97
N VAL A 184 48.44 14.19 -47.60
CA VAL A 184 48.51 15.25 -48.61
C VAL A 184 49.04 16.56 -48.02
N LEU A 185 48.42 17.03 -46.94
CA LEU A 185 48.74 18.32 -46.33
C LEU A 185 50.14 18.32 -45.67
N HIS A 186 50.54 17.17 -45.11
CA HIS A 186 51.91 17.01 -44.61
C HIS A 186 52.94 17.17 -45.74
N THR A 187 52.66 16.56 -46.89
CA THR A 187 53.54 16.63 -48.05
C THR A 187 53.64 18.05 -48.64
N PHE A 188 52.57 18.84 -48.52
CA PHE A 188 52.58 20.26 -48.92
C PHE A 188 53.22 21.22 -47.89
N GLY A 189 53.82 20.70 -46.83
CA GLY A 189 54.54 21.51 -45.85
C GLY A 189 53.70 22.10 -44.72
N VAL A 190 52.43 21.70 -44.61
CA VAL A 190 51.58 22.13 -43.48
C VAL A 190 51.98 21.33 -42.25
N LYS A 191 52.04 22.01 -41.09
CA LYS A 191 52.35 21.33 -39.83
C LYS A 191 51.14 20.49 -39.43
N THR A 192 51.17 19.21 -39.82
CA THR A 192 50.01 18.33 -39.76
C THR A 192 50.17 17.28 -38.66
N ASP A 193 49.22 17.21 -37.74
CA ASP A 193 49.16 16.14 -36.73
C ASP A 193 47.87 15.32 -36.91
N LEU A 194 47.99 14.00 -36.80
CA LEU A 194 46.84 13.08 -36.88
C LEU A 194 46.56 12.48 -35.50
N PHE A 195 45.32 12.61 -35.02
CA PHE A 195 44.91 12.13 -33.70
C PHE A 195 43.84 11.06 -33.79
N VAL A 196 44.19 9.81 -33.45
CA VAL A 196 43.24 8.68 -33.43
C VAL A 196 42.81 8.40 -32.00
N ARG A 197 41.58 7.93 -31.83
CA ARG A 197 40.99 7.69 -30.51
C ARG A 197 41.51 6.44 -29.80
N ARG A 198 41.96 5.44 -30.57
CA ARG A 198 42.33 4.14 -30.01
C ARG A 198 43.75 3.74 -30.42
N ASP A 199 43.95 2.50 -30.87
CA ASP A 199 45.29 1.89 -30.95
C ASP A 199 46.03 2.28 -32.23
N ARG A 200 45.29 2.30 -33.35
CA ARG A 200 45.88 2.57 -34.67
C ARG A 200 44.84 3.15 -35.63
N PRO A 201 45.30 3.75 -36.74
CA PRO A 201 44.35 4.17 -37.79
C PRO A 201 43.80 2.98 -38.58
N LEU A 202 42.75 3.22 -39.37
CA LEU A 202 42.24 2.22 -40.32
C LEU A 202 41.88 0.87 -39.69
N ARG A 203 40.98 0.88 -38.70
CA ARG A 203 40.39 -0.34 -38.17
C ARG A 203 39.51 -0.96 -39.26
N GLY A 204 39.74 -2.23 -39.58
CA GLY A 204 39.05 -2.90 -40.69
C GLY A 204 39.97 -3.15 -41.88
N PHE A 205 41.10 -2.46 -41.93
CA PHE A 205 42.20 -2.80 -42.83
C PHE A 205 43.18 -3.75 -42.13
N ASP A 206 43.92 -4.51 -42.94
CA ASP A 206 44.82 -5.55 -42.43
C ASP A 206 46.00 -4.94 -41.67
N SER A 207 46.29 -5.52 -40.50
CA SER A 207 47.35 -5.01 -39.59
C SER A 207 48.70 -4.83 -40.27
N TYR A 208 49.08 -5.80 -41.10
CA TYR A 208 50.36 -5.78 -41.80
C TYR A 208 50.51 -4.52 -42.67
N ILE A 209 49.45 -4.17 -43.40
CA ILE A 209 49.42 -2.97 -44.25
C ILE A 209 49.38 -1.69 -43.41
N VAL A 210 48.54 -1.66 -42.37
CA VAL A 210 48.42 -0.48 -41.50
C VAL A 210 49.72 -0.21 -40.74
N GLU A 211 50.36 -1.28 -40.25
CA GLU A 211 51.68 -1.21 -39.62
C GLU A 211 52.71 -0.58 -40.56
N GLY A 212 52.61 -0.90 -41.86
CA GLY A 212 53.43 -0.30 -42.91
C GLY A 212 53.20 1.19 -43.11
N LEU A 213 51.94 1.63 -43.02
CA LEU A 213 51.60 3.05 -43.09
C LEU A 213 52.12 3.84 -41.90
N VAL A 214 51.93 3.29 -40.70
CA VAL A 214 52.40 3.91 -39.46
C VAL A 214 53.92 4.07 -39.48
N LYS A 215 54.62 3.08 -40.06
CA LYS A 215 56.08 3.12 -40.19
C LYS A 215 56.54 4.23 -41.14
N GLU A 216 55.82 4.43 -42.24
CA GLU A 216 56.12 5.50 -43.20
C GLU A 216 55.84 6.89 -42.62
N MET A 217 54.76 7.02 -41.85
CA MET A 217 54.43 8.28 -41.16
C MET A 217 55.55 8.69 -40.20
N GLU A 218 56.09 7.74 -39.46
CA GLU A 218 57.15 8.01 -38.49
C GLU A 218 58.48 8.31 -39.20
N ARG A 219 58.72 7.66 -40.34
CA ARG A 219 59.93 7.90 -41.14
C ARG A 219 59.95 9.31 -41.76
N THR A 220 58.79 9.78 -42.21
CA THR A 220 58.65 11.12 -42.82
C THR A 220 58.29 12.23 -41.82
N ASN A 221 58.27 11.92 -40.53
CA ASN A 221 57.99 12.89 -39.45
C ASN A 221 56.60 13.53 -39.54
N LEU A 222 55.60 12.68 -39.79
CA LEU A 222 54.19 13.06 -39.75
C LEU A 222 53.63 12.50 -38.45
N PRO A 223 53.50 13.35 -37.39
CA PRO A 223 53.12 12.83 -36.07
C PRO A 223 51.76 12.15 -36.00
N LEU A 224 51.77 10.88 -35.62
CA LEU A 224 50.56 10.12 -35.32
C LEU A 224 50.42 10.01 -33.81
N HIS A 225 49.31 10.52 -33.28
CA HIS A 225 49.02 10.47 -31.84
C HIS A 225 47.90 9.46 -31.60
N THR A 226 48.16 8.49 -30.74
CA THR A 226 47.19 7.42 -30.43
C THR A 226 46.61 7.59 -29.03
N HIS A 227 45.42 7.00 -28.82
CA HIS A 227 44.66 7.09 -27.57
C HIS A 227 44.34 8.54 -27.18
N LYS A 228 43.78 9.27 -28.15
CA LYS A 228 43.50 10.70 -28.02
C LYS A 228 42.01 10.96 -28.25
N VAL A 229 41.27 11.04 -27.14
CA VAL A 229 39.82 11.23 -27.14
C VAL A 229 39.54 12.71 -26.87
N PRO A 230 39.06 13.47 -27.88
CA PRO A 230 38.74 14.88 -27.64
C PRO A 230 37.51 15.07 -26.74
N VAL A 231 37.69 15.85 -25.67
CA VAL A 231 36.61 16.24 -24.75
C VAL A 231 36.10 17.66 -25.01
N LYS A 232 36.95 18.53 -25.58
CA LYS A 232 36.63 19.94 -25.74
C LYS A 232 37.52 20.60 -26.80
N LEU A 233 36.93 21.51 -27.57
CA LEU A 233 37.66 22.42 -28.45
C LEU A 233 37.48 23.85 -27.93
N GLU A 234 38.53 24.66 -28.04
CA GLU A 234 38.56 26.02 -27.46
C GLU A 234 39.30 26.98 -28.38
N LYS A 235 38.68 28.13 -28.65
CA LYS A 235 39.32 29.20 -29.43
C LYS A 235 40.29 29.98 -28.53
N THR A 236 41.51 30.16 -29.00
CA THR A 236 42.57 30.86 -28.26
C THR A 236 43.31 31.85 -29.17
N THR A 237 44.21 32.62 -28.58
CA THR A 237 45.08 33.54 -29.31
C THR A 237 46.14 32.83 -30.16
N ASP A 238 46.56 31.66 -29.69
CA ASP A 238 47.52 30.81 -30.42
C ASP A 238 46.88 30.25 -31.70
N GLY A 239 45.67 29.73 -31.58
CA GLY A 239 44.91 29.20 -32.71
C GLY A 239 43.59 28.60 -32.24
N ILE A 240 43.43 27.29 -32.46
CA ILE A 240 42.30 26.53 -31.90
C ILE A 240 42.89 25.36 -31.11
N THR A 241 42.60 25.32 -29.81
CA THR A 241 43.15 24.33 -28.90
C THR A 241 42.18 23.15 -28.71
N ILE A 242 42.72 21.94 -28.79
CA ILE A 242 41.97 20.70 -28.55
C ILE A 242 42.41 20.16 -27.20
N HIS A 243 41.44 19.86 -26.33
CA HIS A 243 41.71 19.23 -25.02
C HIS A 243 41.29 17.76 -25.06
N PHE A 244 42.22 16.86 -24.76
CA PHE A 244 41.97 15.42 -24.80
C PHE A 244 41.67 14.88 -23.40
N GLU A 245 41.10 13.68 -23.36
CA GLU A 245 40.72 13.00 -22.10
C GLU A 245 41.92 12.65 -21.21
N ASP A 246 43.09 12.41 -21.82
CA ASP A 246 44.31 12.10 -21.07
C ASP A 246 44.98 13.29 -20.39
N GLY A 247 44.45 14.50 -20.58
CA GLY A 247 44.97 15.70 -19.91
C GLY A 247 45.95 16.53 -20.73
N THR A 248 46.35 16.01 -21.90
CA THR A 248 47.19 16.76 -22.83
C THR A 248 46.31 17.67 -23.70
N SER A 249 46.96 18.59 -24.40
CA SER A 249 46.29 19.46 -25.35
C SER A 249 47.18 19.75 -26.56
N HIS A 250 46.54 20.21 -27.63
CA HIS A 250 47.24 20.54 -28.87
C HIS A 250 46.55 21.71 -29.57
N THR A 251 47.35 22.57 -30.19
CA THR A 251 46.87 23.79 -30.82
C THR A 251 47.26 23.81 -32.29
N ALA A 252 46.35 24.32 -33.13
CA ALA A 252 46.60 24.47 -34.56
C ALA A 252 45.69 25.54 -35.15
N SER A 253 46.04 26.05 -36.33
CA SER A 253 45.26 27.07 -37.01
C SER A 253 43.85 26.56 -37.33
N GLN A 254 43.79 25.34 -37.89
CA GLN A 254 42.55 24.67 -38.22
C GLN A 254 42.44 23.32 -37.51
N VAL A 255 41.21 22.87 -37.26
CA VAL A 255 40.92 21.54 -36.74
C VAL A 255 39.89 20.90 -37.68
N ILE A 256 40.21 19.73 -38.23
CA ILE A 256 39.32 19.04 -39.16
C ILE A 256 38.79 17.76 -38.53
N TRP A 257 37.46 17.68 -38.38
CA TRP A 257 36.80 16.44 -37.97
C TRP A 257 36.72 15.51 -39.18
N ALA A 258 37.29 14.30 -39.05
CA ALA A 258 37.16 13.24 -40.06
C ALA A 258 36.79 11.93 -39.35
N THR A 259 35.72 12.01 -38.56
CA THR A 259 35.29 10.91 -37.70
C THR A 259 34.36 9.92 -38.40
N GLY A 260 33.82 10.29 -39.56
CA GLY A 260 32.91 9.45 -40.32
C GLY A 260 31.86 10.28 -41.05
N ARG A 261 31.01 9.60 -41.83
CA ARG A 261 29.96 10.25 -42.60
C ARG A 261 28.60 9.59 -42.36
N ARG A 262 27.56 10.42 -42.29
CA ARG A 262 26.20 9.99 -41.96
C ARG A 262 25.23 10.33 -43.10
N PRO A 263 24.17 9.52 -43.27
CA PRO A 263 23.26 9.70 -44.41
C PRO A 263 22.34 10.92 -44.28
N ASN A 264 22.02 11.53 -45.40
CA ASN A 264 21.09 12.66 -45.46
C ASN A 264 19.65 12.15 -45.47
N VAL A 265 19.03 12.11 -44.28
CA VAL A 265 17.67 11.55 -44.11
C VAL A 265 16.64 12.50 -43.49
N LYS A 266 17.05 13.69 -43.06
CA LYS A 266 16.21 14.55 -42.20
C LYS A 266 15.42 15.66 -42.93
N GLY A 267 15.86 16.08 -44.10
CA GLY A 267 15.18 17.15 -44.85
C GLY A 267 14.10 16.74 -45.85
N LEU A 268 13.77 15.45 -45.92
CA LEU A 268 12.99 14.90 -47.04
C LEU A 268 11.49 14.69 -46.80
N GLN A 269 11.03 14.85 -45.55
CA GLN A 269 9.67 14.47 -45.14
C GLN A 269 9.39 13.00 -45.47
N LEU A 270 10.31 12.13 -45.04
CA LEU A 270 10.18 10.68 -45.30
C LEU A 270 8.93 10.06 -44.67
N GLU A 271 8.44 10.65 -43.59
CA GLU A 271 7.21 10.21 -42.92
C GLU A 271 5.97 10.38 -43.80
N LYS A 272 5.95 11.43 -44.63
CA LYS A 272 4.84 11.68 -45.56
C LYS A 272 4.75 10.66 -46.69
N ALA A 273 5.89 10.13 -47.12
CA ALA A 273 5.94 9.05 -48.12
C ALA A 273 5.67 7.66 -47.50
N GLY A 274 6.06 7.49 -46.23
CA GLY A 274 5.99 6.20 -45.54
C GLY A 274 7.30 5.43 -45.54
N VAL A 275 8.39 6.10 -45.92
CA VAL A 275 9.72 5.49 -45.98
C VAL A 275 10.29 5.44 -44.56
N THR A 276 10.78 4.28 -44.16
CA THR A 276 11.31 4.07 -42.81
C THR A 276 12.84 4.08 -42.80
N LEU A 277 13.40 4.13 -41.60
CA LEU A 277 14.83 3.96 -41.37
C LEU A 277 15.08 2.66 -40.61
N ASN A 278 16.22 2.04 -40.87
CA ASN A 278 16.69 0.89 -40.07
C ASN A 278 17.27 1.36 -38.73
N GLU A 279 17.70 0.41 -37.90
CA GLU A 279 18.24 0.76 -36.58
C GLU A 279 19.55 1.56 -36.64
N ARG A 280 20.29 1.42 -37.74
CA ARG A 280 21.56 2.14 -37.95
C ARG A 280 21.39 3.58 -38.47
N GLY A 281 20.17 4.01 -38.79
CA GLY A 281 19.91 5.38 -39.25
C GLY A 281 19.88 5.58 -40.77
N PHE A 282 20.19 4.54 -41.54
CA PHE A 282 20.10 4.58 -43.01
C PHE A 282 18.66 4.29 -43.42
N ILE A 283 18.32 4.61 -44.67
CA ILE A 283 17.02 4.27 -45.23
C ILE A 283 16.93 2.75 -45.40
N GLN A 284 15.83 2.17 -44.93
CA GLN A 284 15.61 0.73 -44.99
C GLN A 284 15.27 0.33 -46.42
N VAL A 285 16.03 -0.61 -46.97
CA VAL A 285 15.78 -1.17 -48.30
C VAL A 285 16.07 -2.67 -48.34
N ASP A 286 15.48 -3.35 -49.31
CA ASP A 286 15.78 -4.77 -49.58
C ASP A 286 16.95 -4.88 -50.58
N GLU A 287 17.31 -6.11 -50.95
CA GLU A 287 18.38 -6.38 -51.94
C GLU A 287 18.18 -5.76 -53.34
N TYR A 288 16.93 -5.42 -53.68
CA TYR A 288 16.60 -4.75 -54.94
C TYR A 288 16.50 -3.21 -54.86
N GLN A 289 16.98 -2.64 -53.75
CA GLN A 289 16.87 -1.20 -53.45
C GLN A 289 15.43 -0.70 -53.21
N ASN A 290 14.47 -1.60 -52.98
CA ASN A 290 13.08 -1.20 -52.72
C ASN A 290 12.93 -0.77 -51.27
N THR A 291 12.28 0.37 -51.03
CA THR A 291 11.87 0.74 -49.67
C THR A 291 10.62 -0.04 -49.29
N VAL A 292 10.15 0.13 -48.06
CA VAL A 292 8.88 -0.45 -47.60
C VAL A 292 7.65 0.03 -48.41
N VAL A 293 7.77 1.20 -49.03
CA VAL A 293 6.72 1.77 -49.90
C VAL A 293 6.93 1.34 -51.35
N GLU A 294 5.82 1.03 -52.04
CA GLU A 294 5.84 0.66 -53.45
C GLU A 294 6.14 1.88 -54.31
N GLY A 295 7.01 1.72 -55.29
CA GLY A 295 7.38 2.80 -56.20
C GLY A 295 8.33 3.86 -55.64
N ILE A 296 8.95 3.57 -54.49
CA ILE A 296 10.02 4.43 -53.95
C ILE A 296 11.25 3.54 -53.70
N TYR A 297 12.42 4.05 -54.08
CA TYR A 297 13.68 3.29 -54.00
C TYR A 297 14.76 4.14 -53.34
N ALA A 298 15.83 3.50 -52.89
CA ALA A 298 16.96 4.21 -52.29
C ALA A 298 18.29 3.48 -52.51
N LEU A 299 19.33 4.24 -52.80
CA LEU A 299 20.64 3.66 -53.12
C LEU A 299 21.75 4.70 -52.93
N GLY A 300 23.00 4.23 -52.91
CA GLY A 300 24.17 5.07 -52.64
C GLY A 300 24.45 5.16 -51.15
N ASP A 301 25.06 6.27 -50.73
CA ASP A 301 25.44 6.46 -49.32
C ASP A 301 24.26 6.50 -48.32
N VAL A 302 23.09 6.93 -48.78
CA VAL A 302 21.90 7.03 -47.90
C VAL A 302 21.39 5.68 -47.37
N THR A 303 21.64 4.60 -48.12
CA THR A 303 21.31 3.24 -47.70
C THR A 303 22.49 2.50 -47.05
N GLY A 304 23.72 2.94 -47.32
CA GLY A 304 24.90 2.55 -46.54
C GLY A 304 25.44 1.14 -46.70
N GLU A 305 25.24 0.53 -47.87
CA GLU A 305 25.74 -0.83 -48.12
C GLU A 305 27.26 -0.84 -48.21
N LYS A 306 27.79 0.05 -49.03
CA LYS A 306 29.23 0.28 -49.12
C LYS A 306 29.45 1.68 -49.71
N GLU A 307 29.89 2.61 -48.86
CA GLU A 307 29.89 4.04 -49.20
C GLU A 307 31.02 4.43 -50.14
N LEU A 308 30.81 4.15 -51.43
CA LEU A 308 31.75 4.48 -52.51
C LEU A 308 30.97 4.94 -53.75
N THR A 309 31.64 5.71 -54.60
CA THR A 309 31.04 6.21 -55.85
C THR A 309 30.59 5.10 -56.82
N PRO A 310 31.48 4.17 -57.19
CA PRO A 310 31.08 3.11 -58.13
C PRO A 310 30.00 2.16 -57.62
N VAL A 311 29.85 2.04 -56.29
CA VAL A 311 28.77 1.25 -55.69
C VAL A 311 27.41 1.91 -55.97
N ALA A 312 27.33 3.22 -55.76
CA ALA A 312 26.12 3.98 -56.06
C ALA A 312 25.79 3.98 -57.55
N ILE A 313 26.83 4.05 -58.39
CA ILE A 313 26.65 4.05 -59.85
C ILE A 313 26.11 2.70 -60.36
N LYS A 314 26.73 1.60 -59.92
CA LYS A 314 26.34 0.27 -60.39
C LYS A 314 24.94 -0.11 -59.88
N ALA A 315 24.68 0.17 -58.60
CA ALA A 315 23.38 -0.12 -57.99
C ALA A 315 22.25 0.65 -58.69
N GLY A 316 22.52 1.91 -59.01
CA GLY A 316 21.59 2.74 -59.76
C GLY A 316 21.32 2.24 -61.18
N ARG A 317 22.38 1.89 -61.89
CA ARG A 317 22.26 1.33 -63.24
C ARG A 317 21.56 -0.03 -63.24
N THR A 318 21.84 -0.85 -62.24
CA THR A 318 21.18 -2.15 -62.09
C THR A 318 19.68 -1.98 -61.81
N LEU A 319 19.32 -0.97 -61.02
CA LEU A 319 17.90 -0.66 -60.73
C LEU A 319 17.12 -0.26 -61.99
N SER A 320 17.69 0.60 -62.83
CA SER A 320 17.04 1.02 -64.07
C SER A 320 16.88 -0.13 -65.09
N GLU A 321 17.82 -1.06 -65.08
CA GLU A 321 17.72 -2.29 -65.89
C GLU A 321 16.53 -3.16 -65.43
N ARG A 322 16.33 -3.22 -64.12
CA ARG A 322 15.21 -3.96 -63.52
C ARG A 322 13.85 -3.36 -63.90
N LEU A 323 13.73 -2.05 -63.77
CA LEU A 323 12.48 -1.34 -63.99
C LEU A 323 12.15 -1.16 -65.47
N PHE A 324 13.13 -0.73 -66.26
CA PHE A 324 12.90 -0.31 -67.65
C PHE A 324 13.61 -1.16 -68.72
N ASN A 325 14.00 -2.39 -68.37
CA ASN A 325 14.54 -3.34 -69.36
C ASN A 325 14.21 -4.81 -69.07
N GLY A 326 13.08 -5.06 -68.40
CA GLY A 326 12.56 -6.41 -68.14
C GLY A 326 13.51 -7.43 -67.52
N LYS A 327 14.38 -6.98 -66.63
CA LYS A 327 15.32 -7.85 -65.90
C LYS A 327 14.95 -7.87 -64.42
N THR A 328 13.82 -8.51 -64.14
CA THR A 328 13.14 -8.38 -62.85
C THR A 328 13.92 -8.85 -61.61
N THR A 329 14.88 -9.78 -61.80
CA THR A 329 15.71 -10.29 -60.70
C THR A 329 17.10 -9.64 -60.59
N ALA A 330 17.39 -8.65 -61.44
CA ALA A 330 18.72 -7.99 -61.44
C ALA A 330 18.93 -7.17 -60.17
N LYS A 331 20.09 -7.35 -59.53
CA LYS A 331 20.40 -6.68 -58.27
C LYS A 331 21.89 -6.49 -58.06
N MET A 332 22.24 -5.54 -57.19
CA MET A 332 23.63 -5.18 -56.92
C MET A 332 24.29 -6.24 -56.03
N ASP A 333 25.44 -6.73 -56.47
CA ASP A 333 26.28 -7.63 -55.66
C ASP A 333 27.22 -6.74 -54.83
N TYR A 334 27.07 -6.80 -53.50
CA TYR A 334 27.85 -5.96 -52.59
C TYR A 334 29.07 -6.67 -51.97
N SER A 335 29.29 -7.94 -52.31
CA SER A 335 30.38 -8.73 -51.74
C SER A 335 31.67 -8.54 -52.54
N THR A 336 32.79 -8.50 -51.82
CA THR A 336 34.13 -8.49 -52.42
C THR A 336 34.35 -7.28 -53.35
N ILE A 337 34.05 -6.10 -52.81
CA ILE A 337 34.27 -4.83 -53.53
C ILE A 337 35.70 -4.36 -53.23
N PRO A 338 36.48 -4.05 -54.29
CA PRO A 338 37.84 -3.55 -54.06
C PRO A 338 37.85 -2.08 -53.60
N THR A 339 38.90 -1.71 -52.88
CA THR A 339 39.05 -0.37 -52.29
C THR A 339 40.50 0.09 -52.36
N VAL A 340 40.70 1.38 -52.64
CA VAL A 340 42.01 2.01 -52.62
C VAL A 340 41.95 3.27 -51.76
N VAL A 341 42.83 3.32 -50.75
CA VAL A 341 43.03 4.52 -49.93
C VAL A 341 44.26 5.23 -50.47
N PHE A 342 44.13 6.51 -50.83
CA PHE A 342 45.24 7.28 -51.39
C PHE A 342 46.08 7.96 -50.31
N SER A 343 46.68 7.10 -49.48
CA SER A 343 47.62 7.51 -48.45
C SER A 343 49.00 7.72 -49.09
N HIS A 344 50.01 8.02 -48.26
CA HIS A 344 51.40 8.10 -48.71
C HIS A 344 52.19 6.97 -48.06
N PRO A 345 52.49 5.87 -48.77
CA PRO A 345 52.02 5.58 -50.13
C PRO A 345 50.62 4.98 -50.14
N ALA A 346 50.10 4.73 -51.35
CA ALA A 346 48.72 4.26 -51.53
C ALA A 346 48.51 2.85 -51.00
N ILE A 347 47.34 2.64 -50.36
CA ILE A 347 46.91 1.34 -49.86
C ILE A 347 45.84 0.80 -50.80
N GLY A 348 45.89 -0.50 -51.06
CA GLY A 348 44.89 -1.20 -51.87
C GLY A 348 44.49 -2.51 -51.23
N THR A 349 43.22 -2.87 -51.35
CA THR A 349 42.68 -4.08 -50.71
C THR A 349 41.43 -4.62 -51.41
N VAL A 350 41.29 -5.95 -51.39
CA VAL A 350 40.06 -6.62 -51.80
C VAL A 350 39.88 -7.89 -50.96
N GLY A 351 38.65 -8.17 -50.55
CA GLY A 351 38.34 -9.36 -49.76
C GLY A 351 38.65 -9.22 -48.28
N LEU A 352 38.94 -10.34 -47.62
CA LEU A 352 39.05 -10.41 -46.16
C LEU A 352 40.45 -10.09 -45.63
N THR A 353 40.50 -9.45 -44.46
CA THR A 353 41.74 -9.32 -43.67
C THR A 353 42.06 -10.66 -43.02
N GLU A 354 43.22 -10.76 -42.37
CA GLU A 354 43.63 -11.99 -41.71
C GLU A 354 42.71 -12.33 -40.53
N GLU A 355 42.35 -11.33 -39.74
CA GLU A 355 41.38 -11.51 -38.63
C GLU A 355 40.03 -12.03 -39.13
N GLN A 356 39.51 -11.39 -40.18
CA GLN A 356 38.24 -11.78 -40.80
C GLN A 356 38.27 -13.19 -41.41
N ALA A 357 39.41 -13.55 -42.01
CA ALA A 357 39.59 -14.88 -42.59
C ALA A 357 39.63 -15.97 -41.52
N ILE A 358 40.31 -15.69 -40.41
CA ILE A 358 40.38 -16.62 -39.26
C ILE A 358 38.99 -16.82 -38.62
N LYS A 359 38.23 -15.74 -38.48
CA LYS A 359 36.87 -15.80 -37.90
C LYS A 359 35.91 -16.64 -38.77
N GLU A 360 36.01 -16.45 -40.09
CA GLU A 360 35.17 -17.18 -41.05
C GLU A 360 35.54 -18.67 -41.12
N TYR A 361 36.81 -18.96 -41.44
CA TYR A 361 37.26 -20.31 -41.79
C TYR A 361 37.94 -21.10 -40.67
N GLY A 362 38.37 -20.41 -39.61
CA GLY A 362 39.16 -21.03 -38.54
C GLY A 362 40.65 -20.85 -38.79
N GLN A 363 41.43 -20.95 -37.70
CA GLN A 363 42.87 -20.63 -37.72
C GLN A 363 43.70 -21.56 -38.63
N ASP A 364 43.44 -22.86 -38.54
CA ASP A 364 44.24 -23.89 -39.25
C ASP A 364 43.82 -24.16 -40.70
N GLN A 365 42.79 -23.46 -41.19
CA GLN A 365 42.36 -23.55 -42.59
C GLN A 365 42.83 -22.34 -43.41
N ILE A 366 43.74 -21.53 -42.85
CA ILE A 366 44.16 -20.25 -43.42
C ILE A 366 45.69 -20.22 -43.54
N LYS A 367 46.18 -20.03 -44.77
CA LYS A 367 47.60 -19.79 -45.02
C LYS A 367 47.82 -18.35 -45.48
N VAL A 368 48.87 -17.72 -44.97
CA VAL A 368 49.18 -16.32 -45.22
C VAL A 368 50.54 -16.21 -45.90
N TYR A 369 50.58 -15.45 -46.98
CA TYR A 369 51.83 -15.15 -47.69
C TYR A 369 52.10 -13.65 -47.57
N LYS A 370 53.29 -13.30 -47.09
CA LYS A 370 53.70 -11.90 -46.91
C LYS A 370 54.93 -11.61 -47.74
N SER A 371 55.19 -10.33 -47.95
CA SER A 371 56.33 -9.88 -48.74
C SER A 371 56.62 -8.41 -48.45
N SER A 372 57.72 -8.14 -47.75
CA SER A 372 58.20 -6.78 -47.52
C SER A 372 59.40 -6.51 -48.42
N PHE A 373 59.39 -5.38 -49.10
CA PHE A 373 60.46 -5.01 -50.02
C PHE A 373 60.44 -3.51 -50.31
N ALA A 374 61.52 -3.01 -50.90
CA ALA A 374 61.59 -1.64 -51.39
C ALA A 374 61.46 -1.66 -52.91
N SER A 375 60.59 -0.80 -53.45
CA SER A 375 60.43 -0.65 -54.89
C SER A 375 61.73 -0.17 -55.53
N MET A 376 61.94 -0.56 -56.79
CA MET A 376 63.13 -0.13 -57.54
C MET A 376 63.22 1.40 -57.65
N TYR A 377 62.06 2.05 -57.78
CA TYR A 377 61.96 3.52 -57.83
C TYR A 377 62.67 4.19 -56.66
N SER A 378 62.29 3.83 -55.44
CA SER A 378 62.87 4.42 -54.23
C SER A 378 64.20 3.78 -53.79
N ALA A 379 64.46 2.54 -54.22
CA ALA A 379 65.66 1.80 -53.79
C ALA A 379 66.99 2.37 -54.32
N CYS A 380 66.94 3.08 -55.44
CA CYS A 380 68.10 3.81 -55.97
C CYS A 380 68.50 5.05 -55.15
N THR A 381 67.56 5.59 -54.36
CA THR A 381 67.71 6.88 -53.70
C THR A 381 68.12 6.75 -52.21
N ARG A 382 68.30 7.89 -51.55
CA ARG A 382 68.56 7.96 -50.10
C ARG A 382 67.39 7.40 -49.29
N ASN A 383 66.17 7.70 -49.77
CA ASN A 383 64.94 7.44 -49.03
C ASN A 383 64.25 6.15 -49.46
N ARG A 384 64.70 5.05 -48.87
CA ARG A 384 64.17 3.72 -49.16
C ARG A 384 62.74 3.61 -48.60
N GLN A 385 61.76 3.58 -49.50
CA GLN A 385 60.35 3.50 -49.15
C GLN A 385 59.91 2.04 -49.18
N GLU A 386 59.27 1.57 -48.11
CA GLU A 386 58.91 0.17 -47.96
C GLU A 386 57.54 -0.13 -48.57
N SER A 387 57.46 -1.17 -49.38
CA SER A 387 56.21 -1.74 -49.84
C SER A 387 55.91 -3.02 -49.06
N ARG A 388 54.62 -3.27 -48.81
CA ARG A 388 54.17 -4.50 -48.15
C ARG A 388 52.99 -5.09 -48.91
N PHE A 389 53.11 -6.36 -49.29
CA PHE A 389 52.07 -7.10 -50.00
C PHE A 389 51.60 -8.25 -49.10
N LYS A 390 50.33 -8.64 -49.19
CA LYS A 390 49.83 -9.79 -48.43
C LYS A 390 48.69 -10.54 -49.15
N LEU A 391 48.85 -11.86 -49.27
CA LEU A 391 47.80 -12.77 -49.75
C LEU A 391 47.32 -13.65 -48.61
N ILE A 392 46.01 -13.93 -48.59
CA ILE A 392 45.40 -14.80 -47.59
C ILE A 392 44.58 -15.86 -48.33
N THR A 393 44.94 -17.14 -48.13
CA THR A 393 44.25 -18.26 -48.77
C THR A 393 43.45 -19.09 -47.75
N ALA A 394 42.45 -19.82 -48.24
CA ALA A 394 41.57 -20.63 -47.38
C ALA A 394 41.25 -22.00 -47.98
N GLY A 395 41.39 -23.05 -47.16
CA GLY A 395 41.08 -24.43 -47.56
C GLY A 395 42.24 -25.19 -48.18
N SER A 396 41.99 -26.45 -48.53
CA SER A 396 42.98 -27.30 -49.18
C SER A 396 43.30 -26.81 -50.60
N GLU A 397 42.29 -26.33 -51.32
CA GLU A 397 42.48 -25.72 -52.64
C GLU A 397 43.22 -24.37 -52.63
N GLU A 398 43.33 -23.75 -51.46
CA GLU A 398 43.96 -22.44 -51.27
C GLU A 398 43.27 -21.36 -52.11
N LYS A 399 41.96 -21.21 -51.89
CA LYS A 399 41.17 -20.14 -52.49
C LYS A 399 41.64 -18.82 -51.90
N VAL A 400 41.97 -17.85 -52.76
CA VAL A 400 42.43 -16.55 -52.31
C VAL A 400 41.20 -15.76 -51.83
N VAL A 401 41.06 -15.61 -50.53
CA VAL A 401 39.94 -14.89 -49.94
C VAL A 401 40.27 -13.44 -49.59
N GLY A 402 41.52 -13.02 -49.80
CA GLY A 402 41.94 -11.65 -49.50
C GLY A 402 43.29 -11.28 -50.08
N LEU A 403 43.38 -10.06 -50.61
CA LEU A 403 44.62 -9.50 -51.17
C LEU A 403 44.77 -8.08 -50.64
N HIS A 404 45.97 -7.73 -50.18
CA HIS A 404 46.23 -6.42 -49.57
C HIS A 404 47.61 -5.91 -49.96
N GLY A 405 47.72 -4.60 -50.11
CA GLY A 405 48.98 -3.96 -50.49
C GLY A 405 49.10 -2.53 -50.04
N ILE A 406 50.33 -2.12 -49.75
CA ILE A 406 50.69 -0.70 -49.56
C ILE A 406 52.03 -0.49 -50.25
N GLY A 407 52.10 0.55 -51.09
CA GLY A 407 53.33 0.86 -51.82
C GLY A 407 53.08 1.62 -53.11
N TYR A 408 54.18 2.09 -53.70
CA TYR A 408 54.15 2.83 -54.97
C TYR A 408 53.54 1.98 -56.09
N GLY A 409 52.46 2.48 -56.69
CA GLY A 409 51.77 1.81 -57.78
C GLY A 409 50.63 0.88 -57.39
N VAL A 410 50.38 0.72 -56.09
CA VAL A 410 49.33 -0.19 -55.58
C VAL A 410 47.93 0.25 -56.03
N ASP A 411 47.69 1.56 -56.03
CA ASP A 411 46.43 2.15 -56.52
C ASP A 411 45.93 1.58 -57.87
N GLU A 412 46.85 1.33 -58.79
CA GLU A 412 46.50 0.83 -60.14
C GLU A 412 46.54 -0.69 -60.33
N MET A 413 47.11 -1.46 -59.40
CA MET A 413 47.24 -2.92 -59.58
C MET A 413 46.09 -3.79 -59.05
N ILE A 414 45.19 -3.22 -58.25
CA ILE A 414 44.16 -3.99 -57.54
C ILE A 414 43.01 -4.47 -58.45
N GLN A 415 42.57 -3.62 -59.38
CA GLN A 415 41.36 -3.89 -60.19
C GLN A 415 41.36 -5.27 -60.87
N GLY A 416 42.48 -5.63 -61.47
CA GLY A 416 42.62 -6.90 -62.17
C GLY A 416 42.49 -8.12 -61.28
N PHE A 417 43.18 -8.09 -60.15
CA PHE A 417 43.10 -9.15 -59.13
C PHE A 417 41.69 -9.29 -58.54
N ALA A 418 40.99 -8.17 -58.41
CA ALA A 418 39.61 -8.16 -57.91
C ALA A 418 38.66 -8.96 -58.81
N VAL A 419 38.89 -8.89 -60.13
CA VAL A 419 38.14 -9.71 -61.09
C VAL A 419 38.45 -11.20 -60.86
N ALA A 420 39.74 -11.50 -60.70
CA ALA A 420 40.21 -12.87 -60.49
C ALA A 420 39.67 -13.47 -59.19
N ILE A 421 39.84 -12.73 -58.09
CA ILE A 421 39.38 -13.16 -56.77
C ILE A 421 37.86 -13.37 -56.75
N LYS A 422 37.11 -12.52 -57.45
CA LYS A 422 35.65 -12.67 -57.55
C LYS A 422 35.23 -13.94 -58.30
N MET A 423 36.04 -14.37 -59.27
CA MET A 423 35.83 -15.65 -59.98
C MET A 423 36.22 -16.91 -59.19
N GLY A 424 36.84 -16.75 -58.02
CA GLY A 424 37.24 -17.88 -57.18
C GLY A 424 38.67 -18.34 -57.44
N ALA A 425 39.58 -17.39 -57.66
CA ALA A 425 40.97 -17.72 -57.97
C ALA A 425 41.66 -18.37 -56.78
N THR A 426 42.47 -19.38 -57.08
CA THR A 426 43.31 -20.05 -56.09
C THR A 426 44.74 -19.53 -56.16
N LYS A 427 45.57 -19.97 -55.21
CA LYS A 427 47.00 -19.68 -55.25
C LYS A 427 47.65 -20.30 -56.49
N ALA A 428 47.19 -21.48 -56.88
CA ALA A 428 47.65 -22.15 -58.11
C ALA A 428 47.45 -21.30 -59.36
N ASP A 429 46.29 -20.63 -59.44
CA ASP A 429 45.99 -19.70 -60.55
C ASP A 429 46.90 -18.46 -60.54
N PHE A 430 47.24 -17.97 -59.35
CA PHE A 430 48.20 -16.86 -59.21
C PHE A 430 49.61 -17.30 -59.65
N ASP A 431 50.06 -18.43 -59.11
CA ASP A 431 51.39 -18.97 -59.40
C ASP A 431 51.57 -19.43 -60.86
N ALA A 432 50.48 -19.80 -61.52
CA ALA A 432 50.50 -20.16 -62.95
C ALA A 432 50.70 -18.96 -63.88
N THR A 433 50.30 -17.77 -63.42
CA THR A 433 50.38 -16.55 -64.23
C THR A 433 51.81 -16.02 -64.24
N VAL A 434 52.37 -15.85 -65.44
CA VAL A 434 53.75 -15.40 -65.62
C VAL A 434 53.89 -13.95 -65.16
N ALA A 435 54.98 -13.66 -64.46
CA ALA A 435 55.27 -12.34 -63.92
C ALA A 435 55.55 -11.32 -65.01
N ILE A 436 55.28 -10.05 -64.71
CA ILE A 436 55.69 -8.92 -65.56
C ILE A 436 56.88 -8.24 -64.87
N HIS A 437 58.05 -8.31 -65.50
CA HIS A 437 59.28 -7.80 -64.91
C HIS A 437 59.81 -6.63 -65.74
N PRO A 438 60.29 -5.55 -65.11
CA PRO A 438 60.32 -5.32 -63.66
C PRO A 438 59.16 -4.43 -63.20
N THR A 439 58.27 -4.99 -62.39
CA THR A 439 57.17 -4.23 -61.76
C THR A 439 57.07 -4.57 -60.28
N SER A 440 56.24 -3.82 -59.57
CA SER A 440 55.85 -4.16 -58.19
C SER A 440 54.76 -5.24 -58.18
N SER A 441 53.83 -5.18 -59.15
CA SER A 441 52.70 -6.09 -59.24
C SER A 441 53.06 -7.58 -59.34
N GLU A 442 54.21 -7.88 -59.94
CA GLU A 442 54.69 -9.28 -60.06
C GLU A 442 54.91 -10.03 -58.74
N GLU A 443 55.08 -9.29 -57.65
CA GLU A 443 55.24 -9.88 -56.32
C GLU A 443 54.04 -10.75 -55.89
N PHE A 444 52.83 -10.35 -56.28
CA PHE A 444 51.62 -11.12 -55.98
C PHE A 444 51.58 -12.51 -56.63
N VAL A 445 52.24 -12.67 -57.78
CA VAL A 445 52.26 -13.96 -58.51
C VAL A 445 53.55 -14.79 -58.28
N THR A 446 54.47 -14.33 -57.43
CA THR A 446 55.70 -15.05 -57.10
C THR A 446 55.93 -15.25 -55.58
N MET A 447 54.87 -15.13 -54.77
CA MET A 447 54.99 -15.35 -53.31
C MET A 447 55.12 -16.83 -52.99
N ARG A 448 55.96 -17.14 -52.01
CA ARG A 448 56.19 -18.52 -51.57
C ARG A 448 56.07 -18.64 -50.06
N MET B 1 27.54 33.51 11.39
CA MET B 1 26.33 33.68 10.50
C MET B 1 26.65 33.31 9.04
N ARG B 2 27.09 32.07 8.86
CA ARG B 2 27.44 31.55 7.53
C ARG B 2 26.17 31.25 6.73
N GLU B 3 26.24 31.46 5.41
CA GLU B 3 25.08 31.32 4.53
C GLU B 3 25.41 30.40 3.36
N TYR B 4 24.47 29.53 3.01
CA TYR B 4 24.62 28.56 1.91
C TYR B 4 23.37 28.48 1.06
N ASP B 5 23.51 28.02 -0.19
CA ASP B 5 22.36 27.70 -1.04
C ASP B 5 21.61 26.49 -0.49
N ILE B 6 22.36 25.50 -0.01
CA ILE B 6 21.79 24.27 0.53
C ILE B 6 22.71 23.66 1.60
N ILE B 7 22.12 23.02 2.61
CA ILE B 7 22.87 22.27 3.61
C ILE B 7 22.22 20.92 3.92
N ALA B 8 23.05 19.97 4.32
CA ALA B 8 22.60 18.64 4.71
C ALA B 8 22.88 18.44 6.19
N ILE B 9 21.85 18.06 6.95
CA ILE B 9 22.02 17.64 8.34
C ILE B 9 22.28 16.14 8.32
N GLY B 10 23.55 15.76 8.49
CA GLY B 10 24.00 14.37 8.40
C GLY B 10 24.92 14.19 7.20
N GLY B 11 26.08 13.56 7.43
CA GLY B 11 27.07 13.31 6.39
C GLY B 11 27.22 11.84 6.07
N GLY B 12 26.09 11.16 5.87
CA GLY B 12 26.06 9.75 5.50
C GLY B 12 25.85 9.60 4.01
N SER B 13 25.23 8.48 3.62
CA SER B 13 24.96 8.18 2.21
C SER B 13 24.06 9.22 1.56
N GLY B 14 22.96 9.56 2.24
CA GLY B 14 22.01 10.54 1.73
C GLY B 14 22.56 11.95 1.65
N GLY B 15 23.17 12.40 2.74
CA GLY B 15 23.72 13.75 2.83
C GLY B 15 24.83 14.05 1.84
N ILE B 16 25.81 13.15 1.75
CA ILE B 16 26.97 13.33 0.85
C ILE B 16 26.54 13.35 -0.62
N ALA B 17 25.71 12.40 -1.02
CA ALA B 17 25.22 12.31 -2.40
C ALA B 17 24.42 13.54 -2.83
N THR B 18 23.61 14.06 -1.92
CA THR B 18 22.80 15.25 -2.20
C THR B 18 23.67 16.50 -2.39
N MET B 19 24.59 16.75 -1.46
CA MET B 19 25.44 17.95 -1.50
C MET B 19 26.46 17.94 -2.64
N ASN B 20 27.03 16.78 -2.95
CA ASN B 20 27.91 16.65 -4.12
C ASN B 20 27.21 16.96 -5.44
N ARG B 21 26.00 16.43 -5.62
CA ARG B 21 25.22 16.67 -6.84
C ARG B 21 24.73 18.11 -6.95
N ALA B 22 24.40 18.73 -5.82
CA ALA B 22 24.03 20.15 -5.78
C ALA B 22 25.23 21.03 -6.12
N GLY B 23 26.39 20.72 -5.52
CA GLY B 23 27.65 21.40 -5.82
C GLY B 23 28.13 21.25 -7.26
N GLU B 24 27.78 20.12 -7.88
CA GLU B 24 28.06 19.86 -9.30
C GLU B 24 27.32 20.83 -10.23
N HIS B 25 26.17 21.35 -9.79
CA HIS B 25 25.42 22.38 -10.51
C HIS B 25 25.62 23.80 -9.94
N GLY B 26 26.81 24.09 -9.41
CA GLY B 26 27.18 25.43 -8.98
C GLY B 26 26.53 25.98 -7.71
N ALA B 27 25.90 25.13 -6.91
CA ALA B 27 25.30 25.56 -5.63
C ALA B 27 26.35 25.52 -4.53
N GLN B 28 26.33 26.52 -3.66
CA GLN B 28 27.21 26.53 -2.49
C GLN B 28 26.59 25.65 -1.41
N ALA B 29 27.16 24.45 -1.22
CA ALA B 29 26.62 23.43 -0.33
C ALA B 29 27.56 23.13 0.83
N ALA B 30 27.00 22.54 1.89
CA ALA B 30 27.77 22.12 3.06
C ALA B 30 27.17 20.87 3.72
N VAL B 31 28.04 19.96 4.12
CA VAL B 31 27.66 18.75 4.84
C VAL B 31 27.96 18.99 6.32
N ILE B 32 26.99 18.66 7.18
CA ILE B 32 27.15 18.75 8.64
C ILE B 32 27.14 17.34 9.22
N GLU B 33 28.10 17.02 10.10
CA GLU B 33 28.27 15.67 10.63
C GLU B 33 28.73 15.64 12.11
N GLU B 34 28.03 14.87 12.94
CA GLU B 34 28.41 14.63 14.34
C GLU B 34 29.62 13.70 14.46
N LYS B 35 29.44 12.47 14.00
CA LYS B 35 30.40 11.39 14.20
C LYS B 35 31.40 11.37 13.03
N LYS B 36 31.66 10.20 12.44
CA LYS B 36 32.58 10.07 11.32
C LYS B 36 31.82 10.27 10.02
N LEU B 37 32.55 10.76 9.01
CA LEU B 37 32.01 11.03 7.70
C LEU B 37 31.78 9.72 6.96
N GLY B 38 30.76 9.67 6.12
CA GLY B 38 30.38 8.44 5.40
C GLY B 38 29.23 7.67 6.03
N GLY B 39 28.83 8.03 7.26
CA GLY B 39 27.63 7.50 7.88
C GLY B 39 27.72 6.06 8.32
N THR B 40 26.55 5.44 8.49
CA THR B 40 26.43 4.07 8.97
C THR B 40 27.08 3.05 8.02
N CYS B 41 26.83 3.19 6.72
CA CYS B 41 27.23 2.19 5.74
C CYS B 41 28.74 1.93 5.69
N VAL B 42 29.52 3.02 5.61
CA VAL B 42 30.97 2.93 5.52
C VAL B 42 31.59 2.56 6.87
N ASN B 43 31.09 3.17 7.95
CA ASN B 43 31.71 3.05 9.27
C ASN B 43 31.27 1.81 10.06
N VAL B 44 29.96 1.59 10.16
CA VAL B 44 29.40 0.52 11.00
C VAL B 44 28.20 -0.19 10.34
N GLY B 45 28.29 -0.42 9.03
CA GLY B 45 27.19 -1.00 8.26
C GLY B 45 27.64 -1.92 7.14
N CYS B 46 27.11 -1.66 5.93
CA CYS B 46 27.38 -2.47 4.72
C CYS B 46 28.85 -2.88 4.52
N VAL B 47 29.75 -1.92 4.66
CA VAL B 47 31.17 -2.12 4.34
C VAL B 47 31.89 -3.09 5.31
N PRO B 48 31.89 -2.82 6.62
CA PRO B 48 32.48 -3.79 7.55
C PRO B 48 31.76 -5.14 7.60
N LYS B 49 30.44 -5.13 7.39
CA LYS B 49 29.64 -6.36 7.30
C LYS B 49 30.09 -7.23 6.13
N LYS B 50 30.29 -6.61 4.96
CA LYS B 50 30.67 -7.33 3.74
C LYS B 50 32.10 -7.88 3.79
N ILE B 51 33.01 -7.13 4.38
CA ILE B 51 34.41 -7.56 4.52
C ILE B 51 34.50 -8.77 5.44
N MET B 52 33.79 -8.72 6.57
CA MET B 52 33.71 -9.86 7.49
C MET B 52 33.01 -11.06 6.86
N TRP B 53 32.01 -10.80 6.01
CA TRP B 53 31.37 -11.86 5.23
C TRP B 53 32.35 -12.55 4.28
N TYR B 54 33.22 -11.77 3.61
CA TYR B 54 34.27 -12.36 2.74
C TYR B 54 35.24 -13.22 3.54
N GLY B 55 35.65 -12.75 4.71
CA GLY B 55 36.46 -13.52 5.64
C GLY B 55 35.77 -14.81 6.08
N ALA B 56 34.47 -14.72 6.35
CA ALA B 56 33.66 -15.89 6.72
C ALA B 56 33.53 -16.90 5.58
N GLN B 57 33.36 -16.40 4.35
CA GLN B 57 33.29 -17.25 3.16
C GLN B 57 34.62 -17.96 2.88
N ILE B 58 35.74 -17.33 3.25
CA ILE B 58 37.05 -17.98 3.19
C ILE B 58 37.14 -19.12 4.22
N ALA B 59 36.64 -18.89 5.43
CA ALA B 59 36.60 -19.94 6.46
C ALA B 59 35.73 -21.14 6.05
N GLU B 60 34.61 -20.86 5.38
CA GLU B 60 33.72 -21.90 4.85
C GLU B 60 34.44 -22.73 3.78
N THR B 61 35.22 -22.07 2.93
CA THR B 61 35.97 -22.72 1.87
C THR B 61 36.96 -23.75 2.41
N PHE B 62 37.71 -23.38 3.45
CA PHE B 62 38.71 -24.28 4.02
C PHE B 62 38.08 -25.45 4.78
N HIS B 63 37.05 -25.18 5.58
CA HIS B 63 36.43 -26.19 6.45
C HIS B 63 35.51 -27.16 5.74
N GLN B 64 34.73 -26.68 4.78
CA GLN B 64 33.73 -27.51 4.10
C GLN B 64 34.15 -28.02 2.73
N PHE B 65 34.76 -27.17 1.90
CA PHE B 65 35.03 -27.51 0.49
C PHE B 65 36.48 -27.92 0.18
N GLY B 66 37.44 -27.36 0.91
CA GLY B 66 38.87 -27.55 0.64
C GLY B 66 39.36 -29.00 0.48
N GLU B 67 38.95 -29.87 1.38
CA GLU B 67 39.44 -31.26 1.41
C GLU B 67 39.08 -32.07 0.16
N ASP B 68 37.84 -31.94 -0.31
CA ASP B 68 37.40 -32.65 -1.52
C ASP B 68 37.89 -32.04 -2.83
N TYR B 69 38.39 -30.81 -2.79
CA TYR B 69 39.10 -30.22 -3.94
C TYR B 69 40.61 -30.49 -3.92
N GLY B 70 41.08 -31.23 -2.91
CA GLY B 70 42.47 -31.70 -2.82
C GLY B 70 43.36 -30.99 -1.82
N PHE B 71 42.79 -30.07 -1.03
CA PHE B 71 43.57 -29.22 -0.12
C PHE B 71 43.44 -29.67 1.33
N LYS B 72 44.58 -30.00 1.94
CA LYS B 72 44.64 -30.30 3.38
C LYS B 72 45.58 -29.30 4.06
N THR B 73 45.26 -28.96 5.30
CA THR B 73 46.05 -28.04 6.12
C THR B 73 46.52 -28.74 7.39
N THR B 74 47.71 -28.37 7.88
CA THR B 74 48.26 -28.95 9.10
C THR B 74 47.71 -28.25 10.34
N ASP B 75 47.86 -26.92 10.40
CA ASP B 75 47.30 -26.11 11.50
C ASP B 75 46.70 -24.82 10.96
N LEU B 76 45.43 -24.88 10.56
CA LEU B 76 44.70 -23.69 10.12
C LEU B 76 44.37 -22.83 11.34
N ASN B 77 44.80 -21.57 11.32
CA ASN B 77 44.64 -20.65 12.45
C ASN B 77 44.00 -19.36 11.96
N PHE B 78 42.89 -18.96 12.59
CA PHE B 78 42.22 -17.70 12.30
C PHE B 78 42.54 -16.66 13.37
N ASP B 79 43.13 -15.53 12.97
CA ASP B 79 43.43 -14.40 13.84
C ASP B 79 42.52 -13.23 13.48
N PHE B 80 41.51 -12.97 14.31
CA PHE B 80 40.52 -11.92 14.04
C PHE B 80 41.11 -10.51 13.99
N ALA B 81 42.11 -10.25 14.82
CA ALA B 81 42.79 -8.94 14.87
C ALA B 81 43.37 -8.52 13.51
N THR B 82 43.91 -9.48 12.75
CA THR B 82 44.42 -9.21 11.41
C THR B 82 43.31 -8.75 10.46
N LEU B 83 42.19 -9.49 10.47
CA LEU B 83 41.04 -9.14 9.64
C LEU B 83 40.48 -7.77 9.99
N ARG B 84 40.31 -7.53 11.29
CA ARG B 84 39.78 -6.25 11.80
C ARG B 84 40.66 -5.06 11.43
N ARG B 85 41.97 -5.23 11.52
CA ARG B 85 42.94 -4.18 11.16
C ARG B 85 42.81 -3.79 9.69
N ASN B 86 42.84 -4.79 8.80
CA ASN B 86 42.66 -4.56 7.36
C ASN B 86 41.25 -4.08 6.98
N ARG B 87 40.25 -4.47 7.76
CA ARG B 87 38.87 -3.99 7.59
C ARG B 87 38.77 -2.48 7.81
N GLU B 88 39.30 -2.00 8.95
CA GLU B 88 39.28 -0.57 9.26
C GLU B 88 40.26 0.24 8.40
N SER B 89 41.34 -0.38 7.95
CA SER B 89 42.26 0.25 6.98
C SER B 89 41.57 0.54 5.64
N TYR B 90 40.70 -0.37 5.20
CA TYR B 90 39.87 -0.15 4.00
C TYR B 90 38.86 0.99 4.21
N ILE B 91 38.27 1.03 5.40
CA ILE B 91 37.29 2.07 5.77
C ILE B 91 37.96 3.45 5.85
N ASP B 92 39.16 3.51 6.42
CA ASP B 92 39.97 4.75 6.47
C ASP B 92 40.21 5.32 5.07
N ARG B 93 40.56 4.46 4.12
CA ARG B 93 40.74 4.85 2.71
C ARG B 93 39.45 5.40 2.10
N ALA B 94 38.34 4.70 2.30
CA ALA B 94 37.03 5.12 1.80
C ALA B 94 36.57 6.44 2.41
N ARG B 95 36.83 6.61 3.70
CA ARG B 95 36.45 7.81 4.43
C ARG B 95 37.30 9.03 4.02
N SER B 96 38.58 8.79 3.71
CA SER B 96 39.49 9.84 3.22
C SER B 96 39.13 10.36 1.82
N SER B 97 38.45 9.54 1.01
CA SER B 97 38.05 9.94 -0.35
C SER B 97 37.11 11.13 -0.40
N TYR B 98 36.26 11.27 0.62
CA TYR B 98 35.21 12.31 0.63
C TYR B 98 35.75 13.75 0.60
N ASP B 99 36.91 13.99 1.22
CA ASP B 99 37.55 15.33 1.16
C ASP B 99 37.88 15.70 -0.28
N GLY B 100 38.46 14.77 -1.03
CA GLY B 100 38.81 14.98 -2.44
C GLY B 100 37.62 15.31 -3.33
N SER B 101 36.54 14.56 -3.20
CA SER B 101 35.32 14.80 -3.99
C SER B 101 34.54 16.05 -3.54
N PHE B 102 34.72 16.48 -2.28
CA PHE B 102 34.15 17.75 -1.81
C PHE B 102 34.80 18.96 -2.47
N LYS B 103 36.14 18.97 -2.55
CA LYS B 103 36.88 20.07 -3.18
C LYS B 103 36.56 20.19 -4.67
N ARG B 104 36.36 19.06 -5.34
CA ARG B 104 35.98 19.03 -6.75
C ARG B 104 34.62 19.71 -7.02
N ASN B 105 33.66 19.53 -6.11
CA ASN B 105 32.32 20.13 -6.24
C ASN B 105 32.09 21.38 -5.37
N GLY B 106 33.09 21.78 -4.58
CA GLY B 106 33.03 23.01 -3.79
C GLY B 106 32.18 22.94 -2.53
N VAL B 107 32.11 21.76 -1.92
CA VAL B 107 31.29 21.53 -0.73
C VAL B 107 32.15 21.72 0.53
N ASP B 108 31.63 22.46 1.51
CA ASP B 108 32.31 22.62 2.80
C ASP B 108 31.89 21.52 3.76
N LEU B 109 32.77 21.24 4.73
CA LEU B 109 32.49 20.28 5.80
C LEU B 109 32.41 21.05 7.12
N ILE B 110 31.27 20.93 7.80
CA ILE B 110 31.08 21.51 9.13
C ILE B 110 30.94 20.35 10.11
N GLU B 111 31.75 20.36 11.16
CA GLU B 111 31.84 19.24 12.10
C GLU B 111 31.15 19.57 13.43
N GLY B 112 30.08 18.83 13.74
CA GLY B 112 29.35 18.97 15.00
C GLY B 112 27.88 18.58 14.91
N HIS B 113 27.21 18.59 16.06
CA HIS B 113 25.77 18.30 16.15
C HIS B 113 24.95 19.48 15.67
N ALA B 114 24.15 19.26 14.62
CA ALA B 114 23.22 20.26 14.10
C ALA B 114 21.91 20.24 14.88
N GLU B 115 21.21 21.36 14.85
CA GLU B 115 20.05 21.59 15.69
C GLU B 115 19.32 22.82 15.15
N PHE B 116 18.02 22.67 14.84
CA PHE B 116 17.25 23.77 14.26
C PHE B 116 17.04 24.94 15.24
N VAL B 117 17.19 26.16 14.71
CA VAL B 117 16.88 27.41 15.42
C VAL B 117 15.58 28.00 14.86
N ASP B 118 15.48 28.07 13.53
CA ASP B 118 14.23 28.42 12.84
C ASP B 118 14.14 27.62 11.52
N SER B 119 13.14 27.92 10.68
CA SER B 119 12.91 27.16 9.44
C SER B 119 13.99 27.30 8.34
N HIS B 120 14.90 28.26 8.48
CA HIS B 120 16.04 28.42 7.56
C HIS B 120 17.40 28.55 8.25
N THR B 121 17.48 28.19 9.53
CA THR B 121 18.72 28.33 10.32
C THR B 121 18.95 27.12 11.24
N VAL B 122 20.21 26.73 11.41
CA VAL B 122 20.62 25.68 12.35
C VAL B 122 21.79 26.15 13.20
N SER B 123 22.06 25.43 14.28
CA SER B 123 23.16 25.72 15.20
C SER B 123 24.13 24.54 15.25
N VAL B 124 25.41 24.80 14.94
CA VAL B 124 26.46 23.77 14.94
C VAL B 124 27.71 24.33 15.63
N ASN B 125 28.12 23.72 16.74
CA ASN B 125 29.32 24.10 17.49
C ASN B 125 29.31 25.60 17.88
N GLY B 126 28.16 26.05 18.39
CA GLY B 126 27.98 27.45 18.79
C GLY B 126 28.05 28.47 17.67
N GLU B 127 27.66 28.06 16.46
CA GLU B 127 27.70 28.93 15.27
C GLU B 127 26.41 28.74 14.48
N LEU B 128 25.75 29.85 14.14
CA LEU B 128 24.52 29.81 13.34
C LEU B 128 24.87 29.66 11.86
N ILE B 129 24.12 28.78 11.18
CA ILE B 129 24.31 28.51 9.75
C ILE B 129 22.95 28.62 9.06
N ARG B 130 22.83 29.58 8.14
CA ARG B 130 21.58 29.85 7.42
C ARG B 130 21.63 29.22 6.03
N ALA B 131 20.46 28.85 5.50
CA ALA B 131 20.38 28.30 4.15
C ALA B 131 18.96 28.36 3.56
N LYS B 132 18.91 28.54 2.24
CA LYS B 132 17.64 28.54 1.50
C LYS B 132 17.00 27.15 1.50
N HIS B 133 17.83 26.12 1.36
CA HIS B 133 17.40 24.72 1.32
C HIS B 133 18.10 23.94 2.45
N ILE B 134 17.35 23.09 3.16
CA ILE B 134 17.91 22.28 4.26
C ILE B 134 17.41 20.83 4.15
N VAL B 135 18.33 19.91 3.87
CA VAL B 135 18.01 18.48 3.72
C VAL B 135 18.30 17.77 5.05
N ILE B 136 17.32 17.05 5.57
CA ILE B 136 17.49 16.24 6.78
C ILE B 136 17.79 14.79 6.35
N ALA B 137 19.04 14.37 6.53
CA ALA B 137 19.46 13.00 6.24
C ALA B 137 20.19 12.45 7.47
N THR B 138 19.48 12.43 8.59
CA THR B 138 20.06 12.04 9.90
C THR B 138 20.21 10.53 10.10
N GLY B 139 19.57 9.73 9.26
CA GLY B 139 19.74 8.27 9.30
C GLY B 139 18.94 7.59 10.40
N ALA B 140 19.40 6.41 10.79
CA ALA B 140 18.73 5.57 11.79
C ALA B 140 19.67 5.14 12.92
N HIS B 141 19.10 4.51 13.94
CA HIS B 141 19.85 3.90 15.06
C HIS B 141 19.30 2.49 15.33
N PRO B 142 20.05 1.67 16.08
CA PRO B 142 19.53 0.33 16.42
C PRO B 142 18.44 0.38 17.49
N SER B 143 17.34 -0.33 17.27
CA SER B 143 16.21 -0.35 18.20
C SER B 143 16.47 -1.29 19.37
N ILE B 144 16.23 -0.80 20.59
CA ILE B 144 16.42 -1.57 21.82
C ILE B 144 15.06 -1.67 22.54
N PRO B 145 14.52 -2.91 22.71
CA PRO B 145 13.22 -3.06 23.37
C PRO B 145 13.16 -2.55 24.81
N ASN B 146 11.99 -2.07 25.21
CA ASN B 146 11.75 -1.62 26.59
C ASN B 146 11.35 -2.82 27.47
N ILE B 147 12.36 -3.58 27.89
CA ILE B 147 12.18 -4.66 28.86
C ILE B 147 13.25 -4.55 29.96
N PRO B 148 13.01 -5.15 31.14
CA PRO B 148 14.00 -5.11 32.24
C PRO B 148 15.39 -5.64 31.85
N GLY B 149 16.41 -4.79 32.03
CA GLY B 149 17.79 -5.16 31.73
C GLY B 149 18.19 -5.15 30.26
N ALA B 150 17.37 -4.52 29.41
CA ALA B 150 17.64 -4.45 27.97
C ALA B 150 18.98 -3.79 27.63
N GLU B 151 19.38 -2.80 28.45
CA GLU B 151 20.67 -2.12 28.31
C GLU B 151 21.90 -3.05 28.34
N LEU B 152 21.79 -4.19 29.01
CA LEU B 152 22.88 -5.18 29.08
C LEU B 152 23.25 -5.77 27.72
N GLY B 153 22.27 -5.87 26.82
CA GLY B 153 22.51 -6.28 25.44
C GLY B 153 22.96 -5.12 24.58
N GLY B 154 23.82 -5.41 23.60
CA GLY B 154 24.33 -4.41 22.65
C GLY B 154 23.60 -4.44 21.30
N SER B 155 24.25 -3.84 20.30
CA SER B 155 23.72 -3.79 18.94
C SER B 155 24.85 -4.13 17.95
N SER B 156 24.58 -4.00 16.64
CA SER B 156 25.62 -4.17 15.62
C SER B 156 26.76 -3.15 15.72
N ASP B 157 26.49 -1.96 16.28
CA ASP B 157 27.54 -0.98 16.60
C ASP B 157 28.61 -1.60 17.50
N ASP B 158 28.15 -2.38 18.49
CA ASP B 158 29.05 -3.04 19.45
C ASP B 158 29.81 -4.22 18.82
N VAL B 159 29.17 -4.90 17.87
CA VAL B 159 29.79 -6.02 17.14
C VAL B 159 31.03 -5.57 16.35
N PHE B 160 30.93 -4.43 15.67
CA PHE B 160 32.06 -3.88 14.92
C PHE B 160 33.11 -3.20 15.82
N ALA B 161 32.68 -2.77 17.01
CA ALA B 161 33.61 -2.25 18.02
C ALA B 161 34.50 -3.33 18.65
N TRP B 162 34.08 -4.59 18.58
CA TRP B 162 34.84 -5.71 19.16
C TRP B 162 36.26 -5.80 18.58
N GLU B 163 37.25 -5.85 19.48
CA GLU B 163 38.66 -6.06 19.12
C GLU B 163 38.95 -7.54 18.91
N GLU B 164 38.40 -8.37 19.80
CA GLU B 164 38.45 -9.83 19.69
C GLU B 164 37.02 -10.39 19.74
N LEU B 165 36.82 -11.55 19.13
CA LEU B 165 35.51 -12.20 19.13
C LEU B 165 35.22 -12.80 20.51
N PRO B 166 33.95 -12.73 20.96
CA PRO B 166 33.61 -13.32 22.25
C PRO B 166 33.54 -14.84 22.20
N GLU B 167 33.46 -15.46 23.38
CA GLU B 167 33.35 -16.92 23.50
C GLU B 167 32.01 -17.40 22.93
N SER B 168 30.93 -16.73 23.33
CA SER B 168 29.57 -17.05 22.87
C SER B 168 28.77 -15.77 22.64
N VAL B 169 27.84 -15.85 21.68
CA VAL B 169 26.96 -14.72 21.35
C VAL B 169 25.51 -15.20 21.20
N ALA B 170 24.58 -14.38 21.68
CA ALA B 170 23.15 -14.62 21.53
C ALA B 170 22.56 -13.47 20.71
N ILE B 171 22.04 -13.78 19.53
CA ILE B 171 21.46 -12.78 18.65
C ILE B 171 19.94 -12.84 18.81
N LEU B 172 19.35 -11.68 19.11
CA LEU B 172 17.91 -11.54 19.32
C LEU B 172 17.30 -10.72 18.19
N GLY B 173 16.81 -11.41 17.16
CA GLY B 173 16.27 -10.73 15.97
C GLY B 173 15.93 -11.68 14.82
N ALA B 174 15.04 -11.22 13.95
CA ALA B 174 14.58 -11.99 12.78
C ALA B 174 14.87 -11.32 11.43
N GLY B 175 15.47 -10.13 11.43
CA GLY B 175 15.70 -9.37 10.21
C GLY B 175 16.97 -9.76 9.46
N TYR B 176 17.32 -8.97 8.45
CA TYR B 176 18.51 -9.22 7.64
C TYR B 176 19.81 -9.07 8.45
N ILE B 177 19.88 -8.08 9.34
CA ILE B 177 21.08 -7.86 10.17
C ILE B 177 21.32 -9.02 11.13
N ALA B 178 20.26 -9.51 11.78
CA ALA B 178 20.33 -10.67 12.66
C ALA B 178 20.85 -11.91 11.92
N VAL B 179 20.27 -12.17 10.75
CA VAL B 179 20.63 -13.32 9.93
C VAL B 179 22.07 -13.23 9.41
N GLU B 180 22.49 -12.03 8.99
CA GLU B 180 23.85 -11.81 8.51
C GLU B 180 24.89 -11.97 9.61
N LEU B 181 24.64 -11.37 10.77
CA LEU B 181 25.56 -11.49 11.91
C LEU B 181 25.66 -12.93 12.41
N ALA B 182 24.51 -13.63 12.44
CA ALA B 182 24.47 -15.03 12.88
C ALA B 182 25.35 -15.94 12.03
N GLY B 183 25.25 -15.80 10.72
CA GLY B 183 26.04 -16.61 9.78
C GLY B 183 27.53 -16.34 9.84
N VAL B 184 27.90 -15.07 9.94
CA VAL B 184 29.30 -14.65 9.97
C VAL B 184 29.99 -15.12 11.25
N LEU B 185 29.36 -14.83 12.39
CA LEU B 185 29.93 -15.20 13.70
C LEU B 185 29.97 -16.72 13.92
N HIS B 186 28.95 -17.43 13.43
CA HIS B 186 28.92 -18.90 13.50
C HIS B 186 30.04 -19.54 12.69
N THR B 187 30.28 -19.01 11.49
CA THR B 187 31.34 -19.52 10.60
C THR B 187 32.77 -19.23 11.13
N PHE B 188 32.93 -18.17 11.92
CA PHE B 188 34.20 -17.89 12.63
C PHE B 188 34.41 -18.75 13.90
N GLY B 189 33.52 -19.71 14.18
CA GLY B 189 33.68 -20.60 15.34
C GLY B 189 33.24 -20.01 16.67
N VAL B 190 32.43 -18.95 16.64
CA VAL B 190 31.84 -18.38 17.85
C VAL B 190 30.59 -19.20 18.18
N LYS B 191 30.37 -19.45 19.47
CA LYS B 191 29.15 -20.16 19.91
C LYS B 191 27.95 -19.23 19.71
N THR B 192 27.33 -19.32 18.54
CA THR B 192 26.30 -18.39 18.10
C THR B 192 24.91 -19.04 18.15
N ASP B 193 24.00 -18.42 18.89
CA ASP B 193 22.59 -18.84 18.94
C ASP B 193 21.68 -17.69 18.50
N LEU B 194 20.75 -18.01 17.59
CA LEU B 194 19.84 -17.02 16.98
C LEU B 194 18.42 -17.28 17.47
N PHE B 195 17.78 -16.24 17.99
CA PHE B 195 16.46 -16.33 18.63
C PHE B 195 15.46 -15.40 17.94
N VAL B 196 14.39 -15.99 17.40
CA VAL B 196 13.32 -15.24 16.73
C VAL B 196 12.01 -15.36 17.51
N ARG B 197 11.22 -14.29 17.52
CA ARG B 197 9.99 -14.23 18.30
C ARG B 197 8.88 -15.16 17.79
N ARG B 198 8.77 -15.30 16.45
CA ARG B 198 7.66 -16.02 15.83
C ARG B 198 8.12 -17.34 15.15
N ASP B 199 7.55 -17.70 13.99
CA ASP B 199 7.69 -19.04 13.43
C ASP B 199 8.96 -19.26 12.61
N ARG B 200 9.43 -18.21 11.93
CA ARG B 200 10.63 -18.29 11.09
C ARG B 200 11.29 -16.91 10.98
N PRO B 201 12.58 -16.86 10.54
CA PRO B 201 13.21 -15.56 10.33
C PRO B 201 12.81 -14.96 8.98
N LEU B 202 13.24 -13.72 8.75
CA LEU B 202 13.02 -13.02 7.48
C LEU B 202 11.53 -12.94 7.10
N ARG B 203 10.77 -12.31 7.99
CA ARG B 203 9.38 -11.91 7.74
C ARG B 203 9.39 -10.92 6.57
N GLY B 204 8.62 -11.22 5.52
CA GLY B 204 8.56 -10.39 4.32
C GLY B 204 9.35 -10.93 3.14
N PHE B 205 10.17 -11.96 3.38
CA PHE B 205 10.85 -12.71 2.30
C PHE B 205 10.03 -13.95 1.96
N ASP B 206 10.18 -14.43 0.72
CA ASP B 206 9.40 -15.56 0.22
C ASP B 206 9.72 -16.85 0.98
N SER B 207 8.67 -17.58 1.38
CA SER B 207 8.78 -18.82 2.18
C SER B 207 9.74 -19.86 1.62
N TYR B 208 9.72 -20.02 0.30
CA TYR B 208 10.58 -20.99 -0.39
C TYR B 208 12.07 -20.70 -0.18
N ILE B 209 12.44 -19.43 -0.31
CA ILE B 209 13.82 -18.98 -0.11
C ILE B 209 14.22 -19.03 1.37
N VAL B 210 13.31 -18.64 2.27
CA VAL B 210 13.57 -18.65 3.71
C VAL B 210 13.71 -20.08 4.26
N GLU B 211 12.84 -20.99 3.82
CA GLU B 211 12.95 -22.41 4.19
C GLU B 211 14.32 -23.01 3.81
N GLY B 212 14.87 -22.56 2.69
CA GLY B 212 16.23 -22.94 2.28
C GLY B 212 17.30 -22.51 3.28
N LEU B 213 17.19 -21.27 3.77
CA LEU B 213 18.12 -20.76 4.78
C LEU B 213 18.02 -21.55 6.08
N VAL B 214 16.79 -21.80 6.53
CA VAL B 214 16.52 -22.59 7.75
C VAL B 214 17.11 -24.00 7.59
N LYS B 215 16.92 -24.61 6.43
CA LYS B 215 17.48 -25.93 6.14
C LYS B 215 19.01 -25.94 6.17
N GLU B 216 19.62 -24.86 5.70
CA GLU B 216 21.09 -24.68 5.74
C GLU B 216 21.60 -24.45 7.16
N MET B 217 20.84 -23.73 7.98
CA MET B 217 21.19 -23.52 9.39
C MET B 217 21.20 -24.83 10.18
N GLU B 218 20.22 -25.70 9.89
CA GLU B 218 20.17 -27.04 10.47
C GLU B 218 21.39 -27.88 10.06
N ARG B 219 21.75 -27.82 8.78
CA ARG B 219 22.85 -28.61 8.25
C ARG B 219 24.22 -28.17 8.78
N THR B 220 24.40 -26.86 8.95
CA THR B 220 25.64 -26.29 9.50
C THR B 220 25.70 -26.22 11.05
N ASN B 221 24.67 -26.74 11.73
CA ASN B 221 24.58 -26.74 13.19
C ASN B 221 24.62 -25.34 13.85
N LEU B 222 24.00 -24.38 13.17
CA LEU B 222 23.78 -23.05 13.72
C LEU B 222 22.39 -23.11 14.37
N PRO B 223 22.30 -23.08 15.71
CA PRO B 223 20.99 -23.24 16.35
C PRO B 223 20.04 -22.06 16.16
N LEU B 224 18.95 -22.30 15.42
CA LEU B 224 17.84 -21.36 15.28
C LEU B 224 16.77 -21.75 16.30
N HIS B 225 16.43 -20.83 17.19
CA HIS B 225 15.39 -21.04 18.19
C HIS B 225 14.16 -20.21 17.82
N THR B 226 13.04 -20.87 17.60
CA THR B 226 11.78 -20.18 17.23
C THR B 226 10.85 -20.06 18.44
N HIS B 227 9.89 -19.14 18.33
CA HIS B 227 8.93 -18.85 19.40
C HIS B 227 9.60 -18.52 20.73
N LYS B 228 10.49 -17.52 20.67
CA LYS B 228 11.28 -17.08 21.81
C LYS B 228 11.09 -15.58 22.00
N VAL B 229 10.20 -15.22 22.92
CA VAL B 229 9.91 -13.82 23.25
C VAL B 229 10.69 -13.43 24.50
N PRO B 230 11.71 -12.54 24.36
CA PRO B 230 12.47 -12.13 25.55
C PRO B 230 11.63 -11.26 26.50
N VAL B 231 11.63 -11.61 27.79
CA VAL B 231 10.93 -10.82 28.82
C VAL B 231 11.86 -10.09 29.80
N LYS B 232 13.09 -10.56 29.95
CA LYS B 232 14.06 -9.96 30.88
C LYS B 232 15.49 -10.35 30.53
N LEU B 233 16.42 -9.43 30.79
CA LEU B 233 17.87 -9.69 30.69
C LEU B 233 18.50 -9.51 32.07
N GLU B 234 19.44 -10.40 32.40
CA GLU B 234 20.02 -10.47 33.74
C GLU B 234 21.53 -10.73 33.66
N LYS B 235 22.30 -10.03 34.50
CA LYS B 235 23.75 -10.24 34.62
C LYS B 235 24.02 -11.43 35.54
N THR B 236 24.84 -12.37 35.09
CA THR B 236 25.22 -13.56 35.87
C THR B 236 26.75 -13.76 35.82
N THR B 237 27.24 -14.78 36.52
CA THR B 237 28.67 -15.08 36.57
C THR B 237 29.25 -15.47 35.20
N ASP B 238 28.53 -16.32 34.48
CA ASP B 238 28.97 -16.81 33.17
C ASP B 238 28.87 -15.75 32.05
N GLY B 239 27.97 -14.79 32.20
CA GLY B 239 27.81 -13.71 31.23
C GLY B 239 26.50 -12.95 31.40
N ILE B 240 25.71 -12.88 30.33
CA ILE B 240 24.38 -12.26 30.36
C ILE B 240 23.33 -13.32 30.04
N THR B 241 22.33 -13.44 30.91
CA THR B 241 21.27 -14.45 30.79
C THR B 241 19.99 -13.81 30.25
N ILE B 242 19.34 -14.49 29.31
CA ILE B 242 18.10 -14.04 28.69
C ILE B 242 16.98 -14.95 29.20
N HIS B 243 15.92 -14.36 29.74
CA HIS B 243 14.74 -15.10 30.17
C HIS B 243 13.62 -14.93 29.15
N PHE B 244 13.11 -16.06 28.64
CA PHE B 244 12.07 -16.06 27.61
C PHE B 244 10.69 -16.32 28.20
N GLU B 245 9.67 -15.85 27.49
CA GLU B 245 8.27 -15.94 27.94
C GLU B 245 7.78 -17.37 28.09
N ASP B 246 8.33 -18.28 27.29
CA ASP B 246 7.98 -19.72 27.35
C ASP B 246 8.56 -20.48 28.55
N GLY B 247 9.32 -19.80 29.42
CA GLY B 247 9.87 -20.40 30.64
C GLY B 247 11.31 -20.87 30.54
N THR B 248 11.89 -20.84 29.33
CA THR B 248 13.28 -21.23 29.12
C THR B 248 14.21 -20.05 29.42
N SER B 249 15.51 -20.34 29.46
CA SER B 249 16.54 -19.31 29.58
C SER B 249 17.75 -19.65 28.72
N HIS B 250 18.62 -18.65 28.53
CA HIS B 250 19.86 -18.86 27.77
C HIS B 250 20.90 -17.85 28.18
N THR B 251 22.13 -18.32 28.38
CA THR B 251 23.25 -17.49 28.83
C THR B 251 24.36 -17.49 27.78
N ALA B 252 24.93 -16.32 27.55
CA ALA B 252 26.10 -16.17 26.65
C ALA B 252 26.95 -14.97 27.08
N SER B 253 28.15 -14.86 26.52
CA SER B 253 29.07 -13.76 26.87
C SER B 253 28.49 -12.41 26.49
N GLN B 254 28.05 -12.32 25.23
CA GLN B 254 27.44 -11.12 24.67
C GLN B 254 26.02 -11.42 24.19
N VAL B 255 25.13 -10.43 24.33
CA VAL B 255 23.78 -10.50 23.77
C VAL B 255 23.60 -9.31 22.84
N ILE B 256 23.14 -9.58 21.61
CA ILE B 256 22.98 -8.54 20.58
C ILE B 256 21.51 -8.39 20.19
N TRP B 257 20.98 -7.19 20.36
CA TRP B 257 19.67 -6.83 19.84
C TRP B 257 19.80 -6.52 18.34
N ALA B 258 19.01 -7.21 17.52
CA ALA B 258 18.89 -6.91 16.09
C ALA B 258 17.42 -6.97 15.68
N THR B 259 16.60 -6.27 16.46
CA THR B 259 15.15 -6.27 16.30
C THR B 259 14.68 -5.38 15.14
N GLY B 260 15.46 -4.35 14.84
CA GLY B 260 15.16 -3.43 13.74
C GLY B 260 15.93 -2.14 13.91
N ARG B 261 15.72 -1.21 12.98
CA ARG B 261 16.31 0.12 13.08
C ARG B 261 15.21 1.18 13.07
N ARG B 262 15.47 2.30 13.76
CA ARG B 262 14.51 3.38 13.90
C ARG B 262 15.18 4.73 13.59
N PRO B 263 14.41 5.70 13.05
CA PRO B 263 14.99 6.93 12.55
C PRO B 263 15.46 7.89 13.64
N ASN B 264 16.58 8.58 13.38
CA ASN B 264 17.09 9.62 14.28
C ASN B 264 16.26 10.90 14.11
N VAL B 265 15.34 11.14 15.05
CA VAL B 265 14.46 12.31 15.00
C VAL B 265 14.42 13.17 16.29
N LYS B 266 15.11 12.76 17.34
CA LYS B 266 14.88 13.33 18.68
C LYS B 266 15.62 14.63 18.96
N GLY B 267 16.92 14.69 18.62
CA GLY B 267 17.78 15.81 19.02
C GLY B 267 17.90 16.98 18.05
N LEU B 268 16.95 17.12 17.12
CA LEU B 268 17.06 18.08 16.02
C LEU B 268 16.33 19.41 16.26
N GLN B 269 15.49 19.47 17.30
CA GLN B 269 14.55 20.58 17.52
C GLN B 269 13.67 20.82 16.29
N LEU B 270 13.02 19.75 15.82
CA LEU B 270 12.14 19.82 14.66
C LEU B 270 10.95 20.76 14.83
N GLU B 271 10.46 20.91 16.07
CA GLU B 271 9.31 21.78 16.35
C GLU B 271 9.61 23.27 16.08
N LYS B 272 10.86 23.68 16.27
CA LYS B 272 11.29 25.05 16.00
C LYS B 272 11.28 25.37 14.49
N ALA B 273 11.62 24.38 13.67
CA ALA B 273 11.52 24.51 12.21
C ALA B 273 10.10 24.28 11.68
N GLY B 274 9.30 23.52 12.43
CA GLY B 274 7.92 23.20 12.05
C GLY B 274 7.77 21.89 11.27
N VAL B 275 8.81 21.05 11.30
CA VAL B 275 8.83 19.79 10.57
C VAL B 275 8.10 18.73 11.40
N THR B 276 7.18 18.01 10.76
CA THR B 276 6.30 17.06 11.44
C THR B 276 6.76 15.61 11.26
N LEU B 277 6.13 14.71 12.02
CA LEU B 277 6.30 13.26 11.88
C LEU B 277 4.96 12.63 11.48
N ASN B 278 5.02 11.52 10.74
CA ASN B 278 3.84 10.68 10.48
C ASN B 278 3.56 9.76 11.67
N GLU B 279 2.45 9.02 11.64
CA GLU B 279 2.08 8.12 12.75
C GLU B 279 3.00 6.88 12.86
N ARG B 280 3.69 6.53 11.77
CA ARG B 280 4.72 5.47 11.80
C ARG B 280 5.98 5.88 12.56
N GLY B 281 6.21 7.19 12.71
CA GLY B 281 7.33 7.73 13.48
C GLY B 281 8.44 8.38 12.65
N PHE B 282 8.37 8.26 11.32
CA PHE B 282 9.35 8.86 10.42
C PHE B 282 8.99 10.31 10.15
N ILE B 283 9.91 11.03 9.51
CA ILE B 283 9.66 12.42 9.09
C ILE B 283 8.70 12.39 7.90
N GLN B 284 7.62 13.18 8.01
CA GLN B 284 6.58 13.25 7.00
C GLN B 284 7.09 13.98 5.77
N VAL B 285 7.07 13.30 4.62
CA VAL B 285 7.45 13.90 3.33
C VAL B 285 6.53 13.44 2.20
N ASP B 286 6.42 14.28 1.17
CA ASP B 286 5.64 13.95 -0.03
C ASP B 286 6.48 13.12 -1.01
N GLU B 287 5.95 12.85 -2.19
CA GLU B 287 6.66 12.06 -3.22
C GLU B 287 7.97 12.70 -3.74
N TYR B 288 8.12 14.02 -3.55
CA TYR B 288 9.35 14.74 -3.94
C TYR B 288 10.32 15.04 -2.77
N GLN B 289 10.18 14.32 -1.65
CA GLN B 289 11.01 14.53 -0.43
C GLN B 289 10.82 15.89 0.28
N ASN B 290 9.70 16.60 0.03
CA ASN B 290 9.41 17.86 0.71
C ASN B 290 8.74 17.58 2.05
N THR B 291 9.21 18.22 3.12
CA THR B 291 8.49 18.24 4.39
C THR B 291 7.25 19.14 4.26
N VAL B 292 6.45 19.24 5.32
CA VAL B 292 5.32 20.20 5.34
C VAL B 292 5.77 21.66 5.33
N VAL B 293 7.02 21.92 5.75
CA VAL B 293 7.62 23.25 5.68
C VAL B 293 8.29 23.43 4.30
N GLU B 294 8.07 24.59 3.70
CA GLU B 294 8.68 24.93 2.40
C GLU B 294 10.17 25.24 2.60
N GLY B 295 11.01 24.62 1.78
CA GLY B 295 12.46 24.80 1.84
C GLY B 295 13.20 23.84 2.78
N ILE B 296 12.48 22.90 3.38
CA ILE B 296 13.11 21.83 4.17
C ILE B 296 12.71 20.50 3.53
N TYR B 297 13.69 19.61 3.40
CA TYR B 297 13.54 18.32 2.73
C TYR B 297 14.09 17.22 3.64
N ALA B 298 13.71 15.98 3.35
CA ALA B 298 14.20 14.84 4.12
C ALA B 298 14.18 13.55 3.29
N LEU B 299 15.20 12.72 3.47
CA LEU B 299 15.40 11.52 2.66
C LEU B 299 16.30 10.52 3.36
N GLY B 300 16.35 9.31 2.83
CA GLY B 300 17.13 8.21 3.43
C GLY B 300 16.34 7.49 4.51
N ASP B 301 17.07 6.91 5.46
CA ASP B 301 16.46 6.11 6.54
C ASP B 301 15.50 6.91 7.43
N VAL B 302 15.79 8.20 7.64
CA VAL B 302 14.94 9.06 8.48
C VAL B 302 13.49 9.17 7.97
N THR B 303 13.30 9.06 6.65
CA THR B 303 11.96 9.05 6.04
C THR B 303 11.39 7.63 5.88
N GLY B 304 12.27 6.64 5.73
CA GLY B 304 11.89 5.22 5.85
C GLY B 304 11.10 4.59 4.71
N GLU B 305 11.32 5.06 3.48
CA GLU B 305 10.64 4.50 2.31
C GLU B 305 11.18 3.12 1.97
N LYS B 306 12.51 3.02 1.90
CA LYS B 306 13.21 1.75 1.75
C LYS B 306 14.63 1.93 2.30
N GLU B 307 14.88 1.39 3.48
CA GLU B 307 16.08 1.71 4.25
C GLU B 307 17.33 1.00 3.72
N LEU B 308 17.88 1.55 2.62
CA LEU B 308 19.10 1.05 1.99
C LEU B 308 19.99 2.21 1.55
N THR B 309 21.29 1.95 1.42
CA THR B 309 22.28 2.95 1.01
C THR B 309 22.00 3.54 -0.39
N PRO B 310 21.95 2.71 -1.45
CA PRO B 310 21.70 3.25 -2.80
C PRO B 310 20.34 3.92 -3.01
N VAL B 311 19.36 3.63 -2.14
CA VAL B 311 18.08 4.34 -2.14
C VAL B 311 18.32 5.80 -1.72
N ALA B 312 18.95 5.98 -0.57
CA ALA B 312 19.31 7.32 -0.05
C ALA B 312 20.22 8.12 -1.00
N ILE B 313 21.12 7.42 -1.70
CA ILE B 313 22.00 8.06 -2.69
C ILE B 313 21.22 8.54 -3.92
N LYS B 314 20.34 7.69 -4.46
CA LYS B 314 19.55 8.06 -5.65
C LYS B 314 18.52 9.16 -5.34
N ALA B 315 17.81 9.03 -4.22
CA ALA B 315 16.85 10.04 -3.78
C ALA B 315 17.52 11.41 -3.59
N GLY B 316 18.68 11.39 -2.95
CA GLY B 316 19.49 12.59 -2.75
C GLY B 316 19.91 13.24 -4.06
N ARG B 317 20.48 12.43 -4.95
CA ARG B 317 20.89 12.90 -6.27
C ARG B 317 19.72 13.44 -7.09
N THR B 318 18.58 12.77 -7.02
CA THR B 318 17.37 13.18 -7.72
C THR B 318 16.80 14.51 -7.18
N LEU B 319 16.93 14.74 -5.87
CA LEU B 319 16.48 16.01 -5.27
C LEU B 319 17.31 17.18 -5.78
N SER B 320 18.64 17.02 -5.82
CA SER B 320 19.53 18.05 -6.35
C SER B 320 19.31 18.30 -7.85
N GLU B 321 18.97 17.26 -8.61
CA GLU B 321 18.54 17.42 -10.01
C GLU B 321 17.29 18.28 -10.14
N ARG B 322 16.33 18.07 -9.23
CA ARG B 322 15.10 18.87 -9.17
C ARG B 322 15.38 20.33 -8.80
N LEU B 323 16.15 20.54 -7.73
CA LEU B 323 16.37 21.88 -7.17
C LEU B 323 17.36 22.75 -7.95
N PHE B 324 18.35 22.14 -8.59
CA PHE B 324 19.45 22.89 -9.23
C PHE B 324 19.71 22.61 -10.73
N ASN B 325 18.99 21.67 -11.34
CA ASN B 325 19.15 21.34 -12.76
C ASN B 325 17.83 21.29 -13.55
N GLY B 326 16.83 22.01 -13.05
CA GLY B 326 15.56 22.23 -13.76
C GLY B 326 14.76 21.00 -14.16
N LYS B 327 14.58 20.07 -13.22
CA LYS B 327 13.80 18.85 -13.46
C LYS B 327 12.69 18.74 -12.42
N THR B 328 11.65 19.55 -12.61
CA THR B 328 10.54 19.72 -11.66
C THR B 328 9.79 18.43 -11.31
N THR B 329 9.61 17.54 -12.30
CA THR B 329 8.89 16.27 -12.13
C THR B 329 9.75 15.14 -11.54
N ALA B 330 11.07 15.30 -11.53
CA ALA B 330 12.01 14.24 -11.12
C ALA B 330 11.84 13.82 -9.66
N LYS B 331 11.55 12.54 -9.44
CA LYS B 331 11.34 11.98 -8.11
C LYS B 331 11.79 10.52 -8.03
N MET B 332 12.05 10.06 -6.82
CA MET B 332 12.58 8.72 -6.57
C MET B 332 11.51 7.65 -6.76
N ASP B 333 11.76 6.71 -7.67
CA ASP B 333 10.89 5.55 -7.88
C ASP B 333 11.22 4.48 -6.82
N TYR B 334 10.32 4.29 -5.86
CA TYR B 334 10.54 3.36 -4.75
C TYR B 334 10.05 1.92 -4.98
N SER B 335 9.45 1.65 -6.14
CA SER B 335 8.92 0.31 -6.44
C SER B 335 9.97 -0.58 -7.11
N THR B 336 9.89 -1.89 -6.86
CA THR B 336 10.72 -2.90 -7.53
C THR B 336 12.23 -2.65 -7.33
N ILE B 337 12.59 -2.39 -6.07
CA ILE B 337 13.98 -2.22 -5.67
C ILE B 337 14.55 -3.60 -5.34
N PRO B 338 15.73 -3.95 -5.88
CA PRO B 338 16.32 -5.25 -5.54
C PRO B 338 17.09 -5.21 -4.22
N THR B 339 17.22 -6.37 -3.58
CA THR B 339 17.90 -6.51 -2.30
C THR B 339 18.71 -7.80 -2.30
N VAL B 340 19.88 -7.76 -1.68
CA VAL B 340 20.64 -8.95 -1.34
C VAL B 340 20.86 -8.95 0.18
N VAL B 341 20.67 -10.11 0.80
CA VAL B 341 21.02 -10.33 2.20
C VAL B 341 22.21 -11.25 2.16
N PHE B 342 23.30 -10.85 2.82
CA PHE B 342 24.55 -11.63 2.83
C PHE B 342 24.57 -12.67 3.96
N SER B 343 23.65 -13.62 3.83
CA SER B 343 23.55 -14.78 4.71
C SER B 343 24.53 -15.85 4.21
N HIS B 344 24.51 -17.02 4.86
CA HIS B 344 25.29 -18.19 4.41
C HIS B 344 24.34 -19.29 3.96
N PRO B 345 24.10 -19.48 2.65
CA PRO B 345 24.61 -18.65 1.56
C PRO B 345 23.74 -17.41 1.33
N ALA B 346 24.13 -16.59 0.36
CA ALA B 346 23.47 -15.31 0.09
C ALA B 346 22.05 -15.46 -0.44
N ILE B 347 21.17 -14.57 0.00
CA ILE B 347 19.78 -14.48 -0.47
C ILE B 347 19.68 -13.25 -1.35
N GLY B 348 18.95 -13.36 -2.46
CA GLY B 348 18.70 -12.26 -3.39
C GLY B 348 17.22 -12.21 -3.76
N THR B 349 16.69 -10.99 -3.90
CA THR B 349 15.27 -10.80 -4.17
C THR B 349 14.94 -9.46 -4.85
N VAL B 350 13.93 -9.49 -5.72
CA VAL B 350 13.37 -8.29 -6.32
C VAL B 350 11.91 -8.55 -6.69
N GLY B 351 11.06 -7.56 -6.43
CA GLY B 351 9.62 -7.69 -6.70
C GLY B 351 8.88 -8.41 -5.59
N LEU B 352 7.69 -8.89 -5.92
CA LEU B 352 6.74 -9.41 -4.95
C LEU B 352 7.04 -10.84 -4.56
N THR B 353 6.72 -11.20 -3.32
CA THR B 353 6.67 -12.61 -2.89
C THR B 353 5.42 -13.27 -3.50
N GLU B 354 5.33 -14.60 -3.35
CA GLU B 354 4.15 -15.33 -3.84
C GLU B 354 2.88 -14.88 -3.11
N GLU B 355 2.98 -14.69 -1.79
CA GLU B 355 1.87 -14.19 -0.96
C GLU B 355 1.40 -12.82 -1.44
N GLN B 356 2.35 -11.90 -1.59
CA GLN B 356 2.07 -10.54 -2.10
C GLN B 356 1.47 -10.56 -3.51
N ALA B 357 1.96 -11.47 -4.36
CA ALA B 357 1.48 -11.61 -5.73
C ALA B 357 0.04 -12.14 -5.81
N ILE B 358 -0.29 -13.10 -4.94
CA ILE B 358 -1.67 -13.64 -4.85
C ILE B 358 -2.64 -12.57 -4.33
N LYS B 359 -2.21 -11.79 -3.34
CA LYS B 359 -3.01 -10.69 -2.80
C LYS B 359 -3.27 -9.59 -3.83
N GLU B 360 -2.28 -9.32 -4.68
CA GLU B 360 -2.37 -8.28 -5.70
C GLU B 360 -3.22 -8.74 -6.88
N TYR B 361 -2.79 -9.81 -7.55
CA TYR B 361 -3.38 -10.23 -8.82
C TYR B 361 -4.48 -11.29 -8.72
N GLY B 362 -4.52 -12.03 -7.61
CA GLY B 362 -5.47 -13.13 -7.42
C GLY B 362 -4.81 -14.48 -7.68
N GLN B 363 -5.30 -15.52 -7.02
CA GLN B 363 -4.68 -16.86 -7.03
C GLN B 363 -4.53 -17.45 -8.43
N ASP B 364 -5.61 -17.43 -9.23
CA ASP B 364 -5.62 -18.04 -10.56
C ASP B 364 -4.99 -17.20 -11.69
N GLN B 365 -4.51 -15.99 -11.37
CA GLN B 365 -3.79 -15.14 -12.33
C GLN B 365 -2.26 -15.21 -12.15
N ILE B 366 -1.80 -16.02 -11.19
CA ILE B 366 -0.37 -16.16 -10.86
C ILE B 366 0.11 -17.54 -11.29
N LYS B 367 1.33 -17.60 -11.81
CA LYS B 367 2.05 -18.85 -12.03
C LYS B 367 3.38 -18.79 -11.29
N VAL B 368 3.81 -19.93 -10.75
CA VAL B 368 5.01 -20.03 -9.95
C VAL B 368 5.93 -21.09 -10.52
N TYR B 369 7.19 -20.70 -10.74
CA TYR B 369 8.24 -21.59 -11.23
C TYR B 369 9.30 -21.73 -10.15
N LYS B 370 9.71 -22.97 -9.86
CA LYS B 370 10.70 -23.24 -8.83
C LYS B 370 11.79 -24.19 -9.34
N SER B 371 13.01 -23.99 -8.84
CA SER B 371 14.13 -24.87 -9.12
C SER B 371 14.91 -25.10 -7.84
N SER B 372 15.05 -26.38 -7.46
CA SER B 372 15.92 -26.79 -6.37
C SER B 372 17.08 -27.56 -6.98
N PHE B 373 18.30 -27.19 -6.57
CA PHE B 373 19.52 -27.77 -7.12
C PHE B 373 20.68 -27.41 -6.21
N ALA B 374 21.72 -28.24 -6.21
CA ALA B 374 22.99 -27.89 -5.60
C ALA B 374 23.90 -27.34 -6.69
N SER B 375 24.63 -26.27 -6.39
CA SER B 375 25.62 -25.74 -7.31
C SER B 375 26.77 -26.74 -7.45
N MET B 376 27.38 -26.73 -8.62
CA MET B 376 28.52 -27.61 -8.94
C MET B 376 29.67 -27.46 -7.92
N TYR B 377 29.88 -26.24 -7.43
CA TYR B 377 30.91 -25.93 -6.44
C TYR B 377 30.86 -26.85 -5.21
N SER B 378 29.67 -26.97 -4.62
CA SER B 378 29.48 -27.77 -3.40
C SER B 378 29.04 -29.22 -3.66
N ALA B 379 28.49 -29.51 -4.84
CA ALA B 379 28.05 -30.86 -5.20
C ALA B 379 29.21 -31.86 -5.42
N CYS B 380 30.40 -31.36 -5.75
CA CYS B 380 31.62 -32.17 -5.84
C CYS B 380 32.13 -32.66 -4.48
N THR B 381 31.71 -31.98 -3.41
CA THR B 381 32.15 -32.26 -2.05
C THR B 381 31.11 -33.07 -1.27
N ARG B 382 31.51 -33.54 -0.10
CA ARG B 382 30.58 -34.17 0.84
C ARG B 382 29.56 -33.19 1.42
N ASN B 383 29.94 -31.91 1.54
CA ASN B 383 29.03 -30.87 2.02
C ASN B 383 28.24 -30.22 0.89
N ARG B 384 27.20 -30.94 0.43
CA ARG B 384 26.30 -30.49 -0.63
C ARG B 384 25.44 -29.33 -0.11
N GLN B 385 25.50 -28.18 -0.80
CA GLN B 385 24.77 -26.97 -0.40
C GLN B 385 23.66 -26.68 -1.40
N GLU B 386 22.42 -26.71 -0.93
CA GLU B 386 21.25 -26.57 -1.81
C GLU B 386 20.95 -25.10 -2.10
N SER B 387 20.71 -24.80 -3.38
CA SER B 387 20.20 -23.51 -3.82
C SER B 387 18.71 -23.63 -4.13
N ARG B 388 18.01 -22.49 -4.05
CA ARG B 388 16.57 -22.43 -4.31
C ARG B 388 16.21 -21.14 -5.05
N PHE B 389 15.68 -21.29 -6.27
CA PHE B 389 15.32 -20.19 -7.15
C PHE B 389 13.80 -20.22 -7.36
N LYS B 390 13.17 -19.05 -7.36
CA LYS B 390 11.73 -18.91 -7.64
C LYS B 390 11.45 -17.71 -8.55
N LEU B 391 10.64 -17.94 -9.59
CA LEU B 391 10.07 -16.88 -10.44
C LEU B 391 8.56 -16.86 -10.28
N ILE B 392 7.99 -15.66 -10.25
CA ILE B 392 6.54 -15.47 -10.11
C ILE B 392 6.04 -14.55 -11.22
N THR B 393 5.10 -15.06 -12.04
CA THR B 393 4.52 -14.29 -13.15
C THR B 393 3.04 -14.00 -12.91
N ALA B 394 2.51 -12.99 -13.59
CA ALA B 394 1.11 -12.56 -13.45
C ALA B 394 0.47 -12.24 -14.82
N GLY B 395 -0.79 -12.65 -14.99
CA GLY B 395 -1.56 -12.35 -16.19
C GLY B 395 -1.32 -13.28 -17.36
N SER B 396 -2.00 -13.02 -18.47
CA SER B 396 -1.89 -13.84 -19.69
C SER B 396 -0.53 -13.77 -20.39
N GLU B 397 0.09 -12.58 -20.38
CA GLU B 397 1.45 -12.40 -20.90
C GLU B 397 2.57 -12.92 -19.98
N GLU B 398 2.23 -13.30 -18.74
CA GLU B 398 3.19 -13.74 -17.73
C GLU B 398 4.30 -12.73 -17.50
N LYS B 399 3.88 -11.51 -17.13
CA LYS B 399 4.80 -10.46 -16.71
C LYS B 399 5.47 -10.91 -15.41
N VAL B 400 6.80 -10.79 -15.35
CA VAL B 400 7.56 -11.20 -14.17
C VAL B 400 7.41 -10.13 -13.09
N VAL B 401 6.70 -10.48 -12.03
CA VAL B 401 6.45 -9.56 -10.91
C VAL B 401 7.29 -9.87 -9.66
N GLY B 402 7.98 -11.01 -9.66
CA GLY B 402 8.85 -11.39 -8.55
C GLY B 402 9.94 -12.38 -8.95
N LEU B 403 11.12 -12.21 -8.39
CA LEU B 403 12.27 -13.09 -8.61
C LEU B 403 13.03 -13.24 -7.29
N HIS B 404 13.26 -14.47 -6.87
CA HIS B 404 13.87 -14.77 -5.57
C HIS B 404 14.89 -15.89 -5.70
N GLY B 405 15.93 -15.82 -4.88
CA GLY B 405 17.01 -16.79 -4.93
C GLY B 405 17.79 -16.87 -3.62
N ILE B 406 18.30 -18.06 -3.35
CA ILE B 406 19.26 -18.30 -2.27
C ILE B 406 20.28 -19.32 -2.77
N GLY B 407 21.55 -19.05 -2.52
CA GLY B 407 22.63 -19.95 -2.95
C GLY B 407 23.93 -19.25 -3.29
N TYR B 408 24.89 -20.05 -3.76
CA TYR B 408 26.23 -19.56 -4.09
C TYR B 408 26.18 -18.66 -5.32
N GLY B 409 26.76 -17.47 -5.20
CA GLY B 409 26.80 -16.51 -6.30
C GLY B 409 25.51 -15.74 -6.60
N VAL B 410 24.51 -15.86 -5.72
CA VAL B 410 23.24 -15.14 -5.90
C VAL B 410 23.45 -13.63 -5.72
N ASP B 411 24.32 -13.25 -4.79
CA ASP B 411 24.62 -11.85 -4.50
C ASP B 411 24.99 -10.98 -5.72
N GLU B 412 25.67 -11.59 -6.71
CA GLU B 412 26.10 -10.88 -7.92
C GLU B 412 25.17 -11.01 -9.14
N MET B 413 24.17 -11.89 -9.08
CA MET B 413 23.33 -12.18 -10.26
C MET B 413 22.01 -11.38 -10.34
N ILE B 414 21.63 -10.68 -9.28
CA ILE B 414 20.31 -10.03 -9.19
C ILE B 414 20.22 -8.74 -10.02
N GLN B 415 21.27 -7.92 -9.98
CA GLN B 415 21.25 -6.56 -10.55
C GLN B 415 20.67 -6.51 -11.97
N GLY B 416 21.19 -7.36 -12.86
CA GLY B 416 20.74 -7.38 -14.25
C GLY B 416 19.30 -7.85 -14.42
N PHE B 417 18.88 -8.84 -13.63
CA PHE B 417 17.48 -9.28 -13.61
C PHE B 417 16.54 -8.17 -13.13
N ALA B 418 16.97 -7.41 -12.13
CA ALA B 418 16.21 -6.26 -11.64
C ALA B 418 15.98 -5.20 -12.72
N VAL B 419 16.97 -5.01 -13.61
CA VAL B 419 16.82 -4.10 -14.76
C VAL B 419 15.74 -4.62 -15.71
N ALA B 420 15.82 -5.90 -16.06
CA ALA B 420 14.83 -6.54 -16.93
C ALA B 420 13.42 -6.48 -16.33
N ILE B 421 13.30 -6.85 -15.06
CA ILE B 421 12.00 -6.86 -14.36
C ILE B 421 11.38 -5.46 -14.27
N LYS B 422 12.21 -4.44 -14.06
CA LYS B 422 11.73 -3.06 -14.02
C LYS B 422 11.25 -2.54 -15.39
N MET B 423 11.80 -3.08 -16.48
CA MET B 423 11.28 -2.82 -17.85
C MET B 423 9.96 -3.52 -18.17
N GLY B 424 9.50 -4.43 -17.31
CA GLY B 424 8.30 -5.22 -17.56
C GLY B 424 8.59 -6.49 -18.34
N ALA B 425 9.68 -7.16 -17.98
CA ALA B 425 10.07 -8.42 -18.63
C ALA B 425 9.01 -9.49 -18.42
N THR B 426 8.71 -10.22 -19.48
CA THR B 426 7.80 -11.37 -19.43
C THR B 426 8.59 -12.67 -19.33
N LYS B 427 7.88 -13.76 -19.07
CA LYS B 427 8.47 -15.10 -19.07
C LYS B 427 9.05 -15.45 -20.44
N ALA B 428 8.41 -15.00 -21.51
CA ALA B 428 8.91 -15.19 -22.88
C ALA B 428 10.26 -14.49 -23.09
N ASP B 429 10.42 -13.29 -22.53
CA ASP B 429 11.69 -12.55 -22.62
C ASP B 429 12.83 -13.29 -21.92
N PHE B 430 12.55 -13.84 -20.74
CA PHE B 430 13.51 -14.70 -20.03
C PHE B 430 13.86 -15.94 -20.86
N ASP B 431 12.83 -16.65 -21.32
CA ASP B 431 13.01 -17.89 -22.09
C ASP B 431 13.70 -17.70 -23.45
N ALA B 432 13.54 -16.52 -24.06
CA ALA B 432 14.22 -16.18 -25.33
C ALA B 432 15.72 -15.97 -25.15
N THR B 433 16.14 -15.58 -23.95
CA THR B 433 17.54 -15.34 -23.64
C THR B 433 18.26 -16.67 -23.41
N VAL B 434 19.37 -16.87 -24.13
CA VAL B 434 20.12 -18.11 -24.08
C VAL B 434 20.92 -18.21 -22.78
N ALA B 435 20.98 -19.41 -22.23
CA ALA B 435 21.68 -19.66 -20.96
C ALA B 435 23.20 -19.48 -21.09
N ILE B 436 23.85 -19.28 -19.94
CA ILE B 436 25.30 -19.29 -19.82
C ILE B 436 25.67 -20.53 -19.01
N HIS B 437 26.28 -21.52 -19.66
CA HIS B 437 26.66 -22.80 -19.03
C HIS B 437 28.19 -22.87 -18.85
N PRO B 438 28.70 -23.32 -17.70
CA PRO B 438 27.94 -23.74 -16.52
C PRO B 438 27.92 -22.65 -15.45
N THR B 439 26.73 -22.15 -15.12
CA THR B 439 26.53 -21.20 -14.01
C THR B 439 25.28 -21.57 -13.21
N SER B 440 25.07 -20.88 -12.09
CA SER B 440 23.81 -20.96 -11.34
C SER B 440 22.74 -20.06 -11.97
N SER B 441 23.16 -18.89 -12.48
CA SER B 441 22.24 -17.89 -13.06
C SER B 441 21.39 -18.38 -14.24
N GLU B 442 21.92 -19.35 -15.01
CA GLU B 442 21.16 -19.96 -16.12
C GLU B 442 19.83 -20.61 -15.72
N GLU B 443 19.70 -21.02 -14.46
CA GLU B 443 18.45 -21.61 -13.94
C GLU B 443 17.22 -20.70 -14.08
N PHE B 444 17.43 -19.38 -13.99
CA PHE B 444 16.33 -18.42 -14.15
C PHE B 444 15.75 -18.32 -15.57
N VAL B 445 16.51 -18.74 -16.58
CA VAL B 445 16.06 -18.72 -17.99
C VAL B 445 15.76 -20.11 -18.58
N THR B 446 15.85 -21.17 -17.76
CA THR B 446 15.46 -22.53 -18.18
C THR B 446 14.51 -23.17 -17.17
N MET B 447 13.52 -22.40 -16.73
CA MET B 447 12.48 -22.87 -15.80
C MET B 447 11.23 -23.25 -16.58
N ARG B 448 10.58 -24.34 -16.18
CA ARG B 448 9.35 -24.82 -16.82
C ARG B 448 8.28 -25.09 -15.77
N MET C 1 13.81 -55.25 -39.37
CA MET C 1 13.96 -53.93 -40.07
C MET C 1 13.75 -52.77 -39.09
N ARG C 2 14.63 -52.68 -38.08
CA ARG C 2 14.56 -51.62 -37.08
C ARG C 2 15.04 -50.30 -37.68
N GLU C 3 12.49 -49.31 -36.27
CA GLU C 3 12.07 -48.06 -36.88
C GLU C 3 11.77 -47.05 -35.78
N TYR C 4 12.01 -45.77 -36.08
CA TYR C 4 11.72 -44.68 -35.16
C TYR C 4 11.08 -43.51 -35.87
N ASP C 5 10.41 -42.65 -35.11
CA ASP C 5 9.91 -41.38 -35.64
C ASP C 5 11.09 -40.46 -35.91
N ILE C 6 12.04 -40.41 -34.97
CA ILE C 6 13.23 -39.58 -35.08
C ILE C 6 14.43 -40.25 -34.39
N ILE C 7 15.63 -40.00 -34.92
CA ILE C 7 16.89 -40.44 -34.30
C ILE C 7 17.95 -39.34 -34.32
N ALA C 8 18.86 -39.41 -33.34
CA ALA C 8 19.96 -38.47 -33.21
C ALA C 8 21.28 -39.20 -33.43
N ILE C 9 22.06 -38.75 -34.42
CA ILE C 9 23.43 -39.22 -34.60
C ILE C 9 24.31 -38.38 -33.69
N GLY C 10 24.68 -38.94 -32.54
CA GLY C 10 25.43 -38.24 -31.51
C GLY C 10 24.57 -38.07 -30.28
N GLY C 11 25.15 -38.34 -29.11
CA GLY C 11 24.44 -38.26 -27.83
C GLY C 11 25.06 -37.24 -26.89
N GLY C 12 25.36 -36.06 -27.44
CA GLY C 12 25.88 -34.95 -26.65
C GLY C 12 24.77 -33.99 -26.26
N SER C 13 25.14 -32.72 -26.06
CA SER C 13 24.20 -31.68 -25.66
C SER C 13 23.01 -31.56 -26.62
N GLY C 14 23.30 -31.53 -27.92
CA GLY C 14 22.29 -31.39 -28.96
C GLY C 14 21.39 -32.60 -29.12
N GLY C 15 22.02 -33.78 -29.28
CA GLY C 15 21.31 -35.04 -29.47
C GLY C 15 20.36 -35.39 -28.33
N ILE C 16 20.86 -35.34 -27.10
CA ILE C 16 20.06 -35.66 -25.91
C ILE C 16 18.86 -34.73 -25.80
N ALA C 17 19.10 -33.43 -25.86
CA ALA C 17 18.05 -32.42 -25.72
C ALA C 17 16.94 -32.57 -26.78
N THR C 18 17.34 -32.87 -28.01
CA THR C 18 16.40 -33.03 -29.13
C THR C 18 15.49 -34.25 -28.93
N MET C 19 16.08 -35.39 -28.61
CA MET C 19 15.33 -36.66 -28.47
C MET C 19 14.42 -36.68 -27.24
N ASN C 20 14.92 -36.17 -26.11
CA ASN C 20 14.09 -36.04 -24.90
C ASN C 20 12.85 -35.19 -25.11
N ARG C 21 13.01 -34.06 -25.81
CA ARG C 21 11.88 -33.19 -26.13
C ARG C 21 10.94 -33.81 -27.16
N ALA C 22 11.49 -34.53 -28.14
CA ALA C 22 10.70 -35.29 -29.10
C ALA C 22 9.86 -36.36 -28.41
N GLY C 23 10.51 -37.13 -27.53
CA GLY C 23 9.84 -38.14 -26.71
C GLY C 23 8.75 -37.59 -25.80
N GLU C 24 8.95 -36.37 -25.31
CA GLU C 24 7.96 -35.69 -24.48
C GLU C 24 6.63 -35.43 -25.20
N HIS C 25 6.69 -35.21 -26.52
CA HIS C 25 5.48 -35.09 -27.36
C HIS C 25 5.13 -36.40 -28.09
N GLY C 26 5.32 -37.54 -27.41
CA GLY C 26 4.84 -38.83 -27.89
C GLY C 26 5.47 -39.37 -29.17
N ALA C 27 6.73 -39.02 -29.42
CA ALA C 27 7.48 -39.54 -30.57
C ALA C 27 8.43 -40.64 -30.11
N GLN C 28 8.48 -41.75 -30.85
CA GLN C 28 9.43 -42.82 -30.55
C GLN C 28 10.84 -42.38 -30.98
N ALA C 29 11.68 -42.06 -29.99
CA ALA C 29 12.99 -41.45 -30.22
C ALA C 29 14.12 -42.40 -29.86
N ALA C 30 15.31 -42.10 -30.38
CA ALA C 30 16.53 -42.85 -30.06
C ALA C 30 17.80 -42.01 -30.24
N VAL C 31 18.77 -42.23 -29.35
CA VAL C 31 20.07 -41.57 -29.41
C VAL C 31 21.15 -42.61 -29.75
N ILE C 32 21.95 -42.31 -30.77
CA ILE C 32 23.11 -43.16 -31.12
C ILE C 32 24.39 -42.44 -30.67
N GLU C 33 25.27 -43.16 -29.98
CA GLU C 33 26.49 -42.59 -29.39
C GLU C 33 27.68 -43.58 -29.42
N GLU C 34 28.78 -43.16 -30.05
CA GLU C 34 30.04 -43.92 -30.09
C GLU C 34 30.66 -44.14 -28.72
N LYS C 35 30.92 -43.04 -28.03
CA LYS C 35 31.76 -43.01 -26.83
C LYS C 35 30.86 -42.86 -25.59
N LYS C 36 31.23 -42.00 -24.63
CA LYS C 36 30.48 -41.83 -23.40
C LYS C 36 29.30 -40.87 -23.61
N LEU C 37 28.19 -41.15 -22.96
CA LEU C 37 26.97 -40.35 -23.09
C LEU C 37 27.17 -38.98 -22.44
N GLY C 38 26.53 -37.95 -23.00
CA GLY C 38 26.65 -36.57 -22.51
C GLY C 38 27.53 -35.65 -23.35
N GLY C 39 28.35 -36.23 -24.23
CA GLY C 39 29.14 -35.45 -25.18
C GLY C 39 30.35 -34.79 -24.59
N THR C 40 30.90 -33.83 -25.33
CA THR C 40 32.09 -33.07 -24.93
C THR C 40 31.89 -32.30 -23.64
N CYS C 41 30.73 -31.66 -23.47
CA CYS C 41 30.51 -30.77 -22.33
C CYS C 41 30.56 -31.48 -20.98
N VAL C 42 29.89 -32.63 -20.89
CA VAL C 42 29.82 -33.40 -19.64
C VAL C 42 31.15 -34.12 -19.35
N ASN C 43 31.75 -34.71 -20.39
CA ASN C 43 32.89 -35.61 -20.22
C ASN C 43 34.25 -34.92 -20.29
N VAL C 44 34.47 -34.05 -21.28
CA VAL C 44 35.78 -33.44 -21.53
C VAL C 44 35.68 -31.95 -21.91
N GLY C 45 34.75 -31.23 -21.28
CA GLY C 45 34.46 -29.83 -21.62
C GLY C 45 34.03 -28.99 -20.43
N CYS C 46 32.87 -28.34 -20.55
CA CYS C 46 32.36 -27.38 -19.55
C CYS C 46 32.50 -27.83 -18.10
N VAL C 47 32.03 -29.04 -17.81
CA VAL C 47 31.93 -29.54 -16.44
C VAL C 47 33.30 -29.78 -15.76
N PRO C 48 34.17 -30.65 -16.33
CA PRO C 48 35.49 -30.83 -15.73
C PRO C 48 36.36 -29.56 -15.73
N LYS C 49 36.20 -28.72 -16.75
CA LYS C 49 36.85 -27.40 -16.80
C LYS C 49 36.43 -26.53 -15.61
N LYS C 50 35.12 -26.46 -15.35
CA LYS C 50 34.58 -25.63 -14.28
C LYS C 50 34.97 -26.15 -12.88
N ILE C 51 35.00 -27.47 -12.72
CA ILE C 51 35.35 -28.10 -11.44
C ILE C 51 36.82 -27.81 -11.10
N MET C 52 37.70 -27.94 -12.08
CA MET C 52 39.12 -27.56 -11.91
C MET C 52 39.29 -26.06 -11.72
N TRP C 53 38.46 -25.26 -12.40
CA TRP C 53 38.44 -23.81 -12.18
C TRP C 53 38.12 -23.49 -10.72
N TYR C 54 37.09 -24.13 -10.16
CA TYR C 54 36.75 -23.95 -8.74
C TYR C 54 37.90 -24.36 -7.79
N GLY C 55 38.61 -25.43 -8.15
CA GLY C 55 39.80 -25.86 -7.42
C GLY C 55 40.91 -24.82 -7.48
N ALA C 56 41.08 -24.21 -8.65
CA ALA C 56 42.04 -23.13 -8.84
C ALA C 56 41.66 -21.88 -8.03
N GLN C 57 40.37 -21.57 -7.95
CA GLN C 57 39.89 -20.43 -7.15
C GLN C 57 40.11 -20.64 -5.64
N ILE C 58 39.99 -21.87 -5.17
CA ILE C 58 40.33 -22.23 -3.79
C ILE C 58 41.82 -22.00 -3.54
N ALA C 59 42.67 -22.38 -4.49
CA ALA C 59 44.12 -22.17 -4.39
C ALA C 59 44.51 -20.69 -4.40
N GLU C 60 43.86 -19.90 -5.26
CA GLU C 60 44.02 -18.45 -5.30
C GLU C 60 43.66 -17.80 -3.95
N THR C 61 42.61 -18.33 -3.31
CA THR C 61 42.14 -17.84 -2.01
C THR C 61 43.14 -18.13 -0.88
N PHE C 62 43.65 -19.36 -0.82
CA PHE C 62 44.71 -19.72 0.13
C PHE C 62 45.95 -18.82 -0.01
N HIS C 63 46.48 -18.77 -1.24
CA HIS C 63 47.79 -18.14 -1.50
C HIS C 63 47.79 -16.62 -1.49
N GLN C 64 46.75 -16.00 -2.05
CA GLN C 64 46.74 -14.53 -2.23
C GLN C 64 45.90 -13.73 -1.23
N PHE C 65 44.82 -14.31 -0.70
CA PHE C 65 43.90 -13.57 0.18
C PHE C 65 43.88 -14.01 1.64
N GLY C 66 43.96 -15.32 1.88
CA GLY C 66 43.90 -15.88 3.25
C GLY C 66 44.63 -15.12 4.35
N GLU C 67 45.88 -14.75 4.07
CA GLU C 67 46.75 -14.11 5.08
C GLU C 67 46.23 -12.75 5.58
N ASP C 68 45.80 -11.91 4.65
CA ASP C 68 45.24 -10.59 5.02
C ASP C 68 43.82 -10.64 5.58
N TYR C 69 43.13 -11.77 5.42
CA TYR C 69 41.87 -12.04 6.13
C TYR C 69 42.08 -12.80 7.46
N GLY C 70 43.33 -12.95 7.90
CA GLY C 70 43.67 -13.54 9.20
C GLY C 70 43.91 -15.05 9.24
N PHE C 71 43.94 -15.70 8.08
CA PHE C 71 44.14 -17.16 8.00
C PHE C 71 45.60 -17.50 7.73
N LYS C 72 46.17 -18.38 8.55
CA LYS C 72 47.54 -18.89 8.37
C LYS C 72 47.57 -20.41 8.53
N THR C 73 48.43 -21.05 7.74
CA THR C 73 48.61 -22.51 7.77
C THR C 73 50.10 -22.84 7.93
N THR C 74 50.40 -23.90 8.67
CA THR C 74 51.79 -24.36 8.84
C THR C 74 52.29 -25.04 7.56
N ASP C 75 51.49 -25.95 7.02
CA ASP C 75 51.74 -26.55 5.70
C ASP C 75 50.42 -26.71 4.94
N LEU C 76 50.46 -26.38 3.65
CA LEU C 76 49.31 -26.51 2.74
C LEU C 76 49.70 -27.45 1.60
N ASN C 77 48.89 -28.47 1.37
CA ASN C 77 49.22 -29.55 0.44
C ASN C 77 48.09 -29.80 -0.56
N PHE C 78 48.39 -29.67 -1.85
CA PHE C 78 47.42 -29.92 -2.93
C PHE C 78 47.66 -31.30 -3.57
N ASP C 79 46.70 -32.21 -3.38
CA ASP C 79 46.72 -33.51 -4.04
C ASP C 79 45.77 -33.49 -5.25
N PHE C 80 46.34 -33.48 -6.45
CA PHE C 80 45.56 -33.42 -7.70
C PHE C 80 44.73 -34.70 -7.94
N ALA C 81 45.25 -35.84 -7.51
CA ALA C 81 44.54 -37.12 -7.65
C ALA C 81 43.20 -37.12 -6.90
N THR C 82 43.14 -36.43 -5.77
CA THR C 82 41.89 -36.27 -5.01
C THR C 82 40.87 -35.47 -5.82
N LEU C 83 41.31 -34.33 -6.36
CA LEU C 83 40.47 -33.47 -7.20
C LEU C 83 39.92 -34.23 -8.42
N ARG C 84 40.80 -34.98 -9.09
CA ARG C 84 40.42 -35.74 -10.28
C ARG C 84 39.38 -36.82 -9.99
N ARG C 85 39.54 -37.52 -8.87
CA ARG C 85 38.60 -38.58 -8.46
C ARG C 85 37.20 -38.00 -8.26
N ASN C 86 37.11 -36.87 -7.57
CA ASN C 86 35.82 -36.20 -7.30
C ASN C 86 35.24 -35.48 -8.52
N ARG C 87 36.11 -35.00 -9.40
CA ARG C 87 35.70 -34.42 -10.69
C ARG C 87 34.96 -35.46 -11.53
N GLU C 88 35.58 -36.62 -11.72
CA GLU C 88 34.99 -37.70 -12.52
C GLU C 88 33.81 -38.40 -11.83
N SER C 89 33.81 -38.40 -10.50
CA SER C 89 32.69 -38.93 -9.72
C SER C 89 31.41 -38.11 -9.95
N TYR C 90 31.55 -36.78 -9.95
CA TYR C 90 30.45 -35.87 -10.28
C TYR C 90 29.94 -36.12 -11.71
N ILE C 91 30.87 -36.29 -12.64
CA ILE C 91 30.54 -36.56 -14.05
C ILE C 91 29.80 -37.89 -14.21
N ASP C 92 30.14 -38.91 -13.41
CA ASP C 92 29.44 -40.21 -13.44
C ASP C 92 27.97 -40.06 -13.09
N ARG C 93 27.68 -39.31 -12.04
CA ARG C 93 26.30 -39.08 -11.57
C ARG C 93 25.47 -38.30 -12.59
N ALA C 94 26.08 -37.30 -13.21
CA ALA C 94 25.44 -36.54 -14.28
C ALA C 94 25.13 -37.43 -15.50
N ARG C 95 26.06 -38.31 -15.83
CA ARG C 95 25.91 -39.25 -16.95
C ARG C 95 24.82 -40.30 -16.68
N SER C 96 24.70 -40.73 -15.42
CA SER C 96 23.64 -41.65 -14.99
C SER C 96 22.24 -41.05 -15.07
N SER C 97 22.12 -39.73 -14.87
CA SER C 97 20.83 -39.04 -14.88
C SER C 97 20.10 -39.09 -16.23
N TYR C 98 20.85 -39.24 -17.32
CA TYR C 98 20.25 -39.39 -18.66
C TYR C 98 19.44 -40.69 -18.80
N ASP C 99 19.86 -41.75 -18.09
CA ASP C 99 19.11 -43.00 -18.06
C ASP C 99 17.70 -42.80 -17.46
N GLY C 100 17.62 -41.98 -16.41
CA GLY C 100 16.35 -41.61 -15.80
C GLY C 100 15.44 -40.80 -16.72
N SER C 101 16.02 -39.82 -17.41
CA SER C 101 15.27 -38.97 -18.34
C SER C 101 14.87 -39.71 -19.64
N PHE C 102 15.72 -40.62 -20.11
CA PHE C 102 15.40 -41.47 -21.27
C PHE C 102 14.21 -42.41 -20.98
N LYS C 103 14.20 -43.01 -19.79
CA LYS C 103 13.09 -43.88 -19.37
C LYS C 103 11.75 -43.15 -19.32
N ARG C 104 11.78 -41.91 -18.81
CA ARG C 104 10.57 -41.08 -18.71
C ARG C 104 10.00 -40.69 -20.08
N ASN C 105 10.86 -40.24 -20.98
CA ASN C 105 10.44 -39.81 -22.33
C ASN C 105 10.34 -40.93 -23.38
N GLY C 106 10.76 -42.15 -23.03
CA GLY C 106 10.70 -43.28 -23.95
C GLY C 106 11.74 -43.21 -25.05
N VAL C 107 12.97 -42.87 -24.66
CA VAL C 107 14.10 -42.74 -25.57
C VAL C 107 14.96 -44.00 -25.45
N ASP C 108 15.26 -44.64 -26.58
CA ASP C 108 16.20 -45.76 -26.62
C ASP C 108 17.62 -45.22 -26.76
N LEU C 109 18.58 -45.95 -26.18
CA LEU C 109 20.00 -45.64 -26.31
C LEU C 109 20.65 -46.74 -27.13
N ILE C 110 21.26 -46.37 -28.25
CA ILE C 110 21.96 -47.30 -29.14
C ILE C 110 23.44 -46.94 -29.06
N GLU C 111 24.27 -47.91 -28.68
CA GLU C 111 25.69 -47.69 -28.45
C GLU C 111 26.51 -48.16 -29.65
N GLY C 112 27.02 -47.20 -30.43
CA GLY C 112 27.86 -47.51 -31.59
C GLY C 112 28.04 -46.35 -32.54
N HIS C 113 28.92 -46.55 -33.53
CA HIS C 113 29.20 -45.54 -34.55
C HIS C 113 28.14 -45.59 -35.65
N ALA C 114 27.40 -44.50 -35.79
CA ALA C 114 26.39 -44.37 -36.85
C ALA C 114 27.07 -44.02 -38.17
N GLU C 115 26.34 -44.26 -39.26
CA GLU C 115 26.86 -44.09 -40.61
C GLU C 115 25.68 -44.18 -41.58
N PHE C 116 25.53 -43.19 -42.47
CA PHE C 116 24.39 -43.15 -43.38
C PHE C 116 24.47 -44.24 -44.46
N VAL C 117 23.32 -44.85 -44.76
CA VAL C 117 23.17 -45.81 -45.86
C VAL C 117 22.39 -45.13 -47.00
N ASP C 118 21.22 -44.58 -46.67
CA ASP C 118 20.45 -43.73 -47.57
C ASP C 118 19.91 -42.52 -46.79
N SER C 119 19.06 -41.70 -47.43
CA SER C 119 18.52 -40.50 -46.79
C SER C 119 17.69 -40.74 -45.51
N HIS C 120 17.08 -41.92 -45.38
CA HIS C 120 16.26 -42.25 -44.21
C HIS C 120 16.74 -43.49 -43.44
N THR C 121 17.98 -43.94 -43.70
CA THR C 121 18.53 -45.14 -43.04
C THR C 121 19.99 -44.93 -42.61
N VAL C 122 20.34 -45.47 -41.45
CA VAL C 122 21.73 -45.48 -40.94
C VAL C 122 22.15 -46.91 -40.57
N SER C 123 23.43 -47.09 -40.28
CA SER C 123 23.99 -48.38 -39.88
C SER C 123 24.80 -48.25 -38.60
N VAL C 124 24.49 -49.08 -37.61
CA VAL C 124 25.21 -49.10 -36.32
C VAL C 124 25.55 -50.56 -35.98
N ASN C 125 26.84 -50.90 -35.98
CA ASN C 125 27.32 -52.26 -35.72
C ASN C 125 26.65 -53.32 -36.60
N GLY C 126 26.51 -53.02 -37.89
CA GLY C 126 25.88 -53.93 -38.86
C GLY C 126 24.37 -53.92 -38.93
N GLU C 127 23.70 -53.24 -37.99
CA GLU C 127 22.23 -53.18 -37.93
C GLU C 127 21.74 -51.94 -38.65
N LEU C 128 20.68 -52.08 -39.44
CA LEU C 128 20.03 -50.95 -40.10
C LEU C 128 18.95 -50.35 -39.21
N ILE C 129 19.03 -49.04 -38.96
CA ILE C 129 17.97 -48.29 -38.26
C ILE C 129 17.39 -47.27 -39.24
N ARG C 130 16.06 -47.27 -39.35
CA ARG C 130 15.33 -46.40 -40.26
C ARG C 130 14.56 -45.36 -39.44
N ALA C 131 14.40 -44.17 -40.01
CA ALA C 131 13.64 -43.10 -39.35
C ALA C 131 13.10 -42.07 -40.35
N LYS C 132 11.94 -41.51 -40.03
CA LYS C 132 11.35 -40.43 -40.82
C LYS C 132 12.15 -39.12 -40.65
N HIS C 133 12.69 -38.92 -39.45
CA HIS C 133 13.49 -37.74 -39.12
C HIS C 133 14.87 -38.17 -38.59
N ILE C 134 15.94 -37.56 -39.09
CA ILE C 134 17.32 -37.86 -38.64
C ILE C 134 18.06 -36.56 -38.33
N VAL C 135 18.62 -36.46 -37.12
CA VAL C 135 19.29 -35.25 -36.65
C VAL C 135 20.78 -35.51 -36.47
N ILE C 136 21.61 -34.86 -37.29
CA ILE C 136 23.06 -34.95 -37.17
C ILE C 136 23.51 -34.00 -36.06
N ALA C 137 24.07 -34.55 -34.98
CA ALA C 137 24.55 -33.78 -33.84
C ALA C 137 25.88 -34.34 -33.38
N THR C 138 26.84 -34.40 -34.31
CA THR C 138 28.12 -35.08 -34.10
C THR C 138 29.20 -34.22 -33.44
N GLY C 139 28.92 -32.94 -33.22
CA GLY C 139 29.82 -32.08 -32.46
C GLY C 139 31.10 -31.71 -33.18
N ALA C 140 32.15 -31.47 -32.40
CA ALA C 140 33.43 -30.99 -32.91
C ALA C 140 34.60 -31.77 -32.29
N HIS C 141 35.79 -31.47 -32.79
CA HIS C 141 37.04 -32.07 -32.30
C HIS C 141 38.11 -30.97 -32.29
N PRO C 142 39.20 -31.16 -31.51
CA PRO C 142 40.29 -30.17 -31.53
C PRO C 142 40.99 -30.05 -32.88
N SER C 143 41.33 -28.82 -33.27
CA SER C 143 42.05 -28.56 -34.52
C SER C 143 43.54 -28.76 -34.29
N ILE C 144 44.20 -29.51 -35.17
CA ILE C 144 45.65 -29.73 -35.11
C ILE C 144 46.28 -29.14 -36.37
N PRO C 145 47.23 -28.19 -36.22
CA PRO C 145 47.91 -27.66 -37.41
C PRO C 145 48.75 -28.72 -38.14
N ASN C 146 48.91 -28.52 -39.46
CA ASN C 146 49.74 -29.39 -40.28
C ASN C 146 51.15 -28.79 -40.38
N ILE C 147 51.95 -29.05 -39.35
CA ILE C 147 53.38 -28.71 -39.33
C ILE C 147 54.18 -29.95 -38.97
N PRO C 148 55.53 -29.92 -39.16
CA PRO C 148 56.33 -31.06 -38.75
C PRO C 148 56.33 -31.30 -37.23
N GLY C 149 56.08 -32.54 -36.83
CA GLY C 149 56.07 -32.91 -35.41
C GLY C 149 54.87 -32.42 -34.61
N ALA C 150 53.79 -32.04 -35.29
CA ALA C 150 52.59 -31.52 -34.62
C ALA C 150 51.93 -32.58 -33.72
N GLU C 151 52.00 -33.84 -34.14
CA GLU C 151 51.48 -34.97 -33.36
C GLU C 151 52.12 -35.16 -31.97
N LEU C 152 53.28 -34.56 -31.74
CA LEU C 152 53.90 -34.52 -30.40
C LEU C 152 53.08 -33.70 -29.40
N GLY C 153 52.30 -32.73 -29.89
CA GLY C 153 51.42 -31.93 -29.05
C GLY C 153 50.03 -32.52 -28.90
N GLY C 154 49.45 -32.39 -27.70
CA GLY C 154 48.10 -32.87 -27.41
C GLY C 154 47.05 -31.77 -27.54
N SER C 155 45.89 -32.02 -26.94
CA SER C 155 44.76 -31.10 -26.96
C SER C 155 44.16 -31.04 -25.56
N SER C 156 42.99 -30.38 -25.43
CA SER C 156 42.25 -30.36 -24.17
C SER C 156 41.77 -31.75 -23.72
N ASP C 157 41.50 -32.65 -24.68
CA ASP C 157 41.20 -34.07 -24.37
C ASP C 157 42.31 -34.71 -23.53
N ASP C 158 43.57 -34.40 -23.85
CA ASP C 158 44.72 -34.93 -23.13
C ASP C 158 44.93 -34.29 -21.76
N VAL C 159 44.51 -33.03 -21.60
CA VAL C 159 44.58 -32.32 -20.31
C VAL C 159 43.70 -32.99 -19.26
N PHE C 160 42.47 -33.35 -19.65
CA PHE C 160 41.54 -34.03 -18.75
C PHE C 160 41.89 -35.51 -18.55
N ALA C 161 42.58 -36.09 -19.53
CA ALA C 161 43.13 -37.45 -19.42
C ALA C 161 44.22 -37.59 -18.34
N TRP C 162 45.01 -36.53 -18.13
CA TRP C 162 46.10 -36.55 -17.13
C TRP C 162 45.65 -37.01 -15.75
N GLU C 163 46.41 -37.95 -15.17
CA GLU C 163 46.17 -38.43 -13.80
C GLU C 163 47.00 -37.67 -12.76
N GLU C 164 48.18 -37.19 -13.17
CA GLU C 164 48.96 -36.22 -12.41
C GLU C 164 49.31 -35.05 -13.33
N LEU C 165 49.51 -33.88 -12.73
CA LEU C 165 49.87 -32.67 -13.49
C LEU C 165 51.34 -32.72 -13.89
N PRO C 166 51.68 -32.22 -15.10
CA PRO C 166 53.07 -32.23 -15.57
C PRO C 166 53.91 -31.16 -14.89
N GLU C 167 55.23 -31.27 -15.03
CA GLU C 167 56.16 -30.31 -14.44
C GLU C 167 56.00 -28.95 -15.12
N SER C 168 56.06 -28.94 -16.44
CA SER C 168 55.87 -27.74 -17.27
C SER C 168 54.92 -28.02 -18.43
N VAL C 169 54.29 -26.96 -18.95
CA VAL C 169 53.38 -27.06 -20.09
C VAL C 169 53.37 -25.77 -20.91
N ALA C 170 53.28 -25.91 -22.23
CA ALA C 170 53.21 -24.78 -23.17
C ALA C 170 51.93 -24.89 -23.98
N ILE C 171 51.08 -23.87 -23.88
CA ILE C 171 49.79 -23.84 -24.58
C ILE C 171 49.92 -22.96 -25.83
N LEU C 172 49.57 -23.54 -26.98
CA LEU C 172 49.66 -22.86 -28.28
C LEU C 172 48.24 -22.55 -28.78
N GLY C 173 47.83 -21.30 -28.60
CA GLY C 173 46.47 -20.87 -28.95
C GLY C 173 46.07 -19.57 -28.28
N ALA C 174 45.03 -18.95 -28.83
CA ALA C 174 44.55 -17.63 -28.37
C ALA C 174 43.07 -17.57 -28.00
N GLY C 175 42.36 -18.70 -28.03
CA GLY C 175 40.93 -18.74 -27.75
C GLY C 175 40.61 -18.90 -26.28
N TYR C 176 39.32 -19.04 -25.98
CA TYR C 176 38.85 -19.17 -24.60
C TYR C 176 39.41 -20.42 -23.88
N ILE C 177 39.56 -21.52 -24.62
CA ILE C 177 40.11 -22.76 -24.05
C ILE C 177 41.58 -22.58 -23.68
N ALA C 178 42.35 -21.95 -24.57
CA ALA C 178 43.77 -21.66 -24.30
C ALA C 178 43.94 -20.80 -23.04
N VAL C 179 43.09 -19.78 -22.90
CA VAL C 179 43.14 -18.87 -21.76
C VAL C 179 42.64 -19.54 -20.47
N GLU C 180 41.60 -20.37 -20.58
CA GLU C 180 41.04 -21.08 -19.42
C GLU C 180 42.02 -22.11 -18.85
N LEU C 181 42.60 -22.93 -19.71
CA LEU C 181 43.58 -23.95 -19.30
C LEU C 181 44.86 -23.33 -18.73
N ALA C 182 45.34 -22.26 -19.37
CA ALA C 182 46.54 -21.54 -18.92
C ALA C 182 46.35 -20.94 -17.52
N GLY C 183 45.18 -20.35 -17.28
CA GLY C 183 44.86 -19.79 -15.97
C GLY C 183 44.74 -20.82 -14.86
N VAL C 184 44.14 -21.96 -15.18
CA VAL C 184 43.94 -23.04 -14.20
C VAL C 184 45.27 -23.72 -13.83
N LEU C 185 46.05 -24.13 -14.83
CA LEU C 185 47.30 -24.84 -14.60
C LEU C 185 48.37 -23.97 -13.91
N HIS C 186 48.42 -22.68 -14.27
CA HIS C 186 49.32 -21.73 -13.60
C HIS C 186 49.02 -21.59 -12.10
N THR C 187 47.73 -21.57 -11.75
CA THR C 187 47.31 -21.47 -10.34
C THR C 187 47.59 -22.77 -9.56
N PHE C 188 47.56 -23.92 -10.24
CA PHE C 188 47.97 -25.20 -9.62
C PHE C 188 49.50 -25.44 -9.60
N GLY C 189 50.30 -24.43 -9.91
CA GLY C 189 51.75 -24.51 -9.77
C GLY C 189 52.51 -25.16 -10.92
N VAL C 190 51.84 -25.38 -12.05
CA VAL C 190 52.51 -25.89 -13.25
C VAL C 190 53.23 -24.73 -13.91
N LYS C 191 54.45 -24.97 -14.40
CA LYS C 191 55.20 -23.96 -15.14
C LYS C 191 54.54 -23.79 -16.51
N THR C 192 53.68 -22.78 -16.60
CA THR C 192 52.79 -22.58 -17.74
C THR C 192 53.20 -21.35 -18.53
N ASP C 193 53.39 -21.52 -19.84
CA ASP C 193 53.63 -20.41 -20.78
C ASP C 193 52.57 -20.44 -21.89
N LEU C 194 51.98 -19.29 -22.17
CA LEU C 194 50.93 -19.16 -23.20
C LEU C 194 51.51 -18.45 -24.43
N PHE C 195 51.28 -19.02 -25.60
CA PHE C 195 51.85 -18.53 -26.87
C PHE C 195 50.74 -18.23 -27.88
N VAL C 196 50.72 -17.00 -28.39
CA VAL C 196 49.73 -16.57 -29.40
C VAL C 196 50.45 -16.12 -30.67
N ARG C 197 49.80 -16.35 -31.82
CA ARG C 197 50.39 -16.08 -33.13
C ARG C 197 50.55 -14.58 -33.45
N ARG C 198 49.69 -13.75 -32.88
CA ARG C 198 49.60 -12.33 -33.25
C ARG C 198 49.77 -11.41 -32.01
N ASP C 199 48.96 -10.37 -31.87
CA ASP C 199 49.24 -9.27 -30.93
C ASP C 199 48.70 -9.51 -29.52
N ARG C 200 47.49 -10.08 -29.41
CA ARG C 200 46.87 -10.35 -28.12
C ARG C 200 45.98 -11.60 -28.18
N PRO C 201 45.64 -12.18 -27.00
CA PRO C 201 44.69 -13.30 -26.98
C PRO C 201 43.24 -12.82 -27.12
N LEU C 202 42.32 -13.77 -27.30
CA LEU C 202 40.88 -13.49 -27.32
C LEU C 202 40.47 -12.39 -28.31
N ARG C 203 40.84 -12.59 -29.58
CA ARG C 203 40.35 -11.70 -30.65
C ARG C 203 38.87 -12.00 -30.87
N GLY C 204 38.07 -10.94 -30.89
CA GLY C 204 36.62 -11.04 -30.82
C GLY C 204 36.06 -10.44 -29.54
N PHE C 205 36.87 -10.42 -28.48
CA PHE C 205 36.53 -9.76 -27.23
C PHE C 205 37.05 -8.33 -27.20
N ASP C 206 36.40 -7.49 -26.39
CA ASP C 206 36.69 -6.05 -26.31
C ASP C 206 38.11 -5.83 -25.78
N SER C 207 38.84 -4.91 -26.40
CA SER C 207 40.26 -4.63 -26.06
C SER C 207 40.47 -4.24 -24.59
N TYR C 208 39.56 -3.44 -24.06
CA TYR C 208 39.59 -2.98 -22.66
C TYR C 208 39.56 -4.14 -21.67
N ILE C 209 38.69 -5.13 -21.93
CA ILE C 209 38.59 -6.34 -21.10
C ILE C 209 39.82 -7.25 -21.28
N VAL C 210 40.24 -7.45 -22.53
CA VAL C 210 41.41 -8.29 -22.81
C VAL C 210 42.71 -7.68 -22.27
N GLU C 211 42.84 -6.35 -22.35
CA GLU C 211 43.99 -5.65 -21.76
C GLU C 211 44.07 -5.88 -20.24
N GLY C 212 42.91 -5.90 -19.58
CA GLY C 212 42.82 -6.23 -18.15
C GLY C 212 43.29 -7.64 -17.82
N LEU C 213 42.96 -8.60 -18.69
CA LEU C 213 43.45 -9.97 -18.59
C LEU C 213 44.97 -10.03 -18.75
N VAL C 214 45.50 -9.30 -19.74
CA VAL C 214 46.95 -9.25 -19.99
C VAL C 214 47.69 -8.64 -18.80
N LYS C 215 47.12 -7.60 -18.18
CA LYS C 215 47.69 -6.97 -16.98
C LYS C 215 47.71 -7.92 -15.77
N GLU C 216 46.62 -8.66 -15.58
CA GLU C 216 46.53 -9.65 -14.50
C GLU C 216 47.52 -10.82 -14.67
N MET C 217 47.78 -11.21 -15.92
CA MET C 217 48.80 -12.22 -16.21
C MET C 217 50.21 -11.75 -15.84
N GLU C 218 50.52 -10.48 -16.11
CA GLU C 218 51.80 -9.88 -15.71
C GLU C 218 51.97 -9.82 -14.18
N ARG C 219 50.90 -9.49 -13.47
CA ARG C 219 50.96 -9.38 -12.00
C ARG C 219 51.15 -10.74 -11.31
N THR C 220 50.56 -11.79 -11.88
CA THR C 220 50.69 -13.15 -11.34
C THR C 220 51.84 -13.96 -11.98
N ASN C 221 52.63 -13.32 -12.85
CA ASN C 221 53.77 -13.96 -13.51
C ASN C 221 53.41 -15.22 -14.33
N LEU C 222 52.33 -15.11 -15.09
CA LEU C 222 51.92 -16.12 -16.07
C LEU C 222 52.38 -15.60 -17.44
N PRO C 223 53.52 -16.12 -17.97
CA PRO C 223 54.09 -15.50 -19.16
C PRO C 223 53.24 -15.66 -20.42
N LEU C 224 52.84 -14.52 -20.99
CA LEU C 224 52.17 -14.46 -22.28
C LEU C 224 53.21 -14.04 -23.33
N HIS C 225 53.43 -14.90 -24.32
CA HIS C 225 54.35 -14.61 -25.42
C HIS C 225 53.56 -14.28 -26.68
N THR C 226 53.78 -13.08 -27.22
CA THR C 226 53.06 -12.60 -28.41
C THR C 226 53.91 -12.75 -29.66
N HIS C 227 53.23 -12.80 -30.81
CA HIS C 227 53.86 -12.94 -32.13
C HIS C 227 54.75 -14.19 -32.21
N LYS C 228 54.13 -15.33 -31.91
CA LYS C 228 54.80 -16.61 -31.84
C LYS C 228 54.10 -17.61 -32.76
N VAL C 229 54.59 -17.72 -34.00
CA VAL C 229 54.06 -18.65 -34.99
C VAL C 229 54.86 -19.96 -34.93
N PRO C 230 54.24 -21.07 -34.43
CA PRO C 230 54.99 -22.33 -34.38
C PRO C 230 55.29 -22.92 -35.76
N VAL C 231 56.58 -23.09 -36.07
CA VAL C 231 57.03 -23.70 -37.32
C VAL C 231 57.21 -25.21 -37.17
N LYS C 232 57.83 -25.62 -36.07
CA LYS C 232 58.22 -27.02 -35.87
C LYS C 232 58.14 -27.43 -34.39
N LEU C 233 57.74 -28.68 -34.17
CA LEU C 233 57.83 -29.35 -32.87
C LEU C 233 58.84 -30.49 -33.00
N GLU C 234 59.61 -30.73 -31.93
CA GLU C 234 60.70 -31.70 -31.96
C GLU C 234 60.92 -32.34 -30.58
N LYS C 235 61.10 -33.65 -30.57
CA LYS C 235 61.40 -34.40 -29.35
C LYS C 235 62.86 -34.13 -28.93
N THR C 236 63.04 -33.78 -27.67
CA THR C 236 64.38 -33.54 -27.09
C THR C 236 64.49 -34.22 -25.72
N THR C 237 65.66 -34.11 -25.10
CA THR C 237 65.93 -34.73 -23.80
C THR C 237 65.08 -34.13 -22.66
N ASP C 238 65.00 -32.80 -22.62
CA ASP C 238 64.25 -32.09 -21.57
C ASP C 238 62.75 -32.33 -21.67
N GLY C 239 62.21 -32.34 -22.89
CA GLY C 239 60.79 -32.63 -23.11
C GLY C 239 60.42 -32.57 -24.59
N ILE C 240 59.67 -31.52 -24.96
CA ILE C 240 59.32 -31.24 -26.36
C ILE C 240 59.64 -29.76 -26.64
N THR C 241 60.51 -29.52 -27.63
CA THR C 241 60.90 -28.17 -28.02
C THR C 241 60.01 -27.66 -29.15
N ILE C 242 59.59 -26.41 -29.05
CA ILE C 242 58.78 -25.73 -30.06
C ILE C 242 59.69 -24.70 -30.72
N HIS C 243 59.82 -24.78 -32.04
CA HIS C 243 60.59 -23.79 -32.81
C HIS C 243 59.63 -22.79 -33.43
N PHE C 244 59.90 -21.50 -33.25
CA PHE C 244 59.04 -20.44 -33.75
C PHE C 244 59.62 -19.77 -34.99
N GLU C 245 58.74 -19.06 -35.71
CA GLU C 245 59.08 -18.45 -37.00
C GLU C 245 60.11 -17.34 -36.87
N ASP C 246 60.07 -16.60 -35.75
CA ASP C 246 61.01 -15.52 -35.48
C ASP C 246 62.45 -15.98 -35.13
N GLY C 247 62.68 -17.28 -35.04
CA GLY C 247 64.02 -17.84 -34.76
C GLY C 247 64.15 -18.45 -33.37
N THR C 248 63.36 -17.96 -32.42
CA THR C 248 63.39 -18.44 -31.03
C THR C 248 62.82 -19.86 -30.89
N SER C 249 62.98 -20.42 -29.70
CA SER C 249 62.37 -21.69 -29.34
C SER C 249 62.06 -21.74 -27.84
N HIS C 250 61.33 -22.79 -27.44
CA HIS C 250 60.92 -22.96 -26.06
C HIS C 250 60.57 -24.42 -25.79
N THR C 251 60.95 -24.91 -24.60
CA THR C 251 60.86 -26.33 -24.25
C THR C 251 59.96 -26.55 -23.03
N ALA C 252 59.21 -27.65 -23.06
CA ALA C 252 58.37 -28.05 -21.93
C ALA C 252 58.03 -29.54 -22.01
N SER C 253 57.50 -30.08 -20.91
CA SER C 253 57.15 -31.50 -20.82
C SER C 253 56.04 -31.83 -21.79
N GLN C 254 54.95 -31.06 -21.71
CA GLN C 254 53.79 -31.21 -22.59
C GLN C 254 53.62 -29.98 -23.47
N VAL C 255 53.06 -30.18 -24.64
CA VAL C 255 52.63 -29.09 -25.53
C VAL C 255 51.15 -29.33 -25.87
N ILE C 256 50.32 -28.31 -25.68
CA ILE C 256 48.88 -28.43 -25.90
C ILE C 256 48.44 -27.46 -26.99
N TRP C 257 47.91 -28.00 -28.09
CA TRP C 257 47.25 -27.21 -29.11
C TRP C 257 45.86 -26.80 -28.62
N ALA C 258 45.63 -25.49 -28.49
CA ALA C 258 44.30 -24.94 -28.23
C ALA C 258 44.02 -23.90 -29.32
N THR C 259 44.28 -24.29 -30.56
CA THR C 259 44.21 -23.40 -31.71
C THR C 259 42.78 -23.16 -32.22
N GLY C 260 41.87 -24.07 -31.89
CA GLY C 260 40.47 -23.96 -32.30
C GLY C 260 39.79 -25.32 -32.31
N ARG C 261 38.52 -25.35 -32.70
CA ARG C 261 37.74 -26.59 -32.83
C ARG C 261 37.02 -26.63 -34.17
N ARG C 262 36.96 -27.83 -34.76
CA ARG C 262 36.40 -28.05 -36.09
C ARG C 262 35.36 -29.18 -36.05
N PRO C 263 34.37 -29.14 -36.96
CA PRO C 263 33.22 -30.05 -36.86
C PRO C 263 33.49 -31.48 -37.33
N ASN C 264 32.81 -32.43 -36.72
CA ASN C 264 32.93 -33.86 -37.05
C ASN C 264 32.06 -34.22 -38.26
N VAL C 265 32.69 -34.29 -39.44
CA VAL C 265 31.97 -34.58 -40.70
C VAL C 265 32.58 -35.69 -41.59
N LYS C 266 33.69 -36.30 -41.18
CA LYS C 266 34.47 -37.17 -42.08
C LYS C 266 33.88 -38.57 -42.26
N GLY C 267 33.64 -39.27 -41.16
CA GLY C 267 33.27 -40.70 -41.18
C GLY C 267 31.78 -40.99 -41.01
N LEU C 268 30.93 -40.22 -41.69
CA LEU C 268 29.47 -40.34 -41.59
C LEU C 268 28.80 -40.87 -42.86
N GLN C 269 29.55 -40.96 -43.96
CA GLN C 269 28.99 -41.25 -45.30
C GLN C 269 27.88 -40.25 -45.65
N LEU C 270 28.17 -38.96 -45.51
CA LEU C 270 27.23 -37.88 -45.83
C LEU C 270 26.81 -37.86 -47.31
N GLU C 271 27.72 -38.30 -48.19
CA GLU C 271 27.46 -38.37 -49.63
C GLU C 271 26.36 -39.38 -49.98
N LYS C 272 26.27 -40.47 -49.22
CA LYS C 272 25.21 -41.48 -49.42
C LYS C 272 23.82 -41.03 -48.97
N ALA C 273 23.76 -40.00 -48.12
CA ALA C 273 22.49 -39.36 -47.73
C ALA C 273 22.11 -38.19 -48.65
N GLY C 274 23.12 -37.51 -49.20
CA GLY C 274 22.93 -36.28 -49.98
C GLY C 274 23.18 -35.01 -49.19
N VAL C 275 23.70 -35.14 -47.97
CA VAL C 275 23.94 -34.00 -47.09
C VAL C 275 25.23 -33.31 -47.54
N THR C 276 25.16 -32.00 -47.74
CA THR C 276 26.27 -31.21 -48.24
C THR C 276 26.94 -30.40 -47.13
N LEU C 277 28.22 -30.11 -47.32
CA LEU C 277 28.94 -29.15 -46.48
C LEU C 277 28.98 -27.81 -47.19
N ASN C 278 29.01 -26.74 -46.41
CA ASN C 278 29.20 -25.38 -46.95
C ASN C 278 30.69 -25.07 -47.12
N GLU C 279 30.99 -23.87 -47.63
CA GLU C 279 32.37 -23.45 -47.93
C GLU C 279 33.29 -23.42 -46.69
N ARG C 280 32.71 -23.19 -45.51
CA ARG C 280 33.46 -23.12 -44.25
C ARG C 280 33.70 -24.48 -43.58
N GLY C 281 33.17 -25.57 -44.15
CA GLY C 281 33.39 -26.92 -43.64
C GLY C 281 32.35 -27.47 -42.66
N PHE C 282 31.37 -26.65 -42.30
CA PHE C 282 30.25 -27.08 -41.44
C PHE C 282 29.15 -27.67 -42.31
N ILE C 283 28.21 -28.39 -41.69
CA ILE C 283 27.04 -28.91 -42.42
C ILE C 283 26.13 -27.72 -42.76
N GLN C 284 25.74 -27.62 -44.02
CA GLN C 284 24.88 -26.55 -44.50
C GLN C 284 23.46 -26.79 -44.02
N VAL C 285 22.89 -25.78 -43.36
CA VAL C 285 21.48 -25.80 -42.95
C VAL C 285 20.85 -24.42 -43.13
N ASP C 286 19.51 -24.40 -43.18
CA ASP C 286 18.74 -23.15 -43.16
C ASP C 286 18.48 -22.72 -41.71
N GLU C 287 17.73 -21.64 -41.52
CA GLU C 287 17.39 -21.14 -40.18
C GLU C 287 16.56 -22.11 -39.31
N TYR C 288 15.88 -23.08 -39.92
CA TYR C 288 15.14 -24.13 -39.19
C TYR C 288 15.94 -25.43 -38.95
N GLN C 289 17.27 -25.37 -39.09
CA GLN C 289 18.16 -26.55 -38.97
C GLN C 289 17.97 -27.64 -40.03
N ASN C 290 17.24 -27.35 -41.11
CA ASN C 290 17.03 -28.33 -42.19
C ASN C 290 18.25 -28.38 -43.08
N THR C 291 18.73 -29.59 -43.38
CA THR C 291 19.72 -29.76 -44.46
C THR C 291 18.99 -29.74 -45.80
N VAL C 292 19.76 -29.71 -46.88
CA VAL C 292 19.20 -29.76 -48.25
C VAL C 292 18.35 -31.02 -48.52
N VAL C 293 18.61 -32.11 -47.79
CA VAL C 293 17.83 -33.34 -47.87
C VAL C 293 16.63 -33.24 -46.93
N GLU C 294 15.44 -33.54 -47.46
CA GLU C 294 14.21 -33.54 -46.66
C GLU C 294 14.23 -34.68 -45.65
N GLY C 295 13.87 -34.37 -44.40
CA GLY C 295 13.89 -35.34 -43.30
C GLY C 295 15.25 -35.55 -42.62
N ILE C 296 16.25 -34.73 -42.98
CA ILE C 296 17.55 -34.73 -42.31
C ILE C 296 17.83 -33.33 -41.78
N TYR C 297 18.29 -33.26 -40.54
CA TYR C 297 18.50 -31.99 -39.83
C TYR C 297 19.90 -31.98 -39.22
N ALA C 298 20.37 -30.80 -38.83
CA ALA C 298 21.69 -30.67 -38.19
C ALA C 298 21.76 -29.45 -37.28
N LEU C 299 22.42 -29.62 -36.13
CA LEU C 299 22.48 -28.59 -35.10
C LEU C 299 23.66 -28.82 -34.17
N GLY C 300 23.99 -27.79 -33.39
CA GLY C 300 25.14 -27.84 -32.48
C GLY C 300 26.43 -27.40 -33.17
N ASP C 301 27.57 -27.89 -32.65
CA ASP C 301 28.90 -27.50 -33.17
C ASP C 301 29.15 -27.90 -34.63
N VAL C 302 28.49 -28.95 -35.11
CA VAL C 302 28.66 -29.41 -36.49
C VAL C 302 28.15 -28.40 -37.53
N THR C 303 27.14 -27.61 -37.15
CA THR C 303 26.62 -26.52 -37.98
C THR C 303 27.32 -25.18 -37.69
N GLY C 304 27.85 -25.04 -36.48
CA GLY C 304 28.78 -23.95 -36.16
C GLY C 304 28.23 -22.54 -36.06
N GLU C 305 26.95 -22.41 -35.68
CA GLU C 305 26.33 -21.09 -35.54
C GLU C 305 26.93 -20.36 -34.35
N LYS C 306 26.92 -21.02 -33.21
CA LYS C 306 27.57 -20.53 -32.00
C LYS C 306 27.94 -21.74 -31.13
N GLU C 307 29.24 -22.07 -31.10
CA GLU C 307 29.70 -23.34 -30.55
C GLU C 307 29.66 -23.38 -29.01
N LEU C 308 28.45 -23.59 -28.50
CA LEU C 308 28.16 -23.59 -27.06
C LEU C 308 27.09 -24.62 -26.71
N THR C 309 27.12 -25.12 -25.48
CA THR C 309 26.16 -26.14 -25.01
C THR C 309 24.69 -25.67 -24.97
N PRO C 310 24.39 -24.52 -24.31
CA PRO C 310 23.00 -24.06 -24.30
C PRO C 310 22.45 -23.66 -25.67
N VAL C 311 23.33 -23.31 -26.61
CA VAL C 311 22.93 -23.07 -28.00
C VAL C 311 22.48 -24.39 -28.63
N ALA C 312 23.29 -25.44 -28.49
CA ALA C 312 22.93 -26.77 -28.99
C ALA C 312 21.66 -27.32 -28.37
N ILE C 313 21.45 -27.07 -27.07
CA ILE C 313 20.27 -27.55 -26.35
C ILE C 313 18.99 -26.85 -26.81
N LYS C 314 19.03 -25.52 -26.92
CA LYS C 314 17.85 -24.74 -27.33
C LYS C 314 17.47 -24.99 -28.79
N ALA C 315 18.47 -25.08 -29.66
CA ALA C 315 18.25 -25.41 -31.07
C ALA C 315 17.58 -26.78 -31.22
N GLY C 316 18.06 -27.77 -30.46
CA GLY C 316 17.47 -29.12 -30.44
C GLY C 316 16.04 -29.18 -29.95
N ARG C 317 15.76 -28.50 -28.83
CA ARG C 317 14.40 -28.41 -28.29
C ARG C 317 13.46 -27.66 -29.23
N THR C 318 13.94 -26.54 -29.77
CA THR C 318 13.18 -25.75 -30.73
C THR C 318 12.82 -26.54 -32.00
N LEU C 319 13.76 -27.38 -32.45
CA LEU C 319 13.51 -28.29 -33.58
C LEU C 319 12.40 -29.30 -33.26
N SER C 320 12.49 -29.94 -32.09
CA SER C 320 11.47 -30.91 -31.67
C SER C 320 10.08 -30.29 -31.43
N GLU C 321 10.05 -29.03 -31.01
CA GLU C 321 8.80 -28.27 -30.93
C GLU C 321 8.18 -28.06 -32.31
N ARG C 322 9.03 -27.78 -33.31
CA ARG C 322 8.58 -27.58 -34.69
C ARG C 322 7.99 -28.85 -35.31
N LEU C 323 8.72 -29.96 -35.17
CA LEU C 323 8.35 -31.23 -35.79
C LEU C 323 7.19 -31.96 -35.09
N PHE C 324 7.14 -31.89 -33.76
CA PHE C 324 6.21 -32.71 -32.95
C PHE C 324 5.17 -31.95 -32.12
N ASN C 325 5.23 -30.62 -32.08
CA ASN C 325 4.22 -29.81 -31.37
C ASN C 325 3.57 -28.72 -32.24
N GLY C 326 3.62 -28.91 -33.57
CA GLY C 326 2.93 -28.04 -34.52
C GLY C 326 3.31 -26.57 -34.52
N LYS C 327 4.52 -26.25 -34.07
CA LYS C 327 4.96 -24.85 -33.97
C LYS C 327 5.31 -24.24 -35.33
N THR C 328 5.83 -25.05 -36.25
CA THR C 328 6.02 -24.66 -37.66
C THR C 328 7.05 -23.53 -37.86
N THR C 329 6.72 -22.34 -37.38
CA THR C 329 7.57 -21.15 -37.50
C THR C 329 8.72 -21.11 -36.47
N ALA C 330 8.71 -21.99 -35.47
CA ALA C 330 9.70 -21.95 -34.39
C ALA C 330 11.13 -22.18 -34.89
N LYS C 331 12.02 -21.25 -34.56
CA LYS C 331 13.43 -21.33 -34.92
C LYS C 331 14.32 -20.72 -33.86
N MET C 332 15.61 -21.08 -33.91
CA MET C 332 16.60 -20.64 -32.92
C MET C 332 17.05 -19.20 -33.21
N ASP C 333 17.01 -18.35 -32.19
CA ASP C 333 17.56 -17.00 -32.28
C ASP C 333 19.04 -17.05 -31.86
N TYR C 334 19.93 -16.80 -32.83
CA TYR C 334 21.38 -16.84 -32.59
C TYR C 334 21.99 -15.46 -32.31
N SER C 335 21.17 -14.41 -32.25
CA SER C 335 21.65 -13.05 -32.01
C SER C 335 21.76 -12.73 -30.52
N THR C 336 22.80 -11.98 -30.15
CA THR C 336 22.97 -11.48 -28.78
C THR C 336 22.99 -12.63 -27.73
N ILE C 337 23.90 -13.57 -27.96
CA ILE C 337 24.09 -14.71 -27.07
C ILE C 337 25.14 -14.30 -26.04
N PRO C 338 24.81 -14.37 -24.73
CA PRO C 338 25.84 -14.10 -23.73
C PRO C 338 26.86 -15.24 -23.63
N THR C 339 28.07 -14.91 -23.21
CA THR C 339 29.13 -15.91 -22.96
C THR C 339 29.96 -15.52 -21.75
N VAL C 340 30.55 -16.52 -21.11
CA VAL C 340 31.52 -16.32 -20.03
C VAL C 340 32.76 -17.16 -20.38
N VAL C 341 33.93 -16.56 -20.18
CA VAL C 341 35.21 -17.25 -20.27
C VAL C 341 35.73 -17.37 -18.84
N PHE C 342 35.99 -18.59 -18.39
CA PHE C 342 36.43 -18.83 -17.00
C PHE C 342 37.94 -18.69 -16.85
N SER C 343 38.40 -17.46 -17.07
CA SER C 343 39.79 -17.08 -16.94
C SER C 343 40.05 -16.71 -15.47
N HIS C 344 41.25 -16.23 -15.17
CA HIS C 344 41.59 -15.70 -13.84
C HIS C 344 41.84 -14.18 -13.92
N PRO C 345 40.88 -13.33 -13.54
CA PRO C 345 39.51 -13.70 -13.14
C PRO C 345 38.58 -13.88 -14.35
N ALA C 346 37.32 -14.20 -14.09
CA ALA C 346 36.37 -14.54 -15.16
C ALA C 346 36.01 -13.35 -16.05
N ILE C 347 35.83 -13.62 -17.34
CA ILE C 347 35.38 -12.63 -18.32
C ILE C 347 33.94 -12.94 -18.70
N GLY C 348 33.09 -11.91 -18.74
CA GLY C 348 31.69 -12.05 -19.14
C GLY C 348 31.37 -11.01 -20.20
N THR C 349 30.56 -11.40 -21.19
CA THR C 349 30.23 -10.51 -22.31
C THR C 349 28.90 -10.86 -23.00
N VAL C 350 28.22 -9.83 -23.47
CA VAL C 350 27.03 -9.97 -24.33
C VAL C 350 26.93 -8.76 -25.26
N GLY C 351 26.57 -9.00 -26.51
CA GLY C 351 26.47 -7.93 -27.51
C GLY C 351 27.80 -7.58 -28.15
N LEU C 352 27.90 -6.33 -28.64
CA LEU C 352 29.00 -5.90 -29.49
C LEU C 352 30.17 -5.35 -28.69
N THR C 353 31.38 -5.54 -29.20
CA THR C 353 32.58 -4.83 -28.71
C THR C 353 32.55 -3.40 -29.23
N GLU C 354 33.47 -2.56 -28.76
CA GLU C 354 33.54 -1.17 -29.22
C GLU C 354 33.82 -1.08 -30.73
N GLU C 355 34.73 -1.91 -31.24
CA GLU C 355 35.03 -2.00 -32.68
C GLU C 355 33.80 -2.37 -33.49
N GLN C 356 33.10 -3.42 -33.05
CA GLN C 356 31.88 -3.89 -33.71
C GLN C 356 30.76 -2.84 -33.68
N ALA C 357 30.63 -2.13 -32.54
CA ALA C 357 29.63 -1.08 -32.41
C ALA C 357 29.92 0.09 -33.34
N ILE C 358 31.19 0.51 -33.41
CA ILE C 358 31.62 1.59 -34.32
C ILE C 358 31.39 1.22 -35.79
N LYS C 359 31.61 -0.04 -36.15
CA LYS C 359 31.39 -0.53 -37.52
C LYS C 359 29.91 -0.54 -37.90
N GLU C 360 29.05 -0.85 -36.93
CA GLU C 360 27.60 -0.92 -37.15
C GLU C 360 26.98 0.48 -37.22
N TYR C 361 27.19 1.28 -36.17
CA TYR C 361 26.48 2.56 -36.00
C TYR C 361 27.28 3.81 -36.39
N GLY C 362 28.60 3.69 -36.53
CA GLY C 362 29.46 4.85 -36.80
C GLY C 362 29.96 5.51 -35.53
N GLN C 363 31.18 6.04 -35.58
CA GLN C 363 31.91 6.56 -34.40
C GLN C 363 31.10 7.53 -33.52
N ASP C 364 30.38 8.45 -34.14
CA ASP C 364 29.69 9.52 -33.41
C ASP C 364 28.28 9.19 -32.91
N GLN C 365 27.78 8.00 -33.24
CA GLN C 365 26.51 7.49 -32.69
C GLN C 365 26.75 6.60 -31.46
N ILE C 366 28.01 6.25 -31.21
CA ILE C 366 28.41 5.39 -30.10
C ILE C 366 28.82 6.24 -28.89
N LYS C 367 28.41 5.81 -27.71
CA LYS C 367 28.96 6.32 -26.45
C LYS C 367 29.43 5.15 -25.60
N VAL C 368 30.60 5.30 -25.00
CA VAL C 368 31.24 4.24 -24.22
C VAL C 368 31.35 4.70 -22.77
N TYR C 369 31.01 3.80 -21.84
CA TYR C 369 31.14 4.04 -20.41
C TYR C 369 32.08 3.00 -19.84
N LYS C 370 33.16 3.46 -19.20
CA LYS C 370 34.19 2.58 -18.63
C LYS C 370 34.28 2.74 -17.12
N SER C 371 34.89 1.75 -16.47
CA SER C 371 35.06 1.75 -15.02
C SER C 371 36.13 0.73 -14.62
N SER C 372 37.24 1.21 -14.07
CA SER C 372 38.31 0.37 -13.55
C SER C 372 38.40 0.56 -12.03
N PHE C 373 38.43 -0.55 -11.30
CA PHE C 373 38.52 -0.54 -9.84
C PHE C 373 38.94 -1.91 -9.33
N ALA C 374 39.44 -1.95 -8.09
CA ALA C 374 39.72 -3.20 -7.39
C ALA C 374 38.49 -3.56 -6.54
N SER C 375 38.03 -4.81 -6.66
CA SER C 375 36.89 -5.29 -5.88
C SER C 375 37.23 -5.28 -4.38
N MET C 376 36.19 -5.12 -3.56
CA MET C 376 36.34 -5.06 -2.10
C MET C 376 37.06 -6.29 -1.54
N TYR C 377 36.75 -7.46 -2.11
CA TYR C 377 37.37 -8.73 -1.74
C TYR C 377 38.90 -8.69 -1.77
N SER C 378 39.46 -8.24 -2.89
CA SER C 378 40.91 -8.17 -3.08
C SER C 378 41.54 -6.87 -2.55
N ALA C 379 40.77 -5.79 -2.51
CA ALA C 379 41.29 -4.48 -2.08
C ALA C 379 41.74 -4.42 -0.61
N CYS C 380 41.16 -5.28 0.24
CA CYS C 380 41.59 -5.43 1.64
C CYS C 380 42.95 -6.09 1.81
N THR C 381 43.36 -6.87 0.79
CA THR C 381 44.59 -7.66 0.83
C THR C 381 45.75 -6.93 0.16
N ARG C 382 46.93 -7.55 0.24
CA ARG C 382 48.14 -7.06 -0.46
C ARG C 382 48.09 -7.30 -1.96
N ASN C 383 47.37 -8.34 -2.40
CA ASN C 383 47.18 -8.65 -3.82
C ASN C 383 45.92 -7.99 -4.38
N ARG C 384 46.06 -6.70 -4.73
CA ARG C 384 44.99 -5.90 -5.30
C ARG C 384 44.72 -6.33 -6.76
N GLN C 385 43.54 -6.89 -7.01
CA GLN C 385 43.17 -7.45 -8.32
C GLN C 385 42.17 -6.52 -9.00
N GLU C 386 42.52 -6.07 -10.20
CA GLU C 386 41.73 -5.09 -10.94
C GLU C 386 40.58 -5.76 -11.68
N SER C 387 39.40 -5.16 -11.56
CA SER C 387 38.24 -5.51 -12.37
C SER C 387 37.97 -4.37 -13.36
N ARG C 388 37.53 -4.73 -14.57
CA ARG C 388 37.23 -3.75 -15.62
C ARG C 388 35.83 -3.97 -16.18
N PHE C 389 35.07 -2.88 -16.29
CA PHE C 389 33.66 -2.91 -16.68
C PHE C 389 33.46 -1.92 -17.85
N LYS C 390 32.80 -2.36 -18.91
CA LYS C 390 32.49 -1.49 -20.06
C LYS C 390 31.03 -1.64 -20.54
N LEU C 391 30.40 -0.48 -20.79
CA LEU C 391 29.05 -0.40 -21.38
C LEU C 391 29.14 0.37 -22.69
N ILE C 392 28.46 -0.15 -23.72
CA ILE C 392 28.45 0.49 -25.05
C ILE C 392 27.00 0.76 -25.46
N THR C 393 26.68 2.04 -25.67
CA THR C 393 25.34 2.47 -26.10
C THR C 393 25.39 3.05 -27.51
N ALA C 394 24.24 3.11 -28.18
CA ALA C 394 24.12 3.60 -29.56
C ALA C 394 22.84 4.40 -29.78
N GLY C 395 22.93 5.43 -30.62
CA GLY C 395 21.80 6.31 -30.93
C GLY C 395 21.55 7.38 -29.90
N SER C 396 20.54 8.22 -30.16
CA SER C 396 20.17 9.32 -29.25
C SER C 396 19.46 8.83 -27.99
N GLU C 397 18.71 7.72 -28.12
CA GLU C 397 18.09 7.05 -26.96
C GLU C 397 19.03 6.14 -26.16
N GLU C 398 20.26 5.95 -26.64
CA GLU C 398 21.31 5.16 -25.96
C GLU C 398 20.88 3.73 -25.66
N LYS C 399 20.45 3.01 -26.70
CA LYS C 399 20.18 1.58 -26.60
C LYS C 399 21.48 0.85 -26.29
N VAL C 400 21.46 0.00 -25.26
CA VAL C 400 22.65 -0.72 -24.83
C VAL C 400 22.94 -1.88 -25.79
N VAL C 401 23.93 -1.69 -26.66
CA VAL C 401 24.31 -2.72 -27.66
C VAL C 401 25.43 -3.65 -27.21
N GLY C 402 26.06 -3.37 -26.07
CA GLY C 402 27.17 -4.18 -25.57
C GLY C 402 27.48 -3.99 -24.10
N LEU C 403 27.80 -5.09 -23.42
CA LEU C 403 28.15 -5.09 -22.00
C LEU C 403 29.30 -6.09 -21.80
N HIS C 404 30.36 -5.65 -21.13
CA HIS C 404 31.59 -6.44 -21.00
C HIS C 404 32.20 -6.26 -19.61
N GLY C 405 32.76 -7.35 -19.08
CA GLY C 405 33.33 -7.34 -17.74
C GLY C 405 34.45 -8.34 -17.55
N ILE C 406 35.38 -7.99 -16.67
CA ILE C 406 36.38 -8.94 -16.17
C ILE C 406 36.58 -8.65 -14.68
N GLY C 407 36.54 -9.70 -13.85
CA GLY C 407 36.68 -9.56 -12.40
C GLY C 407 35.95 -10.61 -11.60
N TYR C 408 36.12 -10.54 -10.28
CA TYR C 408 35.50 -11.48 -9.34
C TYR C 408 33.98 -11.32 -9.35
N GLY C 409 33.27 -12.42 -9.59
CA GLY C 409 31.80 -12.42 -9.67
C GLY C 409 31.16 -12.11 -11.01
N VAL C 410 31.97 -11.85 -12.05
CA VAL C 410 31.46 -11.49 -13.38
C VAL C 410 30.70 -12.66 -14.04
N ASP C 411 31.20 -13.87 -13.86
CA ASP C 411 30.56 -15.11 -14.36
C ASP C 411 29.07 -15.24 -14.04
N GLU C 412 28.65 -14.72 -12.88
CA GLU C 412 27.24 -14.81 -12.45
C GLU C 412 26.37 -13.58 -12.74
N MET C 413 26.98 -12.44 -13.07
CA MET C 413 26.21 -11.20 -13.27
C MET C 413 25.65 -11.00 -14.69
N ILE C 414 26.18 -11.70 -15.69
CA ILE C 414 25.84 -11.42 -17.10
C ILE C 414 24.41 -11.86 -17.49
N GLN C 415 23.97 -13.02 -17.00
CA GLN C 415 22.68 -13.61 -17.42
C GLN C 415 21.48 -12.66 -17.33
N GLY C 416 21.39 -11.92 -16.22
CA GLY C 416 20.31 -10.95 -16.03
C GLY C 416 20.37 -9.76 -16.98
N PHE C 417 21.57 -9.21 -17.18
CA PHE C 417 21.77 -8.11 -18.14
C PHE C 417 21.51 -8.53 -19.59
N ALA C 418 21.80 -9.80 -19.92
CA ALA C 418 21.49 -10.35 -21.24
C ALA C 418 19.99 -10.36 -21.56
N VAL C 419 19.15 -10.54 -20.54
CA VAL C 419 17.69 -10.49 -20.72
C VAL C 419 17.24 -9.06 -21.06
N ALA C 420 17.74 -8.09 -20.28
CA ALA C 420 17.43 -6.68 -20.52
C ALA C 420 17.90 -6.20 -21.88
N ILE C 421 19.13 -6.54 -22.25
CA ILE C 421 19.71 -6.13 -23.54
C ILE C 421 18.95 -6.75 -24.71
N LYS C 422 18.47 -7.98 -24.56
CA LYS C 422 17.65 -8.61 -25.61
C LYS C 422 16.25 -7.99 -25.75
N MET C 423 15.72 -7.40 -24.68
CA MET C 423 14.47 -6.62 -24.73
C MET C 423 14.62 -5.24 -25.35
N GLY C 424 15.85 -4.78 -25.54
CA GLY C 424 16.13 -3.46 -26.10
C GLY C 424 16.31 -2.40 -25.03
N ALA C 425 17.04 -2.74 -23.97
CA ALA C 425 17.23 -1.85 -22.83
C ALA C 425 18.07 -0.64 -23.21
N THR C 426 17.69 0.50 -22.67
CA THR C 426 18.39 1.76 -22.86
C THR C 426 19.26 2.05 -21.63
N LYS C 427 20.10 3.08 -21.74
CA LYS C 427 20.91 3.55 -20.61
C LYS C 427 20.01 4.04 -19.47
N ALA C 428 18.90 4.70 -19.83
CA ALA C 428 17.91 5.15 -18.85
C ALA C 428 17.28 4.00 -18.06
N ASP C 429 17.03 2.87 -18.72
CA ASP C 429 16.55 1.65 -18.04
C ASP C 429 17.55 1.14 -17.00
N PHE C 430 18.84 1.19 -17.34
CA PHE C 430 19.91 0.80 -16.40
C PHE C 430 20.01 1.76 -15.22
N ASP C 431 20.02 3.07 -15.51
CA ASP C 431 20.14 4.11 -14.48
C ASP C 431 18.90 4.26 -13.58
N ALA C 432 17.74 3.89 -14.10
CA ALA C 432 16.50 3.89 -13.30
C ALA C 432 16.48 2.77 -12.25
N THR C 433 17.20 1.69 -12.52
CA THR C 433 17.27 0.53 -11.62
C THR C 433 18.19 0.84 -10.45
N VAL C 434 17.72 0.58 -9.24
CA VAL C 434 18.47 0.90 -8.02
C VAL C 434 19.60 -0.13 -7.84
N ALA C 435 20.76 0.36 -7.43
CA ALA C 435 21.94 -0.48 -7.21
C ALA C 435 21.75 -1.45 -6.02
N ILE C 436 22.51 -2.55 -6.04
CA ILE C 436 22.61 -3.48 -4.93
C ILE C 436 24.00 -3.30 -4.33
N HIS C 437 24.07 -2.87 -3.07
CA HIS C 437 25.32 -2.46 -2.43
C HIS C 437 25.59 -3.32 -1.17
N PRO C 438 26.83 -3.79 -0.95
CA PRO C 438 27.98 -3.62 -1.84
C PRO C 438 28.13 -4.83 -2.77
N THR C 439 28.15 -4.58 -4.07
CA THR C 439 28.49 -5.60 -5.08
C THR C 439 29.40 -5.01 -6.14
N SER C 440 29.92 -5.86 -7.02
CA SER C 440 30.58 -5.41 -8.25
C SER C 440 29.54 -5.14 -9.36
N SER C 441 28.44 -5.90 -9.35
CA SER C 441 27.37 -5.76 -10.34
C SER C 441 26.72 -4.36 -10.41
N GLU C 442 26.68 -3.66 -9.27
CA GLU C 442 26.12 -2.29 -9.21
C GLU C 442 26.83 -1.25 -10.10
N GLU C 443 28.08 -1.50 -10.49
CA GLU C 443 28.81 -0.62 -11.39
C GLU C 443 28.10 -0.37 -12.72
N PHE C 444 27.42 -1.39 -13.24
CA PHE C 444 26.68 -1.27 -14.51
C PHE C 444 25.47 -0.34 -14.47
N VAL C 445 24.93 -0.07 -13.28
CA VAL C 445 23.78 0.85 -13.12
C VAL C 445 24.16 2.22 -12.50
N THR C 446 25.46 2.47 -12.31
CA THR C 446 25.94 3.73 -11.75
C THR C 446 27.05 4.38 -12.60
N MET C 447 27.08 4.08 -13.89
CA MET C 447 28.11 4.63 -14.80
C MET C 447 27.69 6.01 -15.33
N ARG C 448 28.63 6.94 -15.34
CA ARG C 448 28.42 8.30 -15.85
C ARG C 448 29.51 8.70 -16.85
N MET D 1 -36.59 6.18 -25.93
CA MET D 1 -35.35 6.76 -25.34
C MET D 1 -35.22 6.41 -23.86
N ARG D 2 -36.26 6.70 -23.08
CA ARG D 2 -36.33 6.42 -21.64
C ARG D 2 -35.14 7.00 -20.85
N GLU D 3 -35.23 8.29 -20.52
CA GLU D 3 -34.15 8.97 -19.79
C GLU D 3 -34.38 8.90 -18.28
N TYR D 4 -33.31 8.61 -17.53
CA TYR D 4 -33.30 8.63 -16.07
C TYR D 4 -32.20 9.59 -15.60
N ASP D 5 -32.26 9.98 -14.33
CA ASP D 5 -31.17 10.75 -13.71
C ASP D 5 -29.95 9.86 -13.51
N ILE D 6 -30.21 8.63 -13.04
CA ILE D 6 -29.15 7.67 -12.76
C ILE D 6 -29.65 6.24 -13.04
N ILE D 7 -28.73 5.37 -13.46
CA ILE D 7 -29.03 3.93 -13.60
C ILE D 7 -27.87 3.10 -13.04
N ALA D 8 -28.21 1.87 -12.63
CA ALA D 8 -27.26 0.92 -12.10
C ALA D 8 -27.25 -0.33 -12.97
N ILE D 9 -26.08 -0.69 -13.51
CA ILE D 9 -25.92 -1.96 -14.21
C ILE D 9 -25.63 -3.00 -13.14
N GLY D 10 -26.59 -3.90 -12.93
CA GLY D 10 -26.52 -4.90 -11.87
C GLY D 10 -27.45 -4.51 -10.73
N GLY D 11 -28.28 -5.46 -10.30
CA GLY D 11 -29.22 -5.27 -9.20
C GLY D 11 -28.84 -6.08 -7.97
N GLY D 12 -27.59 -5.96 -7.55
CA GLY D 12 -27.09 -6.61 -6.33
C GLY D 12 -27.03 -5.64 -5.16
N SER D 13 -26.16 -5.94 -4.19
CA SER D 13 -26.03 -5.12 -2.98
C SER D 13 -25.66 -3.67 -3.29
N GLY D 14 -24.69 -3.48 -4.19
CA GLY D 14 -24.25 -2.14 -4.59
C GLY D 14 -25.27 -1.40 -5.44
N GLY D 15 -25.80 -2.08 -6.45
CA GLY D 15 -26.80 -1.49 -7.34
C GLY D 15 -28.06 -1.02 -6.62
N ILE D 16 -28.67 -1.92 -5.85
CA ILE D 16 -29.91 -1.64 -5.12
C ILE D 16 -29.73 -0.50 -4.10
N ALA D 17 -28.61 -0.52 -3.38
CA ALA D 17 -28.32 0.48 -2.36
C ALA D 17 -28.12 1.88 -2.95
N THR D 18 -27.42 1.95 -4.09
CA THR D 18 -27.17 3.23 -4.78
C THR D 18 -28.46 3.83 -5.33
N MET D 19 -29.27 3.02 -6.01
CA MET D 19 -30.51 3.51 -6.63
C MET D 19 -31.61 3.87 -5.62
N ASN D 20 -31.70 3.15 -4.51
CA ASN D 20 -32.65 3.49 -3.44
C ASN D 20 -32.33 4.82 -2.76
N ARG D 21 -31.06 5.01 -2.41
CA ARG D 21 -30.60 6.27 -1.81
C ARG D 21 -30.71 7.45 -2.79
N ALA D 22 -30.49 7.19 -4.08
CA ALA D 22 -30.68 8.20 -5.12
C ALA D 22 -32.16 8.58 -5.24
N GLY D 23 -33.01 7.56 -5.35
CA GLY D 23 -34.47 7.74 -5.39
C GLY D 23 -35.05 8.46 -4.19
N GLU D 24 -34.45 8.24 -3.02
CA GLU D 24 -34.82 8.91 -1.78
C GLU D 24 -34.61 10.43 -1.84
N HIS D 25 -33.56 10.86 -2.54
CA HIS D 25 -33.26 12.29 -2.73
C HIS D 25 -33.89 12.91 -4.00
N GLY D 26 -34.94 12.27 -4.54
CA GLY D 26 -35.73 12.83 -5.63
C GLY D 26 -35.38 12.39 -7.04
N ALA D 27 -34.23 11.75 -7.23
CA ALA D 27 -33.76 11.37 -8.57
C ALA D 27 -34.55 10.21 -9.17
N GLN D 28 -34.77 10.25 -10.48
CA GLN D 28 -35.36 9.14 -11.21
C GLN D 28 -34.28 8.08 -11.42
N ALA D 29 -34.44 6.92 -10.78
CA ALA D 29 -33.44 5.87 -10.78
C ALA D 29 -33.98 4.56 -11.37
N ALA D 30 -33.07 3.76 -11.93
CA ALA D 30 -33.42 2.46 -12.50
C ALA D 30 -32.34 1.41 -12.19
N VAL D 31 -32.78 0.20 -11.85
CA VAL D 31 -31.88 -0.94 -11.62
C VAL D 31 -32.06 -1.90 -12.79
N ILE D 32 -30.97 -2.24 -13.47
CA ILE D 32 -30.97 -3.23 -14.54
C ILE D 32 -30.31 -4.53 -14.04
N GLU D 33 -30.99 -5.66 -14.23
CA GLU D 33 -30.54 -6.95 -13.69
C GLU D 33 -30.77 -8.09 -14.70
N GLU D 34 -29.77 -8.97 -14.85
CA GLU D 34 -29.88 -10.17 -15.69
C GLU D 34 -30.63 -11.30 -14.98
N LYS D 35 -30.03 -11.77 -13.88
CA LYS D 35 -30.47 -12.98 -13.18
C LYS D 35 -31.48 -12.59 -12.10
N LYS D 36 -31.32 -13.09 -10.87
CA LYS D 36 -32.25 -12.81 -9.78
C LYS D 36 -31.87 -11.52 -9.08
N LEU D 37 -32.89 -10.79 -8.63
CA LEU D 37 -32.71 -9.54 -7.90
C LEU D 37 -32.10 -9.84 -6.53
N GLY D 38 -31.26 -8.93 -6.05
CA GLY D 38 -30.55 -9.10 -4.77
C GLY D 38 -29.12 -9.58 -4.88
N GLY D 39 -28.73 -10.05 -6.07
CA GLY D 39 -27.34 -10.35 -6.36
C GLY D 39 -26.83 -11.63 -5.73
N THR D 40 -25.50 -11.71 -5.58
CA THR D 40 -24.83 -12.89 -5.06
C THR D 40 -25.16 -13.17 -3.60
N CYS D 41 -25.15 -12.13 -2.76
CA CYS D 41 -25.31 -12.30 -1.31
C CYS D 41 -26.62 -12.96 -0.91
N VAL D 42 -27.72 -12.49 -1.47
CA VAL D 42 -29.06 -12.98 -1.13
C VAL D 42 -29.31 -14.37 -1.72
N ASN D 43 -28.94 -14.56 -2.98
CA ASN D 43 -29.32 -15.76 -3.73
C ASN D 43 -28.37 -16.95 -3.55
N VAL D 44 -27.07 -16.68 -3.63
CA VAL D 44 -26.04 -17.73 -3.59
C VAL D 44 -24.79 -17.31 -2.81
N GLY D 45 -24.98 -16.52 -1.76
CA GLY D 45 -23.85 -15.96 -1.00
C GLY D 45 -24.06 -16.00 0.51
N CYS D 46 -23.91 -14.84 1.15
CA CYS D 46 -24.01 -14.67 2.61
C CYS D 46 -25.22 -15.37 3.22
N VAL D 47 -26.40 -15.15 2.64
CA VAL D 47 -27.67 -15.59 3.23
C VAL D 47 -27.84 -17.12 3.29
N PRO D 48 -27.76 -17.83 2.14
CA PRO D 48 -27.86 -19.29 2.21
C PRO D 48 -26.70 -19.95 2.98
N LYS D 49 -25.50 -19.41 2.85
CA LYS D 49 -24.33 -19.88 3.62
C LYS D 49 -24.60 -19.81 5.13
N LYS D 50 -25.14 -18.69 5.57
CA LYS D 50 -25.43 -18.44 6.99
C LYS D 50 -26.56 -19.33 7.53
N ILE D 51 -27.58 -19.56 6.70
CA ILE D 51 -28.67 -20.47 7.06
C ILE D 51 -28.15 -21.90 7.15
N MET D 52 -27.29 -22.29 6.22
CA MET D 52 -26.61 -23.60 6.26
C MET D 52 -25.72 -23.72 7.51
N TRP D 53 -25.03 -22.63 7.86
CA TRP D 53 -24.18 -22.59 9.05
C TRP D 53 -24.97 -22.82 10.34
N TYR D 54 -26.12 -22.15 10.46
CA TYR D 54 -27.00 -22.36 11.63
C TYR D 54 -27.45 -23.81 11.76
N GLY D 55 -27.84 -24.41 10.65
CA GLY D 55 -28.15 -25.83 10.59
C GLY D 55 -27.00 -26.72 11.02
N ALA D 56 -25.78 -26.33 10.64
CA ALA D 56 -24.56 -27.03 11.09
C ALA D 56 -24.32 -26.85 12.60
N GLN D 57 -24.60 -25.66 13.13
CA GLN D 57 -24.46 -25.40 14.57
C GLN D 57 -25.43 -26.24 15.41
N ILE D 58 -26.64 -26.46 14.89
CA ILE D 58 -27.63 -27.33 15.55
C ILE D 58 -27.13 -28.77 15.59
N ALA D 59 -26.59 -29.26 14.47
CA ALA D 59 -25.99 -30.59 14.42
C ALA D 59 -24.82 -30.74 15.40
N GLU D 60 -23.95 -29.73 15.44
CA GLU D 60 -22.82 -29.71 16.38
C GLU D 60 -23.29 -29.80 17.82
N THR D 61 -24.32 -29.02 18.15
CA THR D 61 -24.92 -29.00 19.49
C THR D 61 -25.39 -30.39 19.93
N PHE D 62 -26.10 -31.09 19.05
CA PHE D 62 -26.66 -32.41 19.38
C PHE D 62 -25.58 -33.49 19.48
N HIS D 63 -24.57 -33.45 18.61
CA HIS D 63 -23.52 -34.48 18.57
C HIS D 63 -22.45 -34.35 19.66
N GLN D 64 -22.04 -33.11 19.97
CA GLN D 64 -20.92 -32.86 20.87
C GLN D 64 -21.32 -32.49 22.31
N PHE D 65 -22.27 -31.58 22.45
CA PHE D 65 -22.64 -31.01 23.77
C PHE D 65 -23.91 -31.60 24.40
N GLY D 66 -24.84 -32.09 23.59
CA GLY D 66 -26.16 -32.55 24.04
C GLY D 66 -26.20 -33.47 25.26
N GLU D 67 -25.43 -34.55 25.21
CA GLU D 67 -25.45 -35.58 26.27
C GLU D 67 -25.06 -35.05 27.64
N ASP D 68 -24.00 -34.26 27.70
CA ASP D 68 -23.49 -33.71 28.97
C ASP D 68 -24.35 -32.59 29.58
N TYR D 69 -25.26 -32.02 28.78
CA TYR D 69 -26.30 -31.11 29.30
C TYR D 69 -27.61 -31.84 29.64
N GLY D 70 -27.63 -33.17 29.49
CA GLY D 70 -28.74 -34.02 29.91
C GLY D 70 -29.67 -34.53 28.82
N PHE D 71 -29.34 -34.32 27.54
CA PHE D 71 -30.20 -34.72 26.42
C PHE D 71 -29.60 -35.91 25.68
N LYS D 72 -30.30 -37.06 25.72
CA LYS D 72 -29.91 -38.23 24.91
C LYS D 72 -31.01 -38.57 23.90
N THR D 73 -30.61 -39.18 22.79
CA THR D 73 -31.51 -39.52 21.67
C THR D 73 -31.25 -40.95 21.20
N THR D 74 -32.30 -41.60 20.71
CA THR D 74 -32.21 -42.99 20.22
C THR D 74 -31.49 -43.03 18.87
N ASP D 75 -31.95 -42.22 17.91
CA ASP D 75 -31.30 -42.07 16.62
C ASP D 75 -31.64 -40.74 15.94
N LEU D 76 -30.64 -39.86 15.83
CA LEU D 76 -30.82 -38.54 15.22
C LEU D 76 -30.83 -38.69 13.69
N ASN D 77 -31.83 -38.06 13.06
CA ASN D 77 -32.00 -38.11 11.60
C ASN D 77 -31.93 -36.71 11.00
N PHE D 78 -31.23 -36.57 9.88
CA PHE D 78 -31.07 -35.28 9.19
C PHE D 78 -31.59 -35.33 7.75
N ASP D 79 -32.63 -34.55 7.47
CA ASP D 79 -33.18 -34.40 6.12
C ASP D 79 -32.80 -33.04 5.53
N PHE D 80 -31.79 -33.04 4.65
CA PHE D 80 -31.29 -31.82 4.00
C PHE D 80 -32.36 -31.07 3.21
N ALA D 81 -33.25 -31.82 2.55
CA ALA D 81 -34.32 -31.24 1.72
C ALA D 81 -35.23 -30.26 2.48
N THR D 82 -35.51 -30.58 3.75
CA THR D 82 -36.30 -29.71 4.61
C THR D 82 -35.57 -28.39 4.89
N LEU D 83 -34.29 -28.49 5.25
CA LEU D 83 -33.43 -27.30 5.43
C LEU D 83 -33.35 -26.44 4.16
N ARG D 84 -33.18 -27.09 3.01
CA ARG D 84 -33.12 -26.38 1.72
C ARG D 84 -34.45 -25.70 1.38
N ARG D 85 -35.57 -26.36 1.66
CA ARG D 85 -36.90 -25.77 1.48
C ARG D 85 -37.06 -24.46 2.25
N ASN D 86 -36.71 -24.49 3.54
CA ASN D 86 -36.84 -23.31 4.40
C ASN D 86 -35.75 -22.26 4.14
N ARG D 87 -34.57 -22.71 3.71
CA ARG D 87 -33.51 -21.80 3.25
C ARG D 87 -34.00 -20.96 2.07
N GLU D 88 -34.54 -21.63 1.04
CA GLU D 88 -35.01 -20.93 -0.16
C GLU D 88 -36.29 -20.11 0.06
N SER D 89 -37.16 -20.56 0.96
CA SER D 89 -38.34 -19.77 1.35
C SER D 89 -37.96 -18.43 1.97
N TYR D 90 -36.95 -18.44 2.83
CA TYR D 90 -36.43 -17.20 3.42
C TYR D 90 -35.90 -16.27 2.32
N ILE D 91 -35.13 -16.85 1.38
CA ILE D 91 -34.59 -16.10 0.25
C ILE D 91 -35.71 -15.53 -0.64
N ASP D 92 -36.76 -16.32 -0.87
CA ASP D 92 -37.96 -15.83 -1.59
C ASP D 92 -38.58 -14.60 -0.93
N ARG D 93 -38.75 -14.66 0.40
CA ARG D 93 -39.34 -13.55 1.17
C ARG D 93 -38.46 -12.30 1.19
N ALA D 94 -37.15 -12.50 1.31
CA ALA D 94 -36.18 -11.38 1.30
C ALA D 94 -36.12 -10.68 -0.05
N ARG D 95 -36.21 -11.46 -1.12
CA ARG D 95 -36.17 -10.94 -2.50
C ARG D 95 -37.42 -10.11 -2.85
N SER D 96 -38.57 -10.48 -2.28
CA SER D 96 -39.82 -9.72 -2.46
C SER D 96 -39.84 -8.38 -1.71
N SER D 97 -39.02 -8.23 -0.68
CA SER D 97 -38.92 -6.96 0.06
C SER D 97 -38.33 -5.80 -0.75
N TYR D 98 -37.49 -6.12 -1.74
CA TYR D 98 -36.90 -5.09 -2.62
C TYR D 98 -37.93 -4.39 -3.50
N ASP D 99 -39.01 -5.10 -3.86
CA ASP D 99 -40.14 -4.51 -4.59
C ASP D 99 -40.81 -3.39 -3.78
N GLY D 100 -40.87 -3.56 -2.45
CA GLY D 100 -41.41 -2.54 -1.56
C GLY D 100 -40.53 -1.31 -1.44
N SER D 101 -39.22 -1.51 -1.35
CA SER D 101 -38.25 -0.40 -1.23
C SER D 101 -38.09 0.40 -2.53
N PHE D 102 -38.25 -0.25 -3.67
CA PHE D 102 -38.22 0.44 -4.98
C PHE D 102 -39.43 1.37 -5.16
N LYS D 103 -40.62 0.89 -4.79
CA LYS D 103 -41.85 1.69 -4.94
C LYS D 103 -41.87 2.91 -4.03
N ARG D 104 -41.31 2.80 -2.82
CA ARG D 104 -41.21 3.92 -1.89
C ARG D 104 -40.28 5.03 -2.43
N ASN D 105 -39.11 4.64 -2.91
CA ASN D 105 -38.12 5.58 -3.44
C ASN D 105 -38.30 5.98 -4.91
N GLY D 106 -39.25 5.35 -5.61
CA GLY D 106 -39.52 5.66 -7.01
C GLY D 106 -38.48 5.12 -7.97
N VAL D 107 -37.96 3.93 -7.67
CA VAL D 107 -36.94 3.26 -8.47
C VAL D 107 -37.65 2.28 -9.41
N ASP D 108 -37.25 2.28 -10.68
CA ASP D 108 -37.75 1.30 -11.65
C ASP D 108 -36.81 0.10 -11.74
N LEU D 109 -37.38 -1.05 -12.08
CA LEU D 109 -36.62 -2.28 -12.32
C LEU D 109 -36.74 -2.64 -13.79
N ILE D 110 -35.60 -2.90 -14.43
CA ILE D 110 -35.54 -3.30 -15.83
C ILE D 110 -34.94 -4.71 -15.90
N GLU D 111 -35.62 -5.60 -16.60
CA GLU D 111 -35.29 -7.03 -16.64
C GLU D 111 -34.51 -7.34 -17.92
N GLY D 112 -33.19 -7.44 -17.82
CA GLY D 112 -32.34 -7.82 -18.96
C GLY D 112 -30.87 -7.55 -18.79
N HIS D 113 -30.10 -7.91 -19.82
CA HIS D 113 -28.65 -7.72 -19.85
C HIS D 113 -28.29 -6.34 -20.41
N ALA D 114 -27.76 -5.47 -19.55
CA ALA D 114 -27.31 -4.15 -19.97
C ALA D 114 -25.97 -4.23 -20.70
N GLU D 115 -25.73 -3.24 -21.55
CA GLU D 115 -24.60 -3.24 -22.46
C GLU D 115 -24.41 -1.81 -22.97
N PHE D 116 -23.24 -1.22 -22.73
CA PHE D 116 -22.97 0.17 -23.12
C PHE D 116 -23.02 0.38 -24.63
N VAL D 117 -23.59 1.52 -25.03
CA VAL D 117 -23.63 1.97 -26.44
C VAL D 117 -22.75 3.21 -26.63
N ASP D 118 -22.92 4.18 -25.73
CA ASP D 118 -22.04 5.35 -25.64
C ASP D 118 -21.81 5.69 -24.15
N SER D 119 -21.18 6.83 -23.87
CA SER D 119 -20.89 7.24 -22.48
C SER D 119 -22.12 7.50 -21.59
N HIS D 120 -23.28 7.80 -22.18
CA HIS D 120 -24.50 8.08 -21.43
C HIS D 120 -25.72 7.24 -21.87
N THR D 121 -25.48 6.10 -22.53
CA THR D 121 -26.56 5.25 -23.05
C THR D 121 -26.18 3.76 -22.94
N VAL D 122 -27.18 2.94 -22.60
CA VAL D 122 -27.03 1.48 -22.58
C VAL D 122 -28.16 0.81 -23.36
N SER D 123 -27.91 -0.42 -23.81
CA SER D 123 -28.89 -1.22 -24.54
C SER D 123 -29.28 -2.44 -23.70
N VAL D 124 -30.57 -2.57 -23.41
CA VAL D 124 -31.11 -3.72 -22.68
C VAL D 124 -32.13 -4.42 -23.59
N ASN D 125 -31.71 -5.53 -24.18
CA ASN D 125 -32.56 -6.33 -25.08
C ASN D 125 -33.16 -5.50 -26.24
N GLY D 126 -32.34 -4.64 -26.83
CA GLY D 126 -32.74 -3.79 -27.96
C GLY D 126 -33.13 -2.37 -27.58
N GLU D 127 -33.84 -2.22 -26.46
CA GLU D 127 -34.30 -0.91 -25.99
C GLU D 127 -33.14 -0.07 -25.45
N LEU D 128 -33.09 1.20 -25.85
CA LEU D 128 -32.11 2.15 -25.33
C LEU D 128 -32.58 2.75 -24.00
N ILE D 129 -31.64 2.97 -23.09
CA ILE D 129 -31.89 3.68 -21.83
C ILE D 129 -30.76 4.70 -21.63
N ARG D 130 -31.11 5.98 -21.65
CA ARG D 130 -30.15 7.07 -21.40
C ARG D 130 -30.15 7.48 -19.94
N ALA D 131 -29.00 7.98 -19.48
CA ALA D 131 -28.89 8.55 -18.14
C ALA D 131 -27.66 9.45 -18.01
N LYS D 132 -27.79 10.52 -17.21
CA LYS D 132 -26.67 11.42 -16.93
C LYS D 132 -25.63 10.79 -16.00
N HIS D 133 -26.05 9.80 -15.20
CA HIS D 133 -25.18 9.05 -14.30
C HIS D 133 -25.38 7.53 -14.51
N ILE D 134 -24.30 6.79 -14.75
CA ILE D 134 -24.36 5.32 -14.91
C ILE D 134 -23.38 4.65 -13.93
N VAL D 135 -23.92 3.82 -13.03
CA VAL D 135 -23.12 3.11 -12.02
C VAL D 135 -22.94 1.66 -12.45
N ILE D 136 -21.69 1.23 -12.60
CA ILE D 136 -21.36 -0.15 -12.91
C ILE D 136 -21.21 -0.90 -11.59
N ALA D 137 -22.14 -1.82 -11.32
CA ALA D 137 -22.11 -2.65 -10.12
C ALA D 137 -22.41 -4.09 -10.50
N THR D 138 -21.60 -4.63 -11.41
CA THR D 138 -21.82 -5.95 -11.99
C THR D 138 -21.37 -7.12 -11.13
N GLY D 139 -20.62 -6.83 -10.06
CA GLY D 139 -20.22 -7.87 -9.12
C GLY D 139 -19.09 -8.74 -9.63
N ALA D 140 -19.07 -9.99 -9.15
CA ALA D 140 -17.99 -10.93 -9.41
C ALA D 140 -18.52 -12.32 -9.76
N HIS D 141 -17.60 -13.19 -10.14
CA HIS D 141 -17.91 -14.60 -10.44
C HIS D 141 -16.83 -15.51 -9.83
N PRO D 142 -17.13 -16.81 -9.65
CA PRO D 142 -16.10 -17.73 -9.14
C PRO D 142 -14.97 -17.97 -10.13
N SER D 143 -13.73 -17.93 -9.65
CA SER D 143 -12.55 -18.15 -10.48
C SER D 143 -12.30 -19.64 -10.66
N ILE D 144 -12.13 -20.07 -11.91
CA ILE D 144 -11.83 -21.46 -12.25
C ILE D 144 -10.44 -21.49 -12.90
N PRO D 145 -9.47 -22.20 -12.28
CA PRO D 145 -8.12 -22.18 -12.85
C PRO D 145 -8.04 -22.92 -14.19
N ASN D 146 -7.08 -22.51 -15.03
CA ASN D 146 -6.88 -23.13 -16.34
C ASN D 146 -5.92 -24.32 -16.23
N ILE D 147 -6.49 -25.48 -15.90
CA ILE D 147 -5.77 -26.75 -15.94
C ILE D 147 -6.64 -27.78 -16.67
N PRO D 148 -6.03 -28.89 -17.13
CA PRO D 148 -6.83 -29.95 -17.77
C PRO D 148 -7.94 -30.51 -16.87
N GLY D 149 -9.18 -30.47 -17.38
CA GLY D 149 -10.34 -31.02 -16.68
C GLY D 149 -10.96 -30.14 -15.60
N ALA D 150 -10.59 -28.86 -15.56
CA ALA D 150 -11.07 -27.94 -14.54
C ALA D 150 -12.59 -27.76 -14.55
N GLU D 151 -13.19 -27.81 -15.74
CA GLU D 151 -14.65 -27.71 -15.90
C GLU D 151 -15.44 -28.85 -15.22
N LEU D 152 -14.80 -29.99 -14.95
CA LEU D 152 -15.41 -31.07 -14.17
C LEU D 152 -15.69 -30.67 -12.72
N GLY D 153 -14.89 -29.75 -12.19
CA GLY D 153 -15.13 -29.17 -10.87
C GLY D 153 -16.13 -28.02 -10.95
N GLY D 154 -16.87 -27.83 -9.85
CA GLY D 154 -17.86 -26.76 -9.74
C GLY D 154 -17.37 -25.63 -8.85
N SER D 155 -18.31 -24.79 -8.43
CA SER D 155 -18.04 -23.65 -7.56
C SER D 155 -19.08 -23.58 -6.44
N SER D 156 -19.01 -22.54 -5.61
CA SER D 156 -20.02 -22.30 -4.57
C SER D 156 -21.44 -22.18 -5.13
N ASP D 157 -21.60 -21.62 -6.33
CA ASP D 157 -22.89 -21.62 -7.04
C ASP D 157 -23.49 -23.03 -7.10
N ASP D 158 -22.67 -24.00 -7.47
CA ASP D 158 -23.11 -25.39 -7.62
C ASP D 158 -23.44 -26.03 -6.27
N VAL D 159 -22.76 -25.61 -5.20
CA VAL D 159 -23.04 -26.10 -3.85
C VAL D 159 -24.47 -25.76 -3.43
N PHE D 160 -24.87 -24.51 -3.63
CA PHE D 160 -26.23 -24.06 -3.28
C PHE D 160 -27.32 -24.60 -4.19
N ALA D 161 -26.96 -24.97 -5.43
CA ALA D 161 -27.89 -25.64 -6.34
C ALA D 161 -28.23 -27.08 -5.93
N TRP D 162 -27.36 -27.73 -5.14
CA TRP D 162 -27.60 -29.12 -4.71
C TRP D 162 -28.96 -29.28 -4.02
N GLU D 163 -29.73 -30.27 -4.47
CA GLU D 163 -31.00 -30.64 -3.86
C GLU D 163 -30.80 -31.74 -2.82
N GLU D 164 -29.86 -32.66 -3.10
CA GLU D 164 -29.39 -33.66 -2.16
C GLU D 164 -27.88 -33.47 -1.94
N LEU D 165 -27.40 -33.79 -0.74
CA LEU D 165 -25.96 -33.72 -0.45
C LEU D 165 -25.22 -34.90 -1.08
N PRO D 166 -24.01 -34.66 -1.63
CA PRO D 166 -23.23 -35.75 -2.21
C PRO D 166 -22.63 -36.66 -1.13
N GLU D 167 -22.17 -37.83 -1.55
CA GLU D 167 -21.55 -38.80 -0.63
C GLU D 167 -20.19 -38.30 -0.14
N SER D 168 -19.42 -37.71 -1.05
CA SER D 168 -18.12 -37.12 -0.73
C SER D 168 -17.87 -35.84 -1.54
N VAL D 169 -17.01 -34.97 -1.02
CA VAL D 169 -16.63 -33.73 -1.68
C VAL D 169 -15.16 -33.38 -1.40
N ALA D 170 -14.51 -32.79 -2.40
CA ALA D 170 -13.13 -32.31 -2.25
C ALA D 170 -13.13 -30.83 -2.59
N ILE D 171 -12.83 -30.00 -1.58
CA ILE D 171 -12.76 -28.55 -1.77
C ILE D 171 -11.30 -28.18 -2.08
N LEU D 172 -11.10 -27.50 -3.21
CA LEU D 172 -9.80 -26.96 -3.61
C LEU D 172 -9.79 -25.45 -3.40
N GLY D 173 -9.21 -24.99 -2.30
CA GLY D 173 -9.15 -23.56 -1.97
C GLY D 173 -8.66 -23.29 -0.56
N ALA D 174 -8.23 -22.04 -0.33
CA ALA D 174 -7.67 -21.62 0.96
C ALA D 174 -8.38 -20.44 1.64
N GLY D 175 -9.29 -19.77 0.94
CA GLY D 175 -9.92 -18.55 1.44
C GLY D 175 -11.11 -18.80 2.34
N TYR D 176 -11.82 -17.73 2.67
CA TYR D 176 -12.94 -17.79 3.61
C TYR D 176 -14.10 -18.67 3.12
N ILE D 177 -14.37 -18.66 1.82
CA ILE D 177 -15.45 -19.50 1.24
C ILE D 177 -15.12 -20.98 1.35
N ALA D 178 -13.87 -21.35 1.05
CA ALA D 178 -13.41 -22.74 1.16
C ALA D 178 -13.53 -23.28 2.58
N VAL D 179 -13.07 -22.50 3.55
CA VAL D 179 -13.11 -22.88 4.97
C VAL D 179 -14.55 -23.02 5.48
N GLU D 180 -15.41 -22.06 5.13
CA GLU D 180 -16.82 -22.08 5.52
C GLU D 180 -17.55 -23.33 5.02
N LEU D 181 -17.47 -23.58 3.71
CA LEU D 181 -18.16 -24.71 3.10
C LEU D 181 -17.63 -26.07 3.59
N ALA D 182 -16.32 -26.14 3.85
CA ALA D 182 -15.72 -27.36 4.42
C ALA D 182 -16.30 -27.68 5.79
N GLY D 183 -16.35 -26.66 6.66
CA GLY D 183 -16.91 -26.81 8.01
C GLY D 183 -18.37 -27.24 8.02
N VAL D 184 -19.18 -26.62 7.16
CA VAL D 184 -20.62 -26.92 7.06
C VAL D 184 -20.89 -28.32 6.51
N LEU D 185 -20.25 -28.66 5.40
CA LEU D 185 -20.44 -29.97 4.77
C LEU D 185 -19.89 -31.13 5.61
N HIS D 186 -18.77 -30.89 6.30
CA HIS D 186 -18.22 -31.86 7.26
C HIS D 186 -19.21 -32.19 8.38
N THR D 187 -19.81 -31.15 8.97
CA THR D 187 -20.78 -31.33 10.06
C THR D 187 -22.08 -32.02 9.63
N PHE D 188 -22.48 -31.88 8.36
CA PHE D 188 -23.64 -32.60 7.81
C PHE D 188 -23.35 -34.05 7.39
N GLY D 189 -22.16 -34.56 7.68
CA GLY D 189 -21.83 -35.96 7.42
C GLY D 189 -21.43 -36.28 5.99
N VAL D 190 -21.11 -35.26 5.20
CA VAL D 190 -20.53 -35.45 3.87
C VAL D 190 -19.03 -35.71 4.07
N LYS D 191 -18.51 -36.73 3.41
CA LYS D 191 -17.08 -37.05 3.46
C LYS D 191 -16.29 -35.92 2.78
N THR D 192 -15.78 -35.00 3.60
CA THR D 192 -15.27 -33.71 3.14
C THR D 192 -13.76 -33.57 3.36
N ASP D 193 -13.02 -33.28 2.28
CA ASP D 193 -11.57 -33.07 2.32
C ASP D 193 -11.21 -31.69 1.78
N LEU D 194 -10.46 -30.91 2.56
CA LEU D 194 -10.00 -29.58 2.17
C LEU D 194 -8.55 -29.64 1.70
N PHE D 195 -8.25 -29.00 0.57
CA PHE D 195 -6.92 -29.04 -0.06
C PHE D 195 -6.39 -27.64 -0.31
N VAL D 196 -5.31 -27.27 0.39
CA VAL D 196 -4.65 -25.96 0.18
C VAL D 196 -3.31 -26.13 -0.55
N ARG D 197 -2.95 -25.14 -1.37
CA ARG D 197 -1.73 -25.20 -2.17
C ARG D 197 -0.43 -25.02 -1.38
N ARG D 198 -0.50 -24.30 -0.25
CA ARG D 198 0.71 -23.91 0.51
C ARG D 198 0.67 -24.42 1.97
N ASP D 199 1.16 -23.62 2.93
CA ASP D 199 1.42 -24.07 4.29
C ASP D 199 0.15 -24.18 5.14
N ARG D 200 -0.72 -23.18 5.03
CA ARG D 200 -1.96 -23.11 5.83
C ARG D 200 -3.10 -22.48 5.02
N PRO D 201 -4.34 -22.55 5.56
CA PRO D 201 -5.45 -21.76 4.99
C PRO D 201 -5.47 -20.32 5.51
N LEU D 202 -6.33 -19.50 4.91
CA LEU D 202 -6.60 -18.13 5.37
C LEU D 202 -5.33 -17.25 5.47
N ARG D 203 -4.66 -17.10 4.33
CA ARG D 203 -3.62 -16.09 4.13
C ARG D 203 -4.19 -14.70 4.45
N GLY D 204 -3.41 -13.88 5.13
CA GLY D 204 -3.85 -12.54 5.54
C GLY D 204 -4.58 -12.46 6.86
N PHE D 205 -4.92 -13.61 7.45
CA PHE D 205 -5.41 -13.69 8.82
C PHE D 205 -4.24 -13.98 9.76
N ASP D 206 -4.41 -13.60 11.02
CA ASP D 206 -3.35 -13.71 12.03
C ASP D 206 -3.05 -15.18 12.30
N SER D 207 -1.76 -15.53 12.35
CA SER D 207 -1.30 -16.91 12.56
C SER D 207 -1.91 -17.60 13.78
N TYR D 208 -2.03 -16.85 14.87
CA TYR D 208 -2.57 -17.34 16.13
C TYR D 208 -4.01 -17.85 15.98
N ILE D 209 -4.83 -17.08 15.27
CA ILE D 209 -6.23 -17.45 14.99
C ILE D 209 -6.32 -18.63 14.01
N VAL D 210 -5.51 -18.59 12.95
CA VAL D 210 -5.51 -19.64 11.94
C VAL D 210 -5.00 -20.98 12.51
N GLU D 211 -3.96 -20.93 13.36
CA GLU D 211 -3.48 -22.12 14.07
C GLU D 211 -4.59 -22.73 14.94
N GLY D 212 -5.43 -21.88 15.53
CA GLY D 212 -6.65 -22.31 16.23
C GLY D 212 -7.61 -23.07 15.33
N LEU D 213 -7.86 -22.56 14.14
CA LEU D 213 -8.71 -23.24 13.15
C LEU D 213 -8.15 -24.59 12.72
N VAL D 214 -6.83 -24.64 12.48
CA VAL D 214 -6.16 -25.86 12.03
C VAL D 214 -6.26 -26.96 13.11
N LYS D 215 -6.09 -26.57 14.38
CA LYS D 215 -6.23 -27.51 15.50
C LYS D 215 -7.64 -28.05 15.66
N GLU D 216 -8.65 -27.22 15.40
CA GLU D 216 -10.05 -27.64 15.50
C GLU D 216 -10.43 -28.61 14.37
N MET D 217 -9.91 -28.36 13.16
CA MET D 217 -10.09 -29.28 12.03
C MET D 217 -9.48 -30.65 12.30
N GLU D 218 -8.33 -30.65 12.99
CA GLU D 218 -7.68 -31.88 13.44
C GLU D 218 -8.49 -32.58 14.54
N ARG D 219 -9.00 -31.80 15.48
CA ARG D 219 -9.78 -32.32 16.61
C ARG D 219 -11.09 -32.99 16.16
N THR D 220 -11.79 -32.37 15.20
CA THR D 220 -13.07 -32.88 14.67
C THR D 220 -12.93 -33.83 13.46
N ASN D 221 -11.70 -34.21 13.11
CA ASN D 221 -11.41 -35.11 11.99
C ASN D 221 -11.91 -34.60 10.63
N LEU D 222 -11.63 -33.33 10.36
CA LEU D 222 -11.85 -32.72 9.07
C LEU D 222 -10.48 -32.68 8.38
N PRO D 223 -10.24 -33.56 7.38
CA PRO D 223 -8.91 -33.61 6.75
C PRO D 223 -8.52 -32.35 5.98
N LEU D 224 -7.57 -31.61 6.54
CA LEU D 224 -6.89 -30.51 5.85
C LEU D 224 -5.63 -31.09 5.22
N HIS D 225 -5.50 -30.94 3.90
CA HIS D 225 -4.33 -31.40 3.15
C HIS D 225 -3.53 -30.19 2.65
N THR D 226 -2.28 -30.07 3.11
CA THR D 226 -1.42 -28.94 2.76
C THR D 226 -0.44 -29.30 1.66
N HIS D 227 0.08 -28.27 0.97
CA HIS D 227 1.00 -28.42 -0.16
C HIS D 227 0.43 -29.33 -1.25
N LYS D 228 -0.84 -29.08 -1.60
CA LYS D 228 -1.56 -29.85 -2.61
C LYS D 228 -1.98 -28.93 -3.75
N VAL D 229 -1.11 -28.86 -4.77
CA VAL D 229 -1.34 -28.04 -5.96
C VAL D 229 -1.97 -28.95 -7.03
N PRO D 230 -3.24 -28.68 -7.43
CA PRO D 230 -3.84 -29.52 -8.47
C PRO D 230 -3.26 -29.26 -9.85
N VAL D 231 -2.98 -30.33 -10.59
CA VAL D 231 -2.49 -30.25 -11.99
C VAL D 231 -3.47 -30.82 -13.04
N LYS D 232 -4.42 -31.65 -12.61
CA LYS D 232 -5.33 -32.35 -13.53
C LYS D 232 -6.57 -32.88 -12.81
N LEU D 233 -7.72 -32.80 -13.48
CA LEU D 233 -8.98 -33.41 -13.00
C LEU D 233 -9.44 -34.45 -14.03
N GLU D 234 -9.86 -35.63 -13.54
CA GLU D 234 -10.16 -36.77 -14.40
C GLU D 234 -11.51 -37.40 -14.01
N LYS D 235 -12.27 -37.81 -15.02
CA LYS D 235 -13.56 -38.47 -14.83
C LYS D 235 -13.34 -39.96 -14.54
N THR D 236 -13.93 -40.46 -13.46
CA THR D 236 -13.92 -41.89 -13.14
C THR D 236 -15.35 -42.39 -12.84
N THR D 237 -15.50 -43.70 -12.70
CA THR D 237 -16.80 -44.32 -12.38
C THR D 237 -17.32 -43.93 -10.99
N ASP D 238 -16.40 -43.71 -10.05
CA ASP D 238 -16.76 -43.23 -8.70
C ASP D 238 -17.30 -41.80 -8.77
N GLY D 239 -16.48 -40.89 -9.32
CA GLY D 239 -16.85 -39.48 -9.44
C GLY D 239 -15.83 -38.69 -10.22
N ILE D 240 -14.98 -37.94 -9.51
CA ILE D 240 -13.91 -37.13 -10.11
C ILE D 240 -12.62 -37.33 -9.34
N THR D 241 -11.53 -37.61 -10.05
CA THR D 241 -10.21 -37.85 -9.47
C THR D 241 -9.30 -36.64 -9.70
N ILE D 242 -8.66 -36.16 -8.64
CA ILE D 242 -7.78 -34.99 -8.68
C ILE D 242 -6.33 -35.48 -8.59
N HIS D 243 -5.51 -35.14 -9.60
CA HIS D 243 -4.08 -35.43 -9.57
C HIS D 243 -3.31 -34.19 -9.15
N PHE D 244 -2.44 -34.34 -8.16
CA PHE D 244 -1.66 -33.23 -7.59
C PHE D 244 -0.21 -33.24 -8.08
N GLU D 245 0.45 -32.10 -7.92
CA GLU D 245 1.85 -31.90 -8.36
C GLU D 245 2.83 -32.86 -7.69
N ASP D 246 2.57 -33.21 -6.42
CA ASP D 246 3.43 -34.12 -5.66
C ASP D 246 3.31 -35.61 -6.02
N GLY D 247 2.45 -35.94 -7.00
CA GLY D 247 2.29 -37.32 -7.47
C GLY D 247 1.10 -38.06 -6.87
N THR D 248 0.52 -37.54 -5.79
CA THR D 248 -0.66 -38.15 -5.16
C THR D 248 -1.91 -37.89 -5.97
N SER D 249 -2.99 -38.57 -5.58
CA SER D 249 -4.32 -38.28 -6.12
C SER D 249 -5.41 -38.55 -5.08
N HIS D 250 -6.62 -38.09 -5.39
CA HIS D 250 -7.77 -38.22 -4.50
C HIS D 250 -9.07 -38.19 -5.31
N THR D 251 -10.05 -39.00 -4.89
CA THR D 251 -11.31 -39.19 -5.60
C THR D 251 -12.51 -38.82 -4.71
N ALA D 252 -13.51 -38.19 -5.33
CA ALA D 252 -14.75 -37.82 -4.64
C ALA D 252 -15.88 -37.61 -5.64
N SER D 253 -17.11 -37.57 -5.14
CA SER D 253 -18.30 -37.39 -5.99
C SER D 253 -18.30 -36.03 -6.69
N GLN D 254 -17.98 -34.99 -5.93
CA GLN D 254 -17.92 -33.62 -6.41
C GLN D 254 -16.57 -32.99 -6.09
N VAL D 255 -16.15 -32.05 -6.94
CA VAL D 255 -14.98 -31.21 -6.67
C VAL D 255 -15.44 -29.76 -6.75
N ILE D 256 -15.13 -28.97 -5.73
CA ILE D 256 -15.55 -27.57 -5.65
C ILE D 256 -14.32 -26.67 -5.65
N TRP D 257 -14.16 -25.92 -6.73
CA TRP D 257 -13.17 -24.85 -6.79
C TRP D 257 -13.62 -23.70 -5.89
N ALA D 258 -12.75 -23.29 -4.97
CA ALA D 258 -12.96 -22.09 -4.15
C ALA D 258 -11.64 -21.32 -4.06
N THR D 259 -11.04 -21.08 -5.23
CA THR D 259 -9.73 -20.45 -5.35
C THR D 259 -9.79 -18.94 -5.12
N GLY D 260 -10.89 -18.34 -5.54
CA GLY D 260 -11.11 -16.90 -5.37
C GLY D 260 -12.31 -16.46 -6.18
N ARG D 261 -12.53 -15.15 -6.23
CA ARG D 261 -13.59 -14.55 -7.03
C ARG D 261 -13.02 -13.40 -7.89
N ARG D 262 -13.48 -13.32 -9.12
CA ARG D 262 -12.97 -12.35 -10.10
C ARG D 262 -14.09 -11.46 -10.62
N PRO D 263 -13.76 -10.20 -10.97
CA PRO D 263 -14.79 -9.22 -11.32
C PRO D 263 -15.44 -9.47 -12.68
N ASN D 264 -16.73 -9.14 -12.79
CA ASN D 264 -17.48 -9.25 -14.05
C ASN D 264 -17.22 -8.03 -14.93
N VAL D 265 -16.28 -8.17 -15.86
CA VAL D 265 -15.90 -7.07 -16.78
C VAL D 265 -16.07 -7.35 -18.29
N LYS D 266 -16.34 -8.60 -18.67
CA LYS D 266 -16.65 -8.95 -20.06
C LYS D 266 -18.16 -8.82 -20.32
N GLY D 267 -18.52 -8.62 -21.58
CA GLY D 267 -19.92 -8.51 -22.00
C GLY D 267 -20.61 -7.18 -21.68
N LEU D 268 -19.83 -6.16 -21.33
CA LEU D 268 -20.35 -4.84 -20.97
C LEU D 268 -20.16 -3.76 -22.04
N GLN D 269 -19.25 -3.99 -23.00
CA GLN D 269 -18.82 -3.00 -23.99
C GLN D 269 -18.21 -1.76 -23.32
N LEU D 270 -17.22 -1.98 -22.45
CA LEU D 270 -16.54 -0.88 -21.74
C LEU D 270 -15.72 0.01 -22.69
N GLU D 271 -15.33 -0.52 -23.86
CA GLU D 271 -14.64 0.26 -24.89
C GLU D 271 -15.54 1.33 -25.51
N LYS D 272 -16.82 0.99 -25.71
CA LYS D 272 -17.81 1.93 -26.24
C LYS D 272 -18.11 3.09 -25.27
N ALA D 273 -18.06 2.81 -23.97
CA ALA D 273 -18.19 3.85 -22.93
C ALA D 273 -16.91 4.67 -22.72
N GLY D 274 -15.75 4.03 -22.93
CA GLY D 274 -14.44 4.63 -22.63
C GLY D 274 -13.92 4.31 -21.24
N VAL D 275 -14.51 3.30 -20.58
CA VAL D 275 -14.14 2.89 -19.23
C VAL D 275 -12.97 1.90 -19.32
N THR D 276 -11.93 2.13 -18.53
CA THR D 276 -10.70 1.33 -18.55
C THR D 276 -10.61 0.37 -17.36
N LEU D 277 -9.73 -0.62 -17.50
CA LEU D 277 -9.36 -1.55 -16.43
C LEU D 277 -7.95 -1.23 -15.93
N ASN D 278 -7.70 -1.48 -14.66
CA ASN D 278 -6.35 -1.40 -14.08
C ASN D 278 -5.55 -2.69 -14.32
N GLU D 279 -4.28 -2.71 -13.91
CA GLU D 279 -3.41 -3.87 -14.12
C GLU D 279 -3.93 -5.15 -13.45
N ARG D 280 -4.62 -4.99 -12.32
CA ARG D 280 -5.17 -6.13 -11.56
C ARG D 280 -6.44 -6.74 -12.18
N GLY D 281 -7.03 -6.08 -13.17
CA GLY D 281 -8.22 -6.58 -13.88
C GLY D 281 -9.55 -5.94 -13.47
N PHE D 282 -9.54 -5.15 -12.40
CA PHE D 282 -10.75 -4.47 -11.93
C PHE D 282 -10.97 -3.19 -12.71
N ILE D 283 -12.19 -2.64 -12.63
CA ILE D 283 -12.52 -1.36 -13.27
C ILE D 283 -11.78 -0.25 -12.53
N GLN D 284 -11.01 0.54 -13.26
CA GLN D 284 -10.20 1.62 -12.70
C GLN D 284 -11.10 2.74 -12.19
N VAL D 285 -10.97 3.08 -10.91
CA VAL D 285 -11.71 4.20 -10.31
C VAL D 285 -10.83 4.99 -9.34
N ASP D 286 -11.24 6.23 -9.09
CA ASP D 286 -10.63 7.06 -8.06
C ASP D 286 -11.29 6.81 -6.69
N GLU D 287 -10.87 7.54 -5.67
CA GLU D 287 -11.42 7.43 -4.31
C GLU D 287 -12.93 7.71 -4.18
N TYR D 288 -13.49 8.49 -5.10
CA TYR D 288 -14.93 8.81 -5.14
C TYR D 288 -15.77 7.85 -6.01
N GLN D 289 -15.19 6.74 -6.46
CA GLN D 289 -15.84 5.78 -7.39
C GLN D 289 -16.06 6.29 -8.82
N ASN D 290 -15.41 7.41 -9.21
CA ASN D 290 -15.47 7.88 -10.60
C ASN D 290 -14.55 7.03 -11.47
N THR D 291 -15.03 6.65 -12.65
CA THR D 291 -14.16 6.06 -13.68
C THR D 291 -13.40 7.20 -14.37
N VAL D 292 -12.59 6.87 -15.37
CA VAL D 292 -11.92 7.91 -16.18
C VAL D 292 -12.89 8.74 -17.03
N VAL D 293 -14.08 8.20 -17.31
CA VAL D 293 -15.14 8.91 -18.03
C VAL D 293 -16.04 9.67 -17.04
N GLU D 294 -16.40 10.89 -17.40
CA GLU D 294 -17.24 11.75 -16.56
C GLU D 294 -18.68 11.23 -16.59
N GLY D 295 -19.25 11.03 -15.40
CA GLY D 295 -20.63 10.53 -15.26
C GLY D 295 -20.80 9.02 -15.36
N ILE D 296 -19.69 8.27 -15.37
CA ILE D 296 -19.74 6.82 -15.22
C ILE D 296 -18.95 6.46 -13.96
N TYR D 297 -19.57 5.63 -13.12
CA TYR D 297 -19.03 5.28 -11.81
C TYR D 297 -19.00 3.75 -11.69
N ALA D 298 -18.23 3.24 -10.74
CA ALA D 298 -18.18 1.80 -10.47
C ALA D 298 -17.87 1.53 -9.00
N LEU D 299 -18.54 0.53 -8.45
CA LEU D 299 -18.37 0.14 -7.04
C LEU D 299 -18.78 -1.31 -6.79
N GLY D 300 -18.45 -1.80 -5.60
CA GLY D 300 -18.69 -3.20 -5.24
C GLY D 300 -17.52 -4.07 -5.65
N ASP D 301 -17.80 -5.34 -5.92
CA ASP D 301 -16.76 -6.31 -6.25
C ASP D 301 -16.03 -6.03 -7.58
N VAL D 302 -16.70 -5.36 -8.52
CA VAL D 302 -16.11 -5.07 -9.84
C VAL D 302 -14.91 -4.11 -9.77
N THR D 303 -14.86 -3.28 -8.71
CA THR D 303 -13.71 -2.41 -8.44
C THR D 303 -12.70 -3.03 -7.45
N GLY D 304 -13.19 -3.90 -6.57
CA GLY D 304 -12.32 -4.76 -5.75
C GLY D 304 -11.57 -4.16 -4.59
N GLU D 305 -12.09 -3.06 -4.02
CA GLU D 305 -11.46 -2.43 -2.85
C GLU D 305 -11.51 -3.36 -1.64
N LYS D 306 -12.70 -3.88 -1.36
CA LYS D 306 -12.89 -4.91 -0.34
C LYS D 306 -14.19 -5.66 -0.63
N GLU D 307 -14.05 -6.90 -1.09
CA GLU D 307 -15.17 -7.66 -1.66
C GLU D 307 -16.12 -8.19 -0.59
N LEU D 308 -16.99 -7.30 -0.10
CA LEU D 308 -18.02 -7.64 0.89
C LEU D 308 -19.32 -6.88 0.59
N THR D 309 -20.43 -7.42 1.09
CA THR D 309 -21.77 -6.84 0.90
C THR D 309 -21.91 -5.43 1.49
N PRO D 310 -21.63 -5.24 2.80
CA PRO D 310 -21.79 -3.89 3.38
C PRO D 310 -20.79 -2.83 2.88
N VAL D 311 -19.67 -3.26 2.30
CA VAL D 311 -18.76 -2.36 1.59
C VAL D 311 -19.44 -1.80 0.33
N ALA D 312 -20.00 -2.69 -0.47
CA ALA D 312 -20.77 -2.30 -1.66
C ALA D 312 -21.97 -1.40 -1.33
N ILE D 313 -22.66 -1.71 -0.22
CA ILE D 313 -23.82 -0.94 0.21
C ILE D 313 -23.43 0.49 0.66
N LYS D 314 -22.41 0.60 1.51
CA LYS D 314 -21.97 1.90 2.03
C LYS D 314 -21.39 2.79 0.92
N ALA D 315 -20.55 2.19 0.06
CA ALA D 315 -19.98 2.90 -1.10
C ALA D 315 -21.07 3.43 -2.03
N GLY D 316 -22.10 2.64 -2.25
CA GLY D 316 -23.25 3.03 -3.04
C GLY D 316 -24.04 4.18 -2.44
N ARG D 317 -24.36 4.08 -1.15
CA ARG D 317 -25.10 5.14 -0.45
C ARG D 317 -24.31 6.44 -0.39
N THR D 318 -23.01 6.34 -0.14
CA THR D 318 -22.12 7.50 -0.12
C THR D 318 -21.99 8.17 -1.50
N LEU D 319 -22.03 7.37 -2.57
CA LEU D 319 -22.05 7.91 -3.93
C LEU D 319 -23.30 8.76 -4.15
N SER D 320 -24.46 8.21 -3.82
CA SER D 320 -25.74 8.93 -3.96
C SER D 320 -25.82 10.18 -3.07
N GLU D 321 -25.18 10.15 -1.91
CA GLU D 321 -25.05 11.34 -1.06
C GLU D 321 -24.29 12.45 -1.79
N ARG D 322 -23.18 12.09 -2.42
CA ARG D 322 -22.36 13.06 -3.17
C ARG D 322 -23.10 13.65 -4.36
N LEU D 323 -23.72 12.79 -5.17
CA LEU D 323 -24.35 13.22 -6.42
C LEU D 323 -25.67 13.97 -6.23
N PHE D 324 -26.49 13.54 -5.25
CA PHE D 324 -27.87 14.04 -5.11
C PHE D 324 -28.22 14.67 -3.75
N ASN D 325 -27.23 14.88 -2.88
CA ASN D 325 -27.45 15.58 -1.59
C ASN D 325 -26.31 16.54 -1.22
N GLY D 326 -25.64 17.08 -2.24
CA GLY D 326 -24.64 18.15 -2.08
C GLY D 326 -23.44 17.89 -1.19
N LYS D 327 -23.05 16.63 -1.01
CA LYS D 327 -21.92 16.27 -0.16
C LYS D 327 -20.70 15.99 -1.03
N THR D 328 -20.16 17.08 -1.60
CA THR D 328 -19.13 17.04 -2.64
C THR D 328 -17.83 16.27 -2.28
N THR D 329 -17.47 16.27 -1.00
CA THR D 329 -16.24 15.61 -0.52
C THR D 329 -16.48 14.18 0.01
N ALA D 330 -17.73 13.73 0.03
CA ALA D 330 -18.09 12.44 0.65
C ALA D 330 -17.52 11.23 -0.12
N LYS D 331 -16.85 10.34 0.61
CA LYS D 331 -16.24 9.14 0.03
C LYS D 331 -16.18 7.99 1.03
N MET D 332 -16.08 6.77 0.49
CA MET D 332 -16.02 5.54 1.29
C MET D 332 -14.66 5.40 1.96
N ASP D 333 -14.68 5.13 3.27
CA ASP D 333 -13.46 4.83 4.03
C ASP D 333 -13.25 3.32 4.00
N TYR D 334 -12.24 2.89 3.26
CA TYR D 334 -11.95 1.45 3.08
C TYR D 334 -11.03 0.84 4.14
N SER D 335 -10.50 1.66 5.05
CA SER D 335 -9.59 1.18 6.11
C SER D 335 -10.36 0.67 7.33
N THR D 336 -9.76 -0.28 8.05
CA THR D 336 -10.28 -0.78 9.33
C THR D 336 -11.70 -1.37 9.22
N ILE D 337 -11.93 -2.16 8.17
CA ILE D 337 -13.22 -2.83 7.97
C ILE D 337 -13.20 -4.17 8.72
N PRO D 338 -14.17 -4.39 9.64
CA PRO D 338 -14.23 -5.67 10.33
C PRO D 338 -14.78 -6.79 9.44
N THR D 339 -14.37 -8.03 9.74
CA THR D 339 -14.75 -9.21 8.96
C THR D 339 -15.04 -10.37 9.90
N VAL D 340 -16.05 -11.17 9.56
CA VAL D 340 -16.32 -12.46 10.21
C VAL D 340 -16.31 -13.58 9.17
N VAL D 341 -15.55 -14.63 9.44
CA VAL D 341 -15.57 -15.87 8.65
C VAL D 341 -16.35 -16.91 9.46
N PHE D 342 -17.43 -17.43 8.87
CA PHE D 342 -18.29 -18.42 9.54
C PHE D 342 -17.77 -19.85 9.42
N SER D 343 -16.60 -20.05 10.04
CA SER D 343 -15.93 -21.33 10.12
C SER D 343 -16.47 -22.08 11.34
N HIS D 344 -15.89 -23.24 11.62
CA HIS D 344 -16.19 -24.01 12.83
C HIS D 344 -14.96 -24.02 13.75
N PRO D 345 -14.91 -23.18 14.80
CA PRO D 345 -15.89 -22.13 15.11
C PRO D 345 -15.60 -20.82 14.36
N ALA D 346 -16.46 -19.83 14.56
CA ALA D 346 -16.40 -18.56 13.84
C ALA D 346 -15.13 -17.76 14.15
N ILE D 347 -14.62 -17.08 13.13
CA ILE D 347 -13.44 -16.21 13.23
C ILE D 347 -13.90 -14.77 13.09
N GLY D 348 -13.36 -13.89 13.94
CA GLY D 348 -13.63 -12.46 13.90
C GLY D 348 -12.33 -11.69 13.81
N THR D 349 -12.33 -10.61 13.05
CA THR D 349 -11.11 -9.82 12.85
C THR D 349 -11.40 -8.39 12.43
N VAL D 350 -10.57 -7.46 12.92
CA VAL D 350 -10.57 -6.06 12.48
C VAL D 350 -9.19 -5.47 12.73
N GLY D 351 -8.73 -4.64 11.78
CA GLY D 351 -7.41 -4.02 11.88
C GLY D 351 -6.30 -4.97 11.46
N LEU D 352 -5.11 -4.73 11.98
CA LEU D 352 -3.89 -5.37 11.49
C LEU D 352 -3.57 -6.67 12.20
N THR D 353 -2.97 -7.61 11.47
CA THR D 353 -2.33 -8.79 12.06
C THR D 353 -1.03 -8.37 12.75
N GLU D 354 -0.38 -9.31 13.43
CA GLU D 354 0.90 -9.01 14.09
C GLU D 354 2.00 -8.72 13.06
N GLU D 355 2.01 -9.49 11.97
CA GLU D 355 2.91 -9.26 10.82
C GLU D 355 2.73 -7.87 10.22
N GLN D 356 1.49 -7.50 9.95
CA GLN D 356 1.15 -6.18 9.40
C GLN D 356 1.50 -5.04 10.36
N ALA D 357 1.28 -5.26 11.66
CA ALA D 357 1.61 -4.28 12.70
C ALA D 357 3.11 -4.05 12.78
N ILE D 358 3.90 -5.13 12.75
CA ILE D 358 5.36 -5.04 12.79
C ILE D 358 5.94 -4.31 11.57
N LYS D 359 5.39 -4.58 10.38
CA LYS D 359 5.79 -3.88 9.15
C LYS D 359 5.47 -2.39 9.23
N GLU D 360 4.28 -2.06 9.73
CA GLU D 360 3.82 -0.67 9.82
C GLU D 360 4.60 0.15 10.86
N TYR D 361 4.64 -0.33 12.10
CA TYR D 361 5.17 0.43 13.24
C TYR D 361 6.58 0.06 13.72
N GLY D 362 7.09 -1.10 13.28
CA GLY D 362 8.39 -1.61 13.73
C GLY D 362 8.22 -2.52 14.93
N GLN D 363 9.11 -3.51 15.02
CA GLN D 363 9.00 -4.61 16.01
C GLN D 363 8.85 -4.13 17.45
N ASP D 364 9.69 -3.17 17.86
CA ASP D 364 9.75 -2.71 19.25
C ASP D 364 8.68 -1.68 19.64
N GLN D 365 7.86 -1.23 18.69
CA GLN D 365 6.73 -0.33 18.99
C GLN D 365 5.40 -1.08 19.17
N ILE D 366 5.41 -2.41 18.99
CA ILE D 366 4.23 -3.25 19.07
C ILE D 366 4.22 -4.02 20.41
N LYS D 367 3.02 -4.19 20.97
CA LYS D 367 2.79 -5.11 22.08
C LYS D 367 1.61 -6.03 21.74
N VAL D 368 1.72 -7.30 22.11
CA VAL D 368 0.73 -8.32 21.78
C VAL D 368 0.17 -8.95 23.05
N TYR D 369 -1.15 -9.03 23.14
CA TYR D 369 -1.84 -9.69 24.24
C TYR D 369 -2.62 -10.86 23.66
N LYS D 370 -2.39 -12.06 24.21
CA LYS D 370 -3.06 -13.28 23.76
C LYS D 370 -3.79 -13.96 24.91
N SER D 371 -4.80 -14.76 24.56
CA SER D 371 -5.56 -15.53 25.54
C SER D 371 -6.16 -16.78 24.90
N SER D 372 -5.70 -17.94 25.37
CA SER D 372 -6.27 -19.23 24.98
C SER D 372 -7.12 -19.74 26.14
N PHE D 373 -8.39 -20.05 25.87
CA PHE D 373 -9.32 -20.51 26.91
C PHE D 373 -10.45 -21.35 26.31
N ALA D 374 -11.08 -22.15 27.16
CA ALA D 374 -12.26 -22.92 26.80
C ALA D 374 -13.52 -22.15 27.20
N SER D 375 -14.50 -22.12 26.31
CA SER D 375 -15.81 -21.51 26.59
C SER D 375 -16.54 -22.29 27.69
N MET D 376 -17.28 -21.58 28.53
CA MET D 376 -18.10 -22.22 29.58
C MET D 376 -19.11 -23.20 28.99
N TYR D 377 -19.62 -22.87 27.80
CA TYR D 377 -20.55 -23.71 27.04
C TYR D 377 -19.99 -25.13 26.81
N SER D 378 -18.76 -25.20 26.31
CA SER D 378 -18.11 -26.48 25.97
C SER D 378 -17.27 -27.10 27.10
N ALA D 379 -16.85 -26.30 28.08
CA ALA D 379 -16.02 -26.79 29.20
C ALA D 379 -16.77 -27.68 30.20
N CYS D 380 -18.10 -27.60 30.22
CA CYS D 380 -18.94 -28.51 31.02
C CYS D 380 -19.04 -29.93 30.42
N THR D 381 -18.72 -30.06 29.13
CA THR D 381 -18.96 -31.28 28.38
C THR D 381 -17.68 -32.10 28.15
N ARG D 382 -17.83 -33.23 27.46
CA ARG D 382 -16.70 -34.03 26.97
C ARG D 382 -15.83 -33.26 25.97
N ASN D 383 -16.48 -32.55 25.05
CA ASN D 383 -15.81 -31.92 23.91
C ASN D 383 -15.48 -30.44 24.14
N ARG D 384 -14.58 -30.22 25.09
CA ARG D 384 -13.94 -28.94 25.36
C ARG D 384 -13.40 -28.34 24.05
N GLN D 385 -13.87 -27.14 23.70
CA GLN D 385 -13.50 -26.45 22.45
C GLN D 385 -12.71 -25.18 22.77
N GLU D 386 -11.65 -24.95 22.00
CA GLU D 386 -10.73 -23.83 22.26
C GLU D 386 -11.25 -22.52 21.67
N SER D 387 -11.03 -21.43 22.40
CA SER D 387 -11.20 -20.07 21.88
C SER D 387 -9.85 -19.35 22.00
N ARG D 388 -9.49 -18.61 20.95
CA ARG D 388 -8.24 -17.84 20.93
C ARG D 388 -8.51 -16.38 20.59
N PHE D 389 -8.13 -15.48 21.50
CA PHE D 389 -8.33 -14.04 21.37
C PHE D 389 -6.95 -13.37 21.28
N LYS D 390 -6.82 -12.33 20.46
CA LYS D 390 -5.56 -11.57 20.37
C LYS D 390 -5.81 -10.07 20.18
N LEU D 391 -5.12 -9.26 20.98
CA LEU D 391 -5.07 -7.80 20.80
C LEU D 391 -3.66 -7.38 20.40
N ILE D 392 -3.57 -6.39 19.53
CA ILE D 392 -2.30 -5.81 19.11
C ILE D 392 -2.36 -4.30 19.30
N THR D 393 -1.39 -3.77 20.04
CA THR D 393 -1.30 -2.33 20.31
C THR D 393 -0.03 -1.74 19.71
N ALA D 394 0.01 -0.42 19.56
CA ALA D 394 1.12 0.29 18.92
C ALA D 394 1.44 1.60 19.63
N GLY D 395 2.73 1.93 19.73
CA GLY D 395 3.18 3.19 20.32
C GLY D 395 3.19 3.18 21.84
N SER D 396 3.62 4.30 22.42
CA SER D 396 3.69 4.48 23.89
C SER D 396 2.32 4.46 24.55
N GLU D 397 1.34 5.08 23.89
CA GLU D 397 -0.05 5.11 24.36
C GLU D 397 -0.83 3.78 24.19
N GLU D 398 -0.24 2.79 23.52
CA GLU D 398 -0.86 1.47 23.26
C GLU D 398 -2.21 1.59 22.56
N LYS D 399 -2.21 2.30 21.43
CA LYS D 399 -3.36 2.40 20.56
C LYS D 399 -3.65 1.03 19.94
N VAL D 400 -4.89 0.55 20.08
CA VAL D 400 -5.28 -0.77 19.57
C VAL D 400 -5.39 -0.71 18.05
N VAL D 401 -4.48 -1.42 17.37
CA VAL D 401 -4.43 -1.46 15.91
C VAL D 401 -4.93 -2.77 15.30
N GLY D 402 -5.21 -3.77 16.15
CA GLY D 402 -5.66 -5.08 15.67
C GLY D 402 -6.34 -5.92 16.74
N LEU D 403 -7.52 -6.43 16.41
CA LEU D 403 -8.29 -7.33 17.28
C LEU D 403 -8.67 -8.56 16.48
N HIS D 404 -8.42 -9.75 17.04
CA HIS D 404 -8.67 -11.02 16.36
C HIS D 404 -9.20 -12.06 17.34
N GLY D 405 -10.14 -12.86 16.87
CA GLY D 405 -10.74 -13.91 17.69
C GLY D 405 -11.15 -15.12 16.89
N ILE D 406 -11.09 -16.28 17.53
CA ILE D 406 -11.75 -17.50 17.04
C ILE D 406 -12.41 -18.16 18.24
N GLY D 407 -13.66 -18.59 18.09
CA GLY D 407 -14.40 -19.23 19.18
C GLY D 407 -15.90 -19.02 19.10
N TYR D 408 -16.61 -19.70 20.01
CA TYR D 408 -18.05 -19.62 20.11
C TYR D 408 -18.49 -18.22 20.55
N GLY D 409 -19.34 -17.59 19.75
CA GLY D 409 -19.84 -16.24 20.01
C GLY D 409 -19.04 -15.10 19.39
N VAL D 410 -17.90 -15.42 18.77
CA VAL D 410 -17.03 -14.40 18.16
C VAL D 410 -17.72 -13.66 17.02
N ASP D 411 -18.59 -14.35 16.28
CA ASP D 411 -19.35 -13.74 15.18
C ASP D 411 -20.15 -12.49 15.56
N GLU D 412 -20.68 -12.43 16.78
CA GLU D 412 -21.49 -11.29 17.24
C GLU D 412 -20.74 -10.23 18.05
N MET D 413 -19.53 -10.53 18.51
CA MET D 413 -18.83 -9.61 19.42
C MET D 413 -17.91 -8.57 18.75
N ILE D 414 -17.63 -8.71 17.45
CA ILE D 414 -16.64 -7.88 16.77
C ILE D 414 -17.13 -6.45 16.52
N GLN D 415 -18.38 -6.31 16.06
CA GLN D 415 -18.92 -5.01 15.60
C GLN D 415 -18.68 -3.88 16.59
N GLY D 416 -18.94 -4.14 17.88
CA GLY D 416 -18.75 -3.15 18.94
C GLY D 416 -17.31 -2.69 19.07
N PHE D 417 -16.37 -3.64 19.02
CA PHE D 417 -14.94 -3.32 19.08
C PHE D 417 -14.44 -2.58 17.83
N ALA D 418 -15.05 -2.86 16.67
CA ALA D 418 -14.69 -2.18 15.42
C ALA D 418 -15.01 -0.68 15.46
N VAL D 419 -16.06 -0.31 16.19
CA VAL D 419 -16.40 1.10 16.40
C VAL D 419 -15.34 1.80 17.26
N ALA D 420 -14.96 1.15 18.37
CA ALA D 420 -13.96 1.71 19.30
C ALA D 420 -12.57 1.79 18.68
N ILE D 421 -12.15 0.73 17.99
CA ILE D 421 -10.85 0.69 17.31
C ILE D 421 -10.76 1.75 16.21
N LYS D 422 -11.85 1.97 15.48
CA LYS D 422 -11.91 3.01 14.45
C LYS D 422 -11.88 4.44 15.03
N MET D 423 -12.40 4.60 16.25
CA MET D 423 -12.23 5.86 17.01
C MET D 423 -10.81 6.09 17.55
N GLY D 424 -10.00 5.03 17.59
CA GLY D 424 -8.61 5.10 18.04
C GLY D 424 -8.46 4.68 19.49
N ALA D 425 -9.11 3.57 19.86
CA ALA D 425 -9.15 3.12 21.23
C ALA D 425 -7.77 2.66 21.70
N THR D 426 -7.42 3.03 22.93
CA THR D 426 -6.19 2.60 23.57
C THR D 426 -6.46 1.36 24.42
N LYS D 427 -5.38 0.70 24.85
CA LYS D 427 -5.48 -0.42 25.80
C LYS D 427 -6.13 0.05 27.12
N ALA D 428 -5.81 1.29 27.52
CA ALA D 428 -6.43 1.91 28.69
C ALA D 428 -7.96 2.02 28.57
N ASP D 429 -8.44 2.43 27.40
CA ASP D 429 -9.89 2.52 27.15
C ASP D 429 -10.59 1.17 27.29
N PHE D 430 -9.93 0.11 26.81
CA PHE D 430 -10.43 -1.26 26.98
C PHE D 430 -10.46 -1.64 28.46
N ASP D 431 -9.35 -1.42 29.16
CA ASP D 431 -9.19 -1.84 30.56
C ASP D 431 -10.07 -1.07 31.56
N ALA D 432 -10.44 0.17 31.23
CA ALA D 432 -11.38 0.95 32.04
C ALA D 432 -12.82 0.42 31.96
N THR D 433 -13.17 -0.19 30.82
CA THR D 433 -14.51 -0.73 30.60
C THR D 433 -14.71 -1.98 31.45
N VAL D 434 -15.78 -2.01 32.23
CA VAL D 434 -16.07 -3.13 33.13
C VAL D 434 -16.56 -4.33 32.33
N ALA D 435 -16.17 -5.52 32.78
CA ALA D 435 -16.50 -6.77 32.11
C ALA D 435 -17.97 -7.13 32.28
N ILE D 436 -18.48 -7.91 31.32
CA ILE D 436 -19.79 -8.51 31.38
C ILE D 436 -19.56 -9.99 31.68
N HIS D 437 -19.95 -10.41 32.89
CA HIS D 437 -19.69 -11.77 33.37
C HIS D 437 -21.02 -12.51 33.55
N PRO D 438 -21.14 -13.78 33.14
CA PRO D 438 -20.10 -14.55 32.45
C PRO D 438 -20.30 -14.56 30.93
N THR D 439 -19.28 -14.13 30.19
CA THR D 439 -19.25 -14.21 28.71
C THR D 439 -17.85 -14.57 28.21
N SER D 440 -17.74 -14.79 26.90
CA SER D 440 -16.45 -14.88 26.22
C SER D 440 -15.89 -13.49 25.93
N SER D 441 -16.76 -12.57 25.50
CA SER D 441 -16.37 -11.20 25.13
C SER D 441 -15.57 -10.41 26.18
N GLU D 442 -15.82 -10.67 27.46
CA GLU D 442 -15.09 -10.01 28.55
C GLU D 442 -13.58 -10.22 28.55
N GLU D 443 -13.12 -11.31 27.94
CA GLU D 443 -11.69 -11.60 27.79
C GLU D 443 -10.90 -10.47 27.13
N PHE D 444 -11.52 -9.76 26.18
CA PHE D 444 -10.87 -8.62 25.51
C PHE D 444 -10.58 -7.41 26.42
N VAL D 445 -11.31 -7.28 27.53
CA VAL D 445 -11.12 -6.16 28.48
C VAL D 445 -10.37 -6.53 29.78
N THR D 446 -9.97 -7.79 29.94
CA THR D 446 -9.23 -8.25 31.13
C THR D 446 -7.90 -8.95 30.77
N MET D 447 -7.21 -8.42 29.76
CA MET D 447 -5.93 -8.97 29.31
C MET D 447 -4.75 -8.23 29.95
N ARG D 448 -3.76 -9.00 30.42
CA ARG D 448 -2.56 -8.43 31.07
C ARG D 448 -1.29 -8.87 30.33
N ARG E 2 -1.48 -14.28 65.25
CA ARG E 2 -1.48 -14.12 63.76
C ARG E 2 -1.62 -12.65 63.39
N GLU E 3 -0.75 -12.17 62.50
CA GLU E 3 -0.66 -10.75 62.15
C GLU E 3 -0.33 -10.59 60.66
N TYR E 4 -1.25 -9.95 59.92
CA TYR E 4 -1.11 -9.76 58.47
C TYR E 4 -0.97 -8.28 58.12
N ASP E 5 -0.47 -8.02 56.90
CA ASP E 5 -0.49 -6.68 56.32
C ASP E 5 -1.92 -6.29 55.96
N ILE E 6 -2.68 -7.23 55.38
CA ILE E 6 -4.06 -7.00 54.99
C ILE E 6 -4.91 -8.28 55.11
N ILE E 7 -6.18 -8.11 55.47
CA ILE E 7 -7.15 -9.22 55.52
C ILE E 7 -8.47 -8.84 54.84
N ALA E 8 -9.20 -9.86 54.40
CA ALA E 8 -10.49 -9.68 53.74
C ALA E 8 -11.55 -10.50 54.48
N ILE E 9 -12.54 -9.81 55.05
CA ILE E 9 -13.69 -10.46 55.67
C ILE E 9 -14.64 -10.85 54.54
N GLY E 10 -14.63 -12.13 54.16
CA GLY E 10 -15.44 -12.65 53.06
C GLY E 10 -14.57 -13.11 51.90
N GLY E 11 -14.83 -14.33 51.42
CA GLY E 11 -14.01 -14.94 50.38
C GLY E 11 -14.75 -15.08 49.06
N GLY E 12 -15.41 -14.01 48.64
CA GLY E 12 -16.15 -13.98 47.37
C GLY E 12 -15.34 -13.33 46.26
N SER E 13 -16.04 -12.83 45.25
CA SER E 13 -15.43 -12.16 44.10
C SER E 13 -14.57 -10.96 44.51
N GLY E 14 -15.10 -10.14 45.41
CA GLY E 14 -14.40 -8.95 45.90
C GLY E 14 -13.18 -9.27 46.75
N GLY E 15 -13.37 -10.13 47.75
CA GLY E 15 -12.31 -10.53 48.66
C GLY E 15 -11.15 -11.25 48.01
N ILE E 16 -11.46 -12.24 47.17
CA ILE E 16 -10.43 -13.01 46.45
C ILE E 16 -9.59 -12.11 45.56
N ALA E 17 -10.23 -11.22 44.82
CA ALA E 17 -9.54 -10.29 43.92
C ALA E 17 -8.62 -9.32 44.67
N THR E 18 -9.12 -8.74 45.77
CA THR E 18 -8.36 -7.75 46.55
C THR E 18 -7.10 -8.36 47.19
N MET E 19 -7.23 -9.55 47.77
CA MET E 19 -6.11 -10.22 48.44
C MET E 19 -5.06 -10.78 47.46
N ASN E 20 -5.51 -11.34 46.33
CA ASN E 20 -4.57 -11.83 45.29
C ASN E 20 -3.73 -10.71 44.70
N ARG E 21 -4.37 -9.58 44.42
CA ARG E 21 -3.66 -8.40 43.91
C ARG E 21 -2.74 -7.79 44.97
N ALA E 22 -3.17 -7.84 46.24
CA ALA E 22 -2.33 -7.40 47.36
C ALA E 22 -1.08 -8.26 47.52
N GLY E 23 -1.26 -9.58 47.48
CA GLY E 23 -0.15 -10.55 47.52
C GLY E 23 0.80 -10.47 46.34
N GLU E 24 0.29 -10.04 45.19
CA GLU E 24 1.08 -9.81 43.99
C GLU E 24 2.13 -8.69 44.15
N HIS E 25 1.88 -7.75 45.07
CA HIS E 25 2.85 -6.71 45.42
C HIS E 25 3.52 -6.95 46.79
N GLY E 26 3.78 -8.22 47.12
CA GLY E 26 4.59 -8.58 48.28
C GLY E 26 3.97 -8.49 49.67
N ALA E 27 2.69 -8.12 49.75
CA ALA E 27 2.01 -7.94 51.04
C ALA E 27 1.49 -9.28 51.56
N GLN E 28 1.61 -9.49 52.87
CA GLN E 28 1.03 -10.69 53.51
C GLN E 28 -0.48 -10.54 53.60
N ALA E 29 -1.19 -11.22 52.70
CA ALA E 29 -2.65 -11.14 52.62
C ALA E 29 -3.31 -12.35 53.28
N ALA E 30 -4.60 -12.23 53.57
CA ALA E 30 -5.39 -13.35 54.09
C ALA E 30 -6.88 -13.20 53.74
N VAL E 31 -7.54 -14.32 53.44
CA VAL E 31 -8.98 -14.36 53.15
C VAL E 31 -9.66 -15.19 54.23
N ILE E 32 -10.73 -14.65 54.82
CA ILE E 32 -11.59 -15.37 55.76
C ILE E 32 -12.91 -15.67 55.06
N GLU E 33 -13.49 -16.84 55.32
CA GLU E 33 -14.70 -17.29 54.62
C GLU E 33 -15.52 -18.29 55.44
N GLU E 34 -16.81 -17.99 55.64
CA GLU E 34 -17.74 -18.90 56.32
C GLU E 34 -18.03 -20.16 55.52
N LYS E 35 -18.66 -19.99 54.36
CA LYS E 35 -19.25 -21.08 53.58
C LYS E 35 -18.21 -21.57 52.54
N LYS E 36 -18.65 -21.88 51.31
CA LYS E 36 -17.76 -22.25 50.23
C LYS E 36 -16.98 -21.05 49.72
N LEU E 37 -15.77 -21.30 49.24
CA LEU E 37 -14.91 -20.28 48.64
C LEU E 37 -15.42 -19.92 47.25
N GLY E 38 -15.22 -18.67 46.86
CA GLY E 38 -15.68 -18.16 45.56
C GLY E 38 -16.94 -17.30 45.62
N GLY E 39 -17.65 -17.33 46.75
CA GLY E 39 -18.79 -16.45 46.99
C GLY E 39 -20.04 -16.86 46.25
N THR E 40 -20.97 -15.90 46.14
CA THR E 40 -22.27 -16.11 45.50
C THR E 40 -22.13 -16.49 44.03
N CYS E 41 -21.30 -15.77 43.30
CA CYS E 41 -21.17 -15.93 41.84
C CYS E 41 -20.80 -17.36 41.43
N VAL E 42 -19.73 -17.88 42.02
CA VAL E 42 -19.21 -19.20 41.67
C VAL E 42 -20.14 -20.32 42.16
N ASN E 43 -20.63 -20.20 43.39
CA ASN E 43 -21.36 -21.29 44.05
C ASN E 43 -22.87 -21.31 43.79
N VAL E 44 -23.51 -20.15 43.84
CA VAL E 44 -24.98 -20.05 43.72
C VAL E 44 -25.44 -18.80 42.94
N GLY E 45 -24.69 -18.44 41.90
CA GLY E 45 -24.94 -17.19 41.15
C GLY E 45 -24.65 -17.32 39.67
N CYS E 46 -23.85 -16.39 39.15
CA CYS E 46 -23.49 -16.31 37.72
C CYS E 46 -23.22 -17.67 37.05
N VAL E 47 -22.33 -18.45 37.64
CA VAL E 47 -21.80 -19.66 37.00
C VAL E 47 -22.86 -20.78 36.86
N PRO E 48 -23.48 -21.22 37.98
CA PRO E 48 -24.54 -22.22 37.83
C PRO E 48 -25.76 -21.73 37.04
N LYS E 49 -26.11 -20.45 37.17
CA LYS E 49 -27.19 -19.84 36.38
C LYS E 49 -26.92 -19.91 34.88
N LYS E 50 -25.70 -19.56 34.48
CA LYS E 50 -25.31 -19.54 33.06
C LYS E 50 -25.23 -20.95 32.44
N ILE E 51 -24.77 -21.92 33.22
CA ILE E 51 -24.73 -23.33 32.77
C ILE E 51 -26.16 -23.85 32.55
N MET E 52 -27.07 -23.49 33.46
CA MET E 52 -28.48 -23.81 33.34
C MET E 52 -29.12 -23.13 32.12
N TRP E 53 -28.74 -21.87 31.88
CA TRP E 53 -29.19 -21.12 30.70
C TRP E 53 -28.78 -21.83 29.40
N TYR E 54 -27.52 -22.25 29.32
CA TYR E 54 -27.03 -23.00 28.15
C TYR E 54 -27.80 -24.29 27.91
N GLY E 55 -28.09 -25.02 28.99
CA GLY E 55 -28.93 -26.22 28.92
C GLY E 55 -30.33 -25.92 28.40
N ALA E 56 -30.90 -24.81 28.85
CA ALA E 56 -32.21 -24.35 28.39
C ALA E 56 -32.19 -23.90 26.93
N GLN E 57 -31.11 -23.23 26.51
CA GLN E 57 -30.95 -22.81 25.11
C GLN E 57 -30.86 -24.01 24.16
N ILE E 58 -30.24 -25.10 24.62
CA ILE E 58 -30.22 -26.35 23.86
C ILE E 58 -31.65 -26.93 23.76
N ALA E 59 -32.38 -26.93 24.86
CA ALA E 59 -33.78 -27.38 24.88
C ALA E 59 -34.65 -26.59 23.90
N GLU E 60 -34.47 -25.26 23.90
CA GLU E 60 -35.15 -24.37 22.97
C GLU E 60 -34.82 -24.72 21.51
N THR E 61 -33.54 -25.00 21.24
CA THR E 61 -33.07 -25.41 19.92
C THR E 61 -33.70 -26.73 19.48
N PHE E 62 -33.73 -27.71 20.38
CA PHE E 62 -34.42 -28.99 20.15
C PHE E 62 -35.90 -28.79 19.79
N HIS E 63 -36.62 -28.08 20.65
CA HIS E 63 -38.09 -27.99 20.56
C HIS E 63 -38.60 -27.02 19.50
N GLN E 64 -38.01 -25.83 19.41
CA GLN E 64 -38.52 -24.77 18.53
C GLN E 64 -37.91 -24.75 17.13
N PHE E 65 -36.58 -24.94 17.04
CA PHE E 65 -35.86 -24.76 15.77
C PHE E 65 -35.45 -26.05 15.05
N GLY E 66 -35.28 -27.14 15.79
CA GLY E 66 -34.77 -28.40 15.23
C GLY E 66 -35.46 -28.92 13.97
N GLU E 67 -36.79 -28.98 14.01
CA GLU E 67 -37.60 -29.59 12.94
C GLU E 67 -37.42 -28.89 11.59
N ASP E 68 -37.49 -27.56 11.59
CA ASP E 68 -37.41 -26.77 10.37
C ASP E 68 -36.01 -26.70 9.74
N TYR E 69 -34.97 -26.96 10.54
CA TYR E 69 -33.61 -27.14 10.01
C TYR E 69 -33.33 -28.59 9.57
N GLY E 70 -34.36 -29.44 9.55
CA GLY E 70 -34.26 -30.81 9.03
C GLY E 70 -33.83 -31.87 10.03
N PHE E 71 -33.95 -31.58 11.32
CA PHE E 71 -33.57 -32.53 12.39
C PHE E 71 -34.78 -33.03 13.15
N LYS E 72 -34.85 -34.34 13.39
CA LYS E 72 -35.87 -34.91 14.27
C LYS E 72 -35.35 -36.16 14.98
N THR E 73 -35.99 -36.49 16.10
CA THR E 73 -35.58 -37.60 16.97
C THR E 73 -36.71 -38.62 17.14
N THR E 74 -36.35 -39.80 17.64
CA THR E 74 -37.33 -40.79 18.09
C THR E 74 -37.72 -40.46 19.53
N ASP E 75 -36.81 -40.70 20.49
CA ASP E 75 -37.08 -40.45 21.91
C ASP E 75 -36.12 -39.39 22.45
N LEU E 76 -36.57 -38.13 22.43
CA LEU E 76 -35.85 -37.03 23.08
C LEU E 76 -36.11 -37.12 24.58
N ASN E 77 -35.04 -37.31 25.37
CA ASN E 77 -35.15 -37.53 26.81
C ASN E 77 -34.21 -36.59 27.59
N PHE E 78 -34.80 -35.65 28.33
CA PHE E 78 -34.04 -34.73 29.17
C PHE E 78 -33.91 -35.28 30.59
N ASP E 79 -32.69 -35.24 31.14
CA ASP E 79 -32.40 -35.68 32.50
C ASP E 79 -31.68 -34.56 33.26
N PHE E 80 -32.40 -33.95 34.21
CA PHE E 80 -31.86 -32.83 35.01
C PHE E 80 -30.68 -33.22 35.90
N ALA E 81 -30.70 -34.46 36.41
CA ALA E 81 -29.62 -34.95 37.27
C ALA E 81 -28.25 -34.97 36.55
N THR E 82 -28.26 -35.30 35.26
CA THR E 82 -27.05 -35.23 34.43
C THR E 82 -26.55 -33.79 34.30
N LEU E 83 -27.47 -32.86 34.03
CA LEU E 83 -27.12 -31.44 33.95
C LEU E 83 -26.58 -30.90 35.27
N ARG E 84 -27.22 -31.25 36.38
CA ARG E 84 -26.82 -30.78 37.70
C ARG E 84 -25.44 -31.28 38.10
N ARG E 85 -25.19 -32.57 37.87
CA ARG E 85 -23.89 -33.19 38.18
C ARG E 85 -22.74 -32.50 37.43
N ASN E 86 -22.92 -32.29 36.13
CA ASN E 86 -21.93 -31.59 35.31
C ASN E 86 -21.78 -30.10 35.67
N ARG E 87 -22.87 -29.46 36.07
CA ARG E 87 -22.86 -28.08 36.54
C ARG E 87 -21.96 -27.92 37.77
N GLU E 88 -22.17 -28.78 38.77
CA GLU E 88 -21.39 -28.75 40.02
C GLU E 88 -19.94 -29.22 39.85
N SER E 89 -19.69 -30.09 38.88
CA SER E 89 -18.32 -30.50 38.53
C SER E 89 -17.48 -29.33 38.02
N TYR E 90 -18.08 -28.50 37.17
CA TYR E 90 -17.44 -27.28 36.69
C TYR E 90 -17.14 -26.31 37.84
N ILE E 91 -18.08 -26.19 38.77
CA ILE E 91 -17.90 -25.31 39.93
C ILE E 91 -16.77 -25.82 40.84
N ASP E 92 -16.68 -27.13 41.02
CA ASP E 92 -15.60 -27.76 41.80
C ASP E 92 -14.21 -27.41 41.27
N ARG E 93 -14.04 -27.53 39.95
CA ARG E 93 -12.77 -27.20 39.28
C ARG E 93 -12.39 -25.72 39.42
N ALA E 94 -13.37 -24.84 39.26
CA ALA E 94 -13.16 -23.39 39.40
C ALA E 94 -12.80 -23.00 40.83
N ARG E 95 -13.44 -23.66 41.80
CA ARG E 95 -13.20 -23.44 43.22
C ARG E 95 -11.79 -23.94 43.62
N SER E 96 -11.37 -25.06 43.04
CA SER E 96 -10.01 -25.60 43.23
C SER E 96 -8.89 -24.66 42.77
N SER E 97 -9.15 -23.90 41.70
CA SER E 97 -8.16 -22.93 41.19
C SER E 97 -7.80 -21.79 42.15
N TYR E 98 -8.72 -21.45 43.06
CA TYR E 98 -8.47 -20.36 44.03
C TYR E 98 -7.43 -20.74 45.09
N ASP E 99 -7.45 -21.99 45.56
CA ASP E 99 -6.45 -22.48 46.53
C ASP E 99 -5.02 -22.37 46.00
N GLY E 100 -4.83 -22.69 44.72
CA GLY E 100 -3.54 -22.54 44.06
C GLY E 100 -3.12 -21.10 43.89
N SER E 101 -4.06 -20.24 43.46
CA SER E 101 -3.79 -18.81 43.26
C SER E 101 -3.41 -18.08 44.55
N PHE E 102 -3.96 -18.53 45.67
CA PHE E 102 -3.55 -18.03 46.99
C PHE E 102 -2.09 -18.39 47.31
N LYS E 103 -1.73 -19.64 47.04
CA LYS E 103 -0.38 -20.14 47.35
C LYS E 103 0.73 -19.47 46.53
N ARG E 104 0.45 -19.13 45.27
CA ARG E 104 1.41 -18.40 44.43
C ARG E 104 1.69 -17.00 44.97
N ASN E 105 0.61 -16.29 45.34
CA ASN E 105 0.69 -14.91 45.82
C ASN E 105 0.95 -14.74 47.32
N GLY E 106 1.02 -15.85 48.07
CA GLY E 106 1.31 -15.80 49.51
C GLY E 106 0.13 -15.30 50.30
N VAL E 107 -1.02 -15.97 50.13
CA VAL E 107 -2.27 -15.61 50.78
C VAL E 107 -2.75 -16.82 51.59
N ASP E 108 -3.15 -16.59 52.84
CA ASP E 108 -3.65 -17.66 53.72
C ASP E 108 -5.18 -17.67 53.75
N LEU E 109 -5.75 -18.87 53.73
CA LEU E 109 -7.20 -19.07 53.80
C LEU E 109 -7.60 -19.51 55.21
N ILE E 110 -8.26 -18.62 55.95
CA ILE E 110 -8.84 -18.92 57.25
C ILE E 110 -10.30 -19.34 57.02
N GLU E 111 -10.74 -20.40 57.70
CA GLU E 111 -12.08 -20.96 57.49
C GLU E 111 -12.97 -20.77 58.72
N GLY E 112 -13.79 -19.72 58.70
CA GLY E 112 -14.73 -19.45 59.79
C GLY E 112 -15.45 -18.12 59.67
N HIS E 113 -16.37 -17.88 60.60
CA HIS E 113 -17.14 -16.63 60.68
C HIS E 113 -16.34 -15.54 61.40
N ALA E 114 -15.90 -14.54 60.64
CA ALA E 114 -15.18 -13.39 61.19
C ALA E 114 -16.14 -12.42 61.88
N GLU E 115 -15.57 -11.58 62.74
CA GLU E 115 -16.34 -10.71 63.62
C GLU E 115 -15.38 -9.68 64.24
N PHE E 116 -15.75 -8.40 64.20
CA PHE E 116 -14.86 -7.34 64.70
C PHE E 116 -14.75 -7.30 66.23
N VAL E 117 -13.57 -6.85 66.69
CA VAL E 117 -13.28 -6.67 68.12
C VAL E 117 -12.89 -5.20 68.37
N ASP E 118 -11.89 -4.74 67.63
CA ASP E 118 -11.53 -3.32 67.56
C ASP E 118 -11.29 -2.95 66.09
N SER E 119 -10.85 -1.72 65.83
CA SER E 119 -10.66 -1.23 64.44
C SER E 119 -9.54 -1.90 63.64
N HIS E 120 -8.64 -2.66 64.29
CA HIS E 120 -7.56 -3.36 63.61
C HIS E 120 -7.48 -4.87 63.96
N THR E 121 -8.54 -5.43 64.54
CA THR E 121 -8.54 -6.84 64.98
C THR E 121 -9.90 -7.50 64.78
N VAL E 122 -9.88 -8.79 64.40
CA VAL E 122 -11.10 -9.60 64.22
C VAL E 122 -10.95 -10.94 64.94
N SER E 123 -12.08 -11.63 65.13
CA SER E 123 -12.13 -12.90 65.84
C SER E 123 -12.76 -14.00 64.97
N VAL E 124 -12.02 -15.09 64.75
CA VAL E 124 -12.49 -16.25 63.99
C VAL E 124 -12.28 -17.51 64.83
N ASN E 125 -13.40 -18.15 65.20
CA ASN E 125 -13.38 -19.39 66.01
C ASN E 125 -12.66 -19.24 67.35
N GLY E 126 -12.76 -18.05 67.96
CA GLY E 126 -12.06 -17.75 69.22
C GLY E 126 -10.71 -17.09 69.02
N GLU E 127 -9.92 -17.60 68.07
CA GLU E 127 -8.61 -17.05 67.74
C GLU E 127 -8.73 -15.61 67.21
N LEU E 128 -7.78 -14.76 67.60
CA LEU E 128 -7.74 -13.35 67.17
C LEU E 128 -6.81 -13.18 65.97
N ILE E 129 -7.20 -12.30 65.05
CA ILE E 129 -6.38 -11.95 63.87
C ILE E 129 -6.26 -10.44 63.75
N ARG E 130 -5.09 -9.92 64.11
CA ARG E 130 -4.79 -8.49 63.96
C ARG E 130 -4.30 -8.22 62.53
N ALA E 131 -4.53 -6.99 62.06
CA ALA E 131 -4.06 -6.54 60.75
C ALA E 131 -4.11 -5.02 60.62
N LYS E 132 -3.22 -4.46 59.80
CA LYS E 132 -3.18 -3.01 59.58
C LYS E 132 -4.28 -2.54 58.63
N HIS E 133 -4.60 -3.36 57.63
CA HIS E 133 -5.66 -3.08 56.64
C HIS E 133 -6.71 -4.20 56.67
N ILE E 134 -7.99 -3.82 56.74
CA ILE E 134 -9.11 -4.78 56.79
C ILE E 134 -10.15 -4.41 55.73
N VAL E 135 -10.45 -5.35 54.83
CA VAL E 135 -11.45 -5.16 53.77
C VAL E 135 -12.70 -5.96 54.10
N ILE E 136 -13.85 -5.29 54.07
CA ILE E 136 -15.15 -5.93 54.28
C ILE E 136 -15.77 -6.21 52.91
N ALA E 137 -15.81 -7.49 52.53
CA ALA E 137 -16.43 -7.93 51.28
C ALA E 137 -17.39 -9.07 51.61
N THR E 138 -18.37 -8.76 52.44
CA THR E 138 -19.30 -9.75 52.99
C THR E 138 -20.45 -10.12 52.04
N GLY E 139 -20.58 -9.41 50.92
CA GLY E 139 -21.56 -9.76 49.91
C GLY E 139 -22.99 -9.41 50.28
N ALA E 140 -23.93 -10.22 49.79
CA ALA E 140 -25.35 -9.96 49.95
C ALA E 140 -26.13 -11.25 50.20
N HIS E 141 -27.43 -11.10 50.49
CA HIS E 141 -28.35 -12.23 50.69
C HIS E 141 -29.70 -11.92 50.05
N PRO E 142 -30.53 -12.95 49.76
CA PRO E 142 -31.88 -12.69 49.25
C PRO E 142 -32.78 -11.95 50.23
N SER E 143 -33.57 -11.01 49.74
CA SER E 143 -34.52 -10.26 50.57
C SER E 143 -35.83 -11.05 50.67
N ILE E 144 -36.25 -11.34 51.90
CA ILE E 144 -37.55 -11.99 52.14
C ILE E 144 -38.50 -10.94 52.71
N PRO E 145 -39.67 -10.73 52.04
CA PRO E 145 -40.65 -9.79 52.59
C PRO E 145 -41.19 -10.20 53.96
N ASN E 146 -41.51 -9.21 54.77
CA ASN E 146 -42.09 -9.43 56.08
C ASN E 146 -43.61 -9.54 55.98
N ILE E 147 -44.08 -10.74 55.63
CA ILE E 147 -45.50 -11.08 55.61
C ILE E 147 -45.74 -12.43 56.27
N PRO E 148 -46.98 -12.72 56.71
CA PRO E 148 -47.28 -14.04 57.29
C PRO E 148 -46.98 -15.21 56.33
N GLY E 149 -46.18 -16.16 56.82
CA GLY E 149 -45.83 -17.35 56.04
C GLY E 149 -44.77 -17.16 54.97
N ALA E 150 -44.01 -16.07 55.05
CA ALA E 150 -42.95 -15.78 54.07
C ALA E 150 -41.83 -16.85 54.05
N GLU E 151 -41.54 -17.42 55.21
CA GLU E 151 -40.57 -18.51 55.34
C GLU E 151 -40.91 -19.77 54.52
N LEU E 152 -42.19 -19.98 54.21
CA LEU E 152 -42.62 -21.10 53.36
C LEU E 152 -42.08 -21.02 51.92
N GLY E 153 -41.83 -19.80 51.45
CA GLY E 153 -41.17 -19.57 50.17
C GLY E 153 -39.66 -19.64 50.30
N GLY E 154 -39.00 -20.02 49.20
CA GLY E 154 -37.54 -20.09 49.13
C GLY E 154 -36.92 -18.92 48.37
N SER E 155 -35.68 -19.10 47.95
CA SER E 155 -34.94 -18.10 47.17
C SER E 155 -34.14 -18.78 46.06
N SER E 156 -33.33 -18.01 45.34
CA SER E 156 -32.43 -18.56 44.31
C SER E 156 -31.49 -19.65 44.87
N ASP E 157 -31.04 -19.49 46.11
CA ASP E 157 -30.27 -20.53 46.82
C ASP E 157 -30.96 -21.90 46.77
N ASP E 158 -32.25 -21.91 47.09
CA ASP E 158 -33.04 -23.15 47.10
C ASP E 158 -33.21 -23.75 45.69
N VAL E 159 -33.25 -22.90 44.67
CA VAL E 159 -33.39 -23.37 43.28
C VAL E 159 -32.16 -24.18 42.86
N PHE E 160 -30.98 -23.67 43.18
CA PHE E 160 -29.72 -24.38 42.86
C PHE E 160 -29.49 -25.61 43.74
N ALA E 161 -30.09 -25.62 44.94
CA ALA E 161 -30.05 -26.79 45.82
C ALA E 161 -30.85 -27.98 45.29
N TRP E 162 -31.93 -27.72 44.56
CA TRP E 162 -32.80 -28.79 44.00
C TRP E 162 -32.01 -29.87 43.25
N GLU E 163 -32.13 -31.11 43.72
CA GLU E 163 -31.59 -32.27 43.02
C GLU E 163 -32.50 -32.69 41.87
N GLU E 164 -33.79 -32.37 41.99
CA GLU E 164 -34.79 -32.73 41.00
C GLU E 164 -35.75 -31.54 40.85
N LEU E 165 -36.14 -31.23 39.61
CA LEU E 165 -37.01 -30.09 39.34
C LEU E 165 -38.44 -30.35 39.85
N PRO E 166 -39.08 -29.31 40.43
CA PRO E 166 -40.46 -29.48 40.89
C PRO E 166 -41.48 -29.53 39.75
N GLU E 167 -42.69 -29.98 40.07
CA GLU E 167 -43.80 -30.04 39.12
C GLU E 167 -44.23 -28.62 38.69
N SER E 168 -44.27 -27.70 39.65
CA SER E 168 -44.68 -26.31 39.39
C SER E 168 -43.97 -25.33 40.31
N VAL E 169 -43.79 -24.10 39.85
CA VAL E 169 -43.15 -23.03 40.64
C VAL E 169 -43.82 -21.68 40.38
N ALA E 170 -43.89 -20.86 41.44
CA ALA E 170 -44.33 -19.48 41.35
C ALA E 170 -43.17 -18.61 41.79
N ILE E 171 -42.80 -17.63 40.95
CA ILE E 171 -41.70 -16.72 41.24
C ILE E 171 -42.29 -15.35 41.57
N LEU E 172 -42.03 -14.88 42.79
CA LEU E 172 -42.50 -13.57 43.25
C LEU E 172 -41.37 -12.56 43.16
N GLY E 173 -41.39 -11.75 42.10
CA GLY E 173 -40.31 -10.81 41.81
C GLY E 173 -40.33 -10.23 40.40
N ALA E 174 -39.61 -9.12 40.21
CA ALA E 174 -39.58 -8.39 38.94
C ALA E 174 -38.19 -8.06 38.41
N GLY E 175 -37.12 -8.48 39.09
CA GLY E 175 -35.74 -8.13 38.70
C GLY E 175 -35.10 -9.16 37.79
N TYR E 176 -33.79 -9.03 37.59
CA TYR E 176 -33.05 -9.86 36.65
C TYR E 176 -33.01 -11.34 37.06
N ILE E 177 -32.97 -11.60 38.38
CA ILE E 177 -32.95 -12.98 38.89
C ILE E 177 -34.32 -13.65 38.70
N ALA E 178 -35.41 -12.93 38.97
CA ALA E 178 -36.77 -13.45 38.75
C ALA E 178 -37.02 -13.81 37.29
N VAL E 179 -36.58 -12.94 36.38
CA VAL E 179 -36.75 -13.15 34.94
C VAL E 179 -35.87 -14.27 34.39
N GLU E 180 -34.64 -14.37 34.89
CA GLU E 180 -33.72 -15.44 34.49
C GLU E 180 -34.21 -16.82 34.91
N LEU E 181 -34.59 -16.97 36.18
CA LEU E 181 -35.07 -18.24 36.71
C LEU E 181 -36.38 -18.68 36.06
N ALA E 182 -37.30 -17.72 35.88
CA ALA E 182 -38.58 -17.98 35.19
C ALA E 182 -38.39 -18.51 33.77
N GLY E 183 -37.44 -17.94 33.04
CA GLY E 183 -37.11 -18.37 31.68
C GLY E 183 -36.49 -19.75 31.59
N VAL E 184 -35.59 -20.06 32.52
CA VAL E 184 -34.87 -21.34 32.53
C VAL E 184 -35.79 -22.50 32.91
N LEU E 185 -36.53 -22.33 33.99
CA LEU E 185 -37.42 -23.39 34.50
C LEU E 185 -38.58 -23.68 33.55
N HIS E 186 -39.15 -22.62 32.96
CA HIS E 186 -40.19 -22.75 31.94
C HIS E 186 -39.72 -23.63 30.78
N THR E 187 -38.53 -23.33 30.25
CA THR E 187 -37.95 -24.07 29.13
C THR E 187 -37.63 -25.53 29.48
N PHE E 188 -37.34 -25.81 30.75
CA PHE E 188 -37.20 -27.20 31.24
C PHE E 188 -38.54 -27.91 31.56
N GLY E 189 -39.67 -27.35 31.13
CA GLY E 189 -40.98 -27.99 31.30
C GLY E 189 -41.66 -27.82 32.65
N VAL E 190 -41.10 -26.99 33.53
CA VAL E 190 -41.71 -26.72 34.84
C VAL E 190 -42.88 -25.75 34.63
N LYS E 191 -44.03 -26.08 35.20
CA LYS E 191 -45.20 -25.20 35.16
C LYS E 191 -44.89 -23.92 35.95
N THR E 192 -44.42 -22.90 35.23
CA THR E 192 -43.84 -21.69 35.81
C THR E 192 -44.76 -20.49 35.64
N ASP E 193 -45.03 -19.79 36.74
CA ASP E 193 -45.78 -18.52 36.71
C ASP E 193 -44.93 -17.43 37.37
N LEU E 194 -44.91 -16.26 36.74
CA LEU E 194 -44.15 -15.10 37.22
C LEU E 194 -45.13 -14.02 37.66
N PHE E 195 -44.97 -13.55 38.91
CA PHE E 195 -45.86 -12.55 39.50
C PHE E 195 -45.08 -11.29 39.85
N VAL E 196 -45.51 -10.16 39.30
CA VAL E 196 -44.88 -8.86 39.56
C VAL E 196 -45.86 -7.94 40.28
N ARG E 197 -45.32 -7.09 41.17
CA ARG E 197 -46.16 -6.21 42.01
C ARG E 197 -46.82 -5.08 41.23
N ARG E 198 -46.10 -4.49 40.28
CA ARG E 198 -46.59 -3.34 39.51
C ARG E 198 -47.01 -3.78 38.09
N ASP E 199 -46.80 -2.94 37.07
CA ASP E 199 -47.34 -3.19 35.72
C ASP E 199 -46.44 -4.01 34.78
N ARG E 200 -45.12 -4.03 35.03
CA ARG E 200 -44.20 -4.80 34.21
C ARG E 200 -42.94 -5.22 34.96
N PRO E 201 -42.22 -6.25 34.46
CA PRO E 201 -40.93 -6.61 35.06
C PRO E 201 -39.81 -5.64 34.66
N LEU E 202 -38.64 -5.84 35.26
CA LEU E 202 -37.42 -5.10 34.90
C LEU E 202 -37.64 -3.60 34.72
N ARG E 203 -38.21 -2.97 35.74
CA ARG E 203 -38.27 -1.50 35.81
C ARG E 203 -36.84 -1.02 36.04
N GLY E 204 -36.38 -0.09 35.20
CA GLY E 204 -34.96 0.29 35.16
C GLY E 204 -34.31 -0.07 33.84
N PHE E 205 -34.89 -1.06 33.14
CA PHE E 205 -34.56 -1.37 31.77
C PHE E 205 -35.52 -0.62 30.85
N ASP E 206 -35.09 -0.36 29.62
CA ASP E 206 -35.85 0.42 28.65
C ASP E 206 -37.13 -0.31 28.23
N SER E 207 -38.25 0.42 28.23
CA SER E 207 -39.59 -0.14 27.95
C SER E 207 -39.67 -0.95 26.66
N TYR E 208 -38.98 -0.47 25.62
CA TYR E 208 -38.99 -1.11 24.31
C TYR E 208 -38.40 -2.53 24.35
N ILE E 209 -37.31 -2.69 25.10
CA ILE E 209 -36.69 -4.00 25.30
C ILE E 209 -37.58 -4.91 26.16
N VAL E 210 -38.14 -4.36 27.24
CA VAL E 210 -38.96 -5.13 28.18
C VAL E 210 -40.28 -5.58 27.53
N GLU E 211 -40.86 -4.73 26.68
CA GLU E 211 -42.03 -5.12 25.88
C GLU E 211 -41.77 -6.34 24.98
N GLY E 212 -40.54 -6.45 24.46
CA GLY E 212 -40.12 -7.62 23.70
C GLY E 212 -40.09 -8.89 24.53
N LEU E 213 -39.57 -8.79 25.75
CA LEU E 213 -39.52 -9.93 26.68
C LEU E 213 -40.92 -10.41 27.05
N VAL E 214 -41.78 -9.46 27.40
CA VAL E 214 -43.19 -9.73 27.77
C VAL E 214 -43.93 -10.42 26.61
N LYS E 215 -43.69 -9.95 25.39
CA LYS E 215 -44.26 -10.55 24.17
C LYS E 215 -43.76 -11.98 23.95
N GLU E 216 -42.48 -12.22 24.21
CA GLU E 216 -41.88 -13.55 24.07
C GLU E 216 -42.43 -14.56 25.09
N MET E 217 -42.71 -14.07 26.29
CA MET E 217 -43.34 -14.90 27.33
C MET E 217 -44.76 -15.32 26.93
N GLU E 218 -45.52 -14.40 26.33
CA GLU E 218 -46.84 -14.72 25.77
C GLU E 218 -46.76 -15.75 24.66
N ARG E 219 -45.76 -15.61 23.79
CA ARG E 219 -45.59 -16.49 22.62
C ARG E 219 -45.26 -17.94 23.01
N THR E 220 -44.42 -18.08 24.04
CA THR E 220 -43.98 -19.39 24.53
C THR E 220 -44.81 -19.91 25.73
N ASN E 221 -45.94 -19.27 26.02
CA ASN E 221 -46.89 -19.72 27.07
C ASN E 221 -46.30 -19.73 28.49
N LEU E 222 -45.49 -18.73 28.81
CA LEU E 222 -45.01 -18.50 30.18
C LEU E 222 -45.88 -17.38 30.77
N PRO E 223 -46.89 -17.74 31.61
CA PRO E 223 -47.80 -16.70 32.07
C PRO E 223 -47.17 -15.70 33.04
N LEU E 224 -47.24 -14.42 32.66
CA LEU E 224 -46.83 -13.29 33.51
C LEU E 224 -48.09 -12.66 34.10
N HIS E 225 -48.07 -12.39 35.40
CA HIS E 225 -49.20 -11.81 36.12
C HIS E 225 -48.79 -10.46 36.71
N THR E 226 -49.51 -9.40 36.32
CA THR E 226 -49.19 -8.03 36.74
C THR E 226 -50.13 -7.57 37.86
N HIS E 227 -49.69 -6.55 38.60
CA HIS E 227 -50.44 -5.99 39.73
C HIS E 227 -50.80 -7.06 40.77
N LYS E 228 -49.79 -7.84 41.16
CA LYS E 228 -49.94 -8.93 42.11
C LYS E 228 -49.06 -8.70 43.32
N VAL E 229 -49.65 -8.16 44.38
CA VAL E 229 -48.97 -7.87 45.64
C VAL E 229 -49.28 -9.00 46.62
N PRO E 230 -48.28 -9.85 46.96
CA PRO E 230 -48.56 -10.95 47.89
C PRO E 230 -48.78 -10.47 49.34
N VAL E 231 -49.90 -10.90 49.92
CA VAL E 231 -50.26 -10.57 51.31
C VAL E 231 -49.90 -11.70 52.29
N LYS E 232 -50.11 -12.95 51.87
CA LYS E 232 -49.94 -14.11 52.75
C LYS E 232 -49.55 -15.35 51.95
N LEU E 233 -48.69 -16.19 52.54
CA LEU E 233 -48.36 -17.52 52.01
C LEU E 233 -48.92 -18.57 52.98
N GLU E 234 -49.54 -19.62 52.42
CA GLU E 234 -50.25 -20.63 53.22
C GLU E 234 -49.87 -22.04 52.78
N LYS E 235 -49.58 -22.91 53.74
CA LYS E 235 -49.28 -24.32 53.46
C LYS E 235 -50.58 -25.08 53.20
N THR E 236 -50.63 -25.81 52.08
CA THR E 236 -51.79 -26.63 51.69
C THR E 236 -51.33 -28.01 51.18
N THR E 237 -52.31 -28.87 50.85
CA THR E 237 -52.03 -30.23 50.37
C THR E 237 -51.37 -30.26 48.98
N ASP E 238 -51.82 -29.39 48.07
CA ASP E 238 -51.24 -29.29 46.73
C ASP E 238 -49.79 -28.80 46.78
N GLY E 239 -49.54 -27.77 47.58
CA GLY E 239 -48.20 -27.24 47.79
C GLY E 239 -48.20 -26.04 48.70
N ILE E 240 -48.00 -24.85 48.12
CA ILE E 240 -48.06 -23.59 48.85
C ILE E 240 -49.00 -22.66 48.09
N THR E 241 -49.97 -22.08 48.81
CA THR E 241 -50.93 -21.13 48.25
C THR E 241 -50.49 -19.70 48.57
N ILE E 242 -50.45 -18.86 47.53
CA ILE E 242 -50.08 -17.45 47.65
C ILE E 242 -51.36 -16.61 47.56
N HIS E 243 -51.65 -15.84 48.61
CA HIS E 243 -52.79 -14.92 48.62
C HIS E 243 -52.32 -13.50 48.25
N PHE E 244 -53.04 -12.88 47.31
CA PHE E 244 -52.69 -11.55 46.80
C PHE E 244 -53.65 -10.46 47.30
N GLU E 245 -53.17 -9.23 47.29
CA GLU E 245 -53.91 -8.06 47.81
C GLU E 245 -55.22 -7.78 47.07
N ASP E 246 -55.26 -8.12 45.78
CA ASP E 246 -56.47 -7.93 44.97
C ASP E 246 -57.59 -8.96 45.23
N GLY E 247 -57.36 -9.94 46.11
CA GLY E 247 -58.37 -10.93 46.49
C GLY E 247 -58.14 -12.31 45.91
N THR E 248 -57.46 -12.38 44.77
CA THR E 248 -57.16 -13.66 44.12
C THR E 248 -56.06 -14.42 44.85
N SER E 249 -55.87 -15.67 44.44
CA SER E 249 -54.77 -16.51 44.92
C SER E 249 -54.27 -17.45 43.83
N HIS E 250 -53.10 -18.03 44.08
CA HIS E 250 -52.48 -19.00 43.17
C HIS E 250 -51.68 -20.00 43.99
N THR E 251 -51.61 -21.23 43.49
CA THR E 251 -51.01 -22.35 44.21
C THR E 251 -49.97 -23.07 43.34
N ALA E 252 -48.86 -23.47 43.96
CA ALA E 252 -47.80 -24.22 43.27
C ALA E 252 -46.95 -25.02 44.27
N SER E 253 -46.23 -26.02 43.76
CA SER E 253 -45.39 -26.91 44.58
C SER E 253 -44.34 -26.15 45.37
N GLN E 254 -43.66 -25.22 44.70
CA GLN E 254 -42.64 -24.36 45.29
C GLN E 254 -42.98 -22.90 45.06
N VAL E 255 -42.49 -22.04 45.97
CA VAL E 255 -42.61 -20.59 45.83
C VAL E 255 -41.24 -19.98 46.07
N ILE E 256 -40.80 -19.12 45.15
CA ILE E 256 -39.45 -18.52 45.19
C ILE E 256 -39.54 -17.01 45.27
N TRP E 257 -38.99 -16.44 46.33
CA TRP E 257 -38.84 -14.98 46.44
C TRP E 257 -37.66 -14.52 45.60
N ALA E 258 -37.90 -13.52 44.75
CA ALA E 258 -36.85 -12.87 43.97
C ALA E 258 -37.12 -11.37 43.89
N THR E 259 -37.36 -10.77 45.05
CA THR E 259 -37.70 -9.35 45.15
C THR E 259 -36.48 -8.46 45.06
N GLY E 260 -35.35 -8.96 45.55
CA GLY E 260 -34.08 -8.22 45.53
C GLY E 260 -33.06 -8.86 46.43
N ARG E 261 -31.89 -8.23 46.52
CA ARG E 261 -30.82 -8.68 47.40
C ARG E 261 -30.34 -7.54 48.30
N ARG E 262 -29.94 -7.90 49.52
CA ARG E 262 -29.57 -6.94 50.56
C ARG E 262 -28.20 -7.28 51.14
N PRO E 263 -27.48 -6.26 51.67
CA PRO E 263 -26.10 -6.48 52.11
C PRO E 263 -25.98 -7.25 53.44
N ASN E 264 -24.95 -8.08 53.53
CA ASN E 264 -24.63 -8.81 54.76
C ASN E 264 -23.91 -7.89 55.75
N VAL E 265 -24.66 -7.35 56.71
CA VAL E 265 -24.13 -6.37 57.67
C VAL E 265 -24.48 -6.60 59.15
N LYS E 266 -25.12 -7.73 59.49
CA LYS E 266 -25.71 -7.93 60.82
C LYS E 266 -24.74 -8.53 61.86
N GLY E 267 -24.13 -9.67 61.53
CA GLY E 267 -23.32 -10.42 62.50
C GLY E 267 -21.84 -10.14 62.47
N LEU E 268 -21.47 -8.86 62.35
CA LEU E 268 -20.07 -8.45 62.19
C LEU E 268 -19.49 -7.67 63.38
N GLN E 269 -20.35 -7.17 64.27
CA GLN E 269 -19.95 -6.24 65.34
C GLN E 269 -19.28 -4.98 64.76
N LEU E 270 -19.92 -4.40 63.75
CA LEU E 270 -19.45 -3.16 63.11
C LEU E 270 -19.40 -1.96 64.08
N GLU E 271 -20.25 -1.99 65.10
CA GLU E 271 -20.28 -0.96 66.15
C GLU E 271 -18.95 -0.87 66.90
N LYS E 272 -18.31 -2.02 67.14
CA LYS E 272 -17.04 -2.10 67.87
C LYS E 272 -15.87 -1.49 67.10
N ALA E 273 -15.82 -1.75 65.80
CA ALA E 273 -14.81 -1.17 64.91
C ALA E 273 -15.09 0.30 64.58
N GLY E 274 -16.35 0.71 64.66
CA GLY E 274 -16.78 2.09 64.37
C GLY E 274 -17.27 2.31 62.95
N VAL E 275 -17.60 1.23 62.25
CA VAL E 275 -18.00 1.29 60.84
C VAL E 275 -19.49 1.59 60.77
N THR E 276 -19.83 2.68 60.06
CA THR E 276 -21.21 3.14 59.94
C THR E 276 -21.88 2.63 58.67
N LEU E 277 -23.18 2.38 58.75
CA LEU E 277 -24.01 2.13 57.58
C LEU E 277 -24.56 3.45 57.08
N ASN E 278 -24.73 3.57 55.76
CA ASN E 278 -25.40 4.73 55.16
C ASN E 278 -26.92 4.65 55.35
N GLU E 279 -27.64 5.67 54.90
CA GLU E 279 -29.11 5.70 55.01
C GLU E 279 -29.81 4.56 54.26
N ARG E 280 -29.21 4.12 53.16
CA ARG E 280 -29.76 3.03 52.33
C ARG E 280 -29.57 1.63 52.94
N GLY E 281 -28.67 1.50 53.92
CA GLY E 281 -28.42 0.23 54.62
C GLY E 281 -27.13 -0.49 54.24
N PHE E 282 -26.41 0.04 53.26
CA PHE E 282 -25.11 -0.47 52.85
C PHE E 282 -24.04 0.14 53.75
N ILE E 283 -22.85 -0.45 53.75
CA ILE E 283 -21.72 0.09 54.52
C ILE E 283 -21.24 1.40 53.87
N GLN E 284 -21.16 2.46 54.67
CA GLN E 284 -20.77 3.80 54.20
C GLN E 284 -19.31 3.80 53.75
N VAL E 285 -19.07 4.24 52.52
CA VAL E 285 -17.71 4.41 51.99
C VAL E 285 -17.57 5.67 51.15
N ASP E 286 -16.34 6.13 50.99
CA ASP E 286 -16.01 7.21 50.06
C ASP E 286 -15.71 6.64 48.67
N GLU E 287 -15.34 7.51 47.72
CA GLU E 287 -15.02 7.08 46.34
C GLU E 287 -13.80 6.15 46.22
N TYR E 288 -12.92 6.15 47.22
CA TYR E 288 -11.77 5.23 47.28
C TYR E 288 -12.01 3.95 48.11
N GLN E 289 -13.28 3.66 48.46
CA GLN E 289 -13.67 2.53 49.32
C GLN E 289 -13.26 2.64 50.81
N ASN E 290 -12.84 3.82 51.27
CA ASN E 290 -12.53 4.03 52.69
C ASN E 290 -13.82 4.18 53.48
N THR E 291 -13.94 3.46 54.60
CA THR E 291 -15.00 3.71 55.58
C THR E 291 -14.62 4.95 56.41
N VAL E 292 -15.51 5.36 57.31
CA VAL E 292 -15.22 6.49 58.23
C VAL E 292 -14.03 6.21 59.18
N VAL E 293 -13.75 4.94 59.45
CA VAL E 293 -12.60 4.52 60.25
C VAL E 293 -11.36 4.39 59.37
N GLU E 294 -10.25 4.97 59.81
CA GLU E 294 -8.97 4.87 59.09
C GLU E 294 -8.45 3.43 59.18
N GLY E 295 -8.16 2.83 58.03
CA GLY E 295 -7.63 1.46 57.95
C GLY E 295 -8.64 0.36 57.63
N ILE E 296 -9.93 0.67 57.70
CA ILE E 296 -10.99 -0.29 57.32
C ILE E 296 -11.59 0.14 55.99
N TYR E 297 -11.80 -0.83 55.10
CA TYR E 297 -12.32 -0.59 53.75
C TYR E 297 -13.50 -1.51 53.48
N ALA E 298 -14.32 -1.15 52.48
CA ALA E 298 -15.44 -2.00 52.06
C ALA E 298 -15.74 -1.86 50.57
N LEU E 299 -16.08 -2.98 49.93
CA LEU E 299 -16.33 -3.04 48.49
C LEU E 299 -17.21 -4.22 48.13
N GLY E 300 -17.67 -4.26 46.88
CA GLY E 300 -18.57 -5.32 46.41
C GLY E 300 -20.03 -5.00 46.73
N ASP E 301 -20.84 -6.04 46.85
CA ASP E 301 -22.28 -5.89 47.08
C ASP E 301 -22.64 -5.22 48.42
N VAL E 302 -21.79 -5.40 49.42
CA VAL E 302 -22.02 -4.80 50.75
C VAL E 302 -22.06 -3.26 50.72
N THR E 303 -21.33 -2.65 49.79
CA THR E 303 -21.32 -1.19 49.62
C THR E 303 -22.35 -0.70 48.59
N GLY E 304 -22.78 -1.58 47.70
CA GLY E 304 -23.98 -1.34 46.87
C GLY E 304 -23.87 -0.37 45.71
N GLU E 305 -22.65 -0.12 45.23
CA GLU E 305 -22.46 0.82 44.11
C GLU E 305 -23.08 0.26 42.82
N LYS E 306 -22.74 -0.99 42.50
CA LYS E 306 -23.33 -1.70 41.36
C LYS E 306 -23.13 -3.21 41.56
N GLU E 307 -24.21 -3.91 41.89
CA GLU E 307 -24.13 -5.27 42.43
C GLU E 307 -23.86 -6.33 41.35
N LEU E 308 -22.59 -6.45 40.96
CA LEU E 308 -22.13 -7.41 39.96
C LEU E 308 -20.72 -7.93 40.30
N THR E 309 -20.40 -9.13 39.83
CA THR E 309 -19.09 -9.77 40.09
C THR E 309 -17.87 -8.96 39.58
N PRO E 310 -17.85 -8.57 38.29
CA PRO E 310 -16.70 -7.79 37.78
C PRO E 310 -16.53 -6.40 38.41
N VAL E 311 -17.61 -5.81 38.92
CA VAL E 311 -17.54 -4.55 39.67
C VAL E 311 -16.75 -4.74 40.97
N ALA E 312 -17.11 -5.79 41.71
CA ALA E 312 -16.40 -6.17 42.93
C ALA E 312 -14.91 -6.51 42.69
N ILE E 313 -14.63 -7.14 41.54
CA ILE E 313 -13.26 -7.53 41.18
C ILE E 313 -12.38 -6.31 40.85
N LYS E 314 -12.87 -5.42 40.00
CA LYS E 314 -12.12 -4.22 39.62
C LYS E 314 -11.92 -3.25 40.78
N ALA E 315 -12.96 -3.08 41.60
CA ALA E 315 -12.87 -2.26 42.81
C ALA E 315 -11.83 -2.83 43.78
N GLY E 316 -11.83 -4.15 43.96
CA GLY E 316 -10.84 -4.84 44.78
C GLY E 316 -9.41 -4.71 44.28
N ARG E 317 -9.20 -4.91 42.98
CA ARG E 317 -7.87 -4.79 42.38
C ARG E 317 -7.36 -3.36 42.41
N THR E 318 -8.23 -2.40 42.13
CA THR E 318 -7.88 -0.98 42.18
C THR E 318 -7.57 -0.51 43.61
N LEU E 319 -8.18 -1.15 44.62
CA LEU E 319 -7.88 -0.86 46.03
C LEU E 319 -6.45 -1.27 46.41
N SER E 320 -6.07 -2.48 46.05
CA SER E 320 -4.71 -2.99 46.32
C SER E 320 -3.62 -2.24 45.53
N GLU E 321 -3.94 -1.83 44.30
CA GLU E 321 -3.05 -0.96 43.50
C GLU E 321 -2.72 0.35 44.20
N ARG E 322 -3.71 0.93 44.88
CA ARG E 322 -3.48 2.14 45.67
C ARG E 322 -2.62 1.87 46.91
N LEU E 323 -3.01 0.86 47.70
CA LEU E 323 -2.38 0.60 48.98
C LEU E 323 -0.97 -0.01 48.91
N PHE E 324 -0.71 -0.83 47.88
CA PHE E 324 0.56 -1.57 47.77
C PHE E 324 1.34 -1.34 46.47
N ASN E 325 0.95 -0.36 45.67
CA ASN E 325 1.72 0.02 44.46
C ASN E 325 1.75 1.53 44.18
N GLY E 326 1.68 2.33 45.25
CA GLY E 326 1.86 3.79 45.19
C GLY E 326 0.99 4.56 44.21
N LYS E 327 -0.30 4.20 44.12
CA LYS E 327 -1.24 4.87 43.22
C LYS E 327 -2.38 5.50 44.01
N THR E 328 -2.09 6.64 44.63
CA THR E 328 -3.02 7.34 45.52
C THR E 328 -4.28 7.86 44.83
N THR E 329 -4.16 8.23 43.55
CA THR E 329 -5.31 8.72 42.77
C THR E 329 -6.24 7.58 42.32
N ALA E 330 -5.70 6.37 42.15
CA ALA E 330 -6.42 5.25 41.54
C ALA E 330 -7.72 4.89 42.27
N LYS E 331 -8.82 4.81 41.51
CA LYS E 331 -10.15 4.55 42.04
C LYS E 331 -11.08 3.97 40.96
N MET E 332 -12.27 3.53 41.38
CA MET E 332 -13.16 2.71 40.56
C MET E 332 -14.18 3.60 39.87
N ASP E 333 -14.12 3.64 38.53
CA ASP E 333 -15.13 4.32 37.73
C ASP E 333 -16.39 3.45 37.69
N TYR E 334 -17.47 3.94 38.29
CA TYR E 334 -18.74 3.21 38.38
C TYR E 334 -19.76 3.61 37.29
N SER E 335 -19.45 4.63 36.50
CA SER E 335 -20.37 5.14 35.48
C SER E 335 -20.33 4.29 34.22
N THR E 336 -21.50 4.04 33.64
CA THR E 336 -21.64 3.43 32.30
C THR E 336 -21.12 1.98 32.27
N ILE E 337 -21.61 1.17 33.20
CA ILE E 337 -21.25 -0.25 33.30
C ILE E 337 -22.26 -1.07 32.49
N PRO E 338 -21.78 -1.91 31.54
CA PRO E 338 -22.71 -2.70 30.74
C PRO E 338 -23.27 -3.88 31.52
N THR E 339 -24.49 -4.30 31.18
CA THR E 339 -25.17 -5.39 31.85
C THR E 339 -25.81 -6.31 30.82
N VAL E 340 -25.74 -7.63 31.08
CA VAL E 340 -26.50 -8.62 30.32
C VAL E 340 -27.39 -9.39 31.30
N VAL E 341 -28.67 -9.52 30.95
CA VAL E 341 -29.62 -10.35 31.68
C VAL E 341 -29.91 -11.57 30.81
N PHE E 342 -29.65 -12.76 31.34
CA PHE E 342 -29.81 -14.00 30.56
C PHE E 342 -31.25 -14.53 30.63
N SER E 343 -32.15 -13.73 30.06
CA SER E 343 -33.55 -14.08 29.87
C SER E 343 -33.68 -14.91 28.59
N HIS E 344 -34.91 -15.21 28.18
CA HIS E 344 -35.19 -15.88 26.90
C HIS E 344 -35.94 -14.93 25.95
N PRO E 345 -35.30 -14.31 24.96
CA PRO E 345 -33.85 -14.36 24.72
C PRO E 345 -33.10 -13.35 25.59
N ALA E 346 -31.78 -13.35 25.48
CA ALA E 346 -30.91 -12.51 26.32
C ALA E 346 -31.18 -11.02 26.10
N ILE E 347 -31.00 -10.24 27.17
CA ILE E 347 -31.13 -8.78 27.14
C ILE E 347 -29.74 -8.19 27.39
N GLY E 348 -29.42 -7.12 26.68
CA GLY E 348 -28.13 -6.44 26.80
C GLY E 348 -28.32 -4.93 26.83
N THR E 349 -27.61 -4.27 27.73
CA THR E 349 -27.79 -2.83 27.95
C THR E 349 -26.51 -2.14 28.47
N VAL E 350 -26.33 -0.90 28.04
CA VAL E 350 -25.31 -0.01 28.61
C VAL E 350 -25.80 1.45 28.49
N GLY E 351 -25.51 2.25 29.51
CA GLY E 351 -25.93 3.65 29.53
C GLY E 351 -27.39 3.84 29.91
N LEU E 352 -27.96 4.95 29.46
CA LEU E 352 -29.27 5.40 29.92
C LEU E 352 -30.42 4.85 29.09
N THR E 353 -31.58 4.67 29.73
CA THR E 353 -32.83 4.37 29.03
C THR E 353 -33.38 5.66 28.40
N GLU E 354 -34.45 5.54 27.63
CA GLU E 354 -35.08 6.73 27.02
C GLU E 354 -35.62 7.68 28.08
N GLU E 355 -36.30 7.14 29.10
CA GLU E 355 -36.81 7.95 30.22
C GLU E 355 -35.68 8.67 30.98
N GLN E 356 -34.60 7.95 31.28
CA GLN E 356 -33.43 8.54 31.96
C GLN E 356 -32.73 9.60 31.10
N ALA E 357 -32.69 9.37 29.78
CA ALA E 357 -32.06 10.30 28.83
C ALA E 357 -32.83 11.62 28.69
N ILE E 358 -34.16 11.52 28.60
CA ILE E 358 -35.03 12.70 28.55
C ILE E 358 -34.88 13.57 29.80
N LYS E 359 -34.89 12.92 30.97
CA LYS E 359 -34.72 13.61 32.26
C LYS E 359 -33.33 14.26 32.40
N GLU E 360 -32.31 13.63 31.83
CA GLU E 360 -30.93 14.16 31.89
C GLU E 360 -30.73 15.33 30.92
N TYR E 361 -31.04 15.12 29.63
CA TYR E 361 -30.69 16.07 28.56
C TYR E 361 -31.83 16.96 28.04
N GLY E 362 -33.08 16.54 28.24
CA GLY E 362 -34.26 17.27 27.74
C GLY E 362 -34.86 16.58 26.52
N GLN E 363 -36.18 16.61 26.42
CA GLN E 363 -36.93 15.86 25.39
C GLN E 363 -36.44 16.11 23.96
N ASP E 364 -36.27 17.39 23.61
CA ASP E 364 -35.83 17.77 22.25
C ASP E 364 -34.33 17.62 21.99
N GLN E 365 -33.55 17.34 23.04
CA GLN E 365 -32.12 17.01 22.90
C GLN E 365 -31.87 15.52 22.65
N ILE E 366 -32.90 14.68 22.82
CA ILE E 366 -32.78 13.23 22.66
C ILE E 366 -33.36 12.79 21.31
N LYS E 367 -32.66 11.86 20.64
CA LYS E 367 -33.16 11.19 19.44
C LYS E 367 -33.09 9.66 19.64
N VAL E 368 -34.14 8.98 19.20
CA VAL E 368 -34.31 7.54 19.41
C VAL E 368 -34.26 6.83 18.06
N TYR E 369 -33.45 5.77 17.99
CA TYR E 369 -33.35 4.92 16.80
C TYR E 369 -33.73 3.50 17.19
N LYS E 370 -34.85 3.01 16.63
CA LYS E 370 -35.38 1.68 16.94
C LYS E 370 -35.25 0.74 15.74
N SER E 371 -35.29 -0.56 16.03
CA SER E 371 -35.20 -1.59 15.00
C SER E 371 -35.79 -2.92 15.49
N SER E 372 -36.96 -3.29 14.96
CA SER E 372 -37.59 -4.58 15.23
C SER E 372 -37.43 -5.49 14.01
N PHE E 373 -37.06 -6.74 14.26
CA PHE E 373 -36.85 -7.73 13.20
C PHE E 373 -36.76 -9.14 13.80
N ALA E 374 -37.16 -10.14 13.01
CA ALA E 374 -36.91 -11.53 13.35
C ALA E 374 -35.48 -11.87 12.96
N SER E 375 -34.75 -12.56 13.85
CA SER E 375 -33.39 -13.01 13.56
C SER E 375 -33.44 -14.12 12.51
N MET E 376 -32.43 -14.16 11.63
CA MET E 376 -32.35 -15.14 10.53
C MET E 376 -32.43 -16.59 11.04
N TYR E 377 -31.80 -16.84 12.20
CA TYR E 377 -31.84 -18.14 12.87
C TYR E 377 -33.27 -18.63 13.09
N SER E 378 -34.10 -17.79 13.69
CA SER E 378 -35.49 -18.14 14.01
C SER E 378 -36.47 -17.88 12.86
N ALA E 379 -36.18 -16.90 12.01
CA ALA E 379 -37.06 -16.52 10.89
C ALA E 379 -37.27 -17.63 9.83
N CYS E 380 -36.32 -18.56 9.73
CA CYS E 380 -36.46 -19.72 8.84
C CYS E 380 -37.41 -20.81 9.38
N THR E 381 -37.76 -20.73 10.66
CA THR E 381 -38.58 -21.75 11.33
C THR E 381 -40.01 -21.27 11.52
N ARG E 382 -40.83 -22.16 12.08
CA ARG E 382 -42.20 -21.82 12.49
C ARG E 382 -42.25 -20.97 13.77
N ASN E 383 -41.18 -20.99 14.56
CA ASN E 383 -41.07 -20.21 15.80
C ASN E 383 -40.31 -18.90 15.59
N ARG E 384 -40.97 -17.91 15.00
CA ARG E 384 -40.37 -16.59 14.76
C ARG E 384 -40.20 -15.83 16.08
N GLN E 385 -38.93 -15.61 16.45
CA GLN E 385 -38.56 -14.97 17.69
C GLN E 385 -38.08 -13.55 17.38
N GLU E 386 -38.78 -12.56 17.93
CA GLU E 386 -38.52 -11.15 17.63
C GLU E 386 -37.29 -10.64 18.37
N SER E 387 -36.48 -9.84 17.67
CA SER E 387 -35.39 -9.07 18.29
C SER E 387 -35.76 -7.59 18.26
N ARG E 388 -35.29 -6.85 19.27
CA ARG E 388 -35.51 -5.40 19.36
C ARG E 388 -34.22 -4.72 19.77
N PHE E 389 -33.85 -3.66 19.03
CA PHE E 389 -32.60 -2.92 19.21
C PHE E 389 -32.94 -1.44 19.36
N LYS E 390 -32.26 -0.74 20.28
CA LYS E 390 -32.51 0.69 20.50
C LYS E 390 -31.22 1.46 20.79
N LEU E 391 -31.03 2.57 20.06
CA LEU E 391 -29.92 3.52 20.27
C LEU E 391 -30.49 4.86 20.69
N ILE E 392 -29.85 5.50 21.67
CA ILE E 392 -30.28 6.80 22.18
C ILE E 392 -29.10 7.78 22.14
N THR E 393 -29.29 8.88 21.41
CA THR E 393 -28.26 9.92 21.27
C THR E 393 -28.73 11.24 21.87
N ALA E 394 -27.77 12.08 22.23
CA ALA E 394 -28.04 13.37 22.89
C ALA E 394 -27.14 14.48 22.34
N GLY E 395 -27.73 15.67 22.17
CA GLY E 395 -27.00 16.85 21.68
C GLY E 395 -26.98 16.96 20.16
N SER E 396 -26.38 18.04 19.67
CA SER E 396 -26.23 18.27 18.23
C SER E 396 -25.27 17.27 17.58
N GLU E 397 -24.20 16.91 18.31
CA GLU E 397 -23.24 15.91 17.86
C GLU E 397 -23.75 14.46 17.92
N GLU E 398 -24.89 14.24 18.58
CA GLU E 398 -25.50 12.91 18.77
C GLU E 398 -24.56 11.94 19.47
N LYS E 399 -24.10 12.36 20.67
CA LYS E 399 -23.30 11.51 21.53
C LYS E 399 -24.17 10.35 22.00
N VAL E 400 -23.70 9.11 21.83
CA VAL E 400 -24.48 7.92 22.20
C VAL E 400 -24.48 7.78 23.72
N VAL E 401 -25.65 7.99 24.32
CA VAL E 401 -25.79 7.93 25.78
C VAL E 401 -26.46 6.65 26.27
N GLY E 402 -27.03 5.87 25.36
CA GLY E 402 -27.67 4.59 25.71
C GLY E 402 -27.78 3.63 24.55
N LEU E 403 -27.50 2.34 24.82
CA LEU E 403 -27.59 1.27 23.83
C LEU E 403 -28.28 0.08 24.49
N HIS E 404 -29.33 -0.44 23.85
CA HIS E 404 -30.15 -1.51 24.42
C HIS E 404 -30.54 -2.52 23.35
N GLY E 405 -30.62 -3.79 23.75
CA GLY E 405 -30.98 -4.86 22.83
C GLY E 405 -31.59 -6.05 23.53
N ILE E 406 -32.49 -6.74 22.82
CA ILE E 406 -32.97 -8.06 23.23
C ILE E 406 -33.01 -8.95 21.99
N GLY E 407 -32.44 -10.15 22.12
CA GLY E 407 -32.44 -11.12 21.01
C GLY E 407 -31.30 -12.11 21.05
N TYR E 408 -31.33 -13.03 20.09
CA TYR E 408 -30.31 -14.07 19.97
C TYR E 408 -28.94 -13.45 19.65
N GLY E 409 -27.95 -13.76 20.48
CA GLY E 409 -26.59 -13.24 20.32
C GLY E 409 -26.31 -11.90 20.99
N VAL E 410 -27.31 -11.30 21.62
CA VAL E 410 -27.13 -9.98 22.26
C VAL E 410 -26.17 -10.07 23.45
N ASP E 411 -26.20 -11.20 24.16
CA ASP E 411 -25.26 -11.44 25.27
C ASP E 411 -23.78 -11.21 24.93
N GLU E 412 -23.36 -11.52 23.71
CA GLU E 412 -21.95 -11.39 23.30
C GLU E 412 -21.59 -10.09 22.55
N MET E 413 -22.58 -9.27 22.16
CA MET E 413 -22.29 -8.07 21.36
C MET E 413 -22.09 -6.76 22.14
N ILE E 414 -22.45 -6.72 23.42
CA ILE E 414 -22.46 -5.47 24.19
C ILE E 414 -21.06 -4.99 24.57
N GLN E 415 -20.16 -5.91 24.92
CA GLN E 415 -18.84 -5.56 25.50
C GLN E 415 -18.06 -4.53 24.68
N GLY E 416 -18.03 -4.72 23.36
CA GLY E 416 -17.35 -3.80 22.45
C GLY E 416 -17.99 -2.42 22.37
N PHE E 417 -19.33 -2.40 22.28
CA PHE E 417 -20.08 -1.14 22.27
C PHE E 417 -19.92 -0.36 23.57
N ALA E 418 -19.74 -1.06 24.68
CA ALA E 418 -19.48 -0.43 25.98
C ALA E 418 -18.16 0.34 25.98
N VAL E 419 -17.14 -0.21 25.31
CA VAL E 419 -15.84 0.46 25.19
C VAL E 419 -16.01 1.76 24.39
N ALA E 420 -16.68 1.66 23.24
CA ALA E 420 -16.96 2.82 22.39
C ALA E 420 -17.74 3.92 23.10
N ILE E 421 -18.83 3.53 23.76
CA ILE E 421 -19.69 4.48 24.47
C ILE E 421 -18.96 5.14 25.65
N LYS E 422 -18.11 4.40 26.34
CA LYS E 422 -17.30 4.95 27.43
C LYS E 422 -16.28 6.01 26.95
N MET E 423 -15.80 5.86 25.71
CA MET E 423 -14.93 6.86 25.06
C MET E 423 -15.65 8.09 24.50
N GLY E 424 -16.98 8.13 24.59
CA GLY E 424 -17.77 9.25 24.08
C GLY E 424 -18.06 9.13 22.60
N ALA E 425 -18.49 7.94 22.17
CA ALA E 425 -18.79 7.67 20.77
C ALA E 425 -20.04 8.40 20.32
N THR E 426 -20.01 8.89 19.09
CA THR E 426 -21.13 9.58 18.45
C THR E 426 -21.86 8.66 17.47
N LYS E 427 -23.03 9.10 17.01
CA LYS E 427 -23.76 8.41 15.95
C LYS E 427 -22.90 8.33 14.68
N ALA E 428 -22.13 9.39 14.41
CA ALA E 428 -21.18 9.41 13.28
C ALA E 428 -20.11 8.33 13.39
N ASP E 429 -19.56 8.13 14.59
CA ASP E 429 -18.59 7.07 14.83
C ASP E 429 -19.18 5.68 14.59
N PHE E 430 -20.45 5.49 14.97
CA PHE E 430 -21.17 4.24 14.70
C PHE E 430 -21.35 4.05 13.19
N ASP E 431 -21.91 5.07 12.54
CA ASP E 431 -22.23 5.01 11.11
C ASP E 431 -21.01 4.99 10.19
N ALA E 432 -19.87 5.50 10.66
CA ALA E 432 -18.59 5.41 9.94
C ALA E 432 -18.04 3.98 9.90
N THR E 433 -18.35 3.19 10.93
CA THR E 433 -17.90 1.81 11.03
C THR E 433 -18.73 0.91 10.11
N VAL E 434 -18.07 0.07 9.34
CA VAL E 434 -18.74 -0.79 8.35
C VAL E 434 -19.42 -1.96 9.05
N ALA E 435 -20.59 -2.34 8.55
CA ALA E 435 -21.36 -3.47 9.08
C ALA E 435 -20.67 -4.82 8.86
N ILE E 436 -20.99 -5.79 9.72
CA ILE E 436 -20.55 -7.18 9.55
C ILE E 436 -21.78 -8.00 9.15
N HIS E 437 -21.80 -8.46 7.90
CA HIS E 437 -22.96 -9.12 7.33
C HIS E 437 -22.64 -10.60 7.09
N PRO E 438 -23.55 -11.53 7.42
CA PRO E 438 -24.82 -11.28 8.10
C PRO E 438 -24.71 -11.52 9.60
N THR E 439 -25.05 -10.51 10.41
CA THR E 439 -25.15 -10.64 11.87
C THR E 439 -26.36 -9.85 12.37
N SER E 440 -26.66 -9.99 13.66
CA SER E 440 -27.60 -9.09 14.33
C SER E 440 -26.88 -7.82 14.79
N SER E 441 -25.62 -7.94 15.19
CA SER E 441 -24.83 -6.81 15.71
C SER E 441 -24.73 -5.61 14.76
N GLU E 442 -24.73 -5.87 13.45
CA GLU E 442 -24.72 -4.81 12.44
C GLU E 442 -25.89 -3.82 12.49
N GLU E 443 -27.00 -4.20 13.11
CA GLU E 443 -28.17 -3.31 13.22
C GLU E 443 -27.88 -2.00 13.97
N PHE E 444 -26.96 -2.04 14.93
CA PHE E 444 -26.55 -0.84 15.66
C PHE E 444 -25.81 0.21 14.81
N VAL E 445 -25.17 -0.21 13.72
CA VAL E 445 -24.40 0.72 12.85
C VAL E 445 -25.11 1.07 11.52
N THR E 446 -26.31 0.52 11.30
CA THR E 446 -27.09 0.78 10.08
C THR E 446 -28.50 1.30 10.42
N MET E 447 -28.56 2.22 11.38
CA MET E 447 -29.84 2.76 11.90
C MET E 447 -30.13 4.15 11.36
N ARG E 448 -31.40 4.41 11.06
CA ARG E 448 -31.84 5.71 10.55
C ARG E 448 -33.14 6.14 11.22
N MET F 1 88.37 -33.59 -64.06
CA MET F 1 87.11 -34.12 -64.68
C MET F 1 85.87 -33.35 -64.23
N ARG F 2 85.80 -33.04 -62.92
CA ARG F 2 84.72 -32.23 -62.30
C ARG F 2 83.32 -32.83 -62.42
N GLU F 3 82.76 -33.23 -61.27
CA GLU F 3 81.48 -33.92 -61.21
C GLU F 3 80.37 -32.98 -60.71
N TYR F 4 79.31 -32.86 -61.49
CA TYR F 4 78.07 -32.18 -61.07
C TYR F 4 76.86 -32.97 -61.58
N ASP F 5 75.79 -32.99 -60.81
CA ASP F 5 74.53 -33.63 -61.24
C ASP F 5 73.94 -32.88 -62.43
N ILE F 6 73.99 -31.55 -62.37
CA ILE F 6 73.49 -30.69 -63.44
C ILE F 6 74.34 -29.43 -63.57
N ILE F 7 74.54 -28.97 -64.81
CA ILE F 7 75.22 -27.70 -65.08
C ILE F 7 74.40 -26.83 -66.02
N ALA F 8 74.64 -25.52 -65.95
CA ALA F 8 73.98 -24.55 -66.81
C ALA F 8 75.05 -23.76 -67.55
N ILE F 9 75.01 -23.82 -68.88
CA ILE F 9 75.85 -22.98 -69.72
C ILE F 9 75.14 -21.63 -69.87
N GLY F 10 75.61 -20.65 -69.10
CA GLY F 10 75.01 -19.31 -69.04
C GLY F 10 74.50 -19.03 -67.64
N GLY F 11 74.88 -17.88 -67.09
CA GLY F 11 74.46 -17.46 -65.76
C GLY F 11 73.52 -16.26 -65.78
N GLY F 12 72.55 -16.30 -66.69
CA GLY F 12 71.54 -15.26 -66.82
C GLY F 12 70.28 -15.59 -66.05
N SER F 13 69.14 -15.12 -66.54
CA SER F 13 67.85 -15.35 -65.90
C SER F 13 67.51 -16.84 -65.84
N GLY F 14 67.65 -17.52 -66.99
CA GLY F 14 67.35 -18.93 -67.11
C GLY F 14 68.29 -19.83 -66.32
N GLY F 15 69.59 -19.59 -66.47
CA GLY F 15 70.63 -20.38 -65.80
C GLY F 15 70.60 -20.29 -64.29
N ILE F 16 70.51 -19.07 -63.76
CA ILE F 16 70.41 -18.84 -62.32
C ILE F 16 69.17 -19.54 -61.75
N ALA F 17 68.03 -19.32 -62.40
CA ALA F 17 66.76 -19.89 -61.95
C ALA F 17 66.77 -21.41 -61.91
N THR F 18 67.25 -22.04 -62.99
CA THR F 18 67.28 -23.49 -63.08
C THR F 18 68.20 -24.11 -62.01
N MET F 19 69.43 -23.60 -61.91
CA MET F 19 70.43 -24.16 -60.97
C MET F 19 70.11 -23.91 -59.50
N ASN F 20 69.54 -22.75 -59.16
CA ASN F 20 69.10 -22.49 -57.77
C ASN F 20 68.03 -23.47 -57.32
N ARG F 21 67.02 -23.68 -58.16
CA ARG F 21 65.91 -24.61 -57.85
C ARG F 21 66.36 -26.07 -57.91
N ALA F 22 67.31 -26.40 -58.78
CA ALA F 22 67.93 -27.74 -58.78
C ALA F 22 68.65 -27.99 -57.46
N GLY F 23 69.51 -27.03 -57.06
CA GLY F 23 70.22 -27.08 -55.77
C GLY F 23 69.33 -27.08 -54.54
N GLU F 24 68.16 -26.44 -54.66
CA GLU F 24 67.14 -26.43 -53.61
C GLU F 24 66.63 -27.83 -53.27
N HIS F 25 66.52 -28.70 -54.26
CA HIS F 25 66.12 -30.10 -54.05
C HIS F 25 67.31 -31.09 -53.90
N GLY F 26 68.46 -30.59 -53.46
CA GLY F 26 69.60 -31.44 -53.11
C GLY F 26 70.42 -31.99 -54.27
N ALA F 27 70.44 -31.28 -55.40
CA ALA F 27 71.29 -31.63 -56.53
C ALA F 27 72.57 -30.80 -56.49
N GLN F 28 73.69 -31.39 -56.88
CA GLN F 28 74.93 -30.64 -57.03
C GLN F 28 74.85 -29.86 -58.34
N ALA F 29 74.81 -28.52 -58.24
CA ALA F 29 74.64 -27.64 -59.40
C ALA F 29 75.89 -26.81 -59.68
N ALA F 30 75.98 -26.30 -60.91
CA ALA F 30 77.04 -25.37 -61.29
C ALA F 30 76.59 -24.45 -62.44
N VAL F 31 76.92 -23.17 -62.32
CA VAL F 31 76.64 -22.15 -63.35
C VAL F 31 77.95 -21.74 -64.00
N ILE F 32 77.96 -21.68 -65.33
CA ILE F 32 79.14 -21.24 -66.10
C ILE F 32 78.78 -19.94 -66.82
N GLU F 33 79.56 -18.87 -66.58
CA GLU F 33 79.26 -17.53 -67.11
C GLU F 33 80.51 -16.81 -67.63
N GLU F 34 80.46 -16.34 -68.88
CA GLU F 34 81.56 -15.56 -69.50
C GLU F 34 81.71 -14.18 -68.87
N LYS F 35 80.69 -13.35 -69.02
CA LYS F 35 80.74 -11.93 -68.67
C LYS F 35 80.36 -11.78 -67.19
N LYS F 36 79.65 -10.71 -66.82
CA LYS F 36 79.17 -10.54 -65.45
C LYS F 36 78.00 -11.49 -65.18
N LEU F 37 77.77 -11.76 -63.90
CA LEU F 37 76.66 -12.61 -63.47
C LEU F 37 75.34 -11.83 -63.58
N GLY F 38 74.25 -12.55 -63.76
CA GLY F 38 72.90 -11.96 -63.86
C GLY F 38 72.37 -11.82 -65.28
N GLY F 39 73.27 -11.87 -66.27
CA GLY F 39 72.88 -11.89 -67.67
C GLY F 39 72.46 -10.54 -68.21
N THR F 40 71.71 -10.58 -69.30
CA THR F 40 71.25 -9.39 -70.00
C THR F 40 70.34 -8.53 -69.12
N CYS F 41 69.41 -9.16 -68.40
CA CYS F 41 68.40 -8.42 -67.64
C CYS F 41 68.97 -7.53 -66.54
N VAL F 42 69.87 -8.10 -65.74
CA VAL F 42 70.46 -7.40 -64.60
C VAL F 42 71.44 -6.31 -65.07
N ASN F 43 72.31 -6.67 -66.01
CA ASN F 43 73.43 -5.82 -66.41
C ASN F 43 73.09 -4.80 -67.50
N VAL F 44 72.46 -5.26 -68.58
CA VAL F 44 72.24 -4.44 -69.77
C VAL F 44 70.83 -4.63 -70.37
N GLY F 45 69.81 -4.70 -69.51
CA GLY F 45 68.43 -4.92 -69.96
C GLY F 45 67.37 -4.29 -69.06
N CYS F 46 66.50 -5.14 -68.51
CA CYS F 46 65.34 -4.72 -67.71
C CYS F 46 65.69 -3.72 -66.62
N VAL F 47 66.69 -4.07 -65.81
CA VAL F 47 67.03 -3.28 -64.61
C VAL F 47 67.53 -1.87 -64.94
N PRO F 48 68.61 -1.73 -65.74
CA PRO F 48 69.08 -0.38 -66.07
C PRO F 48 68.09 0.45 -66.90
N LYS F 49 67.39 -0.19 -67.83
CA LYS F 49 66.35 0.45 -68.64
C LYS F 49 65.26 1.08 -67.77
N LYS F 50 64.73 0.27 -66.84
CA LYS F 50 63.65 0.70 -65.95
C LYS F 50 64.07 1.84 -65.02
N ILE F 51 65.33 1.82 -64.56
CA ILE F 51 65.86 2.89 -63.71
C ILE F 51 65.96 4.19 -64.51
N MET F 52 66.44 4.11 -65.75
CA MET F 52 66.47 5.27 -66.65
C MET F 52 65.07 5.74 -67.05
N TRP F 53 64.13 4.80 -67.16
CA TRP F 53 62.72 5.14 -67.41
C TRP F 53 62.13 5.97 -66.27
N TYR F 54 62.36 5.54 -65.04
CA TYR F 54 61.94 6.30 -63.85
C TYR F 54 62.54 7.71 -63.83
N GLY F 55 63.81 7.83 -64.20
CA GLY F 55 64.47 9.13 -64.36
C GLY F 55 63.79 10.00 -65.40
N ALA F 56 63.43 9.41 -66.53
CA ALA F 56 62.69 10.12 -67.59
C ALA F 56 61.29 10.56 -67.15
N GLN F 57 60.59 9.72 -66.38
CA GLN F 57 59.28 10.06 -65.82
C GLN F 57 59.34 11.27 -64.89
N ILE F 58 60.43 11.43 -64.16
CA ILE F 58 60.65 12.60 -63.30
C ILE F 58 60.89 13.84 -64.17
N ALA F 59 61.76 13.69 -65.18
CA ALA F 59 62.00 14.77 -66.16
C ALA F 59 60.71 15.21 -66.84
N GLU F 60 59.86 14.24 -67.19
CA GLU F 60 58.53 14.51 -67.76
C GLU F 60 57.69 15.36 -66.80
N THR F 61 57.62 14.93 -65.55
CA THR F 61 56.84 15.63 -64.50
C THR F 61 57.29 17.08 -64.33
N PHE F 62 58.59 17.27 -64.15
CA PHE F 62 59.19 18.61 -64.10
C PHE F 62 58.77 19.50 -65.26
N HIS F 63 59.05 19.02 -66.49
CA HIS F 63 58.87 19.82 -67.71
C HIS F 63 57.42 20.00 -68.14
N GLN F 64 56.60 18.96 -67.99
CA GLN F 64 55.23 18.96 -68.54
C GLN F 64 54.12 19.33 -67.54
N PHE F 65 54.17 18.77 -66.34
CA PHE F 65 53.03 18.83 -65.41
C PHE F 65 53.21 19.78 -64.22
N GLY F 66 54.43 19.89 -63.70
CA GLY F 66 54.74 20.69 -62.51
C GLY F 66 54.13 22.09 -62.42
N GLU F 67 54.19 22.86 -63.51
CA GLU F 67 53.69 24.24 -63.52
C GLU F 67 52.19 24.35 -63.19
N ASP F 68 51.38 23.51 -63.82
CA ASP F 68 49.93 23.52 -63.61
C ASP F 68 49.49 22.86 -62.29
N TYR F 69 50.39 22.16 -61.61
CA TYR F 69 50.20 21.74 -60.21
C TYR F 69 50.84 22.72 -59.20
N GLY F 70 51.31 23.87 -59.69
CA GLY F 70 51.82 24.96 -58.84
C GLY F 70 53.29 24.92 -58.48
N PHE F 71 54.09 24.11 -59.19
CA PHE F 71 55.53 23.99 -58.96
C PHE F 71 56.30 24.70 -60.08
N LYS F 72 57.15 25.65 -59.72
CA LYS F 72 58.07 26.28 -60.67
C LYS F 72 59.51 26.24 -60.12
N THR F 73 60.45 25.92 -61.01
CA THR F 73 61.88 25.78 -60.66
C THR F 73 62.66 27.02 -61.09
N THR F 74 63.91 27.11 -60.61
CA THR F 74 64.81 28.22 -60.96
C THR F 74 65.92 27.73 -61.89
N ASP F 75 66.76 26.80 -61.40
CA ASP F 75 67.88 26.25 -62.18
C ASP F 75 67.81 24.73 -62.16
N LEU F 76 66.81 24.19 -62.87
CA LEU F 76 66.61 22.74 -62.98
C LEU F 76 67.68 22.13 -63.89
N ASN F 77 68.71 21.54 -63.27
CA ASN F 77 69.83 20.93 -64.00
C ASN F 77 69.83 19.41 -63.84
N PHE F 78 69.93 18.70 -64.97
CA PHE F 78 69.99 17.24 -64.99
C PHE F 78 71.44 16.75 -65.17
N ASP F 79 71.96 16.06 -64.16
CA ASP F 79 73.30 15.44 -64.21
C ASP F 79 73.16 13.93 -64.46
N PHE F 80 73.41 13.51 -65.70
CA PHE F 80 73.28 12.09 -66.08
C PHE F 80 74.26 11.17 -65.34
N ALA F 81 75.48 11.67 -65.09
CA ALA F 81 76.49 10.93 -64.33
C ALA F 81 75.98 10.50 -62.95
N THR F 82 75.17 11.35 -62.30
CA THR F 82 74.55 11.03 -61.02
C THR F 82 73.55 9.89 -61.14
N LEU F 83 72.72 9.92 -62.18
CA LEU F 83 71.77 8.84 -62.46
C LEU F 83 72.51 7.53 -62.77
N ARG F 84 73.54 7.61 -63.61
CA ARG F 84 74.29 6.41 -64.03
C ARG F 84 75.04 5.75 -62.87
N ARG F 85 75.65 6.55 -62.00
CA ARG F 85 76.34 6.04 -60.81
C ARG F 85 75.39 5.26 -59.89
N ASN F 86 74.20 5.82 -59.65
CA ASN F 86 73.17 5.18 -58.82
C ASN F 86 72.46 4.03 -59.53
N ARG F 87 72.39 4.09 -60.85
CA ARG F 87 71.87 2.97 -61.66
C ARG F 87 72.76 1.75 -61.48
N GLU F 88 74.07 1.95 -61.64
CA GLU F 88 75.05 0.87 -61.51
C GLU F 88 75.27 0.41 -60.07
N SER F 89 75.04 1.29 -59.09
CA SER F 89 75.10 0.90 -57.67
C SER F 89 73.99 -0.10 -57.32
N TYR F 90 72.79 0.13 -57.85
CA TYR F 90 71.67 -0.79 -57.67
C TYR F 90 71.93 -2.14 -58.36
N ILE F 91 72.55 -2.10 -59.53
CA ILE F 91 72.90 -3.31 -60.28
C ILE F 91 73.97 -4.11 -59.53
N ASP F 92 74.97 -3.42 -58.97
CA ASP F 92 76.00 -4.06 -58.13
C ASP F 92 75.41 -4.83 -56.95
N ARG F 93 74.48 -4.18 -56.23
CA ARG F 93 73.80 -4.80 -55.08
C ARG F 93 72.87 -5.96 -55.47
N ALA F 94 72.21 -5.85 -56.63
CA ALA F 94 71.37 -6.92 -57.17
C ALA F 94 72.19 -8.12 -57.64
N ARG F 95 73.38 -7.85 -58.19
CA ARG F 95 74.29 -8.89 -58.67
C ARG F 95 74.92 -9.70 -57.52
N SER F 96 75.17 -9.04 -56.39
CA SER F 96 75.71 -9.70 -55.19
C SER F 96 74.70 -10.64 -54.51
N SER F 97 73.42 -10.29 -54.56
CA SER F 97 72.33 -11.14 -54.07
C SER F 97 72.30 -12.51 -54.75
N TYR F 98 72.55 -12.52 -56.06
CA TYR F 98 72.62 -13.77 -56.83
C TYR F 98 73.80 -14.66 -56.44
N ASP F 99 74.93 -14.07 -56.04
CA ASP F 99 76.07 -14.82 -55.53
C ASP F 99 75.76 -15.46 -54.17
N GLY F 100 75.03 -14.72 -53.32
CA GLY F 100 74.58 -15.23 -52.02
C GLY F 100 73.61 -16.39 -52.11
N SER F 101 72.77 -16.40 -53.15
CA SER F 101 71.82 -17.50 -53.40
C SER F 101 72.52 -18.77 -53.89
N PHE F 102 73.53 -18.62 -54.75
CA PHE F 102 74.36 -19.75 -55.22
C PHE F 102 75.01 -20.51 -54.06
N LYS F 103 75.67 -19.77 -53.18
CA LYS F 103 76.46 -20.35 -52.09
C LYS F 103 75.55 -21.07 -51.08
N ARG F 104 74.37 -20.49 -50.83
CA ARG F 104 73.36 -21.05 -49.92
C ARG F 104 72.76 -22.36 -50.43
N ASN F 105 72.39 -22.39 -51.71
CA ASN F 105 71.80 -23.58 -52.34
C ASN F 105 72.82 -24.60 -52.88
N GLY F 106 74.12 -24.30 -52.72
CA GLY F 106 75.18 -25.23 -53.12
C GLY F 106 75.38 -25.27 -54.61
N VAL F 107 75.63 -24.09 -55.20
CA VAL F 107 75.86 -23.94 -56.63
C VAL F 107 77.22 -23.28 -56.83
N ASP F 108 78.10 -23.92 -57.60
CA ASP F 108 79.43 -23.38 -57.89
C ASP F 108 79.36 -22.46 -59.10
N LEU F 109 79.86 -21.24 -58.94
CA LEU F 109 80.03 -20.30 -60.04
C LEU F 109 81.38 -20.56 -60.70
N ILE F 110 81.36 -20.78 -62.01
CA ILE F 110 82.57 -21.08 -62.78
C ILE F 110 82.73 -20.02 -63.87
N GLU F 111 83.65 -19.08 -63.65
CA GLU F 111 83.90 -17.99 -64.60
C GLU F 111 84.67 -18.52 -65.82
N GLY F 112 84.07 -18.39 -67.00
CA GLY F 112 84.69 -18.84 -68.25
C GLY F 112 83.70 -19.15 -69.36
N HIS F 113 84.23 -19.41 -70.55
CA HIS F 113 83.43 -19.73 -71.74
C HIS F 113 83.30 -21.24 -71.92
N ALA F 114 82.09 -21.76 -71.72
CA ALA F 114 81.81 -23.19 -71.88
C ALA F 114 81.70 -23.59 -73.35
N GLU F 115 82.05 -24.83 -73.64
CA GLU F 115 82.13 -25.34 -75.00
C GLU F 115 82.03 -26.87 -74.96
N PHE F 116 81.05 -27.44 -75.69
CA PHE F 116 80.80 -28.89 -75.65
C PHE F 116 81.95 -29.71 -76.23
N VAL F 117 82.33 -30.77 -75.52
CA VAL F 117 83.33 -31.74 -75.98
C VAL F 117 82.63 -33.02 -76.46
N ASP F 118 81.74 -33.55 -75.62
CA ASP F 118 80.82 -34.63 -75.99
C ASP F 118 79.45 -34.36 -75.34
N SER F 119 78.49 -35.27 -75.53
CA SER F 119 77.11 -35.06 -75.04
C SER F 119 76.94 -34.91 -73.51
N HIS F 120 77.91 -35.37 -72.73
CA HIS F 120 77.89 -35.23 -71.27
C HIS F 120 79.02 -34.37 -70.69
N THR F 121 79.79 -33.68 -71.55
CA THR F 121 81.00 -32.96 -71.12
C THR F 121 81.14 -31.60 -71.79
N VAL F 122 81.71 -30.63 -71.04
CA VAL F 122 82.00 -29.28 -71.54
C VAL F 122 83.41 -28.84 -71.11
N SER F 123 84.02 -27.96 -71.92
CA SER F 123 85.38 -27.45 -71.67
C SER F 123 85.33 -25.98 -71.26
N VAL F 124 85.96 -25.66 -70.13
CA VAL F 124 86.04 -24.29 -69.60
C VAL F 124 87.49 -23.98 -69.19
N ASN F 125 88.13 -23.10 -69.95
CA ASN F 125 89.56 -22.73 -69.76
C ASN F 125 90.52 -23.93 -69.84
N GLY F 126 90.17 -24.91 -70.67
CA GLY F 126 90.93 -26.17 -70.78
C GLY F 126 90.38 -27.29 -69.93
N GLU F 127 89.97 -26.99 -68.70
CA GLU F 127 89.49 -27.98 -67.74
C GLU F 127 88.09 -28.50 -68.10
N LEU F 128 87.95 -29.83 -68.15
CA LEU F 128 86.68 -30.48 -68.51
C LEU F 128 85.71 -30.49 -67.34
N ILE F 129 84.41 -30.45 -67.64
CA ILE F 129 83.34 -30.52 -66.64
C ILE F 129 82.24 -31.47 -67.12
N ARG F 130 81.89 -32.45 -66.27
CA ARG F 130 80.98 -33.54 -66.65
C ARG F 130 79.69 -33.51 -65.83
N ALA F 131 78.57 -33.87 -66.47
CA ALA F 131 77.27 -33.91 -65.80
C ALA F 131 76.22 -34.72 -66.57
N LYS F 132 75.32 -35.36 -65.83
CA LYS F 132 74.20 -36.11 -66.42
C LYS F 132 73.18 -35.18 -67.11
N HIS F 133 73.05 -33.97 -66.59
CA HIS F 133 72.09 -32.98 -67.08
C HIS F 133 72.83 -31.69 -67.45
N ILE F 134 72.64 -31.20 -68.67
CA ILE F 134 73.27 -29.95 -69.15
C ILE F 134 72.20 -29.03 -69.73
N VAL F 135 72.07 -27.83 -69.16
CA VAL F 135 71.08 -26.84 -69.60
C VAL F 135 71.77 -25.73 -70.38
N ILE F 136 71.42 -25.60 -71.67
CA ILE F 136 71.91 -24.52 -72.52
C ILE F 136 70.95 -23.33 -72.35
N ALA F 137 71.44 -22.28 -71.69
CA ALA F 137 70.67 -21.04 -71.50
C ALA F 137 71.55 -19.84 -71.82
N THR F 138 72.10 -19.86 -73.04
CA THR F 138 73.10 -18.88 -73.48
C THR F 138 72.52 -17.52 -73.88
N GLY F 139 71.20 -17.41 -73.97
CA GLY F 139 70.55 -16.12 -74.18
C GLY F 139 70.57 -15.65 -75.62
N ALA F 140 70.72 -14.34 -75.81
CA ALA F 140 70.64 -13.72 -77.14
C ALA F 140 71.63 -12.56 -77.28
N HIS F 141 71.73 -12.02 -78.49
CA HIS F 141 72.57 -10.86 -78.79
C HIS F 141 71.83 -9.92 -79.75
N PRO F 142 72.25 -8.64 -79.85
CA PRO F 142 71.56 -7.71 -80.76
C PRO F 142 71.77 -8.06 -82.25
N SER F 143 70.71 -7.92 -83.04
CA SER F 143 70.74 -8.21 -84.47
C SER F 143 71.31 -7.01 -85.22
N ILE F 144 72.37 -7.24 -85.99
CA ILE F 144 72.96 -6.23 -86.87
C ILE F 144 72.66 -6.66 -88.32
N PRO F 145 71.79 -5.92 -89.02
CA PRO F 145 71.51 -6.24 -90.43
C PRO F 145 72.74 -6.18 -91.33
N ASN F 146 72.83 -7.09 -92.30
CA ASN F 146 73.97 -7.18 -93.20
C ASN F 146 73.89 -6.13 -94.31
N ILE F 147 74.43 -4.94 -94.03
CA ILE F 147 74.57 -3.87 -95.03
C ILE F 147 75.93 -3.18 -94.89
N PRO F 148 76.38 -2.44 -95.93
CA PRO F 148 77.67 -1.75 -95.83
C PRO F 148 77.70 -0.64 -94.76
N GLY F 149 78.75 -0.63 -93.94
CA GLY F 149 78.91 0.35 -92.87
C GLY F 149 78.08 0.10 -91.61
N ALA F 150 77.53 -1.10 -91.46
CA ALA F 150 76.68 -1.44 -90.31
C ALA F 150 77.43 -1.44 -88.98
N GLU F 151 78.72 -1.77 -89.02
CA GLU F 151 79.59 -1.72 -87.82
C GLU F 151 79.67 -0.34 -87.15
N LEU F 152 79.48 0.73 -87.91
CA LEU F 152 79.47 2.10 -87.37
C LEU F 152 78.31 2.33 -86.39
N GLY F 153 77.17 1.70 -86.65
CA GLY F 153 76.03 1.76 -85.74
C GLY F 153 76.22 0.89 -84.51
N GLY F 154 75.86 1.44 -83.35
CA GLY F 154 75.90 0.71 -82.07
C GLY F 154 74.62 -0.08 -81.81
N SER F 155 74.49 -0.57 -80.58
CA SER F 155 73.33 -1.34 -80.15
C SER F 155 72.88 -0.90 -78.75
N SER F 156 71.89 -1.59 -78.18
CA SER F 156 71.45 -1.32 -76.81
C SER F 156 72.57 -1.46 -75.76
N ASP F 157 73.50 -2.39 -75.97
CA ASP F 157 74.69 -2.52 -75.12
C ASP F 157 75.52 -1.23 -75.05
N ASP F 158 75.64 -0.53 -76.17
CA ASP F 158 76.38 0.75 -76.24
C ASP F 158 75.66 1.89 -75.53
N VAL F 159 74.33 1.84 -75.46
CA VAL F 159 73.53 2.89 -74.80
C VAL F 159 73.76 2.91 -73.28
N PHE F 160 73.79 1.73 -72.67
CA PHE F 160 74.06 1.62 -71.23
C PHE F 160 75.55 1.85 -70.90
N ALA F 161 76.42 1.60 -71.87
CA ALA F 161 77.85 1.89 -71.76
C ALA F 161 78.15 3.39 -71.72
N TRP F 162 77.28 4.22 -72.31
CA TRP F 162 77.49 5.68 -72.33
C TRP F 162 77.64 6.26 -70.93
N GLU F 163 78.71 7.02 -70.73
CA GLU F 163 78.93 7.75 -69.48
C GLU F 163 78.32 9.15 -69.51
N GLU F 164 78.23 9.74 -70.70
CA GLU F 164 77.49 10.98 -70.93
C GLU F 164 76.56 10.79 -72.11
N LEU F 165 75.42 11.50 -72.11
CA LEU F 165 74.44 11.41 -73.19
C LEU F 165 74.96 12.19 -74.41
N PRO F 166 74.82 11.61 -75.61
CA PRO F 166 75.29 12.30 -76.82
C PRO F 166 74.41 13.49 -77.22
N GLU F 167 74.89 14.29 -78.17
CA GLU F 167 74.16 15.45 -78.68
C GLU F 167 72.89 15.01 -79.41
N SER F 168 73.06 14.05 -80.33
CA SER F 168 71.96 13.49 -81.11
C SER F 168 72.07 11.97 -81.18
N VAL F 169 70.98 11.33 -81.60
CA VAL F 169 70.95 9.88 -81.77
C VAL F 169 69.89 9.48 -82.80
N ALA F 170 70.21 8.46 -83.60
CA ALA F 170 69.31 7.94 -84.62
C ALA F 170 69.03 6.47 -84.33
N ILE F 171 67.80 6.16 -83.96
CA ILE F 171 67.40 4.79 -83.63
C ILE F 171 66.77 4.14 -84.86
N LEU F 172 67.28 2.96 -85.23
CA LEU F 172 66.79 2.18 -86.36
C LEU F 172 66.16 0.89 -85.83
N GLY F 173 64.86 0.74 -86.03
CA GLY F 173 64.12 -0.41 -85.53
C GLY F 173 62.71 -0.05 -85.08
N ALA F 174 61.85 -1.06 -85.01
CA ALA F 174 60.43 -0.89 -84.71
C ALA F 174 59.91 -1.71 -83.51
N GLY F 175 60.79 -2.41 -82.81
CA GLY F 175 60.40 -3.27 -81.69
C GLY F 175 60.31 -2.53 -80.36
N TYR F 176 60.12 -3.29 -79.28
CA TYR F 176 59.91 -2.69 -77.95
C TYR F 176 61.14 -1.95 -77.42
N ILE F 177 62.34 -2.49 -77.67
CA ILE F 177 63.59 -1.83 -77.25
C ILE F 177 63.75 -0.47 -77.93
N ALA F 178 63.47 -0.41 -79.23
CA ALA F 178 63.56 0.83 -80.01
C ALA F 178 62.67 1.95 -79.45
N VAL F 179 61.42 1.59 -79.15
CA VAL F 179 60.43 2.53 -78.64
C VAL F 179 60.77 2.99 -77.22
N GLU F 180 61.22 2.05 -76.39
CA GLU F 180 61.66 2.35 -75.02
C GLU F 180 62.81 3.35 -74.98
N LEU F 181 63.87 3.06 -75.73
CA LEU F 181 65.07 3.93 -75.77
C LEU F 181 64.79 5.31 -76.40
N ALA F 182 63.97 5.32 -77.44
CA ALA F 182 63.54 6.57 -78.09
C ALA F 182 62.82 7.50 -77.13
N GLY F 183 61.89 6.95 -76.35
CA GLY F 183 61.13 7.71 -75.35
C GLY F 183 61.97 8.28 -74.22
N VAL F 184 62.93 7.49 -73.74
CA VAL F 184 63.80 7.88 -72.63
C VAL F 184 64.80 8.98 -73.05
N LEU F 185 65.48 8.77 -74.16
CA LEU F 185 66.50 9.72 -74.64
C LEU F 185 65.88 11.04 -75.09
N HIS F 186 64.70 10.99 -75.71
CA HIS F 186 63.94 12.18 -76.07
C HIS F 186 63.54 13.02 -74.85
N THR F 187 63.07 12.36 -73.80
CA THR F 187 62.66 13.04 -72.57
C THR F 187 63.85 13.64 -71.81
N PHE F 188 65.02 12.99 -71.91
CA PHE F 188 66.27 13.54 -71.33
C PHE F 188 66.87 14.71 -72.14
N GLY F 189 66.35 14.97 -73.34
CA GLY F 189 66.75 16.14 -74.14
C GLY F 189 67.75 15.86 -75.26
N VAL F 190 68.00 14.57 -75.55
CA VAL F 190 68.84 14.18 -76.69
C VAL F 190 68.02 14.38 -77.97
N LYS F 191 68.66 14.90 -79.01
CA LYS F 191 68.01 15.07 -80.31
C LYS F 191 67.78 13.68 -80.93
N THR F 192 66.63 13.10 -80.59
CA THR F 192 66.35 11.69 -80.85
C THR F 192 65.40 11.52 -82.04
N ASP F 193 65.83 10.74 -83.03
CA ASP F 193 65.00 10.40 -84.19
C ASP F 193 64.85 8.88 -84.29
N LEU F 194 63.61 8.42 -84.49
CA LEU F 194 63.28 7.01 -84.62
C LEU F 194 62.87 6.70 -86.06
N PHE F 195 63.47 5.67 -86.65
CA PHE F 195 63.21 5.27 -88.04
C PHE F 195 62.73 3.82 -88.09
N VAL F 196 61.46 3.63 -88.42
CA VAL F 196 60.89 2.29 -88.61
C VAL F 196 60.89 1.90 -90.09
N ARG F 197 60.98 0.60 -90.35
CA ARG F 197 61.19 0.07 -91.69
C ARG F 197 59.92 0.12 -92.56
N ARG F 198 58.75 -0.07 -91.95
CA ARG F 198 57.47 -0.07 -92.68
C ARG F 198 56.30 0.37 -91.79
N ASP F 199 55.46 1.26 -92.33
CA ASP F 199 54.09 1.52 -91.82
C ASP F 199 54.01 2.19 -90.43
N ARG F 200 54.37 1.44 -89.38
CA ARG F 200 54.32 1.93 -88.00
C ARG F 200 55.25 1.10 -87.11
N PRO F 201 55.55 1.59 -85.88
CA PRO F 201 56.29 0.74 -84.94
C PRO F 201 55.41 -0.38 -84.37
N LEU F 202 56.04 -1.39 -83.77
CA LEU F 202 55.33 -2.45 -83.02
C LEU F 202 54.20 -3.10 -83.83
N ARG F 203 54.57 -3.68 -84.97
CA ARG F 203 53.59 -4.29 -85.89
C ARG F 203 52.91 -5.54 -85.30
N GLY F 204 53.57 -6.20 -84.36
CA GLY F 204 52.97 -7.30 -83.59
C GLY F 204 51.93 -6.87 -82.57
N PHE F 205 52.04 -5.63 -82.08
CA PHE F 205 51.09 -5.08 -81.11
C PHE F 205 49.84 -4.55 -81.82
N ASP F 206 48.76 -4.39 -81.06
CA ASP F 206 47.47 -3.94 -81.59
C ASP F 206 47.55 -2.52 -82.15
N SER F 207 46.89 -2.29 -83.30
CA SER F 207 46.99 -1.03 -84.05
C SER F 207 46.45 0.16 -83.28
N TYR F 208 45.30 -0.02 -82.63
CA TYR F 208 44.64 1.02 -81.83
C TYR F 208 45.53 1.55 -80.72
N ILE F 209 46.27 0.65 -80.06
CA ILE F 209 47.20 1.00 -78.99
C ILE F 209 48.44 1.71 -79.55
N VAL F 210 48.99 1.17 -80.63
CA VAL F 210 50.17 1.74 -81.28
C VAL F 210 49.87 3.11 -81.89
N GLU F 211 48.66 3.27 -82.43
CA GLU F 211 48.20 4.57 -82.93
C GLU F 211 48.21 5.65 -81.82
N GLY F 212 47.85 5.26 -80.60
CA GLY F 212 47.97 6.12 -79.43
C GLY F 212 49.40 6.54 -79.11
N LEU F 213 50.35 5.63 -79.29
CA LEU F 213 51.78 5.95 -79.13
C LEU F 213 52.28 6.94 -80.19
N VAL F 214 51.87 6.74 -81.44
CA VAL F 214 52.26 7.62 -82.55
C VAL F 214 51.72 9.04 -82.32
N LYS F 215 50.47 9.13 -81.85
CA LYS F 215 49.85 10.42 -81.50
C LYS F 215 50.62 11.15 -80.39
N GLU F 216 51.10 10.39 -79.40
CA GLU F 216 51.90 10.94 -78.31
C GLU F 216 53.28 11.43 -78.75
N MET F 217 53.90 10.73 -79.71
CA MET F 217 55.16 11.16 -80.29
C MET F 217 55.04 12.46 -81.11
N GLU F 218 53.96 12.59 -81.87
CA GLU F 218 53.64 13.85 -82.58
C GLU F 218 53.47 15.01 -81.60
N ARG F 219 52.74 14.76 -80.52
CA ARG F 219 52.42 15.80 -79.53
C ARG F 219 53.65 16.29 -78.74
N THR F 220 54.63 15.39 -78.52
CA THR F 220 55.88 15.74 -77.84
C THR F 220 57.05 16.09 -78.80
N ASN F 221 56.77 16.16 -80.11
CA ASN F 221 57.78 16.43 -81.13
C ASN F 221 58.99 15.46 -81.08
N LEU F 222 58.68 14.18 -80.94
CA LEU F 222 59.65 13.10 -81.10
C LEU F 222 59.47 12.57 -82.52
N PRO F 223 60.35 12.96 -83.46
CA PRO F 223 60.09 12.66 -84.88
C PRO F 223 60.13 11.16 -85.20
N LEU F 224 59.02 10.65 -85.71
CA LEU F 224 58.90 9.27 -86.19
C LEU F 224 58.92 9.29 -87.71
N HIS F 225 59.73 8.42 -88.32
CA HIS F 225 59.89 8.36 -89.77
C HIS F 225 59.50 6.98 -90.29
N THR F 226 58.36 6.88 -90.97
CA THR F 226 57.87 5.60 -91.51
C THR F 226 58.45 5.33 -92.91
N HIS F 227 58.46 4.05 -93.29
CA HIS F 227 58.97 3.59 -94.60
C HIS F 227 60.43 3.98 -94.84
N LYS F 228 61.30 3.60 -93.92
CA LYS F 228 62.73 3.92 -93.98
C LYS F 228 63.60 2.66 -93.86
N VAL F 229 63.94 2.10 -95.02
CA VAL F 229 64.80 0.91 -95.11
C VAL F 229 66.25 1.37 -95.22
N PRO F 230 67.12 1.06 -94.21
CA PRO F 230 68.52 1.50 -94.31
C PRO F 230 69.34 0.70 -95.33
N VAL F 231 69.93 1.41 -96.30
CA VAL F 231 70.77 0.82 -97.34
C VAL F 231 72.26 0.84 -96.96
N LYS F 232 72.71 1.97 -96.38
CA LYS F 232 74.12 2.16 -96.03
C LYS F 232 74.28 3.16 -94.88
N LEU F 233 75.35 2.97 -94.10
CA LEU F 233 75.80 3.94 -93.09
C LEU F 233 77.20 4.42 -93.49
N GLU F 234 77.53 5.65 -93.13
CA GLU F 234 78.83 6.25 -93.50
C GLU F 234 79.31 7.30 -92.51
N LYS F 235 80.63 7.42 -92.38
CA LYS F 235 81.26 8.37 -91.47
C LYS F 235 81.23 9.77 -92.07
N THR F 236 81.02 10.77 -91.20
CA THR F 236 81.09 12.20 -91.59
C THR F 236 81.71 13.03 -90.46
N THR F 237 81.95 14.32 -90.73
CA THR F 237 82.47 15.27 -89.72
C THR F 237 81.49 15.52 -88.58
N ASP F 238 80.19 15.47 -88.88
CA ASP F 238 79.14 15.62 -87.86
C ASP F 238 79.00 14.37 -86.97
N GLY F 239 79.16 13.19 -87.57
CA GLY F 239 79.13 11.92 -86.84
C GLY F 239 78.95 10.71 -87.73
N ILE F 240 77.69 10.29 -87.89
CA ILE F 240 77.32 9.13 -88.74
C ILE F 240 76.08 9.49 -89.56
N THR F 241 76.15 9.27 -90.88
CA THR F 241 75.05 9.56 -91.80
C THR F 241 74.43 8.27 -92.31
N ILE F 242 73.10 8.20 -92.28
CA ILE F 242 72.34 7.02 -92.71
C ILE F 242 71.75 7.29 -94.09
N HIS F 243 71.89 6.33 -95.01
CA HIS F 243 71.31 6.44 -96.35
C HIS F 243 70.16 5.45 -96.49
N PHE F 244 68.98 5.96 -96.84
CA PHE F 244 67.76 5.13 -96.94
C PHE F 244 67.41 4.80 -98.40
N GLU F 245 66.56 3.78 -98.54
CA GLU F 245 66.19 3.22 -99.85
C GLU F 245 65.27 4.15 -100.66
N ASP F 246 64.38 4.86 -99.97
CA ASP F 246 63.47 5.81 -100.63
C ASP F 246 64.19 6.98 -101.35
N GLY F 247 65.34 7.39 -100.82
CA GLY F 247 66.14 8.46 -101.42
C GLY F 247 66.82 9.36 -100.40
N THR F 248 66.10 9.64 -99.31
CA THR F 248 66.55 10.60 -98.29
C THR F 248 67.69 10.07 -97.42
N SER F 249 68.28 10.98 -96.64
CA SER F 249 69.35 10.66 -95.69
C SER F 249 69.19 11.46 -94.40
N HIS F 250 69.94 11.07 -93.37
CA HIS F 250 69.88 11.71 -92.04
C HIS F 250 71.17 11.48 -91.26
N THR F 251 71.56 12.47 -90.46
CA THR F 251 72.83 12.47 -89.74
C THR F 251 72.65 12.68 -88.23
N ALA F 252 73.53 12.07 -87.44
CA ALA F 252 73.53 12.22 -85.98
C ALA F 252 74.86 11.75 -85.38
N SER F 253 75.06 12.00 -84.08
CA SER F 253 76.29 11.62 -83.37
C SER F 253 76.41 10.10 -83.28
N GLN F 254 75.34 9.47 -82.78
CA GLN F 254 75.28 8.02 -82.59
C GLN F 254 74.16 7.43 -83.46
N VAL F 255 74.34 6.16 -83.85
CA VAL F 255 73.29 5.40 -84.53
C VAL F 255 73.13 4.08 -83.79
N ILE F 256 71.89 3.75 -83.44
CA ILE F 256 71.60 2.56 -82.64
C ILE F 256 70.76 1.58 -83.45
N TRP F 257 71.26 0.37 -83.62
CA TRP F 257 70.49 -0.75 -84.19
C TRP F 257 69.63 -1.36 -83.08
N ALA F 258 68.31 -1.33 -83.27
CA ALA F 258 67.36 -1.98 -82.37
C ALA F 258 66.24 -2.64 -83.17
N THR F 259 66.64 -3.48 -84.13
CA THR F 259 65.69 -4.18 -85.01
C THR F 259 65.16 -5.45 -84.36
N GLY F 260 66.05 -6.22 -83.74
CA GLY F 260 65.66 -7.41 -83.00
C GLY F 260 66.83 -8.05 -82.27
N ARG F 261 66.62 -9.27 -81.79
CA ARG F 261 67.66 -10.05 -81.10
C ARG F 261 67.69 -11.49 -81.61
N ARG F 262 68.90 -12.02 -81.76
CA ARG F 262 69.12 -13.38 -82.27
C ARG F 262 69.79 -14.24 -81.19
N PRO F 263 69.54 -15.56 -81.22
CA PRO F 263 70.05 -16.43 -80.15
C PRO F 263 71.56 -16.71 -80.24
N ASN F 264 72.19 -16.91 -79.08
CA ASN F 264 73.59 -17.30 -79.01
C ASN F 264 73.73 -18.82 -79.22
N VAL F 265 74.10 -19.22 -80.44
CA VAL F 265 74.22 -20.64 -80.79
C VAL F 265 75.54 -21.09 -81.44
N LYS F 266 76.43 -20.15 -81.77
CA LYS F 266 77.54 -20.44 -82.69
C LYS F 266 78.85 -20.88 -82.04
N GLY F 267 79.18 -20.34 -80.87
CA GLY F 267 80.44 -20.66 -80.19
C GLY F 267 80.39 -21.80 -79.19
N LEU F 268 79.48 -22.75 -79.38
CA LEU F 268 79.20 -23.81 -78.40
C LEU F 268 79.68 -25.21 -78.79
N GLN F 269 80.02 -25.43 -80.07
CA GLN F 269 80.34 -26.76 -80.60
C GLN F 269 79.16 -27.72 -80.40
N LEU F 270 78.00 -27.29 -80.88
CA LEU F 270 76.76 -28.06 -80.71
C LEU F 270 76.75 -29.39 -81.48
N GLU F 271 77.52 -29.45 -82.57
CA GLU F 271 77.63 -30.68 -83.38
C GLU F 271 78.36 -31.80 -82.63
N LYS F 272 79.32 -31.45 -81.77
CA LYS F 272 80.02 -32.43 -80.94
C LYS F 272 79.11 -33.10 -79.90
N ALA F 273 78.22 -32.32 -79.30
CA ALA F 273 77.21 -32.84 -78.37
C ALA F 273 76.07 -33.54 -79.09
N GLY F 274 75.75 -33.07 -80.31
CA GLY F 274 74.65 -33.59 -81.12
C GLY F 274 73.40 -32.72 -81.11
N VAL F 275 73.50 -31.50 -80.56
CA VAL F 275 72.35 -30.62 -80.39
C VAL F 275 72.04 -29.91 -81.71
N THR F 276 70.79 -30.02 -82.17
CA THR F 276 70.37 -29.46 -83.45
C THR F 276 69.62 -28.14 -83.28
N LEU F 277 69.63 -27.31 -84.33
CA LEU F 277 68.85 -26.08 -84.40
C LEU F 277 67.54 -26.35 -85.15
N ASN F 278 66.51 -25.55 -84.85
CA ASN F 278 65.27 -25.54 -85.64
C ASN F 278 65.47 -24.68 -86.91
N GLU F 279 64.42 -24.56 -87.71
CA GLU F 279 64.50 -23.85 -89.00
C GLU F 279 64.77 -22.34 -88.84
N ARG F 280 64.24 -21.73 -87.78
CA ARG F 280 64.39 -20.29 -87.52
C ARG F 280 65.73 -19.88 -86.90
N GLY F 281 66.56 -20.84 -86.51
CA GLY F 281 67.90 -20.57 -85.96
C GLY F 281 68.04 -20.74 -84.45
N PHE F 282 66.93 -21.06 -83.78
CA PHE F 282 66.92 -21.33 -82.33
C PHE F 282 67.26 -22.80 -82.08
N ILE F 283 67.60 -23.12 -80.84
CA ILE F 283 67.88 -24.51 -80.45
C ILE F 283 66.55 -25.30 -80.41
N GLN F 284 66.51 -26.42 -81.14
CA GLN F 284 65.32 -27.26 -81.26
C GLN F 284 65.06 -27.99 -79.93
N VAL F 285 63.87 -27.78 -79.38
CA VAL F 285 63.44 -28.46 -78.16
C VAL F 285 61.96 -28.84 -78.24
N ASP F 286 61.54 -29.72 -77.33
CA ASP F 286 60.12 -30.13 -77.21
C ASP F 286 59.40 -29.28 -76.13
N GLU F 287 58.17 -29.64 -75.81
CA GLU F 287 57.39 -28.94 -74.77
C GLU F 287 57.97 -29.03 -73.35
N TYR F 288 58.82 -30.03 -73.10
CA TYR F 288 59.52 -30.20 -71.81
C TYR F 288 60.95 -29.61 -71.78
N GLN F 289 61.31 -28.83 -72.78
CA GLN F 289 62.66 -28.23 -72.93
C GLN F 289 63.80 -29.23 -73.27
N ASN F 290 63.45 -30.47 -73.63
CA ASN F 290 64.45 -31.47 -74.02
C ASN F 290 64.94 -31.18 -75.43
N THR F 291 66.26 -31.23 -75.64
CA THR F 291 66.83 -31.20 -77.00
C THR F 291 66.62 -32.58 -77.64
N VAL F 292 67.11 -32.77 -78.86
CA VAL F 292 67.09 -34.10 -79.50
C VAL F 292 68.01 -35.12 -78.78
N VAL F 293 69.08 -34.62 -78.16
CA VAL F 293 70.00 -35.46 -77.36
C VAL F 293 69.51 -35.52 -75.91
N GLU F 294 69.27 -36.73 -75.41
CA GLU F 294 68.80 -36.92 -74.04
C GLU F 294 69.91 -36.61 -73.03
N GLY F 295 69.52 -35.95 -71.94
CA GLY F 295 70.47 -35.40 -70.98
C GLY F 295 70.90 -33.96 -71.24
N ILE F 296 70.47 -33.39 -72.38
CA ILE F 296 70.73 -31.99 -72.71
C ILE F 296 69.39 -31.27 -72.92
N TYR F 297 69.30 -30.06 -72.38
CA TYR F 297 68.07 -29.26 -72.40
C TYR F 297 68.41 -27.82 -72.77
N ALA F 298 67.40 -27.08 -73.25
CA ALA F 298 67.57 -25.67 -73.57
C ALA F 298 66.32 -24.86 -73.22
N LEU F 299 66.54 -23.62 -72.78
CA LEU F 299 65.46 -22.73 -72.38
C LEU F 299 65.94 -21.27 -72.38
N GLY F 300 64.99 -20.34 -72.24
CA GLY F 300 65.29 -18.91 -72.26
C GLY F 300 65.26 -18.35 -73.67
N ASP F 301 66.03 -17.29 -73.92
CA ASP F 301 66.05 -16.63 -75.23
C ASP F 301 66.63 -17.49 -76.36
N VAL F 302 67.52 -18.43 -76.03
CA VAL F 302 68.15 -19.31 -77.04
C VAL F 302 67.17 -20.27 -77.73
N THR F 303 66.08 -20.63 -77.04
CA THR F 303 65.01 -21.46 -77.62
C THR F 303 63.91 -20.62 -78.29
N GLY F 304 63.69 -19.40 -77.80
CA GLY F 304 62.88 -18.40 -78.49
C GLY F 304 61.37 -18.54 -78.46
N GLU F 305 60.83 -19.17 -77.42
CA GLU F 305 59.38 -19.30 -77.27
C GLU F 305 58.73 -17.95 -76.97
N LYS F 306 59.32 -17.22 -76.03
CA LYS F 306 58.92 -15.84 -75.72
C LYS F 306 60.06 -15.15 -74.94
N GLU F 307 60.77 -14.25 -75.62
CA GLU F 307 62.03 -13.69 -75.09
C GLU F 307 61.82 -12.66 -73.98
N LEU F 308 61.52 -13.16 -72.78
CA LEU F 308 61.30 -12.35 -71.58
C LEU F 308 61.99 -13.02 -70.39
N THR F 309 62.33 -12.22 -69.38
CA THR F 309 63.05 -12.71 -68.19
C THR F 309 62.22 -13.71 -67.35
N PRO F 310 60.98 -13.34 -66.96
CA PRO F 310 60.18 -14.30 -66.16
C PRO F 310 59.73 -15.56 -66.92
N VAL F 311 59.76 -15.53 -68.26
CA VAL F 311 59.55 -16.74 -69.07
C VAL F 311 60.73 -17.70 -68.89
N ALA F 312 61.95 -17.17 -68.94
CA ALA F 312 63.16 -17.97 -68.67
C ALA F 312 63.21 -18.49 -67.23
N ILE F 313 62.78 -17.66 -66.27
CA ILE F 313 62.81 -18.02 -64.85
C ILE F 313 61.82 -19.17 -64.55
N LYS F 314 60.59 -19.04 -65.01
CA LYS F 314 59.57 -20.08 -64.79
C LYS F 314 59.91 -21.37 -65.56
N ALA F 315 60.33 -21.21 -66.82
CA ALA F 315 60.75 -22.37 -67.62
C ALA F 315 61.90 -23.11 -66.95
N GLY F 316 62.86 -22.34 -66.43
CA GLY F 316 63.98 -22.90 -65.68
C GLY F 316 63.56 -23.62 -64.40
N ARG F 317 62.77 -22.92 -63.58
CA ARG F 317 62.26 -23.48 -62.32
C ARG F 317 61.35 -24.70 -62.54
N THR F 318 60.54 -24.67 -63.59
CA THR F 318 59.69 -25.80 -63.95
C THR F 318 60.51 -27.02 -64.39
N LEU F 319 61.59 -26.80 -65.14
CA LEU F 319 62.48 -27.90 -65.55
C LEU F 319 63.13 -28.60 -64.36
N SER F 320 63.59 -27.82 -63.37
CA SER F 320 64.20 -28.38 -62.15
C SER F 320 63.21 -29.13 -61.25
N GLU F 321 61.94 -28.69 -61.25
CA GLU F 321 60.85 -29.44 -60.61
C GLU F 321 60.65 -30.82 -61.26
N ARG F 322 60.76 -30.88 -62.59
CA ARG F 322 60.62 -32.12 -63.36
C ARG F 322 61.74 -33.10 -63.06
N LEU F 323 62.99 -32.62 -63.12
CA LEU F 323 64.17 -33.48 -62.96
C LEU F 323 64.46 -33.88 -61.51
N PHE F 324 64.24 -32.97 -60.56
CA PHE F 324 64.68 -33.18 -59.16
C PHE F 324 63.59 -33.19 -58.08
N ASN F 325 62.34 -32.90 -58.43
CA ASN F 325 61.22 -32.97 -57.49
C ASN F 325 60.08 -33.87 -57.98
N GLY F 326 60.41 -34.78 -58.89
CA GLY F 326 59.49 -35.85 -59.33
C GLY F 326 58.29 -35.47 -60.17
N LYS F 327 58.23 -34.24 -60.66
CA LYS F 327 57.07 -33.76 -61.41
C LYS F 327 57.23 -34.10 -62.89
N THR F 328 57.02 -35.38 -63.21
CA THR F 328 57.28 -35.97 -64.53
C THR F 328 56.70 -35.21 -65.73
N THR F 329 55.44 -34.80 -65.62
CA THR F 329 54.71 -34.11 -66.71
C THR F 329 54.70 -32.58 -66.60
N ALA F 330 55.48 -32.01 -65.68
CA ALA F 330 55.52 -30.55 -65.50
C ALA F 330 56.21 -29.86 -66.69
N LYS F 331 55.61 -28.77 -67.15
CA LYS F 331 56.13 -28.05 -68.31
C LYS F 331 55.66 -26.60 -68.29
N MET F 332 56.34 -25.78 -69.10
CA MET F 332 56.04 -24.36 -69.20
C MET F 332 54.81 -24.14 -70.08
N ASP F 333 53.92 -23.25 -69.61
CA ASP F 333 52.76 -22.83 -70.38
C ASP F 333 53.10 -21.49 -71.04
N TYR F 334 53.19 -21.51 -72.36
CA TYR F 334 53.62 -20.32 -73.14
C TYR F 334 52.48 -19.44 -73.66
N SER F 335 51.22 -19.84 -73.41
CA SER F 335 50.06 -19.02 -73.79
C SER F 335 49.74 -17.96 -72.71
N THR F 336 49.14 -16.86 -73.14
CA THR F 336 48.64 -15.81 -72.23
C THR F 336 49.73 -15.22 -71.32
N ILE F 337 50.91 -14.97 -71.91
CA ILE F 337 52.02 -14.34 -71.19
C ILE F 337 51.87 -12.82 -71.31
N PRO F 338 51.69 -12.11 -70.18
CA PRO F 338 51.53 -10.65 -70.25
C PRO F 338 52.86 -9.95 -70.52
N THR F 339 52.79 -8.78 -71.15
CA THR F 339 53.97 -7.96 -71.46
C THR F 339 53.67 -6.50 -71.16
N VAL F 340 54.70 -5.78 -70.70
CA VAL F 340 54.66 -4.33 -70.57
C VAL F 340 55.87 -3.75 -71.30
N VAL F 341 55.62 -2.72 -72.11
CA VAL F 341 56.67 -1.97 -72.79
C VAL F 341 56.73 -0.58 -72.15
N PHE F 342 57.89 -0.23 -71.60
CA PHE F 342 58.04 1.04 -70.88
C PHE F 342 58.40 2.18 -71.85
N SER F 343 57.41 2.51 -72.68
CA SER F 343 57.45 3.63 -73.60
C SER F 343 56.90 4.85 -72.86
N HIS F 344 56.73 5.97 -73.59
CA HIS F 344 56.10 7.18 -73.04
C HIS F 344 54.74 7.46 -73.72
N PRO F 345 53.60 7.11 -73.09
CA PRO F 345 53.51 6.38 -71.83
C PRO F 345 53.60 4.87 -72.04
N ALA F 346 53.54 4.11 -70.96
CA ALA F 346 53.71 2.66 -71.00
C ALA F 346 52.60 1.94 -71.77
N ILE F 347 52.98 0.91 -72.51
CA ILE F 347 52.03 0.01 -73.17
C ILE F 347 51.95 -1.27 -72.34
N GLY F 348 50.76 -1.87 -72.29
CA GLY F 348 50.53 -3.14 -71.58
C GLY F 348 49.60 -4.03 -72.38
N THR F 349 49.95 -5.31 -72.48
CA THR F 349 49.19 -6.26 -73.29
C THR F 349 49.22 -7.67 -72.69
N VAL F 350 48.10 -8.38 -72.83
CA VAL F 350 48.06 -9.82 -72.56
C VAL F 350 47.00 -10.44 -73.46
N GLY F 351 47.29 -11.64 -73.96
CA GLY F 351 46.37 -12.35 -74.86
C GLY F 351 46.52 -11.90 -76.30
N LEU F 352 45.49 -12.19 -77.10
CA LEU F 352 45.55 -12.03 -78.55
C LEU F 352 45.23 -10.61 -79.00
N THR F 353 45.84 -10.19 -80.11
CA THR F 353 45.43 -8.97 -80.82
C THR F 353 44.15 -9.27 -81.60
N GLU F 354 43.52 -8.22 -82.12
CA GLU F 354 42.27 -8.35 -82.87
C GLU F 354 42.43 -9.31 -84.07
N GLU F 355 43.55 -9.17 -84.78
CA GLU F 355 43.83 -10.00 -85.96
C GLU F 355 44.15 -11.46 -85.61
N GLN F 356 44.85 -11.66 -84.49
CA GLN F 356 45.09 -13.02 -83.96
C GLN F 356 43.78 -13.74 -83.60
N ALA F 357 42.89 -13.02 -82.92
CA ALA F 357 41.60 -13.57 -82.48
C ALA F 357 40.67 -13.93 -83.65
N ILE F 358 40.75 -13.16 -84.73
CA ILE F 358 39.98 -13.43 -85.96
C ILE F 358 40.41 -14.74 -86.61
N LYS F 359 41.71 -14.96 -86.75
CA LYS F 359 42.25 -16.22 -87.30
C LYS F 359 41.95 -17.41 -86.40
N GLU F 360 41.97 -17.18 -85.08
CA GLU F 360 41.79 -18.25 -84.09
C GLU F 360 40.33 -18.72 -83.98
N TYR F 361 39.42 -17.78 -83.75
CA TYR F 361 37.99 -18.08 -83.48
C TYR F 361 37.06 -17.88 -84.69
N GLY F 362 37.51 -17.12 -85.69
CA GLY F 362 36.67 -16.74 -86.82
C GLY F 362 36.22 -15.29 -86.70
N GLN F 363 36.12 -14.63 -87.86
CA GLN F 363 35.78 -13.21 -87.95
C GLN F 363 34.45 -12.83 -87.28
N ASP F 364 33.42 -13.63 -87.53
CA ASP F 364 32.08 -13.41 -86.97
C ASP F 364 31.98 -13.61 -85.45
N GLN F 365 32.93 -14.35 -84.88
CA GLN F 365 32.87 -14.74 -83.47
C GLN F 365 33.51 -13.73 -82.50
N ILE F 366 34.21 -12.71 -83.03
CA ILE F 366 34.93 -11.74 -82.21
C ILE F 366 34.16 -10.42 -82.05
N LYS F 367 34.04 -9.96 -80.80
CA LYS F 367 33.58 -8.60 -80.48
C LYS F 367 34.71 -7.80 -79.84
N VAL F 368 34.67 -6.49 -80.01
CA VAL F 368 35.74 -5.58 -79.57
C VAL F 368 35.13 -4.41 -78.81
N TYR F 369 35.82 -3.99 -77.74
CA TYR F 369 35.42 -2.84 -76.93
C TYR F 369 36.60 -1.89 -76.81
N LYS F 370 36.38 -0.60 -77.08
CA LYS F 370 37.43 0.43 -77.04
C LYS F 370 37.04 1.56 -76.10
N SER F 371 38.05 2.23 -75.55
CA SER F 371 37.84 3.35 -74.63
C SER F 371 39.00 4.33 -74.73
N SER F 372 38.73 5.51 -75.30
CA SER F 372 39.68 6.61 -75.35
C SER F 372 39.32 7.61 -74.24
N PHE F 373 40.33 8.02 -73.47
CA PHE F 373 40.14 8.95 -72.36
C PHE F 373 41.48 9.56 -71.94
N ALA F 374 41.43 10.68 -71.23
CA ALA F 374 42.61 11.29 -70.65
C ALA F 374 42.62 11.00 -69.16
N SER F 375 43.81 10.71 -68.62
CA SER F 375 43.96 10.52 -67.18
C SER F 375 43.85 11.85 -66.46
N MET F 376 43.31 11.80 -65.24
CA MET F 376 43.13 12.98 -64.39
C MET F 376 44.44 13.70 -64.09
N TYR F 377 45.53 12.93 -64.01
CA TYR F 377 46.89 13.46 -63.81
C TYR F 377 47.27 14.50 -64.86
N SER F 378 47.10 14.13 -66.13
CA SER F 378 47.46 15.00 -67.26
C SER F 378 46.34 15.96 -67.68
N ALA F 379 45.08 15.53 -67.54
CA ALA F 379 43.92 16.28 -68.07
C ALA F 379 43.60 17.60 -67.36
N CYS F 380 44.12 17.81 -66.15
CA CYS F 380 43.98 19.09 -65.46
C CYS F 380 45.19 20.04 -65.69
N THR F 381 46.00 19.75 -66.71
CA THR F 381 47.16 20.57 -67.08
C THR F 381 47.07 20.98 -68.55
N ARG F 382 48.07 21.74 -69.01
CA ARG F 382 48.24 22.10 -70.43
C ARG F 382 48.37 20.87 -71.32
N ASN F 383 49.20 19.92 -70.88
CA ASN F 383 49.58 18.76 -71.69
C ASN F 383 48.68 17.56 -71.44
N ARG F 384 47.54 17.53 -72.14
CA ARG F 384 46.57 16.43 -72.05
C ARG F 384 47.13 15.21 -72.76
N GLN F 385 47.26 14.10 -72.02
CA GLN F 385 47.88 12.87 -72.49
C GLN F 385 46.82 11.80 -72.66
N GLU F 386 46.62 11.34 -73.89
CA GLU F 386 45.56 10.38 -74.20
C GLU F 386 45.93 8.98 -73.72
N SER F 387 44.95 8.27 -73.15
CA SER F 387 45.05 6.85 -72.87
C SER F 387 44.09 6.10 -73.79
N ARG F 388 44.42 4.86 -74.12
CA ARG F 388 43.60 4.01 -74.99
C ARG F 388 43.61 2.58 -74.47
N PHE F 389 42.42 2.06 -74.17
CA PHE F 389 42.24 0.69 -73.68
C PHE F 389 41.50 -0.12 -74.75
N LYS F 390 41.72 -1.44 -74.75
CA LYS F 390 40.96 -2.34 -75.63
C LYS F 390 40.77 -3.72 -74.99
N LEU F 391 39.55 -4.23 -75.09
CA LEU F 391 39.21 -5.61 -74.71
C LEU F 391 38.69 -6.34 -75.95
N ILE F 392 39.13 -7.58 -76.13
CA ILE F 392 38.70 -8.43 -77.24
C ILE F 392 38.03 -9.67 -76.66
N THR F 393 36.74 -9.85 -76.98
CA THR F 393 35.98 -11.02 -76.53
C THR F 393 35.72 -11.99 -77.68
N ALA F 394 35.42 -13.24 -77.32
CA ALA F 394 35.17 -14.30 -78.30
C ALA F 394 34.09 -15.27 -77.83
N GLY F 395 33.23 -15.68 -78.76
CA GLY F 395 32.17 -16.66 -78.50
C GLY F 395 30.86 -16.01 -78.09
N SER F 396 29.86 -16.85 -77.84
CA SER F 396 28.55 -16.39 -77.36
C SER F 396 28.62 -15.84 -75.93
N GLU F 397 29.44 -16.48 -75.09
CA GLU F 397 29.65 -16.05 -73.70
C GLU F 397 30.68 -14.92 -73.54
N GLU F 398 31.30 -14.49 -74.63
CA GLU F 398 32.26 -13.37 -74.65
C GLU F 398 33.43 -13.58 -73.71
N LYS F 399 34.18 -14.65 -73.96
CA LYS F 399 35.42 -14.95 -73.26
C LYS F 399 36.46 -13.89 -73.62
N VAL F 400 37.05 -13.24 -72.62
CA VAL F 400 38.05 -12.21 -72.85
C VAL F 400 39.35 -12.87 -73.27
N VAL F 401 39.68 -12.79 -74.55
CA VAL F 401 40.89 -13.42 -75.12
C VAL F 401 42.06 -12.46 -75.33
N GLY F 402 41.80 -11.15 -75.23
CA GLY F 402 42.85 -10.14 -75.36
C GLY F 402 42.53 -8.87 -74.58
N LEU F 403 43.53 -8.32 -73.89
CA LEU F 403 43.43 -7.05 -73.18
C LEU F 403 44.66 -6.22 -73.50
N HIS F 404 44.45 -4.97 -73.95
CA HIS F 404 45.52 -4.10 -74.42
C HIS F 404 45.30 -2.68 -73.92
N GLY F 405 46.39 -1.99 -73.59
CA GLY F 405 46.31 -0.64 -73.04
C GLY F 405 47.58 0.19 -73.21
N ILE F 406 47.38 1.50 -73.38
CA ILE F 406 48.48 2.48 -73.33
C ILE F 406 48.03 3.66 -72.47
N GLY F 407 48.90 4.09 -71.55
CA GLY F 407 48.60 5.21 -70.66
C GLY F 407 49.36 5.20 -69.35
N TYR F 408 49.17 6.25 -68.57
CA TYR F 408 49.76 6.41 -67.24
C TYR F 408 49.19 5.36 -66.29
N GLY F 409 50.08 4.60 -65.64
CA GLY F 409 49.69 3.54 -64.72
C GLY F 409 49.42 2.16 -65.31
N VAL F 410 49.50 2.03 -66.64
CA VAL F 410 49.22 0.76 -67.31
C VAL F 410 50.24 -0.32 -66.93
N ASP F 411 51.50 0.06 -66.78
CA ASP F 411 52.57 -0.86 -66.37
C ASP F 411 52.24 -1.75 -65.16
N GLU F 412 51.55 -1.18 -64.16
CA GLU F 412 51.22 -1.91 -62.92
C GLU F 412 49.86 -2.61 -62.90
N MET F 413 48.97 -2.33 -63.85
CA MET F 413 47.59 -2.88 -63.83
C MET F 413 47.40 -4.23 -64.55
N ILE F 414 48.36 -4.62 -65.39
CA ILE F 414 48.19 -5.78 -66.29
C ILE F 414 48.25 -7.13 -65.54
N GLN F 415 49.10 -7.23 -64.51
CA GLN F 415 49.35 -8.49 -63.80
C GLN F 415 48.07 -9.17 -63.28
N GLY F 416 47.22 -8.40 -62.61
CA GLY F 416 45.95 -8.91 -62.09
C GLY F 416 44.98 -9.39 -63.16
N PHE F 417 44.86 -8.61 -64.23
CA PHE F 417 44.02 -9.00 -65.38
C PHE F 417 44.56 -10.24 -66.09
N ALA F 418 45.88 -10.42 -66.09
CA ALA F 418 46.51 -11.61 -66.66
C ALA F 418 46.10 -12.89 -65.91
N VAL F 419 45.94 -12.79 -64.59
CA VAL F 419 45.46 -13.90 -63.76
C VAL F 419 44.01 -14.24 -64.13
N ALA F 420 43.18 -13.21 -64.23
CA ALA F 420 41.77 -13.36 -64.60
C ALA F 420 41.60 -13.98 -65.99
N ILE F 421 42.33 -13.45 -66.96
CA ILE F 421 42.24 -13.91 -68.35
C ILE F 421 42.70 -15.37 -68.52
N LYS F 422 43.74 -15.77 -67.80
CA LYS F 422 44.22 -17.16 -67.86
C LYS F 422 43.21 -18.17 -67.27
N MET F 423 42.39 -17.72 -66.32
CA MET F 423 41.30 -18.54 -65.75
C MET F 423 40.05 -18.69 -66.64
N GLY F 424 40.01 -17.97 -67.77
CA GLY F 424 38.89 -18.05 -68.71
C GLY F 424 37.81 -17.02 -68.47
N ALA F 425 38.22 -15.81 -68.09
CA ALA F 425 37.29 -14.75 -67.69
C ALA F 425 36.45 -14.28 -68.87
N THR F 426 35.15 -14.11 -68.62
CA THR F 426 34.21 -13.57 -69.60
C THR F 426 34.06 -12.08 -69.40
N LYS F 427 33.35 -11.43 -70.32
CA LYS F 427 32.99 -10.02 -70.19
C LYS F 427 32.09 -9.82 -68.95
N ALA F 428 31.23 -10.80 -68.67
CA ALA F 428 30.36 -10.79 -67.50
C ALA F 428 31.13 -10.82 -66.18
N ASP F 429 32.24 -11.55 -66.14
CA ASP F 429 33.14 -11.57 -64.97
C ASP F 429 33.77 -10.21 -64.71
N PHE F 430 34.15 -9.51 -65.78
CA PHE F 430 34.69 -8.15 -65.69
C PHE F 430 33.64 -7.17 -65.18
N ASP F 431 32.46 -7.18 -65.83
CA ASP F 431 31.38 -6.24 -65.54
C ASP F 431 30.76 -6.42 -64.14
N ALA F 432 30.78 -7.65 -63.62
CA ALA F 432 30.33 -7.92 -62.25
C ALA F 432 31.25 -7.32 -61.18
N THR F 433 32.53 -7.13 -61.52
CA THR F 433 33.51 -6.57 -60.58
C THR F 433 33.35 -5.06 -60.47
N VAL F 434 33.28 -4.58 -59.22
CA VAL F 434 33.04 -3.16 -58.95
C VAL F 434 34.31 -2.35 -59.18
N ALA F 435 34.14 -1.16 -59.75
CA ALA F 435 35.25 -0.29 -60.12
C ALA F 435 35.95 0.31 -58.90
N ILE F 436 37.22 0.68 -59.09
CA ILE F 436 38.00 1.45 -58.12
C ILE F 436 38.14 2.86 -58.69
N HIS F 437 37.48 3.83 -58.06
CA HIS F 437 37.45 5.21 -58.53
C HIS F 437 38.14 6.10 -57.49
N PRO F 438 38.96 7.08 -57.89
CA PRO F 438 39.33 7.36 -59.28
C PRO F 438 40.66 6.72 -59.67
N THR F 439 40.62 5.82 -60.65
CA THR F 439 41.81 5.22 -61.27
C THR F 439 41.64 5.15 -62.78
N SER F 440 42.72 4.82 -63.47
CA SER F 440 42.65 4.48 -64.90
C SER F 440 42.20 3.03 -65.11
N SER F 441 42.55 2.14 -64.19
CA SER F 441 42.23 0.70 -64.29
C SER F 441 40.74 0.36 -64.30
N GLU F 442 39.91 1.21 -63.67
CA GLU F 442 38.45 1.00 -63.67
C GLU F 442 37.81 0.98 -65.06
N GLU F 443 38.46 1.61 -66.05
CA GLU F 443 37.96 1.63 -67.42
C GLU F 443 37.78 0.23 -68.00
N PHE F 444 38.65 -0.71 -67.61
CA PHE F 444 38.55 -2.09 -68.10
C PHE F 444 37.29 -2.84 -67.62
N VAL F 445 36.72 -2.46 -66.48
CA VAL F 445 35.51 -3.11 -65.94
C VAL F 445 34.20 -2.33 -66.18
N THR F 446 34.26 -1.25 -66.96
CA THR F 446 33.09 -0.44 -67.30
C THR F 446 33.08 -0.05 -68.79
N MET F 447 33.30 -1.04 -69.67
CA MET F 447 33.30 -0.82 -71.13
C MET F 447 31.96 -1.21 -71.74
N ARG F 448 31.56 -0.47 -72.77
CA ARG F 448 30.28 -0.65 -73.44
C ARG F 448 30.43 -0.66 -74.96
N MET G 1 -15.52 51.71 30.99
CA MET G 1 -15.32 52.90 31.87
C MET G 1 -16.38 52.99 32.98
N ARG G 2 -17.63 52.68 32.65
CA ARG G 2 -18.72 52.60 33.63
C ARG G 2 -18.50 51.36 34.51
N GLU G 3 -18.45 51.55 35.83
CA GLU G 3 -17.99 50.52 36.76
C GLU G 3 -19.01 50.22 37.87
N TYR G 4 -19.07 48.94 38.28
CA TYR G 4 -19.87 48.49 39.42
C TYR G 4 -19.11 47.42 40.20
N ASP G 5 -19.59 47.10 41.41
CA ASP G 5 -19.05 45.98 42.19
C ASP G 5 -19.49 44.66 41.59
N ILE G 6 -20.79 44.55 41.33
CA ILE G 6 -21.38 43.34 40.77
C ILE G 6 -22.49 43.70 39.76
N ILE G 7 -22.63 42.89 38.71
CA ILE G 7 -23.72 43.04 37.75
C ILE G 7 -24.41 41.71 37.49
N ALA G 8 -25.67 41.80 37.07
CA ALA G 8 -26.47 40.63 36.72
C ALA G 8 -26.90 40.74 35.26
N ILE G 9 -26.42 39.82 34.42
CA ILE G 9 -26.92 39.71 33.06
C ILE G 9 -28.25 38.96 33.11
N GLY G 10 -29.33 39.71 33.00
CA GLY G 10 -30.69 39.20 33.11
C GLY G 10 -31.39 39.85 34.31
N GLY G 11 -32.60 40.34 34.09
CA GLY G 11 -33.38 41.02 35.12
C GLY G 11 -34.64 40.25 35.47
N GLY G 12 -34.47 38.97 35.76
CA GLY G 12 -35.57 38.09 36.18
C GLY G 12 -35.47 37.75 37.65
N SER G 13 -36.00 36.58 38.01
CA SER G 13 -36.09 36.13 39.40
C SER G 13 -34.72 36.05 40.07
N GLY G 14 -33.78 35.38 39.40
CA GLY G 14 -32.42 35.22 39.91
C GLY G 14 -31.63 36.51 39.92
N GLY G 15 -31.68 37.24 38.81
CA GLY G 15 -30.93 38.49 38.65
C GLY G 15 -31.32 39.56 39.67
N ILE G 16 -32.62 39.85 39.75
CA ILE G 16 -33.16 40.84 40.69
C ILE G 16 -32.83 40.49 42.14
N ALA G 17 -33.06 39.22 42.51
CA ALA G 17 -32.82 38.75 43.88
C ALA G 17 -31.36 38.87 44.29
N THR G 18 -30.44 38.59 43.37
CA THR G 18 -29.00 38.67 43.64
C THR G 18 -28.53 40.12 43.81
N MET G 19 -28.98 41.02 42.93
CA MET G 19 -28.57 42.42 42.98
C MET G 19 -29.19 43.19 44.14
N ASN G 20 -30.46 42.92 44.47
CA ASN G 20 -31.11 43.57 45.62
C ASN G 20 -30.42 43.23 46.95
N ARG G 21 -30.12 41.95 47.16
CA ARG G 21 -29.42 41.51 48.37
C ARG G 21 -27.97 41.98 48.41
N ALA G 22 -27.32 42.08 47.25
CA ALA G 22 -25.95 42.63 47.15
C ALA G 22 -25.94 44.12 47.52
N GLY G 23 -26.88 44.88 46.95
CA GLY G 23 -27.07 46.29 47.30
C GLY G 23 -27.38 46.55 48.76
N GLU G 24 -28.12 45.63 49.37
CA GLU G 24 -28.47 45.69 50.79
C GLU G 24 -27.25 45.61 51.71
N HIS G 25 -26.19 44.92 51.27
CA HIS G 25 -24.92 44.85 52.00
C HIS G 25 -23.85 45.84 51.49
N GLY G 26 -24.28 46.95 50.90
CA GLY G 26 -23.38 48.04 50.51
C GLY G 26 -22.72 47.97 49.14
N ALA G 27 -22.90 46.88 48.41
CA ALA G 27 -22.27 46.70 47.10
C ALA G 27 -23.03 47.50 46.02
N GLN G 28 -22.30 48.25 45.21
CA GLN G 28 -22.90 48.96 44.07
C GLN G 28 -23.27 47.97 42.97
N ALA G 29 -24.57 47.75 42.78
CA ALA G 29 -25.09 46.70 41.92
C ALA G 29 -25.76 47.26 40.66
N ALA G 30 -25.96 46.40 39.67
CA ALA G 30 -26.70 46.76 38.47
C ALA G 30 -27.35 45.56 37.78
N VAL G 31 -28.59 45.73 37.31
CA VAL G 31 -29.33 44.72 36.57
C VAL G 31 -29.39 45.11 35.09
N ILE G 32 -29.08 44.15 34.21
CA ILE G 32 -29.14 44.37 32.76
C ILE G 32 -30.23 43.47 32.17
N GLU G 33 -31.15 44.06 31.39
CA GLU G 33 -32.35 43.35 30.93
C GLU G 33 -32.74 43.72 29.49
N GLU G 34 -32.87 42.71 28.62
CA GLU G 34 -33.31 42.86 27.23
C GLU G 34 -34.73 43.41 27.12
N LYS G 35 -35.67 42.67 27.72
CA LYS G 35 -37.10 42.82 27.50
C LYS G 35 -37.74 43.48 28.74
N LYS G 36 -38.95 43.07 29.11
CA LYS G 36 -39.60 43.59 30.31
C LYS G 36 -38.92 43.09 31.60
N LEU G 37 -38.88 43.97 32.61
CA LEU G 37 -38.29 43.66 33.90
C LEU G 37 -39.12 42.61 34.65
N GLY G 38 -38.47 41.83 35.51
CA GLY G 38 -39.15 40.81 36.31
C GLY G 38 -39.15 39.41 35.72
N GLY G 39 -38.60 39.25 34.52
CA GLY G 39 -38.33 37.93 33.95
C GLY G 39 -39.55 37.17 33.48
N THR G 40 -39.32 35.89 33.22
CA THR G 40 -40.36 34.98 32.72
C THR G 40 -41.52 34.80 33.70
N CYS G 41 -41.23 34.66 34.98
CA CYS G 41 -42.26 34.38 36.00
C CYS G 41 -43.31 35.49 36.10
N VAL G 42 -42.85 36.73 36.18
CA VAL G 42 -43.73 37.89 36.33
C VAL G 42 -44.51 38.15 35.03
N ASN G 43 -43.82 38.08 33.90
CA ASN G 43 -44.35 38.57 32.62
C ASN G 43 -45.13 37.54 31.80
N VAL G 44 -44.57 36.34 31.66
CA VAL G 44 -45.15 35.28 30.81
C VAL G 44 -45.04 33.88 31.43
N GLY G 45 -45.10 33.80 32.76
CA GLY G 45 -44.91 32.55 33.50
C GLY G 45 -45.89 32.35 34.64
N CYS G 46 -45.35 32.14 35.85
CA CYS G 46 -46.14 31.85 37.06
C CYS G 46 -47.34 32.77 37.26
N VAL G 47 -47.10 34.08 37.18
CA VAL G 47 -48.09 35.09 37.54
C VAL G 47 -49.29 35.12 36.57
N PRO G 48 -49.04 35.26 35.25
CA PRO G 48 -50.13 35.14 34.27
C PRO G 48 -50.88 33.82 34.39
N LYS G 49 -50.12 32.72 34.40
CA LYS G 49 -50.66 31.36 34.49
C LYS G 49 -51.61 31.19 35.68
N LYS G 50 -51.22 31.71 36.84
CA LYS G 50 -52.01 31.57 38.07
C LYS G 50 -53.29 32.42 38.07
N ILE G 51 -53.22 33.59 37.45
CA ILE G 51 -54.41 34.46 37.30
C ILE G 51 -55.39 33.83 36.31
N MET G 52 -54.86 33.22 35.26
CA MET G 52 -55.67 32.47 34.29
C MET G 52 -56.27 31.22 34.93
N TRP G 53 -55.48 30.58 35.80
CA TRP G 53 -55.94 29.44 36.59
C TRP G 53 -57.10 29.79 37.54
N TYR G 54 -57.06 30.98 38.13
CA TYR G 54 -58.15 31.46 39.00
C TYR G 54 -59.42 31.80 38.21
N GLY G 55 -59.25 32.36 37.01
CA GLY G 55 -60.36 32.61 36.10
C GLY G 55 -61.07 31.33 35.69
N ALA G 56 -60.30 30.30 35.36
CA ALA G 56 -60.83 28.98 35.03
C ALA G 56 -61.52 28.32 36.24
N GLN G 57 -60.95 28.52 37.43
CA GLN G 57 -61.57 28.05 38.67
C GLN G 57 -62.93 28.71 38.92
N ILE G 58 -63.04 30.00 38.60
CA ILE G 58 -64.33 30.71 38.69
C ILE G 58 -65.32 30.14 37.65
N ALA G 59 -64.85 29.90 36.42
CA ALA G 59 -65.68 29.28 35.38
C ALA G 59 -66.15 27.88 35.81
N GLU G 60 -65.23 27.10 36.39
CA GLU G 60 -65.55 25.77 36.92
C GLU G 60 -66.61 25.85 38.03
N THR G 61 -66.54 26.89 38.87
CA THR G 61 -67.53 27.12 39.94
C THR G 61 -68.93 27.37 39.38
N PHE G 62 -69.04 28.27 38.40
CA PHE G 62 -70.32 28.59 37.75
C PHE G 62 -70.97 27.35 37.14
N HIS G 63 -70.21 26.65 36.29
CA HIS G 63 -70.77 25.58 35.46
C HIS G 63 -71.01 24.26 36.19
N GLN G 64 -70.12 23.88 37.12
CA GLN G 64 -70.18 22.57 37.79
C GLN G 64 -70.83 22.60 39.18
N PHE G 65 -70.47 23.59 40.00
CA PHE G 65 -70.84 23.61 41.43
C PHE G 65 -71.94 24.60 41.82
N GLY G 66 -72.02 25.75 41.16
CA GLY G 66 -72.92 26.84 41.54
C GLY G 66 -74.37 26.45 41.80
N GLU G 67 -74.99 25.82 40.81
CA GLU G 67 -76.42 25.46 40.87
C GLU G 67 -76.77 24.47 41.98
N ASP G 68 -75.85 23.55 42.30
CA ASP G 68 -76.05 22.58 43.38
C ASP G 68 -75.90 23.18 44.78
N TYR G 69 -75.24 24.34 44.88
CA TYR G 69 -75.23 25.15 46.12
C TYR G 69 -76.36 26.19 46.18
N GLY G 70 -77.30 26.15 45.23
CA GLY G 70 -78.47 27.03 45.21
C GLY G 70 -78.37 28.31 44.37
N PHE G 71 -77.30 28.44 43.57
CA PHE G 71 -77.05 29.66 42.79
C PHE G 71 -77.43 29.49 41.32
N LYS G 72 -78.51 30.16 40.91
CA LYS G 72 -78.96 30.18 39.51
C LYS G 72 -78.62 31.53 38.85
N THR G 73 -78.05 31.47 37.65
CA THR G 73 -77.69 32.66 36.86
C THR G 73 -78.57 32.81 35.62
N THR G 74 -78.68 34.05 35.14
CA THR G 74 -79.32 34.36 33.87
C THR G 74 -78.31 35.09 33.00
N ASP G 75 -78.12 34.59 31.78
CA ASP G 75 -77.17 35.14 30.80
C ASP G 75 -75.74 35.27 31.35
N LEU G 76 -75.18 34.14 31.78
CA LEU G 76 -73.79 34.06 32.18
C LEU G 76 -72.92 34.28 30.94
N ASN G 77 -72.04 35.27 31.01
CA ASN G 77 -71.20 35.67 29.89
C ASN G 77 -69.76 35.84 30.35
N PHE G 78 -68.83 35.23 29.62
CA PHE G 78 -67.39 35.39 29.88
C PHE G 78 -66.74 36.26 28.81
N ASP G 79 -66.22 37.43 29.22
CA ASP G 79 -65.45 38.30 28.35
C ASP G 79 -63.96 38.15 28.67
N PHE G 80 -63.21 37.56 27.73
CA PHE G 80 -61.77 37.31 27.92
C PHE G 80 -60.93 38.59 27.97
N ALA G 81 -61.32 39.60 27.21
CA ALA G 81 -60.61 40.89 27.18
C ALA G 81 -60.56 41.56 28.56
N THR G 82 -61.60 41.36 29.39
CA THR G 82 -61.63 41.88 30.76
C THR G 82 -60.63 41.14 31.65
N LEU G 83 -60.61 39.81 31.57
CA LEU G 83 -59.64 38.97 32.29
C LEU G 83 -58.21 39.36 31.94
N ARG G 84 -57.93 39.43 30.64
CA ARG G 84 -56.61 39.79 30.13
C ARG G 84 -56.16 41.20 30.56
N ARG G 85 -57.09 42.15 30.59
CA ARG G 85 -56.78 43.52 30.98
C ARG G 85 -56.35 43.59 32.45
N ASN G 86 -57.17 43.01 33.34
CA ASN G 86 -56.86 42.98 34.77
C ASN G 86 -55.68 42.10 35.14
N ARG G 87 -55.42 41.08 34.33
CA ARG G 87 -54.21 40.26 34.44
C ARG G 87 -52.96 41.11 34.24
N GLU G 88 -52.92 41.84 33.11
CA GLU G 88 -51.77 42.68 32.77
C GLU G 88 -51.62 43.91 33.67
N SER G 89 -52.73 44.39 34.24
CA SER G 89 -52.69 45.46 35.25
C SER G 89 -51.95 45.01 36.51
N TYR G 90 -52.21 43.79 36.97
CA TYR G 90 -51.53 43.20 38.11
C TYR G 90 -50.02 43.00 37.85
N ILE G 91 -49.68 42.61 36.63
CA ILE G 91 -48.29 42.42 36.23
C ILE G 91 -47.58 43.78 36.14
N ASP G 92 -48.26 44.77 35.54
CA ASP G 92 -47.77 46.17 35.52
C ASP G 92 -47.47 46.70 36.93
N ARG G 93 -48.37 46.44 37.87
CA ARG G 93 -48.19 46.84 39.28
C ARG G 93 -47.01 46.13 39.95
N ALA G 94 -46.94 44.81 39.78
CA ALA G 94 -45.84 44.01 40.33
C ALA G 94 -44.47 44.41 39.76
N ARG G 95 -44.45 44.72 38.47
CA ARG G 95 -43.23 45.13 37.77
C ARG G 95 -42.67 46.48 38.27
N SER G 96 -43.56 47.38 38.66
CA SER G 96 -43.17 48.69 39.23
C SER G 96 -42.61 48.60 40.65
N SER G 97 -42.99 47.57 41.40
CA SER G 97 -42.46 47.34 42.76
C SER G 97 -40.95 47.08 42.80
N TYR G 98 -40.42 46.49 41.73
CA TYR G 98 -38.97 46.28 41.59
C TYR G 98 -38.21 47.61 41.47
N ASP G 99 -38.81 48.58 40.79
CA ASP G 99 -38.23 49.94 40.69
C ASP G 99 -38.15 50.62 42.06
N GLY G 100 -39.12 50.33 42.94
CA GLY G 100 -39.08 50.79 44.32
C GLY G 100 -37.96 50.16 45.14
N SER G 101 -37.81 48.83 45.01
CA SER G 101 -36.77 48.09 45.74
C SER G 101 -35.34 48.41 45.26
N PHE G 102 -35.19 48.68 43.96
CA PHE G 102 -33.90 49.11 43.41
C PHE G 102 -33.41 50.43 44.00
N LYS G 103 -34.34 51.37 44.21
CA LYS G 103 -34.00 52.70 44.79
C LYS G 103 -33.50 52.61 46.23
N ARG G 104 -34.05 51.68 47.02
CA ARG G 104 -33.58 51.45 48.39
C ARG G 104 -32.17 50.88 48.38
N ASN G 105 -32.00 49.78 47.64
CA ASN G 105 -30.76 49.03 47.62
C ASN G 105 -29.65 49.66 46.76
N GLY G 106 -29.98 50.67 45.96
CA GLY G 106 -28.99 51.37 45.14
C GLY G 106 -28.54 50.49 43.98
N VAL G 107 -29.50 50.16 43.12
CA VAL G 107 -29.29 49.25 41.99
C VAL G 107 -29.72 49.98 40.72
N ASP G 108 -28.82 50.08 39.75
CA ASP G 108 -29.14 50.70 38.46
C ASP G 108 -29.69 49.66 37.49
N LEU G 109 -30.82 49.98 36.86
CA LEU G 109 -31.39 49.17 35.79
C LEU G 109 -30.80 49.65 34.46
N ILE G 110 -30.32 48.71 33.64
CA ILE G 110 -29.73 49.01 32.33
C ILE G 110 -30.48 48.25 31.24
N GLU G 111 -31.29 48.96 30.46
CA GLU G 111 -32.09 48.35 29.40
C GLU G 111 -31.22 48.08 28.17
N GLY G 112 -31.19 46.82 27.71
CA GLY G 112 -30.41 46.40 26.54
C GLY G 112 -29.99 44.95 26.57
N HIS G 113 -29.44 44.48 25.45
CA HIS G 113 -28.90 43.11 25.33
C HIS G 113 -27.42 43.09 25.73
N ALA G 114 -27.09 42.27 26.73
CA ALA G 114 -25.72 42.13 27.23
C ALA G 114 -24.96 41.06 26.47
N GLU G 115 -23.63 41.15 26.55
CA GLU G 115 -22.73 40.36 25.70
C GLU G 115 -21.31 40.50 26.25
N PHE G 116 -20.60 39.39 26.41
CA PHE G 116 -19.24 39.40 27.01
C PHE G 116 -18.17 39.93 26.04
N VAL G 117 -17.31 40.81 26.56
CA VAL G 117 -16.12 41.29 25.84
C VAL G 117 -14.90 40.52 26.34
N ASP G 118 -14.71 40.52 27.67
CA ASP G 118 -13.70 39.67 28.33
C ASP G 118 -14.24 39.24 29.71
N SER G 119 -13.40 38.61 30.54
CA SER G 119 -13.85 38.03 31.82
C SER G 119 -14.30 39.04 32.90
N HIS G 120 -13.99 40.33 32.74
CA HIS G 120 -14.45 41.38 33.65
C HIS G 120 -15.15 42.53 32.90
N THR G 121 -15.75 42.25 31.74
CA THR G 121 -16.32 43.30 30.88
C THR G 121 -17.48 42.77 30.01
N VAL G 122 -18.53 43.58 29.88
CA VAL G 122 -19.66 43.30 28.96
C VAL G 122 -20.04 44.52 28.13
N SER G 123 -20.63 44.26 26.96
CA SER G 123 -21.09 45.30 26.04
C SER G 123 -22.62 45.31 26.00
N VAL G 124 -23.21 46.45 26.36
CA VAL G 124 -24.67 46.63 26.38
C VAL G 124 -25.03 47.80 25.46
N ASN G 125 -25.57 47.47 24.28
CA ASN G 125 -25.89 48.45 23.23
C ASN G 125 -24.70 49.35 22.85
N GLY G 126 -23.50 48.76 22.81
CA GLY G 126 -22.26 49.49 22.52
C GLY G 126 -21.47 49.98 23.74
N GLU G 127 -22.15 50.21 24.87
CA GLU G 127 -21.49 50.69 26.09
C GLU G 127 -20.76 49.56 26.81
N LEU G 128 -19.47 49.77 27.09
CA LEU G 128 -18.67 48.82 27.87
C LEU G 128 -18.93 49.03 29.37
N ILE G 129 -19.30 47.96 30.06
CA ILE G 129 -19.53 47.97 31.51
C ILE G 129 -18.63 46.91 32.15
N ARG G 130 -17.84 47.34 33.13
CA ARG G 130 -16.86 46.50 33.82
C ARG G 130 -17.25 46.29 35.28
N ALA G 131 -16.86 45.14 35.83
CA ALA G 131 -17.19 44.80 37.22
C ALA G 131 -16.32 43.67 37.77
N LYS G 132 -16.16 43.66 39.10
CA LYS G 132 -15.40 42.62 39.79
C LYS G 132 -16.11 41.27 39.75
N HIS G 133 -17.44 41.31 39.88
CA HIS G 133 -18.29 40.12 39.92
C HIS G 133 -19.37 40.22 38.84
N ILE G 134 -19.61 39.13 38.10
CA ILE G 134 -20.64 39.09 37.05
C ILE G 134 -21.48 37.82 37.16
N VAL G 135 -22.78 38.00 37.41
CA VAL G 135 -23.73 36.88 37.57
C VAL G 135 -24.54 36.70 36.29
N ILE G 136 -24.52 35.48 35.75
CA ILE G 136 -25.29 35.13 34.55
C ILE G 136 -26.63 34.52 34.98
N ALA G 137 -27.70 35.31 34.92
CA ALA G 137 -29.05 34.86 35.25
C ALA G 137 -29.96 35.10 34.05
N THR G 138 -29.58 34.49 32.92
CA THR G 138 -30.25 34.71 31.63
C THR G 138 -31.51 33.88 31.44
N GLY G 139 -31.70 32.84 32.27
CA GLY G 139 -32.92 32.05 32.25
C GLY G 139 -33.00 31.08 31.08
N ALA G 140 -34.22 30.91 30.56
CA ALA G 140 -34.51 29.88 29.56
C ALA G 140 -35.49 30.37 28.49
N HIS G 141 -35.66 29.54 27.46
CA HIS G 141 -36.61 29.80 26.36
C HIS G 141 -37.43 28.54 26.09
N PRO G 142 -38.57 28.67 25.39
CA PRO G 142 -39.33 27.46 25.01
C PRO G 142 -38.59 26.60 23.99
N SER G 143 -38.63 25.29 24.18
CA SER G 143 -37.98 24.34 23.28
C SER G 143 -38.90 24.03 22.11
N ILE G 144 -38.40 24.21 20.89
CA ILE G 144 -39.13 23.91 19.65
C ILE G 144 -38.40 22.77 18.94
N PRO G 145 -39.09 21.65 18.64
CA PRO G 145 -38.41 20.56 17.91
C PRO G 145 -37.96 20.93 16.50
N ASN G 146 -36.92 20.24 16.02
CA ASN G 146 -36.46 20.36 14.65
C ASN G 146 -37.21 19.34 13.77
N ILE G 147 -38.35 19.76 13.24
CA ILE G 147 -39.10 19.01 12.24
C ILE G 147 -39.62 19.95 11.16
N PRO G 148 -40.08 19.40 10.01
CA PRO G 148 -40.74 20.23 9.00
C PRO G 148 -42.00 20.95 9.54
N GLY G 149 -42.04 22.27 9.35
CA GLY G 149 -43.18 23.09 9.75
C GLY G 149 -43.33 23.39 11.23
N ALA G 150 -42.27 23.16 12.01
CA ALA G 150 -42.28 23.42 13.45
C ALA G 150 -42.55 24.87 13.78
N GLU G 151 -41.96 25.78 13.00
CA GLU G 151 -42.17 27.23 13.14
C GLU G 151 -43.65 27.70 13.15
N LEU G 152 -44.53 26.95 12.47
CA LEU G 152 -45.97 27.25 12.48
C LEU G 152 -46.59 27.14 13.88
N GLY G 153 -46.04 26.27 14.72
CA GLY G 153 -46.47 26.16 16.11
C GLY G 153 -45.95 27.30 16.97
N GLY G 154 -46.67 27.59 18.06
CA GLY G 154 -46.28 28.60 19.05
C GLY G 154 -45.84 28.00 20.37
N SER G 155 -45.62 28.85 21.36
CA SER G 155 -45.19 28.44 22.70
C SER G 155 -46.13 29.05 23.75
N SER G 156 -45.76 28.92 25.03
CA SER G 156 -46.48 29.58 26.13
C SER G 156 -46.46 31.11 26.03
N ASP G 157 -45.39 31.66 25.46
CA ASP G 157 -45.32 33.10 25.14
C ASP G 157 -46.49 33.53 24.25
N ASP G 158 -46.77 32.73 23.23
CA ASP G 158 -47.87 33.01 22.29
C ASP G 158 -49.26 32.85 22.89
N VAL G 159 -49.41 31.99 23.90
CA VAL G 159 -50.69 31.81 24.62
C VAL G 159 -51.00 33.06 25.46
N PHE G 160 -49.99 33.60 26.14
CA PHE G 160 -50.16 34.83 26.92
C PHE G 160 -50.21 36.10 26.04
N ALA G 161 -49.68 36.03 24.84
CA ALA G 161 -49.83 37.11 23.86
C ALA G 161 -51.27 37.26 23.32
N TRP G 162 -52.05 36.17 23.32
CA TRP G 162 -53.41 36.18 22.76
C TRP G 162 -54.33 37.24 23.36
N GLU G 163 -54.94 38.04 22.47
CA GLU G 163 -55.95 39.04 22.84
C GLU G 163 -57.34 38.43 22.96
N GLU G 164 -57.61 37.41 22.14
CA GLU G 164 -58.83 36.59 22.23
C GLU G 164 -58.45 35.11 22.14
N LEU G 165 -59.24 34.26 22.81
CA LEU G 165 -59.01 32.82 22.79
C LEU G 165 -59.48 32.23 21.45
N PRO G 166 -58.68 31.29 20.88
CA PRO G 166 -59.05 30.71 19.59
C PRO G 166 -60.21 29.71 19.67
N GLU G 167 -60.68 29.28 18.50
CA GLU G 167 -61.76 28.30 18.40
C GLU G 167 -61.31 26.92 18.88
N SER G 168 -60.11 26.51 18.46
CA SER G 168 -59.51 25.24 18.86
C SER G 168 -58.00 25.38 19.06
N VAL G 169 -57.41 24.41 19.76
CA VAL G 169 -55.96 24.39 20.00
C VAL G 169 -55.46 22.96 20.26
N ALA G 170 -54.24 22.69 19.83
CA ALA G 170 -53.56 21.41 20.09
C ALA G 170 -52.28 21.70 20.87
N ILE G 171 -52.14 21.05 22.02
CA ILE G 171 -50.94 21.19 22.85
C ILE G 171 -50.09 19.93 22.68
N LEU G 172 -48.83 20.12 22.29
CA LEU G 172 -47.87 19.03 22.10
C LEU G 172 -46.83 19.08 23.22
N GLY G 173 -46.87 18.08 24.11
CA GLY G 173 -45.98 18.03 25.26
C GLY G 173 -46.61 17.29 26.44
N ALA G 174 -45.77 16.89 27.39
CA ALA G 174 -46.18 16.11 28.56
C ALA G 174 -45.76 16.70 29.91
N GLY G 175 -45.14 17.88 29.92
CA GLY G 175 -44.62 18.49 31.16
C GLY G 175 -45.68 19.29 31.90
N TYR G 176 -45.24 20.03 32.91
CA TYR G 176 -46.16 20.78 33.78
C TYR G 176 -46.85 21.94 33.05
N ILE G 177 -46.16 22.57 32.10
CA ILE G 177 -46.74 23.67 31.30
C ILE G 177 -47.84 23.18 30.36
N ALA G 178 -47.61 22.04 29.70
CA ALA G 178 -48.61 21.43 28.81
C ALA G 178 -49.90 21.06 29.55
N VAL G 179 -49.74 20.46 30.73
CA VAL G 179 -50.87 20.06 31.57
C VAL G 179 -51.63 21.27 32.14
N GLU G 180 -50.89 22.29 32.56
CA GLU G 180 -51.49 23.53 33.07
C GLU G 180 -52.30 24.26 32.01
N LEU G 181 -51.70 24.48 30.84
CA LEU G 181 -52.36 25.16 29.74
C LEU G 181 -53.57 24.39 29.20
N ALA G 182 -53.47 23.06 29.13
CA ALA G 182 -54.57 22.23 28.64
C ALA G 182 -55.80 22.29 29.55
N GLY G 183 -55.57 22.28 30.86
CA GLY G 183 -56.65 22.42 31.84
C GLY G 183 -57.33 23.78 31.83
N VAL G 184 -56.53 24.84 31.68
CA VAL G 184 -57.03 26.21 31.66
C VAL G 184 -57.92 26.44 30.42
N LEU G 185 -57.37 26.17 29.24
CA LEU G 185 -58.07 26.44 27.99
C LEU G 185 -59.30 25.53 27.78
N HIS G 186 -59.27 24.30 28.29
CA HIS G 186 -60.44 23.42 28.23
C HIS G 186 -61.61 23.95 29.07
N THR G 187 -61.29 24.44 30.27
CA THR G 187 -62.31 24.98 31.18
C THR G 187 -62.96 26.27 30.67
N PHE G 188 -62.18 27.11 29.98
CA PHE G 188 -62.73 28.33 29.35
C PHE G 188 -63.60 28.07 28.11
N GLY G 189 -63.58 26.84 27.59
CA GLY G 189 -64.47 26.41 26.50
C GLY G 189 -63.80 26.26 25.15
N VAL G 190 -62.46 26.38 25.10
CA VAL G 190 -61.70 26.19 23.87
C VAL G 190 -61.62 24.69 23.60
N LYS G 191 -61.81 24.30 22.34
CA LYS G 191 -61.66 22.90 21.93
C LYS G 191 -60.18 22.52 22.02
N THR G 192 -59.81 21.90 23.14
CA THR G 192 -58.40 21.68 23.49
C THR G 192 -58.10 20.19 23.43
N ASP G 193 -57.01 19.82 22.75
CA ASP G 193 -56.51 18.43 22.68
C ASP G 193 -55.04 18.38 23.12
N LEU G 194 -54.73 17.42 24.01
CA LEU G 194 -53.38 17.25 24.56
C LEU G 194 -52.72 16.00 23.98
N PHE G 195 -51.50 16.17 23.46
CA PHE G 195 -50.78 15.09 22.78
C PHE G 195 -49.43 14.83 23.45
N VAL G 196 -49.22 13.59 23.89
CA VAL G 196 -47.96 13.15 24.52
C VAL G 196 -47.28 12.08 23.66
N ARG G 197 -45.96 11.96 23.80
CA ARG G 197 -45.16 11.05 22.98
C ARG G 197 -45.19 9.58 23.45
N ARG G 198 -45.36 9.35 24.75
CA ARG G 198 -45.21 8.01 25.35
C ARG G 198 -46.49 7.57 26.09
N ASP G 199 -46.36 6.88 27.23
CA ASP G 199 -47.49 6.22 27.91
C ASP G 199 -48.48 7.19 28.55
N ARG G 200 -47.94 8.20 29.24
CA ARG G 200 -48.74 9.13 30.04
C ARG G 200 -48.05 10.50 30.13
N PRO G 201 -48.80 11.54 30.55
CA PRO G 201 -48.15 12.82 30.83
C PRO G 201 -47.39 12.77 32.16
N LEU G 202 -46.57 13.78 32.40
CA LEU G 202 -45.91 13.97 33.70
C LEU G 202 -45.14 12.73 34.21
N ARG G 203 -44.24 12.20 33.39
CA ARG G 203 -43.30 11.17 33.87
C ARG G 203 -42.25 11.87 34.73
N GLY G 204 -42.00 11.31 35.92
CA GLY G 204 -41.28 12.00 36.98
C GLY G 204 -42.19 12.21 38.18
N PHE G 205 -43.49 12.37 37.93
CA PHE G 205 -44.51 12.39 38.97
C PHE G 205 -45.01 10.97 39.23
N ASP G 206 -45.59 10.76 40.40
CA ASP G 206 -46.01 9.43 40.85
C ASP G 206 -47.20 8.91 40.02
N SER G 207 -47.16 7.63 39.67
CA SER G 207 -48.22 6.98 38.85
C SER G 207 -49.62 7.17 39.39
N TYR G 208 -49.76 6.97 40.70
CA TYR G 208 -51.06 7.07 41.38
C TYR G 208 -51.69 8.47 41.22
N ILE G 209 -50.86 9.51 41.38
CA ILE G 209 -51.30 10.90 41.21
C ILE G 209 -51.64 11.21 39.76
N VAL G 210 -50.77 10.80 38.83
CA VAL G 210 -50.98 11.06 37.40
C VAL G 210 -52.18 10.27 36.84
N GLU G 211 -52.41 9.06 37.36
CA GLU G 211 -53.59 8.27 36.99
C GLU G 211 -54.88 9.00 37.39
N GLY G 212 -54.84 9.71 38.52
CA GLY G 212 -55.94 10.57 38.94
C GLY G 212 -56.20 11.75 37.99
N LEU G 213 -55.13 12.35 37.48
CA LEU G 213 -55.25 13.41 36.46
C LEU G 213 -55.85 12.88 35.16
N VAL G 214 -55.36 11.72 34.71
CA VAL G 214 -55.84 11.10 33.46
C VAL G 214 -57.33 10.72 33.58
N LYS G 215 -57.73 10.20 34.73
CA LYS G 215 -59.14 9.89 35.00
C LYS G 215 -60.01 11.15 35.00
N GLU G 216 -59.48 12.22 35.59
CA GLU G 216 -60.16 13.52 35.65
C GLU G 216 -60.37 14.14 34.26
N MET G 217 -59.38 13.96 33.38
CA MET G 217 -59.47 14.43 31.99
C MET G 217 -60.58 13.72 31.23
N GLU G 218 -60.75 12.42 31.46
CA GLU G 218 -61.84 11.64 30.86
C GLU G 218 -63.21 12.09 31.38
N ARG G 219 -63.29 12.44 32.66
CA ARG G 219 -64.56 12.85 33.28
C ARG G 219 -65.06 14.21 32.75
N THR G 220 -64.13 15.15 32.54
CA THR G 220 -64.45 16.47 31.99
C THR G 220 -64.40 16.55 30.44
N ASN G 221 -64.09 15.43 29.79
CA ASN G 221 -63.96 15.34 28.32
C ASN G 221 -62.87 16.25 27.73
N LEU G 222 -61.73 16.32 28.43
CA LEU G 222 -60.51 16.93 27.89
C LEU G 222 -59.71 15.80 27.24
N PRO G 223 -59.76 15.68 25.89
CA PRO G 223 -59.17 14.49 25.26
C PRO G 223 -57.64 14.45 25.32
N LEU G 224 -57.11 13.36 25.87
CA LEU G 224 -55.68 13.10 25.96
C LEU G 224 -55.33 11.98 24.97
N HIS G 225 -54.42 12.28 24.03
CA HIS G 225 -53.98 11.31 23.02
C HIS G 225 -52.56 10.87 23.32
N THR G 226 -52.38 9.58 23.59
CA THR G 226 -51.05 9.01 23.93
C THR G 226 -50.40 8.36 22.71
N HIS G 227 -49.08 8.19 22.79
CA HIS G 227 -48.27 7.64 21.71
C HIS G 227 -48.46 8.42 20.40
N LYS G 228 -48.14 9.70 20.47
CA LYS G 228 -48.30 10.64 19.36
C LYS G 228 -47.00 11.44 19.19
N VAL G 229 -46.14 10.95 18.31
CA VAL G 229 -44.85 11.59 17.99
C VAL G 229 -45.05 12.50 16.77
N PRO G 230 -44.95 13.84 16.94
CA PRO G 230 -45.18 14.72 15.78
C PRO G 230 -44.04 14.66 14.76
N VAL G 231 -44.40 14.32 13.51
CA VAL G 231 -43.44 14.22 12.39
C VAL G 231 -43.40 15.50 11.56
N LYS G 232 -44.56 16.10 11.32
CA LYS G 232 -44.68 17.26 10.42
C LYS G 232 -45.89 18.13 10.78
N LEU G 233 -45.72 19.44 10.63
CA LEU G 233 -46.81 20.41 10.78
C LEU G 233 -47.04 21.10 9.43
N GLU G 234 -48.30 21.29 9.05
CA GLU G 234 -48.66 21.82 7.73
C GLU G 234 -49.71 22.92 7.86
N LYS G 235 -49.58 23.94 7.02
CA LYS G 235 -50.50 25.08 7.00
C LYS G 235 -51.72 24.77 6.14
N THR G 236 -52.90 25.22 6.61
CA THR G 236 -54.13 25.23 5.81
C THR G 236 -54.91 26.53 6.08
N THR G 237 -55.97 26.76 5.30
CA THR G 237 -56.87 27.90 5.52
C THR G 237 -57.70 27.75 6.80
N ASP G 238 -57.94 26.51 7.22
CA ASP G 238 -58.65 26.22 8.48
C ASP G 238 -57.79 26.59 9.68
N GLY G 239 -56.55 26.11 9.69
CA GLY G 239 -55.59 26.44 10.75
C GLY G 239 -54.24 25.78 10.51
N ILE G 240 -53.89 24.81 11.36
CA ILE G 240 -52.65 24.04 11.24
C ILE G 240 -52.97 22.56 11.45
N THR G 241 -52.46 21.70 10.56
CA THR G 241 -52.62 20.25 10.66
C THR G 241 -51.31 19.62 11.16
N ILE G 242 -51.42 18.71 12.13
CA ILE G 242 -50.28 18.02 12.73
C ILE G 242 -50.26 16.58 12.20
N HIS G 243 -49.12 16.16 11.64
CA HIS G 243 -48.94 14.77 11.15
C HIS G 243 -48.07 13.98 12.12
N PHE G 244 -48.54 12.81 12.51
CA PHE G 244 -47.88 11.96 13.52
C PHE G 244 -47.20 10.73 12.89
N GLU G 245 -46.38 10.06 13.70
CA GLU G 245 -45.61 8.89 13.26
C GLU G 245 -46.50 7.66 13.05
N ASP G 246 -47.57 7.54 13.84
CA ASP G 246 -48.52 6.42 13.71
C ASP G 246 -49.40 6.44 12.44
N GLY G 247 -49.36 7.54 11.68
CA GLY G 247 -50.13 7.66 10.43
C GLY G 247 -51.31 8.60 10.51
N THR G 248 -51.84 8.78 11.72
CA THR G 248 -52.97 9.69 11.96
C THR G 248 -52.54 11.15 11.90
N SER G 249 -53.53 12.04 11.87
CA SER G 249 -53.29 13.49 11.90
C SER G 249 -54.44 14.21 12.59
N HIS G 250 -54.16 15.44 13.03
CA HIS G 250 -55.13 16.26 13.74
C HIS G 250 -54.97 17.73 13.36
N THR G 251 -56.09 18.43 13.26
CA THR G 251 -56.12 19.83 12.81
C THR G 251 -56.74 20.73 13.88
N ALA G 252 -56.15 21.91 14.05
CA ALA G 252 -56.68 22.94 14.95
C ALA G 252 -56.22 24.33 14.52
N SER G 253 -56.84 25.36 15.10
CA SER G 253 -56.57 26.75 14.75
C SER G 253 -55.15 27.16 15.11
N GLN G 254 -54.72 26.80 16.31
CA GLN G 254 -53.37 27.07 16.82
C GLN G 254 -52.73 25.74 17.24
N VAL G 255 -51.39 25.71 17.24
CA VAL G 255 -50.63 24.57 17.78
C VAL G 255 -49.57 25.12 18.72
N ILE G 256 -49.52 24.60 19.95
CA ILE G 256 -48.58 25.08 20.98
C ILE G 256 -47.58 24.00 21.36
N TRP G 257 -46.30 24.30 21.19
CA TRP G 257 -45.21 23.45 21.68
C TRP G 257 -44.98 23.72 23.16
N ALA G 258 -45.30 22.72 24.00
CA ALA G 258 -45.01 22.76 25.43
C ALA G 258 -44.15 21.54 25.79
N THR G 259 -43.01 21.42 25.10
CA THR G 259 -42.18 20.21 25.16
C THR G 259 -40.86 20.46 25.89
N GLY G 260 -40.95 21.14 27.03
CA GLY G 260 -39.78 21.49 27.84
C GLY G 260 -39.19 22.84 27.48
N ARG G 261 -38.25 23.28 28.32
CA ARG G 261 -37.56 24.57 28.17
C ARG G 261 -36.05 24.36 28.22
N ARG G 262 -35.31 25.25 27.54
CA ARG G 262 -33.85 25.17 27.42
C ARG G 262 -33.18 26.51 27.73
N PRO G 263 -31.92 26.47 28.22
CA PRO G 263 -31.27 27.68 28.73
C PRO G 263 -30.81 28.69 27.65
N ASN G 264 -30.85 29.97 28.00
CA ASN G 264 -30.39 31.05 27.12
C ASN G 264 -28.87 31.22 27.25
N VAL G 265 -28.13 30.64 26.30
CA VAL G 265 -26.66 30.67 26.30
C VAL G 265 -25.99 31.09 24.98
N LYS G 266 -26.77 31.35 23.93
CA LYS G 266 -26.24 31.46 22.57
C LYS G 266 -25.76 32.86 22.16
N GLY G 267 -26.46 33.90 22.62
CA GLY G 267 -26.11 35.29 22.26
C GLY G 267 -25.17 36.03 23.21
N LEU G 268 -24.59 35.31 24.18
CA LEU G 268 -23.81 35.95 25.26
C LEU G 268 -22.31 36.08 24.99
N GLN G 269 -21.80 35.41 23.96
CA GLN G 269 -20.36 35.35 23.66
C GLN G 269 -19.58 34.80 24.87
N LEU G 270 -20.00 33.64 25.36
CA LEU G 270 -19.39 33.02 26.54
C LEU G 270 -17.92 32.65 26.37
N GLU G 271 -17.52 32.36 25.12
CA GLU G 271 -16.14 31.95 24.81
C GLU G 271 -15.12 33.07 25.10
N LYS G 272 -15.53 34.32 24.87
CA LYS G 272 -14.65 35.47 25.10
C LYS G 272 -14.31 35.71 26.57
N ALA G 273 -15.24 35.37 27.46
CA ALA G 273 -15.00 35.41 28.91
C ALA G 273 -14.22 34.18 29.40
N GLY G 274 -14.46 33.03 28.76
CA GLY G 274 -13.90 31.75 29.15
C GLY G 274 -14.89 30.82 29.87
N VAL G 275 -16.17 31.19 29.87
CA VAL G 275 -17.22 30.43 30.55
C VAL G 275 -17.60 29.25 29.66
N THR G 276 -17.75 28.07 30.28
CA THR G 276 -17.97 26.81 29.57
C THR G 276 -19.36 26.23 29.84
N LEU G 277 -19.87 25.49 28.86
CA LEU G 277 -21.10 24.71 29.01
C LEU G 277 -20.75 23.29 29.48
N ASN G 278 -21.66 22.67 30.23
CA ASN G 278 -21.54 21.26 30.62
C ASN G 278 -22.04 20.34 29.50
N GLU G 279 -22.05 19.03 29.75
CA GLU G 279 -22.52 18.05 28.76
C GLU G 279 -24.01 18.20 28.42
N ARG G 280 -24.81 18.61 29.39
CA ARG G 280 -26.25 18.83 29.20
C ARG G 280 -26.62 20.14 28.50
N GLY G 281 -25.66 21.06 28.34
CA GLY G 281 -25.86 22.33 27.64
C GLY G 281 -26.11 23.55 28.52
N PHE G 282 -26.27 23.31 29.83
CA PHE G 282 -26.37 24.39 30.82
C PHE G 282 -24.97 24.96 31.11
N ILE G 283 -24.91 26.10 31.78
CA ILE G 283 -23.62 26.70 32.18
C ILE G 283 -23.02 25.88 33.33
N GLN G 284 -21.74 25.54 33.20
CA GLN G 284 -21.02 24.74 34.18
C GLN G 284 -20.72 25.58 35.42
N VAL G 285 -21.31 25.19 36.56
CA VAL G 285 -21.04 25.81 37.85
C VAL G 285 -20.86 24.77 38.95
N ASP G 286 -20.11 25.14 39.99
CA ASP G 286 -19.93 24.29 41.17
C ASP G 286 -21.09 24.45 42.16
N GLU G 287 -20.99 23.85 43.34
CA GLU G 287 -22.02 23.98 44.40
C GLU G 287 -22.24 25.42 44.92
N TYR G 288 -21.20 26.26 44.82
CA TYR G 288 -21.26 27.67 45.23
C TYR G 288 -21.66 28.65 44.10
N GLN G 289 -22.16 28.12 42.98
CA GLN G 289 -22.54 28.91 41.78
C GLN G 289 -21.37 29.58 41.02
N ASN G 290 -20.13 29.18 41.30
CA ASN G 290 -18.96 29.70 40.57
C ASN G 290 -18.84 29.01 39.23
N THR G 291 -18.59 29.79 38.17
CA THR G 291 -18.23 29.23 36.87
C THR G 291 -16.75 28.81 36.92
N VAL G 292 -16.23 28.28 35.81
CA VAL G 292 -14.79 27.94 35.72
C VAL G 292 -13.88 29.18 35.76
N VAL G 293 -14.42 30.36 35.42
CA VAL G 293 -13.68 31.64 35.49
C VAL G 293 -13.88 32.28 36.86
N GLU G 294 -12.80 32.85 37.41
CA GLU G 294 -12.83 33.56 38.69
C GLU G 294 -13.56 34.90 38.53
N GLY G 295 -14.53 35.16 39.39
CA GLY G 295 -15.33 36.39 39.34
C GLY G 295 -16.52 36.36 38.40
N ILE G 296 -16.82 35.20 37.81
CA ILE G 296 -18.02 35.01 36.99
C ILE G 296 -18.83 33.88 37.62
N TYR G 297 -20.13 34.13 37.77
CA TYR G 297 -21.06 33.22 38.44
C TYR G 297 -22.26 32.98 37.53
N ALA G 298 -23.03 31.94 37.83
CA ALA G 298 -24.29 31.69 37.13
C ALA G 298 -25.29 30.96 38.03
N LEU G 299 -26.57 31.27 37.86
CA LEU G 299 -27.64 30.68 38.66
C LEU G 299 -28.99 30.84 37.96
N GLY G 300 -29.98 30.10 38.47
CA GLY G 300 -31.32 30.07 37.88
C GLY G 300 -31.47 28.95 36.87
N ASP G 301 -32.35 29.14 35.90
CA ASP G 301 -32.62 28.12 34.87
C ASP G 301 -31.44 27.85 33.93
N VAL G 302 -30.57 28.85 33.76
CA VAL G 302 -29.39 28.73 32.88
C VAL G 302 -28.37 27.69 33.35
N THR G 303 -28.27 27.49 34.67
CA THR G 303 -27.43 26.43 35.25
C THR G 303 -28.20 25.11 35.40
N GLY G 304 -29.51 25.19 35.59
CA GLY G 304 -30.41 24.04 35.43
C GLY G 304 -30.49 23.02 36.56
N GLU G 305 -30.26 23.46 37.80
CA GLU G 305 -30.32 22.55 38.96
C GLU G 305 -31.77 22.14 39.24
N LYS G 306 -32.66 23.13 39.29
CA LYS G 306 -34.11 22.91 39.36
C LYS G 306 -34.81 24.18 38.88
N GLU G 307 -35.52 24.07 37.76
CA GLU G 307 -36.00 25.24 37.03
C GLU G 307 -37.30 25.84 37.61
N LEU G 308 -37.13 26.54 38.73
CA LEU G 308 -38.24 27.22 39.45
C LEU G 308 -37.81 28.61 39.92
N THR G 309 -38.79 29.48 40.13
CA THR G 309 -38.56 30.86 40.60
C THR G 309 -37.88 30.95 41.99
N PRO G 310 -38.46 30.28 43.02
CA PRO G 310 -37.84 30.38 44.35
C PRO G 310 -36.46 29.74 44.48
N VAL G 311 -36.13 28.79 43.59
CA VAL G 311 -34.78 28.22 43.50
C VAL G 311 -33.78 29.29 43.03
N ALA G 312 -34.15 30.01 41.97
CA ALA G 312 -33.34 31.13 41.47
C ALA G 312 -33.18 32.25 42.50
N ILE G 313 -34.23 32.50 43.29
CA ILE G 313 -34.22 33.56 44.29
C ILE G 313 -33.32 33.21 45.49
N LYS G 314 -33.47 32.00 46.04
CA LYS G 314 -32.65 31.58 47.19
C LYS G 314 -31.17 31.40 46.83
N ALA G 315 -30.92 30.82 45.65
CA ALA G 315 -29.55 30.67 45.15
C ALA G 315 -28.86 32.02 44.94
N GLY G 316 -29.60 32.98 44.41
CA GLY G 316 -29.11 34.33 44.19
C GLY G 316 -28.87 35.12 45.46
N ARG G 317 -29.78 35.00 46.41
CA ARG G 317 -29.63 35.65 47.73
C ARG G 317 -28.48 35.05 48.54
N THR G 318 -28.35 33.73 48.49
CA THR G 318 -27.26 33.02 49.17
C THR G 318 -25.88 33.39 48.59
N LEU G 319 -25.81 33.64 47.28
CA LEU G 319 -24.55 34.09 46.66
C LEU G 319 -24.15 35.49 47.13
N SER G 320 -25.11 36.41 47.23
CA SER G 320 -24.84 37.76 47.74
C SER G 320 -24.49 37.78 49.24
N GLU G 321 -25.06 36.83 50.00
CA GLU G 321 -24.63 36.60 51.39
C GLU G 321 -23.18 36.13 51.44
N ARG G 322 -22.80 35.25 50.50
CA ARG G 322 -21.44 34.70 50.42
C ARG G 322 -20.40 35.78 50.07
N LEU G 323 -20.67 36.53 49.01
CA LEU G 323 -19.71 37.50 48.47
C LEU G 323 -19.59 38.78 49.32
N PHE G 324 -20.70 39.26 49.88
CA PHE G 324 -20.76 40.59 50.50
C PHE G 324 -21.17 40.65 51.99
N ASN G 325 -21.41 39.50 52.62
CA ASN G 325 -21.80 39.46 54.04
C ASN G 325 -20.99 38.46 54.90
N GLY G 326 -19.81 38.09 54.42
CA GLY G 326 -18.87 37.25 55.18
C GLY G 326 -19.21 35.77 55.34
N LYS G 327 -20.32 35.31 54.76
CA LYS G 327 -20.74 33.91 54.92
C LYS G 327 -20.03 33.05 53.88
N THR G 328 -18.75 32.79 54.15
CA THR G 328 -17.81 32.19 53.19
C THR G 328 -18.26 30.83 52.63
N THR G 329 -18.79 29.97 53.50
CA THR G 329 -19.18 28.59 53.12
C THR G 329 -20.67 28.42 52.76
N ALA G 330 -21.40 29.53 52.56
CA ALA G 330 -22.85 29.49 52.30
C ALA G 330 -23.16 29.02 50.87
N LYS G 331 -24.11 28.11 50.75
CA LYS G 331 -24.52 27.57 49.45
C LYS G 331 -25.95 27.06 49.44
N MET G 332 -26.50 26.93 48.23
CA MET G 332 -27.91 26.60 48.01
C MET G 332 -28.15 25.10 48.17
N ASP G 333 -29.07 24.75 49.07
CA ASP G 333 -29.47 23.36 49.31
C ASP G 333 -30.55 22.98 48.27
N TYR G 334 -30.16 22.22 47.26
CA TYR G 334 -31.05 21.83 46.16
C TYR G 334 -31.88 20.55 46.40
N SER G 335 -31.64 19.86 47.53
CA SER G 335 -32.34 18.61 47.83
C SER G 335 -33.77 18.84 48.33
N THR G 336 -34.67 17.94 47.96
CA THR G 336 -36.03 17.88 48.50
C THR G 336 -36.76 19.22 48.37
N ILE G 337 -36.85 19.70 47.14
CA ILE G 337 -37.59 20.93 46.82
C ILE G 337 -39.03 20.54 46.48
N PRO G 338 -40.02 21.15 47.16
CA PRO G 338 -41.42 20.85 46.85
C PRO G 338 -41.89 21.55 45.58
N THR G 339 -42.88 20.96 44.92
CA THR G 339 -43.41 21.48 43.66
C THR G 339 -44.93 21.40 43.66
N VAL G 340 -45.56 22.33 42.97
CA VAL G 340 -46.99 22.29 42.69
C VAL G 340 -47.21 22.52 41.19
N VAL G 341 -48.06 21.68 40.60
CA VAL G 341 -48.54 21.87 39.24
C VAL G 341 -49.98 22.32 39.35
N PHE G 342 -50.31 23.43 38.71
CA PHE G 342 -51.66 24.00 38.78
C PHE G 342 -52.55 23.47 37.66
N SER G 343 -52.76 22.15 37.71
CA SER G 343 -53.62 21.44 36.78
C SER G 343 -55.05 21.55 37.29
N HIS G 344 -55.98 20.81 36.65
CA HIS G 344 -57.37 20.71 37.12
C HIS G 344 -57.67 19.28 37.59
N PRO G 345 -57.72 19.00 38.90
CA PRO G 345 -57.35 19.93 40.00
C PRO G 345 -55.86 19.94 40.24
N ALA G 346 -55.42 20.75 41.22
CA ALA G 346 -53.99 20.96 41.47
C ALA G 346 -53.26 19.70 41.94
N ILE G 347 -52.05 19.48 41.41
CA ILE G 347 -51.15 18.42 41.87
C ILE G 347 -50.09 19.04 42.78
N GLY G 348 -49.77 18.36 43.88
CA GLY G 348 -48.73 18.78 44.82
C GLY G 348 -47.82 17.61 45.15
N THR G 349 -46.52 17.88 45.28
CA THR G 349 -45.53 16.81 45.48
C THR G 349 -44.21 17.30 46.13
N VAL G 350 -43.62 16.45 46.96
CA VAL G 350 -42.29 16.67 47.52
C VAL G 350 -41.63 15.33 47.83
N GLY G 351 -40.31 15.24 47.61
CA GLY G 351 -39.57 14.01 47.82
C GLY G 351 -39.71 13.03 46.66
N LEU G 352 -39.53 11.75 46.94
CA LEU G 352 -39.42 10.70 45.93
C LEU G 352 -40.76 10.07 45.56
N THR G 353 -40.88 9.59 44.33
CA THR G 353 -42.03 8.77 43.90
C THR G 353 -41.84 7.34 44.41
N GLU G 354 -42.87 6.50 44.24
CA GLU G 354 -42.77 5.07 44.62
C GLU G 354 -41.69 4.36 43.81
N GLU G 355 -41.66 4.61 42.50
CA GLU G 355 -40.63 4.07 41.60
C GLU G 355 -39.21 4.46 42.03
N GLN G 356 -39.03 5.73 42.36
CA GLN G 356 -37.72 6.25 42.81
C GLN G 356 -37.31 5.72 44.19
N ALA G 357 -38.29 5.58 45.08
CA ALA G 357 -38.05 5.06 46.43
C ALA G 357 -37.59 3.59 46.39
N ILE G 358 -38.26 2.79 45.57
CA ILE G 358 -37.89 1.38 45.34
C ILE G 358 -36.47 1.25 44.77
N LYS G 359 -36.10 2.16 43.87
CA LYS G 359 -34.74 2.17 43.30
C LYS G 359 -33.68 2.50 44.36
N GLU G 360 -33.96 3.50 45.18
CA GLU G 360 -33.03 3.97 46.21
C GLU G 360 -32.88 2.96 47.36
N TYR G 361 -34.02 2.55 47.93
CA TYR G 361 -34.03 1.79 49.19
C TYR G 361 -34.24 0.27 49.05
N GLY G 362 -34.77 -0.18 47.91
CA GLY G 362 -35.10 -1.59 47.69
C GLY G 362 -36.55 -1.87 48.01
N GLN G 363 -37.15 -2.81 47.27
CA GLN G 363 -38.60 -3.08 47.31
C GLN G 363 -39.16 -3.36 48.72
N ASP G 364 -38.44 -4.18 49.48
CA ASP G 364 -38.92 -4.63 50.81
C ASP G 364 -38.61 -3.65 51.95
N GLN G 365 -37.89 -2.57 51.67
CA GLN G 365 -37.63 -1.51 52.66
C GLN G 365 -38.61 -0.33 52.56
N ILE G 366 -39.59 -0.42 51.64
CA ILE G 366 -40.53 0.64 51.35
C ILE G 366 -41.94 0.22 51.75
N LYS G 367 -42.66 1.12 52.42
CA LYS G 367 -44.10 0.98 52.64
C LYS G 367 -44.82 2.18 52.01
N VAL G 368 -46.02 1.93 51.51
CA VAL G 368 -46.80 2.91 50.77
C VAL G 368 -48.19 3.04 51.41
N TYR G 369 -48.64 4.28 51.56
CA TYR G 369 -49.98 4.57 52.07
C TYR G 369 -50.72 5.40 51.02
N LYS G 370 -51.93 4.94 50.67
CA LYS G 370 -52.76 5.60 49.66
C LYS G 370 -54.12 5.94 50.24
N SER G 371 -54.75 6.96 49.66
CA SER G 371 -56.08 7.39 50.09
C SER G 371 -56.78 8.05 48.91
N SER G 372 -57.93 7.48 48.52
CA SER G 372 -58.79 8.06 47.49
C SER G 372 -60.10 8.49 48.13
N PHE G 373 -60.52 9.72 47.84
CA PHE G 373 -61.69 10.32 48.47
C PHE G 373 -62.19 11.49 47.63
N ALA G 374 -63.46 11.84 47.80
CA ALA G 374 -64.02 13.05 47.23
C ALA G 374 -64.12 14.08 48.35
N SER G 375 -63.55 15.26 48.13
CA SER G 375 -63.65 16.36 49.10
C SER G 375 -65.11 16.81 49.24
N MET G 376 -65.43 17.34 50.42
CA MET G 376 -66.78 17.79 50.74
C MET G 376 -67.32 18.83 49.74
N TYR G 377 -66.44 19.67 49.20
CA TYR G 377 -66.78 20.73 48.23
C TYR G 377 -67.53 20.20 47.01
N SER G 378 -66.97 19.18 46.36
CA SER G 378 -67.58 18.58 45.16
C SER G 378 -68.49 17.38 45.47
N ALA G 379 -68.31 16.76 46.64
CA ALA G 379 -69.13 15.59 47.03
C ALA G 379 -70.60 15.94 47.30
N CYS G 380 -70.87 17.17 47.75
CA CYS G 380 -72.25 17.68 47.90
C CYS G 380 -72.98 17.84 46.57
N THR G 381 -72.22 18.15 45.51
CA THR G 381 -72.78 18.38 44.18
C THR G 381 -72.89 17.06 43.43
N ARG G 382 -73.50 17.14 42.24
CA ARG G 382 -73.63 15.99 41.34
C ARG G 382 -72.32 15.69 40.58
N ASN G 383 -71.52 16.73 40.32
CA ASN G 383 -70.21 16.58 39.66
C ASN G 383 -69.10 16.26 40.66
N ARG G 384 -69.03 14.99 41.04
CA ARG G 384 -68.09 14.50 42.05
C ARG G 384 -66.66 14.43 41.47
N GLN G 385 -65.74 15.16 42.10
CA GLN G 385 -64.34 15.20 41.69
C GLN G 385 -63.49 14.43 42.69
N GLU G 386 -62.68 13.49 42.19
CA GLU G 386 -61.87 12.61 43.03
C GLU G 386 -60.54 13.28 43.44
N SER G 387 -60.13 13.04 44.68
CA SER G 387 -58.78 13.40 45.16
C SER G 387 -57.97 12.12 45.41
N ARG G 388 -56.65 12.23 45.35
CA ARG G 388 -55.75 11.10 45.60
C ARG G 388 -54.49 11.57 46.32
N PHE G 389 -54.22 10.97 47.49
CA PHE G 389 -53.04 11.30 48.32
C PHE G 389 -52.17 10.04 48.42
N LYS G 390 -50.85 10.21 48.48
CA LYS G 390 -49.92 9.09 48.70
C LYS G 390 -48.74 9.48 49.60
N LEU G 391 -48.46 8.62 50.58
CA LEU G 391 -47.25 8.71 51.41
C LEU G 391 -46.36 7.49 51.14
N ILE G 392 -45.05 7.72 51.14
CA ILE G 392 -44.06 6.67 50.89
C ILE G 392 -43.01 6.79 51.99
N THR G 393 -42.78 5.69 52.72
CA THR G 393 -41.83 5.65 53.83
C THR G 393 -40.75 4.59 53.58
N ALA G 394 -39.58 4.78 54.21
CA ALA G 394 -38.42 3.91 54.02
C ALA G 394 -37.74 3.58 55.35
N GLY G 395 -37.37 2.30 55.52
CA GLY G 395 -36.68 1.82 56.73
C GLY G 395 -37.64 1.32 57.80
N SER G 396 -37.08 0.83 58.89
CA SER G 396 -37.86 0.33 60.04
C SER G 396 -38.53 1.47 60.81
N GLU G 397 -37.85 2.62 60.91
CA GLU G 397 -38.40 3.84 61.52
C GLU G 397 -39.46 4.55 60.67
N GLU G 398 -39.57 4.16 59.40
CA GLU G 398 -40.55 4.70 58.45
C GLU G 398 -40.37 6.19 58.22
N LYS G 399 -39.14 6.57 57.88
CA LYS G 399 -38.80 7.93 57.48
C LYS G 399 -39.61 8.27 56.22
N VAL G 400 -40.33 9.39 56.26
CA VAL G 400 -41.19 9.79 55.15
C VAL G 400 -40.31 10.38 54.05
N VAL G 401 -40.12 9.62 52.97
CA VAL G 401 -39.25 10.01 51.86
C VAL G 401 -40.01 10.59 50.67
N GLY G 402 -41.34 10.51 50.69
CA GLY G 402 -42.16 11.00 49.59
C GLY G 402 -43.59 11.26 49.96
N LEU G 403 -44.09 12.43 49.58
CA LEU G 403 -45.49 12.82 49.78
C LEU G 403 -46.01 13.42 48.49
N HIS G 404 -47.20 12.98 48.07
CA HIS G 404 -47.80 13.37 46.78
C HIS G 404 -49.30 13.51 46.92
N GLY G 405 -49.87 14.53 46.29
CA GLY G 405 -51.32 14.78 46.32
C GLY G 405 -51.86 15.34 45.02
N ILE G 406 -53.12 15.01 44.73
CA ILE G 406 -53.89 15.69 43.67
C ILE G 406 -55.33 15.88 44.17
N GLY G 407 -55.84 17.10 44.03
CA GLY G 407 -57.21 17.41 44.46
C GLY G 407 -57.37 18.86 44.88
N TYR G 408 -58.60 19.23 45.21
CA TYR G 408 -58.93 20.59 45.62
C TYR G 408 -58.20 20.96 46.91
N GLY G 409 -57.53 22.10 46.91
CA GLY G 409 -56.78 22.59 48.07
C GLY G 409 -55.34 22.14 48.19
N VAL G 410 -54.90 21.25 47.29
CA VAL G 410 -53.55 20.62 47.39
C VAL G 410 -52.41 21.63 47.19
N ASP G 411 -52.61 22.59 46.28
CA ASP G 411 -51.66 23.69 46.05
C ASP G 411 -51.14 24.37 47.34
N GLU G 412 -52.02 24.58 48.31
CA GLU G 412 -51.67 25.28 49.55
C GLU G 412 -51.19 24.39 50.72
N MET G 413 -51.39 23.07 50.65
CA MET G 413 -51.06 22.18 51.78
C MET G 413 -49.64 21.60 51.79
N ILE G 414 -48.88 21.74 50.70
CA ILE G 414 -47.58 21.05 50.57
C ILE G 414 -46.45 21.71 51.36
N GLN G 415 -46.47 23.04 51.49
CA GLN G 415 -45.34 23.79 52.05
C GLN G 415 -44.90 23.31 53.44
N GLY G 416 -45.87 23.17 54.36
CA GLY G 416 -45.59 22.74 55.72
C GLY G 416 -45.06 21.32 55.83
N PHE G 417 -45.64 20.41 55.03
CA PHE G 417 -45.17 19.02 54.98
C PHE G 417 -43.74 18.94 54.44
N ALA G 418 -43.40 19.80 53.48
CA ALA G 418 -42.03 19.89 52.95
C ALA G 418 -41.01 20.34 54.01
N VAL G 419 -41.43 21.20 54.94
CA VAL G 419 -40.59 21.59 56.08
C VAL G 419 -40.32 20.38 56.97
N ALA G 420 -41.38 19.63 57.29
CA ALA G 420 -41.30 18.44 58.14
C ALA G 420 -40.44 17.34 57.50
N ILE G 421 -40.66 17.08 56.22
CA ILE G 421 -39.92 16.03 55.48
C ILE G 421 -38.43 16.34 55.34
N LYS G 422 -38.08 17.62 55.18
CA LYS G 422 -36.67 18.04 55.13
C LYS G 422 -35.95 17.85 56.47
N MET G 423 -36.67 18.05 57.59
CA MET G 423 -36.15 17.76 58.94
C MET G 423 -35.93 16.26 59.18
N GLY G 424 -36.68 15.42 58.48
CA GLY G 424 -36.58 13.96 58.58
C GLY G 424 -37.74 13.38 59.36
N ALA G 425 -38.96 13.73 58.95
CA ALA G 425 -40.16 13.29 59.62
C ALA G 425 -40.41 11.79 59.36
N THR G 426 -40.85 11.10 60.41
CA THR G 426 -41.26 9.70 60.32
C THR G 426 -42.77 9.60 60.18
N LYS G 427 -43.26 8.40 59.89
CA LYS G 427 -44.70 8.13 59.89
C LYS G 427 -45.30 8.31 61.30
N ALA G 428 -44.49 8.07 62.34
CA ALA G 428 -44.90 8.33 63.72
C ALA G 428 -45.17 9.81 63.99
N ASP G 429 -44.30 10.68 63.44
CA ASP G 429 -44.49 12.14 63.57
C ASP G 429 -45.79 12.61 62.92
N PHE G 430 -46.12 12.02 61.77
CA PHE G 430 -47.37 12.33 61.06
C PHE G 430 -48.58 11.87 61.89
N ASP G 431 -48.55 10.62 62.35
CA ASP G 431 -49.66 10.02 63.11
C ASP G 431 -49.88 10.66 64.48
N ALA G 432 -48.83 11.24 65.06
CA ALA G 432 -48.92 11.95 66.35
C ALA G 432 -49.60 13.31 66.22
N THR G 433 -49.42 13.96 65.07
CA THR G 433 -50.00 15.27 64.81
C THR G 433 -51.51 15.14 64.62
N VAL G 434 -52.27 15.86 65.44
CA VAL G 434 -53.73 15.75 65.46
C VAL G 434 -54.30 16.40 64.20
N ALA G 435 -55.35 15.80 63.66
CA ALA G 435 -56.00 16.29 62.45
C ALA G 435 -56.71 17.63 62.64
N ILE G 436 -56.97 18.30 61.51
CA ILE G 436 -57.81 19.49 61.44
C ILE G 436 -59.02 19.08 60.61
N HIS G 437 -60.22 19.16 61.21
CA HIS G 437 -61.46 18.69 60.59
C HIS G 437 -62.48 19.85 60.47
N PRO G 438 -63.20 19.96 59.35
CA PRO G 438 -63.05 19.14 58.13
C PRO G 438 -62.10 19.80 57.15
N THR G 439 -61.09 19.06 56.69
CA THR G 439 -60.22 19.47 55.59
C THR G 439 -59.89 18.25 54.73
N SER G 440 -59.21 18.50 53.61
CA SER G 440 -58.59 17.44 52.81
C SER G 440 -57.20 17.10 53.37
N SER G 441 -56.50 18.11 53.92
CA SER G 441 -55.14 17.93 54.45
C SER G 441 -55.01 16.90 55.59
N GLU G 442 -56.08 16.72 56.36
CA GLU G 442 -56.07 15.73 57.45
C GLU G 442 -55.89 14.28 57.01
N GLU G 443 -56.18 13.97 55.75
CA GLU G 443 -55.94 12.63 55.18
C GLU G 443 -54.47 12.20 55.25
N PHE G 444 -53.54 13.16 55.13
CA PHE G 444 -52.10 12.87 55.26
C PHE G 444 -51.65 12.42 56.65
N VAL G 445 -52.42 12.74 57.69
CA VAL G 445 -52.07 12.37 59.08
C VAL G 445 -52.97 11.30 59.71
N THR G 446 -53.89 10.73 58.93
CA THR G 446 -54.75 9.63 59.39
C THR G 446 -54.75 8.47 58.40
N MET G 447 -53.56 8.14 57.87
CA MET G 447 -53.40 7.04 56.90
C MET G 447 -52.99 5.76 57.62
N ARG G 448 -53.58 4.65 57.19
CA ARG G 448 -53.29 3.33 57.77
C ARG G 448 -52.82 2.34 56.69
N ARG H 2 -78.60 -8.56 78.89
CA ARG H 2 -77.61 -8.33 77.79
C ARG H 2 -76.21 -8.09 78.34
N GLU H 3 -75.19 -8.47 77.55
CA GLU H 3 -73.79 -8.39 77.98
C GLU H 3 -72.88 -7.99 76.81
N TYR H 4 -71.87 -7.17 77.12
CA TYR H 4 -70.85 -6.74 76.14
C TYR H 4 -69.48 -6.65 76.81
N ASP H 5 -68.43 -6.72 75.98
CA ASP H 5 -67.05 -6.45 76.44
C ASP H 5 -66.87 -4.96 76.77
N ILE H 6 -67.44 -4.10 75.92
CA ILE H 6 -67.37 -2.65 76.09
C ILE H 6 -68.62 -1.98 75.53
N ILE H 7 -69.01 -0.85 76.12
CA ILE H 7 -70.08 -0.01 75.57
C ILE H 7 -69.72 1.46 75.61
N ALA H 8 -70.35 2.24 74.72
CA ALA H 8 -70.18 3.68 74.64
C ALA H 8 -71.54 4.34 74.86
N ILE H 9 -71.60 5.24 75.84
CA ILE H 9 -72.77 6.10 76.04
C ILE H 9 -72.55 7.33 75.16
N GLY H 10 -73.37 7.46 74.12
CA GLY H 10 -73.24 8.54 73.14
C GLY H 10 -72.53 8.06 71.90
N GLY H 11 -73.19 8.20 70.74
CA GLY H 11 -72.67 7.74 69.46
C GLY H 11 -72.16 8.86 68.58
N GLY H 12 -71.30 9.71 69.15
CA GLY H 12 -70.67 10.82 68.43
C GLY H 12 -69.30 10.44 67.91
N SER H 13 -68.43 11.44 67.77
CA SER H 13 -67.07 11.24 67.26
C SER H 13 -66.26 10.30 68.14
N GLY H 14 -66.27 10.57 69.45
CA GLY H 14 -65.56 9.74 70.43
C GLY H 14 -66.16 8.34 70.58
N GLY H 15 -67.49 8.28 70.69
CA GLY H 15 -68.20 7.02 70.86
C GLY H 15 -68.02 6.03 69.72
N ILE H 16 -68.17 6.52 68.49
CA ILE H 16 -68.00 5.68 67.30
C ILE H 16 -66.55 5.22 67.15
N ALA H 17 -65.61 6.16 67.27
CA ALA H 17 -64.18 5.86 67.10
C ALA H 17 -63.66 4.84 68.11
N THR H 18 -64.15 4.91 69.35
CA THR H 18 -63.74 3.98 70.41
C THR H 18 -64.27 2.57 70.16
N MET H 19 -65.56 2.45 69.85
CA MET H 19 -66.21 1.15 69.63
C MET H 19 -65.76 0.47 68.32
N ASN H 20 -65.53 1.24 67.26
CA ASN H 20 -65.02 0.68 65.99
C ASN H 20 -63.62 0.08 66.12
N ARG H 21 -62.72 0.80 66.78
CA ARG H 21 -61.36 0.30 67.02
C ARG H 21 -61.34 -0.84 68.04
N ALA H 22 -62.30 -0.82 68.97
CA ALA H 22 -62.48 -1.93 69.93
C ALA H 22 -62.99 -3.17 69.21
N GLY H 23 -64.01 -3.00 68.37
CA GLY H 23 -64.53 -4.08 67.53
C GLY H 23 -63.52 -4.63 66.53
N GLU H 24 -62.61 -3.77 66.07
CA GLU H 24 -61.51 -4.17 65.19
C GLU H 24 -60.57 -5.18 65.86
N HIS H 25 -60.38 -5.06 67.18
CA HIS H 25 -59.57 -6.01 67.95
C HIS H 25 -60.40 -7.07 68.71
N GLY H 26 -61.57 -7.43 68.18
CA GLY H 26 -62.34 -8.59 68.67
C GLY H 26 -63.26 -8.40 69.86
N ALA H 27 -63.28 -7.21 70.46
CA ALA H 27 -64.17 -6.92 71.60
C ALA H 27 -65.59 -6.68 71.10
N GLN H 28 -66.57 -7.35 71.72
CA GLN H 28 -67.97 -7.14 71.37
C GLN H 28 -68.43 -5.77 71.86
N ALA H 29 -68.38 -4.78 70.97
CA ALA H 29 -68.68 -3.39 71.31
C ALA H 29 -70.14 -3.03 71.03
N ALA H 30 -70.59 -1.94 71.64
CA ALA H 30 -71.92 -1.38 71.35
C ALA H 30 -71.96 0.14 71.54
N VAL H 31 -72.80 0.81 70.75
CA VAL H 31 -72.98 2.26 70.79
C VAL H 31 -74.42 2.56 71.19
N ILE H 32 -74.61 3.40 72.21
CA ILE H 32 -75.93 3.83 72.67
C ILE H 32 -76.11 5.32 72.33
N GLU H 33 -77.31 5.70 71.86
CA GLU H 33 -77.54 7.03 71.30
C GLU H 33 -79.00 7.50 71.42
N GLU H 34 -79.19 8.70 71.99
CA GLU H 34 -80.49 9.36 72.06
C GLU H 34 -81.00 9.79 70.69
N LYS H 35 -80.24 10.71 70.06
CA LYS H 35 -80.68 11.45 68.88
C LYS H 35 -80.29 10.67 67.61
N LYS H 36 -79.90 11.38 66.53
CA LYS H 36 -79.36 10.74 65.34
C LYS H 36 -77.91 10.31 65.56
N LEU H 37 -77.47 9.34 64.77
CA LEU H 37 -76.10 8.81 64.83
C LEU H 37 -75.11 9.82 64.27
N GLY H 38 -73.85 9.73 64.70
CA GLY H 38 -72.77 10.62 64.23
C GLY H 38 -72.46 11.79 65.14
N GLY H 39 -73.39 12.16 66.02
CA GLY H 39 -73.17 13.20 67.03
C GLY H 39 -73.36 14.61 66.53
N THR H 40 -72.74 15.55 67.23
CA THR H 40 -72.85 16.98 66.94
C THR H 40 -72.18 17.35 65.63
N CYS H 41 -70.98 16.83 65.39
CA CYS H 41 -70.17 17.21 64.22
C CYS H 41 -70.84 16.87 62.88
N VAL H 42 -71.39 15.67 62.78
CA VAL H 42 -72.04 15.22 61.54
C VAL H 42 -73.38 15.91 61.35
N ASN H 43 -74.18 15.97 62.40
CA ASN H 43 -75.57 16.44 62.31
C ASN H 43 -75.74 17.96 62.39
N VAL H 44 -75.11 18.59 63.37
CA VAL H 44 -75.31 20.02 63.67
C VAL H 44 -74.01 20.77 64.02
N GLY H 45 -72.89 20.37 63.40
CA GLY H 45 -71.56 20.90 63.73
C GLY H 45 -70.66 21.14 62.52
N CYS H 46 -69.49 20.50 62.52
CA CYS H 46 -68.46 20.70 61.48
C CYS H 46 -68.97 20.52 60.04
N VAL H 47 -69.74 19.45 59.82
CA VAL H 47 -70.18 19.09 58.47
C VAL H 47 -71.16 20.11 57.86
N PRO H 48 -72.32 20.34 58.52
CA PRO H 48 -73.24 21.34 57.96
C PRO H 48 -72.64 22.75 57.89
N LYS H 49 -71.88 23.14 58.91
CA LYS H 49 -71.17 24.44 58.93
C LYS H 49 -70.29 24.62 57.70
N LYS H 50 -69.50 23.60 57.38
CA LYS H 50 -68.54 23.66 56.27
C LYS H 50 -69.22 23.72 54.90
N ILE H 51 -70.33 23.00 54.75
CA ILE H 51 -71.12 23.02 53.52
C ILE H 51 -71.74 24.41 53.32
N MET H 52 -72.24 25.00 54.40
CA MET H 52 -72.76 26.37 54.39
C MET H 52 -71.63 27.36 54.05
N TRP H 53 -70.46 27.15 54.65
CA TRP H 53 -69.27 27.97 54.38
C TRP H 53 -68.84 27.91 52.90
N TYR H 54 -68.87 26.72 52.30
CA TYR H 54 -68.55 26.56 50.88
C TYR H 54 -69.53 27.32 49.97
N GLY H 55 -70.81 27.29 50.33
CA GLY H 55 -71.83 28.09 49.66
C GLY H 55 -71.59 29.60 49.75
N ALA H 56 -71.12 30.03 50.92
CA ALA H 56 -70.76 31.44 51.15
C ALA H 56 -69.52 31.87 50.35
N GLN H 57 -68.55 30.97 50.22
CA GLN H 57 -67.37 31.22 49.37
C GLN H 57 -67.73 31.35 47.89
N ILE H 58 -68.75 30.62 47.45
CA ILE H 58 -69.27 30.75 46.07
C ILE H 58 -69.95 32.12 45.90
N ALA H 59 -70.77 32.51 46.87
CA ALA H 59 -71.41 33.83 46.87
C ALA H 59 -70.39 34.98 46.83
N GLU H 60 -69.34 34.83 47.63
CA GLU H 60 -68.22 35.79 47.63
C GLU H 60 -67.58 35.88 46.23
N THR H 61 -67.37 34.72 45.60
CA THR H 61 -66.77 34.67 44.26
C THR H 61 -67.60 35.40 43.20
N PHE H 62 -68.91 35.18 43.20
CA PHE H 62 -69.79 35.84 42.23
C PHE H 62 -69.97 37.34 42.54
N HIS H 63 -70.14 37.68 43.82
CA HIS H 63 -70.38 39.07 44.23
C HIS H 63 -69.15 39.96 44.24
N GLN H 64 -67.99 39.42 44.63
CA GLN H 64 -66.78 40.24 44.80
C GLN H 64 -65.69 40.06 43.74
N PHE H 65 -65.55 38.86 43.16
CA PHE H 65 -64.45 38.58 42.21
C PHE H 65 -64.87 38.36 40.74
N GLY H 66 -66.07 37.82 40.52
CA GLY H 66 -66.54 37.47 39.17
C GLY H 66 -66.36 38.54 38.10
N GLU H 67 -66.73 39.78 38.43
CA GLU H 67 -66.73 40.89 37.47
C GLU H 67 -65.33 41.18 36.91
N ASP H 68 -64.36 41.34 37.80
CA ASP H 68 -62.98 41.64 37.40
C ASP H 68 -62.22 40.47 36.76
N TYR H 69 -62.74 39.24 36.90
CA TYR H 69 -62.22 38.08 36.17
C TYR H 69 -62.95 37.83 34.84
N GLY H 70 -63.91 38.69 34.49
CA GLY H 70 -64.59 38.68 33.18
C GLY H 70 -65.98 38.08 33.15
N PHE H 71 -66.55 37.77 34.32
CA PHE H 71 -67.86 37.11 34.40
C PHE H 71 -68.95 38.08 34.84
N LYS H 72 -69.98 38.23 34.01
CA LYS H 72 -71.13 39.07 34.33
C LYS H 72 -72.44 38.34 34.00
N THR H 73 -73.44 38.57 34.85
CA THR H 73 -74.79 38.05 34.66
C THR H 73 -75.80 39.19 34.69
N THR H 74 -76.98 38.94 34.12
CA THR H 74 -78.10 39.88 34.20
C THR H 74 -78.74 39.78 35.59
N ASP H 75 -78.96 38.55 36.06
CA ASP H 75 -79.50 38.27 37.39
C ASP H 75 -78.76 37.12 38.05
N LEU H 76 -78.76 37.10 39.38
CA LEU H 76 -78.18 36.01 40.18
C LEU H 76 -79.07 35.72 41.39
N ASN H 77 -79.82 34.61 41.35
CA ASN H 77 -80.72 34.22 42.43
C ASN H 77 -80.09 33.15 43.32
N PHE H 78 -80.21 33.31 44.64
CA PHE H 78 -79.74 32.33 45.62
C PHE H 78 -80.92 31.71 46.37
N ASP H 79 -81.18 30.42 46.09
CA ASP H 79 -82.24 29.67 46.76
C ASP H 79 -81.63 28.88 47.93
N PHE H 80 -81.97 29.26 49.16
CA PHE H 80 -81.43 28.60 50.35
C PHE H 80 -81.92 27.16 50.52
N ALA H 81 -83.19 26.93 50.22
CA ALA H 81 -83.81 25.59 50.35
C ALA H 81 -83.08 24.50 49.55
N THR H 82 -82.51 24.88 48.41
CA THR H 82 -81.67 23.99 47.60
C THR H 82 -80.38 23.61 48.32
N LEU H 83 -79.65 24.62 48.82
CA LEU H 83 -78.43 24.40 49.60
C LEU H 83 -78.69 23.52 50.81
N ARG H 84 -79.76 23.83 51.55
CA ARG H 84 -80.14 23.08 52.75
C ARG H 84 -80.51 21.62 52.44
N ARG H 85 -81.24 21.42 51.34
CA ARG H 85 -81.64 20.07 50.91
C ARG H 85 -80.43 19.21 50.54
N ASN H 86 -79.48 19.80 49.81
CA ASN H 86 -78.22 19.11 49.45
C ASN H 86 -77.23 19.00 50.62
N ARG H 87 -77.30 19.94 51.58
CA ARG H 87 -76.52 19.85 52.83
C ARG H 87 -76.92 18.62 53.63
N GLU H 88 -78.23 18.45 53.85
CA GLU H 88 -78.75 17.31 54.60
C GLU H 88 -78.69 15.99 53.83
N SER H 89 -78.67 16.05 52.50
CA SER H 89 -78.44 14.86 51.66
C SER H 89 -77.06 14.27 51.88
N TYR H 90 -76.05 15.13 51.96
CA TYR H 90 -74.67 14.70 52.26
C TYR H 90 -74.54 14.12 53.68
N ILE H 91 -75.25 14.71 54.63
CA ILE H 91 -75.24 14.25 56.03
C ILE H 91 -75.89 12.85 56.13
N ASP H 92 -76.97 12.62 55.39
CA ASP H 92 -77.61 11.30 55.32
C ASP H 92 -76.65 10.22 54.80
N ARG H 93 -75.89 10.55 53.75
CA ARG H 93 -74.89 9.63 53.19
C ARG H 93 -73.70 9.40 54.13
N ALA H 94 -73.28 10.45 54.82
CA ALA H 94 -72.24 10.34 55.85
C ALA H 94 -72.69 9.51 57.05
N ARG H 95 -73.96 9.66 57.43
CA ARG H 95 -74.55 8.89 58.53
C ARG H 95 -74.76 7.41 58.19
N SER H 96 -75.03 7.12 56.92
CA SER H 96 -75.17 5.74 56.43
C SER H 96 -73.85 4.96 56.36
N SER H 97 -72.72 5.67 56.31
CA SER H 97 -71.39 5.05 56.30
C SER H 97 -71.07 4.35 57.64
N TYR H 98 -71.57 4.90 58.74
CA TYR H 98 -71.41 4.30 60.07
C TYR H 98 -72.16 2.98 60.21
N ASP H 99 -73.30 2.86 59.52
CA ASP H 99 -74.11 1.64 59.55
C ASP H 99 -73.33 0.46 58.97
N GLY H 100 -72.69 0.67 57.82
CA GLY H 100 -71.82 -0.33 57.20
C GLY H 100 -70.50 -0.54 57.93
N SER H 101 -70.00 0.52 58.59
CA SER H 101 -68.79 0.45 59.40
C SER H 101 -68.95 -0.36 60.70
N PHE H 102 -70.17 -0.36 61.26
CA PHE H 102 -70.49 -1.22 62.41
C PHE H 102 -70.59 -2.70 62.03
N LYS H 103 -71.02 -3.00 60.80
CA LYS H 103 -71.12 -4.40 60.34
C LYS H 103 -69.75 -5.07 60.29
N ARG H 104 -68.75 -4.35 59.79
CA ARG H 104 -67.41 -4.88 59.60
C ARG H 104 -66.70 -5.17 60.93
N ASN H 105 -66.76 -4.21 61.85
CA ASN H 105 -66.13 -4.35 63.17
C ASN H 105 -66.99 -5.09 64.21
N GLY H 106 -68.27 -5.33 63.88
CA GLY H 106 -69.16 -6.14 64.72
C GLY H 106 -69.76 -5.42 65.91
N VAL H 107 -70.20 -4.19 65.67
CA VAL H 107 -70.76 -3.31 66.72
C VAL H 107 -72.29 -3.25 66.59
N ASP H 108 -72.97 -3.20 67.73
CA ASP H 108 -74.43 -3.04 67.76
C ASP H 108 -74.81 -1.58 68.02
N LEU H 109 -75.83 -1.10 67.32
CA LEU H 109 -76.43 0.21 67.57
C LEU H 109 -77.67 0.02 68.44
N ILE H 110 -77.71 0.74 69.56
CA ILE H 110 -78.86 0.70 70.49
C ILE H 110 -79.46 2.10 70.57
N GLU H 111 -80.66 2.28 70.03
CA GLU H 111 -81.30 3.59 69.97
C GLU H 111 -82.10 3.85 71.25
N GLY H 112 -81.62 4.79 72.07
CA GLY H 112 -82.29 5.20 73.30
C GLY H 112 -81.43 6.01 74.26
N HIS H 113 -82.07 6.57 75.29
CA HIS H 113 -81.38 7.34 76.32
C HIS H 113 -80.75 6.42 77.37
N ALA H 114 -79.43 6.56 77.56
CA ALA H 114 -78.68 5.74 78.52
C ALA H 114 -78.66 6.39 79.90
N GLU H 115 -78.45 5.57 80.93
CA GLU H 115 -78.48 6.01 82.32
C GLU H 115 -77.85 4.93 83.20
N PHE H 116 -76.94 5.32 84.09
CA PHE H 116 -76.27 4.37 84.98
C PHE H 116 -77.22 3.79 86.04
N VAL H 117 -77.13 2.47 86.26
CA VAL H 117 -77.80 1.77 87.36
C VAL H 117 -76.77 1.48 88.45
N ASP H 118 -75.67 0.84 88.06
CA ASP H 118 -74.50 0.63 88.91
C ASP H 118 -73.21 0.79 88.09
N SER H 119 -72.05 0.52 88.68
CA SER H 119 -70.75 0.76 88.02
C SER H 119 -70.43 -0.09 86.78
N HIS H 120 -71.20 -1.15 86.53
CA HIS H 120 -71.02 -1.98 85.32
C HIS H 120 -72.35 -2.25 84.59
N THR H 121 -73.34 -1.38 84.76
CA THR H 121 -74.67 -1.58 84.17
C THR H 121 -75.31 -0.24 83.77
N VAL H 122 -76.06 -0.26 82.67
CA VAL H 122 -76.78 0.93 82.18
C VAL H 122 -78.18 0.55 81.68
N SER H 123 -79.14 1.47 81.84
CA SER H 123 -80.54 1.26 81.47
C SER H 123 -80.90 2.07 80.22
N VAL H 124 -81.51 1.41 79.24
CA VAL H 124 -81.96 2.05 77.99
C VAL H 124 -83.41 1.65 77.71
N ASN H 125 -84.33 2.59 77.96
CA ASN H 125 -85.78 2.39 77.80
C ASN H 125 -86.38 1.28 78.69
N GLY H 126 -85.77 1.07 79.86
CA GLY H 126 -86.16 -0.01 80.78
C GLY H 126 -85.22 -1.20 80.80
N GLU H 127 -84.68 -1.57 79.63
CA GLU H 127 -83.81 -2.75 79.49
C GLU H 127 -82.40 -2.49 80.02
N LEU H 128 -81.91 -3.39 80.88
CA LEU H 128 -80.56 -3.30 81.45
C LEU H 128 -79.52 -3.84 80.48
N ILE H 129 -78.31 -3.27 80.54
CA ILE H 129 -77.19 -3.69 79.68
C ILE H 129 -75.89 -3.72 80.51
N ARG H 130 -75.41 -4.93 80.83
CA ARG H 130 -74.15 -5.09 81.56
C ARG H 130 -72.95 -4.97 80.61
N ALA H 131 -71.83 -4.49 81.15
CA ALA H 131 -70.57 -4.43 80.40
C ALA H 131 -69.35 -4.36 81.32
N LYS H 132 -68.27 -5.02 80.91
CA LYS H 132 -66.99 -4.98 81.62
C LYS H 132 -66.39 -3.56 81.56
N HIS H 133 -66.39 -2.99 80.37
CA HIS H 133 -65.89 -1.63 80.12
C HIS H 133 -67.05 -0.71 79.69
N ILE H 134 -67.02 0.54 80.15
CA ILE H 134 -68.03 1.54 79.79
C ILE H 134 -67.35 2.88 79.49
N VAL H 135 -67.62 3.43 78.31
CA VAL H 135 -67.05 4.72 77.89
C VAL H 135 -68.15 5.79 77.86
N ILE H 136 -67.90 6.90 78.55
CA ILE H 136 -68.82 8.04 78.58
C ILE H 136 -68.34 9.05 77.54
N ALA H 137 -69.06 9.15 76.43
CA ALA H 137 -68.76 10.11 75.36
C ALA H 137 -70.04 10.86 75.01
N THR H 138 -70.57 11.58 76.01
CA THR H 138 -71.87 12.25 75.92
C THR H 138 -71.85 13.64 75.27
N GLY H 139 -70.66 14.16 74.97
CA GLY H 139 -70.53 15.42 74.25
C GLY H 139 -70.90 16.64 75.06
N ALA H 140 -71.25 17.72 74.36
CA ALA H 140 -71.56 19.02 74.98
C ALA H 140 -72.86 19.58 74.43
N HIS H 141 -73.30 20.69 75.03
CA HIS H 141 -74.51 21.40 74.61
C HIS H 141 -74.25 22.92 74.64
N PRO H 142 -75.03 23.72 73.88
CA PRO H 142 -74.78 25.16 73.84
C PRO H 142 -75.10 25.86 75.17
N SER H 143 -74.25 26.80 75.57
CA SER H 143 -74.41 27.51 76.83
C SER H 143 -75.37 28.68 76.65
N ILE H 144 -76.40 28.74 77.51
CA ILE H 144 -77.39 29.82 77.51
C ILE H 144 -77.22 30.63 78.81
N PRO H 145 -76.72 31.89 78.71
CA PRO H 145 -76.53 32.72 79.92
C PRO H 145 -77.80 32.95 80.74
N ASN H 146 -77.64 32.98 82.07
CA ASN H 146 -78.75 33.16 82.99
C ASN H 146 -79.11 34.63 83.16
N ILE H 147 -79.92 35.13 82.23
CA ILE H 147 -80.48 36.48 82.29
C ILE H 147 -81.95 36.43 81.85
N PRO H 148 -82.74 37.49 82.17
CA PRO H 148 -84.15 37.48 81.75
C PRO H 148 -84.34 37.50 80.23
N GLY H 149 -85.23 36.64 79.74
CA GLY H 149 -85.54 36.53 78.31
C GLY H 149 -84.51 35.81 77.46
N ALA H 150 -83.59 35.07 78.09
CA ALA H 150 -82.56 34.32 77.37
C ALA H 150 -83.15 33.17 76.53
N GLU H 151 -84.25 32.60 77.00
CA GLU H 151 -84.99 31.56 76.25
C GLU H 151 -85.51 32.02 74.87
N LEU H 152 -85.76 33.32 74.70
CA LEU H 152 -86.19 33.87 73.39
C LEU H 152 -85.10 33.76 72.31
N GLY H 153 -83.84 33.85 72.72
CA GLY H 153 -82.71 33.60 71.82
C GLY H 153 -82.47 32.11 71.62
N GLY H 154 -81.98 31.75 70.44
CA GLY H 154 -81.66 30.36 70.10
C GLY H 154 -80.17 30.09 70.14
N SER H 155 -79.78 28.94 69.60
CA SER H 155 -78.37 28.50 69.56
C SER H 155 -77.97 28.12 68.13
N SER H 156 -76.76 27.59 67.96
CA SER H 156 -76.31 27.05 66.67
C SER H 156 -77.22 25.91 66.14
N ASP H 157 -77.80 25.12 67.06
CA ASP H 157 -78.78 24.08 66.70
C ASP H 157 -79.99 24.66 65.96
N ASP H 158 -80.47 25.82 66.40
CA ASP H 158 -81.61 26.50 65.77
C ASP H 158 -81.26 27.06 64.37
N VAL H 159 -80.00 27.46 64.17
CA VAL H 159 -79.54 28.01 62.88
C VAL H 159 -79.61 26.95 61.78
N PHE H 160 -79.20 25.72 62.08
CA PHE H 160 -79.27 24.61 61.12
C PHE H 160 -80.69 24.09 60.93
N ALA H 161 -81.53 24.23 61.96
CA ALA H 161 -82.95 23.87 61.89
C ALA H 161 -83.76 24.78 60.95
N TRP H 162 -83.29 26.00 60.71
CA TRP H 162 -83.96 26.94 59.78
C TRP H 162 -84.14 26.32 58.40
N GLU H 163 -85.35 26.47 57.86
CA GLU H 163 -85.66 26.04 56.49
C GLU H 163 -85.50 27.20 55.49
N GLU H 164 -85.74 28.43 55.95
CA GLU H 164 -85.44 29.65 55.19
C GLU H 164 -84.64 30.61 56.07
N LEU H 165 -83.83 31.47 55.44
CA LEU H 165 -83.05 32.47 56.17
C LEU H 165 -83.96 33.63 56.62
N PRO H 166 -83.72 34.19 57.82
CA PRO H 166 -84.52 35.32 58.31
C PRO H 166 -84.10 36.67 57.70
N GLU H 167 -84.90 37.70 57.97
CA GLU H 167 -84.63 39.06 57.53
C GLU H 167 -83.35 39.60 58.19
N SER H 168 -83.29 39.47 59.51
CA SER H 168 -82.13 39.92 60.29
C SER H 168 -81.79 38.90 61.38
N VAL H 169 -80.55 39.00 61.89
CA VAL H 169 -80.06 38.12 62.95
C VAL H 169 -79.04 38.82 63.85
N ALA H 170 -79.14 38.57 65.15
CA ALA H 170 -78.20 39.07 66.13
C ALA H 170 -77.42 37.89 66.67
N ILE H 171 -76.09 37.98 66.63
CA ILE H 171 -75.20 36.95 67.18
C ILE H 171 -74.49 37.52 68.40
N LEU H 172 -74.81 36.94 69.56
CA LEU H 172 -74.21 37.33 70.83
C LEU H 172 -73.16 36.27 71.18
N GLY H 173 -71.89 36.65 71.05
CA GLY H 173 -70.78 35.74 71.30
C GLY H 173 -69.49 36.16 70.62
N ALA H 174 -68.37 35.64 71.12
CA ALA H 174 -67.03 35.99 70.62
C ALA H 174 -66.15 34.78 70.27
N GLY H 175 -66.70 33.57 70.28
CA GLY H 175 -65.94 32.36 69.98
C GLY H 175 -65.95 32.02 68.50
N TYR H 176 -65.39 30.87 68.16
CA TYR H 176 -65.26 30.45 66.76
C TYR H 176 -66.60 30.17 66.07
N ILE H 177 -67.60 29.71 66.82
CA ILE H 177 -68.94 29.46 66.27
C ILE H 177 -69.64 30.78 65.92
N ALA H 178 -69.54 31.76 66.81
CA ALA H 178 -70.11 33.10 66.57
C ALA H 178 -69.53 33.77 65.31
N VAL H 179 -68.21 33.72 65.20
CA VAL H 179 -67.50 34.32 64.06
C VAL H 179 -67.80 33.59 62.75
N GLU H 180 -67.90 32.26 62.81
CA GLU H 180 -68.23 31.44 61.63
C GLU H 180 -69.64 31.73 61.13
N LEU H 181 -70.62 31.65 62.03
CA LEU H 181 -72.03 31.87 61.68
C LEU H 181 -72.31 33.30 61.17
N ALA H 182 -71.60 34.29 61.70
CA ALA H 182 -71.77 35.69 61.29
C ALA H 182 -71.36 35.91 59.84
N GLY H 183 -70.14 35.51 59.51
CA GLY H 183 -69.61 35.65 58.14
C GLY H 183 -70.41 34.92 57.07
N VAL H 184 -70.91 33.73 57.41
CA VAL H 184 -71.73 32.93 56.49
C VAL H 184 -73.08 33.60 56.24
N LEU H 185 -73.77 33.96 57.31
CA LEU H 185 -75.08 34.63 57.19
C LEU H 185 -74.95 36.01 56.55
N HIS H 186 -73.90 36.76 56.90
CA HIS H 186 -73.63 38.07 56.27
C HIS H 186 -73.43 37.95 54.75
N THR H 187 -72.65 36.97 54.31
CA THR H 187 -72.38 36.74 52.90
C THR H 187 -73.64 36.29 52.13
N PHE H 188 -74.57 35.60 52.81
CA PHE H 188 -75.88 35.24 52.22
C PHE H 188 -76.92 36.38 52.17
N GLY H 189 -76.54 37.58 52.61
CA GLY H 189 -77.43 38.75 52.53
C GLY H 189 -78.41 38.89 53.67
N VAL H 190 -78.13 38.24 54.80
CA VAL H 190 -78.93 38.42 56.02
C VAL H 190 -78.36 39.64 56.75
N LYS H 191 -79.24 40.49 57.28
CA LYS H 191 -78.83 41.66 58.05
C LYS H 191 -78.24 41.15 59.38
N THR H 192 -76.91 41.10 59.45
CA THR H 192 -76.19 40.41 60.52
C THR H 192 -75.36 41.37 61.36
N ASP H 193 -75.56 41.34 62.68
CA ASP H 193 -74.79 42.13 63.63
C ASP H 193 -74.14 41.21 64.66
N LEU H 194 -72.81 41.30 64.78
CA LEU H 194 -72.04 40.52 65.75
C LEU H 194 -71.79 41.37 67.00
N PHE H 195 -72.16 40.84 68.16
CA PHE H 195 -72.02 41.53 69.45
C PHE H 195 -71.06 40.76 70.35
N VAL H 196 -69.96 41.42 70.75
CA VAL H 196 -68.97 40.81 71.65
C VAL H 196 -68.91 41.56 72.98
N ARG H 197 -68.58 40.81 74.03
CA ARG H 197 -68.61 41.32 75.40
C ARG H 197 -67.40 42.20 75.75
N ARG H 198 -66.23 41.85 75.22
CA ARG H 198 -64.96 42.57 75.51
C ARG H 198 -64.53 43.44 74.30
N ASP H 199 -63.26 43.88 74.30
CA ASP H 199 -62.70 44.74 73.23
C ASP H 199 -62.68 44.15 71.82
N ARG H 200 -62.62 42.82 71.69
CA ARG H 200 -62.54 42.18 70.37
C ARG H 200 -63.07 40.75 70.41
N PRO H 201 -63.34 40.15 69.23
CA PRO H 201 -63.71 38.73 69.21
C PRO H 201 -62.47 37.84 69.33
N LEU H 202 -62.68 36.56 69.61
CA LEU H 202 -61.60 35.56 69.63
C LEU H 202 -60.40 35.98 70.49
N ARG H 203 -60.67 36.27 71.76
CA ARG H 203 -59.62 36.45 72.77
C ARG H 203 -59.05 35.06 73.00
N GLY H 204 -57.72 34.93 72.97
CA GLY H 204 -57.08 33.62 73.00
C GLY H 204 -56.46 33.26 71.66
N PHE H 205 -57.03 33.77 70.57
CA PHE H 205 -56.36 33.82 69.28
C PHE H 205 -55.51 35.09 69.26
N ASP H 206 -54.47 35.08 68.42
CA ASP H 206 -53.46 36.15 68.41
C ASP H 206 -54.05 37.48 67.93
N SER H 207 -53.68 38.56 68.62
CA SER H 207 -54.22 39.91 68.34
C SER H 207 -54.03 40.36 66.90
N TYR H 208 -52.84 40.12 66.35
CA TYR H 208 -52.49 40.51 64.98
C TYR H 208 -53.40 39.83 63.94
N ILE H 209 -53.69 38.55 64.15
CA ILE H 209 -54.57 37.79 63.26
C ILE H 209 -56.02 38.29 63.35
N VAL H 210 -56.49 38.53 64.57
CA VAL H 210 -57.89 38.95 64.77
C VAL H 210 -58.17 40.36 64.21
N GLU H 211 -57.21 41.26 64.33
CA GLU H 211 -57.33 42.60 63.70
C GLU H 211 -57.55 42.52 62.18
N GLY H 212 -56.96 41.51 61.53
CA GLY H 212 -57.21 41.24 60.11
C GLY H 212 -58.66 40.88 59.83
N LEU H 213 -59.24 40.04 60.69
CA LEU H 213 -60.67 39.69 60.62
C LEU H 213 -61.55 40.91 60.87
N VAL H 214 -61.23 41.66 61.92
CA VAL H 214 -61.97 42.89 62.27
C VAL H 214 -61.93 43.90 61.12
N LYS H 215 -60.76 44.04 60.49
CA LYS H 215 -60.59 44.91 59.32
C LYS H 215 -61.41 44.45 58.11
N GLU H 216 -61.50 43.15 57.92
CA GLU H 216 -62.29 42.56 56.82
C GLU H 216 -63.80 42.73 57.01
N MET H 217 -64.27 42.59 58.26
CA MET H 217 -65.68 42.85 58.59
C MET H 217 -66.07 44.29 58.30
N GLU H 218 -65.20 45.22 58.69
CA GLU H 218 -65.39 46.65 58.43
C GLU H 218 -65.42 46.96 56.93
N ARG H 219 -64.58 46.28 56.15
CA ARG H 219 -64.55 46.43 54.68
C ARG H 219 -65.80 45.87 54.01
N THR H 220 -66.27 44.71 54.47
CA THR H 220 -67.46 44.05 53.93
C THR H 220 -68.79 44.48 54.59
N ASN H 221 -68.75 45.50 55.47
CA ASN H 221 -69.94 46.08 56.12
C ASN H 221 -70.73 45.07 56.96
N LEU H 222 -70.00 44.31 57.77
CA LEU H 222 -70.57 43.40 58.77
C LEU H 222 -70.34 44.06 60.14
N PRO H 223 -71.38 44.72 60.72
CA PRO H 223 -71.19 45.43 61.98
C PRO H 223 -70.69 44.58 63.17
N LEU H 224 -69.48 44.88 63.62
CA LEU H 224 -68.96 44.36 64.88
C LEU H 224 -69.25 45.40 65.97
N HIS H 225 -69.90 44.96 67.05
CA HIS H 225 -70.19 45.82 68.20
C HIS H 225 -69.41 45.29 69.41
N THR H 226 -68.50 46.12 69.93
CA THR H 226 -67.66 45.75 71.08
C THR H 226 -68.19 46.34 72.38
N HIS H 227 -67.83 45.70 73.49
CA HIS H 227 -68.25 46.09 74.85
C HIS H 227 -69.78 46.14 74.98
N LYS H 228 -70.41 45.04 74.60
CA LYS H 228 -71.87 44.91 74.63
C LYS H 228 -72.24 43.71 75.50
N VAL H 229 -72.57 43.98 76.76
CA VAL H 229 -72.90 42.94 77.74
C VAL H 229 -74.43 42.81 77.79
N PRO H 230 -74.98 41.66 77.35
CA PRO H 230 -76.45 41.52 77.39
C PRO H 230 -77.00 41.42 78.81
N VAL H 231 -77.90 42.35 79.17
CA VAL H 231 -78.58 42.36 80.48
C VAL H 231 -79.96 41.72 80.40
N LYS H 232 -80.71 42.04 79.35
CA LYS H 232 -82.10 41.59 79.21
C LYS H 232 -82.47 41.41 77.73
N LEU H 233 -83.29 40.39 77.46
CA LEU H 233 -83.89 40.17 76.14
C LEU H 233 -85.40 40.34 76.23
N GLU H 234 -86.00 40.88 75.17
CA GLU H 234 -87.42 41.28 75.19
C GLU H 234 -88.09 41.05 73.84
N LYS H 235 -89.35 40.59 73.87
CA LYS H 235 -90.17 40.43 72.68
C LYS H 235 -90.75 41.79 72.27
N THR H 236 -90.65 42.11 70.98
CA THR H 236 -91.27 43.31 70.40
C THR H 236 -91.98 42.96 69.09
N THR H 237 -92.67 43.93 68.50
CA THR H 237 -93.44 43.71 67.26
C THR H 237 -92.57 43.42 66.03
N ASP H 238 -91.37 44.01 65.98
CA ASP H 238 -90.42 43.75 64.90
C ASP H 238 -89.79 42.36 65.01
N GLY H 239 -89.31 42.02 66.20
CA GLY H 239 -88.75 40.70 66.46
C GLY H 239 -88.39 40.49 67.93
N ILE H 240 -87.08 40.45 68.21
CA ILE H 240 -86.55 40.31 69.57
C ILE H 240 -85.51 41.41 69.80
N THR H 241 -85.62 42.10 70.93
CA THR H 241 -84.74 43.23 71.27
C THR H 241 -83.77 42.85 72.38
N ILE H 242 -82.50 43.22 72.21
CA ILE H 242 -81.46 42.99 73.21
C ILE H 242 -81.20 44.32 73.93
N HIS H 243 -81.22 44.30 75.26
CA HIS H 243 -80.87 45.45 76.08
C HIS H 243 -79.48 45.26 76.67
N PHE H 244 -78.58 46.20 76.39
CA PHE H 244 -77.17 46.09 76.80
C PHE H 244 -76.87 46.88 78.08
N GLU H 245 -75.81 46.47 78.76
CA GLU H 245 -75.40 47.04 80.04
C GLU H 245 -74.90 48.50 79.94
N ASP H 246 -74.41 48.89 78.77
CA ASP H 246 -73.98 50.28 78.53
C ASP H 246 -75.12 51.28 78.34
N GLY H 247 -76.36 50.79 78.16
CA GLY H 247 -77.53 51.64 77.96
C GLY H 247 -78.20 51.48 76.60
N THR H 248 -77.41 51.09 75.59
CA THR H 248 -77.91 50.94 74.21
C THR H 248 -78.77 49.70 74.02
N SER H 249 -79.40 49.60 72.86
CA SER H 249 -80.23 48.45 72.49
C SER H 249 -80.24 48.20 70.98
N HIS H 250 -80.68 47.01 70.60
CA HIS H 250 -80.73 46.58 69.20
C HIS H 250 -81.78 45.50 69.01
N THR H 251 -82.40 45.47 67.82
CA THR H 251 -83.51 44.56 67.53
C THR H 251 -83.27 43.78 66.22
N ALA H 252 -83.76 42.54 66.19
CA ALA H 252 -83.69 41.69 64.99
C ALA H 252 -84.71 40.54 65.06
N SER H 253 -84.95 39.88 63.93
CA SER H 253 -85.92 38.79 63.82
C SER H 253 -85.57 37.61 64.73
N GLN H 254 -84.30 37.24 64.70
CA GLN H 254 -83.76 36.12 65.50
C GLN H 254 -82.53 36.58 66.29
N VAL H 255 -82.36 35.99 67.48
CA VAL H 255 -81.15 36.18 68.29
C VAL H 255 -80.52 34.81 68.49
N ILE H 256 -79.20 34.72 68.29
CA ILE H 256 -78.46 33.48 68.41
C ILE H 256 -77.38 33.61 69.48
N TRP H 257 -77.47 32.77 70.52
CA TRP H 257 -76.43 32.64 71.52
C TRP H 257 -75.33 31.72 70.98
N ALA H 258 -74.15 32.29 70.76
CA ALA H 258 -72.94 31.54 70.43
C ALA H 258 -71.87 31.92 71.44
N THR H 259 -72.10 31.53 72.69
CA THR H 259 -71.28 31.97 73.82
C THR H 259 -70.74 30.75 74.58
N GLY H 260 -70.02 29.91 73.86
CA GLY H 260 -69.40 28.71 74.43
C GLY H 260 -70.34 27.52 74.56
N ARG H 261 -69.77 26.38 74.94
CA ARG H 261 -70.49 25.12 75.10
C ARG H 261 -70.09 24.44 76.41
N ARG H 262 -71.06 23.78 77.04
CA ARG H 262 -70.86 23.10 78.33
C ARG H 262 -71.12 21.59 78.17
N PRO H 263 -70.47 20.76 79.01
CA PRO H 263 -70.56 19.31 78.84
C PRO H 263 -71.89 18.70 79.29
N ASN H 264 -72.34 17.67 78.57
CA ASN H 264 -73.54 16.91 78.93
C ASN H 264 -73.26 15.95 80.09
N VAL H 265 -73.64 16.35 81.31
CA VAL H 265 -73.37 15.56 82.52
C VAL H 265 -74.55 15.29 83.48
N LYS H 266 -75.68 15.98 83.32
CA LYS H 266 -76.74 15.98 84.34
C LYS H 266 -77.67 14.77 84.30
N GLY H 267 -78.12 14.36 83.12
CA GLY H 267 -79.12 13.29 82.97
C GLY H 267 -78.61 11.86 82.93
N LEU H 268 -77.40 11.62 83.42
CA LEU H 268 -76.75 10.29 83.38
C LEU H 268 -76.86 9.51 84.69
N GLN H 269 -77.05 10.21 85.81
CA GLN H 269 -76.94 9.66 87.17
C GLN H 269 -75.54 9.06 87.40
N LEU H 270 -74.53 9.93 87.39
CA LEU H 270 -73.14 9.53 87.60
C LEU H 270 -72.86 9.09 89.04
N GLU H 271 -73.57 9.69 89.99
CA GLU H 271 -73.45 9.33 91.41
C GLU H 271 -73.75 7.85 91.74
N LYS H 272 -74.64 7.21 90.97
CA LYS H 272 -74.95 5.78 91.15
C LYS H 272 -73.77 4.88 90.80
N ALA H 273 -73.05 5.21 89.72
CA ALA H 273 -71.82 4.49 89.34
C ALA H 273 -70.61 4.92 90.18
N GLY H 274 -70.62 6.17 90.66
CA GLY H 274 -69.53 6.72 91.48
C GLY H 274 -68.51 7.55 90.71
N VAL H 275 -68.90 8.09 89.56
CA VAL H 275 -68.02 8.91 88.72
C VAL H 275 -68.12 10.37 89.15
N THR H 276 -67.00 10.94 89.59
CA THR H 276 -66.96 12.31 90.10
C THR H 276 -66.70 13.33 88.98
N LEU H 277 -67.14 14.57 89.23
CA LEU H 277 -66.86 15.71 88.36
C LEU H 277 -65.69 16.51 88.92
N ASN H 278 -64.99 17.25 88.05
CA ASN H 278 -63.92 18.16 88.46
C ASN H 278 -64.48 19.53 88.84
N GLU H 279 -63.61 20.45 89.22
CA GLU H 279 -64.01 21.79 89.69
C GLU H 279 -64.67 22.66 88.61
N ARG H 280 -64.34 22.42 87.34
CA ARG H 280 -64.91 23.16 86.20
C ARG H 280 -66.18 22.54 85.59
N GLY H 281 -66.68 21.44 86.16
CA GLY H 281 -67.95 20.84 85.72
C GLY H 281 -67.85 19.72 84.69
N PHE H 282 -66.63 19.37 84.27
CA PHE H 282 -66.40 18.26 83.35
C PHE H 282 -66.28 16.95 84.15
N ILE H 283 -66.29 15.82 83.45
CA ILE H 283 -66.07 14.51 84.08
C ILE H 283 -64.57 14.38 84.39
N GLN H 284 -64.27 14.00 85.64
CA GLN H 284 -62.90 13.92 86.11
C GLN H 284 -62.24 12.65 85.58
N VAL H 285 -61.10 12.81 84.91
CA VAL H 285 -60.31 11.69 84.41
C VAL H 285 -58.81 11.96 84.53
N ASP H 286 -58.03 10.89 84.50
CA ASP H 286 -56.56 10.97 84.47
C ASP H 286 -56.07 11.07 83.01
N GLU H 287 -54.75 11.07 82.81
CA GLU H 287 -54.16 11.15 81.46
C GLU H 287 -54.48 9.95 80.53
N TYR H 288 -54.87 8.81 81.11
CA TYR H 288 -55.27 7.62 80.35
C TYR H 288 -56.78 7.51 80.11
N GLN H 289 -57.54 8.58 80.40
CA GLN H 289 -59.01 8.61 80.27
C GLN H 289 -59.79 7.76 81.29
N ASN H 290 -59.13 7.31 82.36
CA ASN H 290 -59.81 6.58 83.44
C ASN H 290 -60.52 7.54 84.37
N THR H 291 -61.77 7.23 84.72
CA THR H 291 -62.45 7.91 85.83
C THR H 291 -61.90 7.37 87.15
N VAL H 292 -62.37 7.92 88.26
CA VAL H 292 -62.02 7.41 89.60
C VAL H 292 -62.42 5.93 89.82
N VAL H 293 -63.52 5.52 89.19
CA VAL H 293 -64.01 4.15 89.25
C VAL H 293 -63.29 3.26 88.22
N GLU H 294 -62.92 2.05 88.63
CA GLU H 294 -62.31 1.06 87.73
C GLU H 294 -63.37 0.53 86.75
N GLY H 295 -63.02 0.48 85.47
CA GLY H 295 -63.92 -0.01 84.42
C GLY H 295 -64.70 1.04 83.66
N ILE H 296 -64.86 2.23 84.23
CA ILE H 296 -65.56 3.35 83.58
C ILE H 296 -64.52 4.37 83.08
N TYR H 297 -64.71 4.82 81.84
CA TYR H 297 -63.82 5.78 81.17
C TYR H 297 -64.64 6.93 80.60
N ALA H 298 -63.96 8.03 80.25
CA ALA H 298 -64.63 9.17 79.62
C ALA H 298 -63.67 9.96 78.74
N LEU H 299 -64.21 10.57 77.69
CA LEU H 299 -63.42 11.35 76.74
C LEU H 299 -64.29 12.31 75.92
N ASP H 301 -65.21 15.86 74.61
CA ASP H 301 -65.91 17.09 74.94
C ASP H 301 -66.34 17.11 76.41
N VAL H 302 -66.92 16.00 76.86
CA VAL H 302 -67.38 15.87 78.25
C VAL H 302 -66.24 15.92 79.27
N THR H 303 -65.04 15.51 78.86
CA THR H 303 -63.81 15.66 79.66
C THR H 303 -63.15 17.03 79.47
N GLY H 304 -63.27 17.59 78.26
CA GLY H 304 -62.94 19.00 78.00
C GLY H 304 -61.47 19.36 77.87
N GLU H 305 -60.66 18.47 77.31
CA GLU H 305 -59.23 18.75 77.10
C GLU H 305 -59.04 19.73 75.93
N LYS H 306 -59.70 19.42 74.81
CA LYS H 306 -59.77 20.34 73.67
C LYS H 306 -60.97 19.93 72.80
N GLU H 307 -61.99 20.78 72.77
CA GLU H 307 -63.31 20.40 72.24
C GLU H 307 -63.35 20.40 70.71
N LEU H 308 -62.79 19.35 70.13
CA LEU H 308 -62.72 19.16 68.68
C LEU H 308 -63.00 17.69 68.34
N THR H 309 -63.48 17.45 67.12
CA THR H 309 -63.80 16.09 66.64
C THR H 309 -62.57 15.16 66.57
N PRO H 310 -61.50 15.58 65.86
CA PRO H 310 -60.32 14.67 65.77
C PRO H 310 -59.58 14.43 67.10
N VAL H 311 -59.79 15.31 68.09
CA VAL H 311 -59.27 15.10 69.45
C VAL H 311 -60.02 13.96 70.13
N ALA H 312 -61.34 13.93 69.98
CA ALA H 312 -62.17 12.85 70.50
C ALA H 312 -61.91 11.51 69.80
N ILE H 313 -61.64 11.55 68.50
CA ILE H 313 -61.41 10.35 67.70
C ILE H 313 -60.10 9.67 68.10
N LYS H 314 -59.01 10.45 68.18
CA LYS H 314 -57.70 9.92 68.55
C LYS H 314 -57.65 9.46 70.01
N ALA H 315 -58.32 10.21 70.90
CA ALA H 315 -58.45 9.81 72.31
C ALA H 315 -59.14 8.45 72.44
N GLY H 316 -60.27 8.30 71.74
CA GLY H 316 -61.04 7.06 71.73
C GLY H 316 -60.33 5.88 71.10
N ARG H 317 -59.61 6.11 70.00
CA ARG H 317 -58.81 5.07 69.35
C ARG H 317 -57.63 4.63 70.22
N THR H 318 -56.91 5.60 70.78
CA THR H 318 -55.82 5.32 71.72
C THR H 318 -56.29 4.58 72.98
N LEU H 319 -57.51 4.84 73.42
CA LEU H 319 -58.10 4.11 74.56
C LEU H 319 -58.30 2.62 74.22
N SER H 320 -58.87 2.34 73.06
CA SER H 320 -59.07 0.97 72.60
C SER H 320 -57.77 0.23 72.26
N GLU H 321 -56.70 0.97 71.91
CA GLU H 321 -55.35 0.38 71.80
C GLU H 321 -54.82 -0.07 73.17
N ARG H 322 -55.19 0.68 74.20
CA ARG H 322 -54.77 0.40 75.58
C ARG H 322 -55.47 -0.82 76.15
N LEU H 323 -56.79 -0.87 76.00
CA LEU H 323 -57.62 -1.94 76.58
C LEU H 323 -57.54 -3.27 75.83
N PHE H 324 -57.51 -3.20 74.50
CA PHE H 324 -57.67 -4.39 73.64
C PHE H 324 -56.51 -4.69 72.68
N ASN H 325 -55.36 -4.04 72.87
CA ASN H 325 -54.16 -4.32 72.05
C ASN H 325 -52.83 -4.26 72.82
N GLY H 326 -52.87 -4.55 74.11
CA GLY H 326 -51.68 -4.68 74.96
C GLY H 326 -50.66 -3.55 74.90
N LYS H 327 -51.15 -2.31 74.88
CA LYS H 327 -50.29 -1.12 74.91
C LYS H 327 -50.67 -0.26 76.11
N THR H 328 -50.15 -0.66 77.27
CA THR H 328 -50.52 -0.07 78.57
C THR H 328 -50.10 1.40 78.69
N THR H 329 -48.95 1.75 78.12
CA THR H 329 -48.43 3.12 78.17
C THR H 329 -49.23 4.12 77.32
N ALA H 330 -49.90 3.64 76.28
CA ALA H 330 -50.56 4.49 75.27
C ALA H 330 -51.59 5.48 75.84
N LYS H 331 -51.32 6.78 75.64
CA LYS H 331 -52.22 7.85 76.05
C LYS H 331 -52.26 8.96 75.00
N MET H 332 -53.30 9.78 75.08
CA MET H 332 -53.51 10.88 74.14
C MET H 332 -52.59 12.05 74.49
N ASP H 333 -51.91 12.60 73.47
CA ASP H 333 -51.10 13.80 73.60
C ASP H 333 -51.98 15.00 73.23
N TYR H 334 -52.20 15.90 74.20
CA TYR H 334 -53.08 17.06 74.02
C TYR H 334 -52.35 18.37 73.68
N SER H 335 -51.02 18.33 73.60
CA SER H 335 -50.24 19.54 73.30
C SER H 335 -50.16 19.82 71.80
N THR H 336 -50.01 21.09 71.45
CA THR H 336 -49.77 21.53 70.07
C THR H 336 -50.84 21.02 69.08
N ILE H 337 -52.11 21.14 69.47
CA ILE H 337 -53.22 20.74 68.61
C ILE H 337 -53.52 21.91 67.66
N PRO H 338 -53.42 21.67 66.33
CA PRO H 338 -53.74 22.72 65.37
C PRO H 338 -55.26 22.93 65.26
N THR H 339 -55.66 24.15 64.92
CA THR H 339 -57.07 24.53 64.82
C THR H 339 -57.26 25.43 63.60
N VAL H 340 -58.44 25.33 62.99
CA VAL H 340 -58.86 26.23 61.92
C VAL H 340 -60.26 26.74 62.23
N VAL H 341 -60.45 28.06 62.10
CA VAL H 341 -61.76 28.70 62.21
C VAL H 341 -62.17 29.15 60.81
N PHE H 342 -63.33 28.71 60.35
CA PHE H 342 -63.81 29.02 59.00
C PHE H 342 -64.58 30.34 58.95
N SER H 343 -63.84 31.40 59.24
CA SER H 343 -64.32 32.77 59.15
C SER H 343 -64.15 33.27 57.71
N HIS H 344 -64.45 34.54 57.47
CA HIS H 344 -64.23 35.18 56.17
C HIS H 344 -63.13 36.25 56.29
N PRO H 345 -61.89 35.97 55.87
CA PRO H 345 -61.39 34.66 55.41
C PRO H 345 -61.01 33.75 56.57
N ALA H 346 -60.62 32.51 56.23
CA ALA H 346 -60.33 31.47 57.23
C ALA H 346 -59.14 31.82 58.10
N ILE H 347 -59.23 31.47 59.38
CA ILE H 347 -58.13 31.61 60.35
C ILE H 347 -57.53 30.23 60.59
N GLY H 348 -56.20 30.17 60.67
CA GLY H 348 -55.48 28.95 61.01
C GLY H 348 -54.47 29.22 62.12
N THR H 349 -54.40 28.31 63.09
CA THR H 349 -53.48 28.47 64.24
C THR H 349 -52.96 27.14 64.78
N VAL H 350 -51.69 27.13 65.18
CA VAL H 350 -51.10 26.01 65.92
C VAL H 350 -49.98 26.53 66.85
N GLY H 351 -49.96 26.01 68.07
CA GLY H 351 -48.97 26.41 69.07
C GLY H 351 -49.41 27.60 69.90
N LEU H 352 -48.44 28.34 70.41
CA LEU H 352 -48.69 29.41 71.38
C LEU H 352 -48.91 30.77 70.71
N THR H 353 -49.80 31.58 71.31
CA THR H 353 -49.90 33.00 70.97
C THR H 353 -48.71 33.75 71.55
N GLU H 354 -48.53 35.00 71.12
CA GLU H 354 -47.41 35.82 71.56
C GLU H 354 -47.36 35.92 73.10
N GLU H 355 -48.51 36.15 73.72
CA GLU H 355 -48.58 36.34 75.19
C GLU H 355 -48.43 35.04 75.99
N GLN H 356 -48.85 33.91 75.41
CA GLN H 356 -48.56 32.58 75.99
C GLN H 356 -47.07 32.25 75.94
N ALA H 357 -46.42 32.62 74.83
CA ALA H 357 -44.98 32.42 74.65
C ALA H 357 -44.15 33.26 75.63
N ILE H 358 -44.61 34.48 75.90
CA ILE H 358 -43.95 35.38 76.86
C ILE H 358 -43.96 34.81 78.28
N LYS H 359 -45.11 34.30 78.72
CA LYS H 359 -45.23 33.69 80.06
C LYS H 359 -44.49 32.36 80.20
N GLU H 360 -44.38 31.61 79.10
CA GLU H 360 -43.71 30.31 79.12
C GLU H 360 -42.20 30.44 79.10
N TYR H 361 -41.67 31.25 78.18
CA TYR H 361 -40.22 31.38 77.96
C TYR H 361 -39.58 32.64 78.55
N GLY H 362 -40.37 33.70 78.73
CA GLY H 362 -39.86 35.00 79.19
C GLY H 362 -39.83 36.02 78.07
N GLN H 363 -40.02 37.30 78.41
CA GLN H 363 -40.08 38.41 77.46
C GLN H 363 -38.90 38.43 76.49
N ASP H 364 -37.69 38.39 77.06
CA ASP H 364 -36.45 38.53 76.31
C ASP H 364 -36.13 37.34 75.39
N GLN H 365 -36.74 36.18 75.65
CA GLN H 365 -36.50 34.97 74.87
C GLN H 365 -37.36 34.83 73.60
N ILE H 366 -38.43 35.62 73.49
CA ILE H 366 -39.34 35.54 72.35
C ILE H 366 -38.98 36.54 71.25
N LYS H 367 -39.10 36.10 70.00
CA LYS H 367 -38.93 36.95 68.82
C LYS H 367 -40.07 36.63 67.84
N VAL H 368 -40.61 37.66 67.21
CA VAL H 368 -41.82 37.54 66.38
C VAL H 368 -41.55 38.02 64.95
N TYR H 369 -42.11 37.30 63.98
CA TYR H 369 -42.05 37.67 62.56
C TYR H 369 -43.46 37.81 62.02
N LYS H 370 -43.72 38.91 61.34
CA LYS H 370 -45.04 39.21 60.77
C LYS H 370 -44.92 39.50 59.28
N SER H 371 -46.05 39.34 58.59
CA SER H 371 -46.11 39.54 57.14
C SER H 371 -47.55 39.80 56.74
N SER H 372 -47.82 41.03 56.29
CA SER H 372 -49.12 41.41 55.75
C SER H 372 -49.02 41.44 54.22
N PHE H 373 -50.00 40.86 53.55
CA PHE H 373 -49.99 40.77 52.08
C PHE H 373 -51.39 40.52 51.54
N ALA H 374 -51.53 40.54 50.22
CA ALA H 374 -52.79 40.24 49.53
C ALA H 374 -52.61 39.02 48.63
N SER H 375 -53.55 38.09 48.70
CA SER H 375 -53.57 36.95 47.78
C SER H 375 -53.80 37.43 46.36
N MET H 376 -53.08 36.81 45.42
CA MET H 376 -53.20 37.12 44.00
C MET H 376 -54.64 36.98 43.47
N TYR H 377 -55.38 36.02 44.04
CA TYR H 377 -56.80 35.82 43.72
C TYR H 377 -57.60 37.10 43.86
N SER H 378 -57.59 37.70 45.05
CA SER H 378 -58.34 38.93 45.32
C SER H 378 -57.64 40.22 44.87
N ALA H 379 -56.31 40.22 44.84
CA ALA H 379 -55.53 41.44 44.46
C ALA H 379 -55.70 41.89 42.99
N CYS H 380 -56.11 40.97 42.11
CA CYS H 380 -56.49 41.30 40.73
C CYS H 380 -57.79 42.10 40.62
N THR H 381 -58.61 42.04 41.66
CA THR H 381 -59.94 42.64 41.66
C THR H 381 -60.00 43.91 42.51
N ARG H 382 -61.15 44.58 42.42
CA ARG H 382 -61.46 45.73 43.27
C ARG H 382 -61.69 45.38 44.75
N ASN H 383 -61.92 44.11 45.06
CA ASN H 383 -62.14 43.64 46.43
C ASN H 383 -60.90 42.93 47.00
N ARG H 384 -59.80 43.66 47.03
CA ARG H 384 -58.53 43.16 47.56
C ARG H 384 -58.68 42.82 49.05
N GLN H 385 -58.33 41.58 49.37
CA GLN H 385 -58.47 41.02 50.71
C GLN H 385 -57.08 40.93 51.33
N GLU H 386 -56.94 41.39 52.57
CA GLU H 386 -55.64 41.39 53.25
C GLU H 386 -55.45 40.10 54.04
N SER H 387 -54.35 39.40 53.78
CA SER H 387 -53.92 38.26 54.60
C SER H 387 -52.85 38.69 55.60
N ARG H 388 -52.84 38.05 56.77
CA ARG H 388 -51.87 38.33 57.84
C ARG H 388 -51.32 37.03 58.41
N PHE H 389 -50.01 36.85 58.33
CA PHE H 389 -49.30 35.67 58.85
C PHE H 389 -48.40 36.10 60.03
N LYS H 390 -48.29 35.24 61.05
CA LYS H 390 -47.36 35.46 62.17
C LYS H 390 -46.63 34.17 62.60
N LEU H 391 -45.31 34.25 62.70
CA LEU H 391 -44.48 33.22 63.35
C LEU H 391 -43.96 33.73 64.68
N ILE H 392 -43.96 32.86 65.69
CA ILE H 392 -43.43 33.18 67.01
C ILE H 392 -42.32 32.17 67.32
N THR H 393 -41.09 32.67 67.43
CA THR H 393 -39.93 31.84 67.80
C THR H 393 -39.53 32.07 69.25
N ALA H 394 -38.74 31.14 69.79
CA ALA H 394 -38.30 31.19 71.19
C ALA H 394 -36.87 30.67 71.36
N GLY H 395 -36.06 31.40 72.11
CA GLY H 395 -34.68 31.00 72.43
C GLY H 395 -33.64 31.47 71.44
N SER H 396 -32.40 31.07 71.66
CA SER H 396 -31.28 31.39 70.76
C SER H 396 -31.39 30.64 69.43
N GLU H 397 -31.77 29.36 69.49
CA GLU H 397 -32.02 28.55 68.30
C GLU H 397 -33.27 28.94 67.49
N GLU H 398 -34.17 29.73 68.11
CA GLU H 398 -35.40 30.23 67.49
C GLU H 398 -36.33 29.08 67.11
N LYS H 399 -36.71 28.31 68.12
CA LYS H 399 -37.66 27.21 67.98
C LYS H 399 -39.03 27.82 67.69
N VAL H 400 -39.68 27.36 66.62
CA VAL H 400 -40.99 27.87 66.23
C VAL H 400 -42.04 27.28 67.18
N VAL H 401 -42.49 28.10 68.13
CA VAL H 401 -43.46 27.67 69.15
C VAL H 401 -44.89 28.12 68.84
N GLY H 402 -45.10 28.86 67.76
CA GLY H 402 -46.42 29.33 67.39
C GLY H 402 -46.49 29.79 65.94
N LEU H 403 -47.51 29.33 65.23
CA LEU H 403 -47.78 29.73 63.84
C LEU H 403 -49.24 30.14 63.74
N HIS H 404 -49.47 31.31 63.16
CA HIS H 404 -50.82 31.92 63.08
C HIS H 404 -51.02 32.55 61.72
N GLY H 405 -52.23 32.45 61.20
CA GLY H 405 -52.55 32.98 59.87
C GLY H 405 -54.03 33.25 59.66
N ILE H 406 -54.30 34.30 58.88
CA ILE H 406 -55.65 34.56 58.36
C ILE H 406 -55.52 34.94 56.88
N GLY H 407 -56.35 34.34 56.04
CA GLY H 407 -56.26 34.53 54.60
C GLY H 407 -56.88 33.41 53.78
N TYR H 408 -56.94 33.65 52.47
CA TYR H 408 -57.49 32.70 51.50
C TYR H 408 -56.55 31.50 51.38
N GLY H 409 -57.10 30.30 51.55
CA GLY H 409 -56.31 29.06 51.50
C GLY H 409 -55.59 28.67 52.79
N VAL H 410 -55.76 29.45 53.85
CA VAL H 410 -55.12 29.18 55.15
C VAL H 410 -55.70 27.92 55.81
N ASP H 411 -56.97 27.63 55.53
CA ASP H 411 -57.62 26.40 56.03
C ASP H 411 -56.86 25.10 55.71
N GLU H 412 -56.23 25.04 54.54
CA GLU H 412 -55.51 23.84 54.09
C GLU H 412 -54.00 23.80 54.37
N MET H 413 -53.39 24.93 54.75
CA MET H 413 -51.92 24.98 54.93
C MET H 413 -51.41 24.65 56.35
N ILE H 414 -52.29 24.61 57.36
CA ILE H 414 -51.86 24.47 58.76
C ILE H 414 -51.38 23.06 59.10
N GLN H 415 -51.99 22.03 58.51
CA GLN H 415 -51.72 20.62 58.87
C GLN H 415 -50.24 20.24 58.78
N GLY H 416 -49.58 20.63 57.70
CA GLY H 416 -48.17 20.28 57.49
C GLY H 416 -47.20 20.98 58.41
N PHE H 417 -47.48 22.26 58.71
CA PHE H 417 -46.66 23.02 59.66
C PHE H 417 -46.82 22.50 61.09
N ALA H 418 -48.04 22.09 61.44
CA ALA H 418 -48.31 21.43 62.73
C ALA H 418 -47.47 20.17 62.95
N VAL H 419 -47.19 19.43 61.88
CA VAL H 419 -46.29 18.28 61.93
C VAL H 419 -44.86 18.74 62.26
N ALA H 420 -44.36 19.70 61.50
CA ALA H 420 -43.01 20.24 61.69
C ALA H 420 -42.81 20.87 63.06
N ILE H 421 -43.80 21.66 63.50
CA ILE H 421 -43.74 22.35 64.80
C ILE H 421 -43.76 21.36 65.98
N LYS H 422 -44.55 20.29 65.88
CA LYS H 422 -44.55 19.23 66.90
C LYS H 422 -43.20 18.51 67.01
N MET H 423 -42.48 18.38 65.90
CA MET H 423 -41.12 17.81 65.89
C MET H 423 -40.02 18.72 66.44
N GLY H 424 -40.34 19.99 66.70
CA GLY H 424 -39.37 20.94 67.24
C GLY H 424 -38.65 21.71 66.15
N ALA H 425 -39.40 22.18 65.15
CA ALA H 425 -38.82 22.92 64.03
C ALA H 425 -38.32 24.29 64.48
N THR H 426 -37.15 24.68 63.97
CA THR H 426 -36.59 26.01 64.21
C THR H 426 -36.90 26.94 63.04
N LYS H 427 -36.57 28.22 63.22
CA LYS H 427 -36.67 29.20 62.14
C LYS H 427 -35.76 28.81 60.96
N ALA H 428 -34.58 28.26 61.28
CA ALA H 428 -33.65 27.75 60.25
C ALA H 428 -34.24 26.63 59.40
N ASP H 429 -34.99 25.72 60.02
CA ASP H 429 -35.66 24.63 59.29
C ASP H 429 -36.72 25.16 58.31
N PHE H 430 -37.45 26.21 58.70
CA PHE H 430 -38.40 26.89 57.80
C PHE H 430 -37.66 27.56 56.64
N ASP H 431 -36.59 28.29 56.96
CA ASP H 431 -35.83 29.06 55.97
C ASP H 431 -35.02 28.20 54.98
N ALA H 432 -34.64 26.99 55.38
CA ALA H 432 -33.96 26.05 54.48
C ALA H 432 -34.90 25.45 53.45
N THR H 433 -36.18 25.30 53.81
CA THR H 433 -37.19 24.74 52.92
C THR H 433 -37.51 25.73 51.80
N VAL H 434 -37.35 25.28 50.55
CA VAL H 434 -37.59 26.12 49.38
C VAL H 434 -39.09 26.40 49.23
N ALA H 435 -39.42 27.61 48.79
CA ALA H 435 -40.79 28.06 48.65
C ALA H 435 -41.52 27.40 47.46
N ILE H 436 -42.84 27.47 47.51
CA ILE H 436 -43.71 27.01 46.42
C ILE H 436 -44.43 28.26 45.89
N HIS H 437 -44.04 28.70 44.70
CA HIS H 437 -44.52 29.93 44.09
C HIS H 437 -45.41 29.59 42.88
N PRO H 438 -46.54 30.28 42.66
CA PRO H 438 -47.09 31.31 43.54
C PRO H 438 -48.19 30.77 44.45
N THR H 439 -47.94 30.80 45.76
CA THR H 439 -48.94 30.43 46.77
C THR H 439 -48.93 31.43 47.93
N SER H 440 -49.95 31.35 48.78
CA SER H 440 -49.95 32.06 50.06
C SER H 440 -49.01 31.41 51.07
N SER H 441 -48.92 30.08 51.03
CA SER H 441 -48.11 29.29 51.98
C SER H 441 -46.60 29.61 51.97
N GLU H 442 -46.08 30.11 50.86
CA GLU H 442 -44.65 30.46 50.77
C GLU H 442 -44.19 31.58 51.71
N GLU H 443 -45.12 32.43 52.14
CA GLU H 443 -44.80 33.54 53.07
C GLU H 443 -44.28 33.06 54.43
N PHE H 444 -44.69 31.86 54.86
CA PHE H 444 -44.21 31.28 56.12
C PHE H 444 -42.73 30.87 56.09
N VAL H 445 -42.21 30.51 54.91
CA VAL H 445 -40.80 30.11 54.77
C VAL H 445 -39.87 31.21 54.25
N THR H 446 -40.37 32.42 54.06
CA THR H 446 -39.57 33.54 53.55
C THR H 446 -39.77 34.82 54.38
N MET H 447 -39.75 34.67 55.71
CA MET H 447 -39.98 35.80 56.64
C MET H 447 -38.66 36.37 57.15
N ARG H 448 -38.60 37.70 57.25
CA ARG H 448 -37.42 38.42 57.74
C ARG H 448 -37.82 39.45 58.79
PA FAD I . 26.33 12.16 -53.41
O1A FAD I . 27.25 11.97 -54.59
O2A FAD I . 26.85 12.83 -52.16
O5B FAD I . 25.09 13.01 -53.95
C5B FAD I . 24.01 13.41 -53.13
C4B FAD I . 23.42 14.67 -53.74
O4B FAD I . 22.06 14.83 -53.37
C3B FAD I . 24.15 15.95 -53.32
O3B FAD I . 24.59 16.65 -54.48
C2B FAD I . 23.13 16.75 -52.55
O2B FAD I . 23.26 18.15 -52.78
C1B FAD I . 21.82 16.21 -53.09
N9A FAD I . 20.64 16.32 -52.19
C8A FAD I . 20.57 15.96 -50.89
N7A FAD I . 19.32 16.19 -50.40
C5A FAD I . 18.58 16.69 -51.40
C6A FAD I . 17.18 17.16 -51.57
N6A FAD I . 16.30 17.11 -50.54
N1A FAD I . 16.82 17.61 -52.80
C2A FAD I . 17.68 17.65 -53.84
N3A FAD I . 18.96 17.26 -53.75
C4A FAD I . 19.45 16.76 -52.57
N1 FAD I . 34.51 7.29 -53.04
C2 FAD I . 35.32 6.54 -53.83
O2 FAD I . 34.83 5.56 -54.42
N3 FAD I . 36.62 6.82 -54.01
C4 FAD I . 37.21 7.87 -53.41
O4 FAD I . 38.42 8.10 -53.60
C4X FAD I . 36.39 8.74 -52.51
N5 FAD I . 36.91 9.81 -51.87
C5X FAD I . 36.15 10.58 -51.05
C6 FAD I . 36.75 11.68 -50.43
C7 FAD I . 36.01 12.51 -49.58
C7M FAD I . 36.65 13.68 -48.91
C8 FAD I . 34.56 12.22 -49.37
C8M FAD I . 33.74 13.11 -48.46
C9 FAD I . 33.95 11.13 -49.99
C9A FAD I . 34.68 10.29 -50.84
N10 FAD I . 34.12 9.16 -51.53
C10 FAD I . 34.95 8.37 -52.35
C1' FAD I . 32.71 8.74 -51.38
C2' FAD I . 31.84 9.17 -52.55
O2' FAD I . 32.03 10.56 -52.81
C3' FAD I . 30.38 8.90 -52.23
O3' FAD I . 30.21 7.54 -51.79
C4' FAD I . 29.47 9.11 -53.44
O4' FAD I . 29.58 10.46 -53.93
C5' FAD I . 28.04 8.82 -53.04
O5' FAD I . 27.16 9.15 -54.11
P FAD I . 25.62 9.40 -53.78
O1P FAD I . 24.90 9.58 -55.09
O2P FAD I . 25.17 8.32 -52.83
O3P FAD I . 25.61 10.79 -52.95
PA FAD J . 23.30 7.34 7.59
O1A FAD J . 24.18 6.83 6.48
O2A FAD J . 23.16 6.53 8.85
O5B FAD J . 23.88 8.77 8.00
C5B FAD J . 23.37 9.57 9.04
C4B FAD J . 24.50 10.46 9.57
O4B FAD J . 23.98 11.65 10.15
C3B FAD J . 25.35 9.78 10.63
O3B FAD J . 26.72 9.86 10.24
C2B FAD J . 25.08 10.56 11.91
O2B FAD J . 26.24 10.65 12.75
C1B FAD J . 24.66 11.92 11.37
N9A FAD J . 23.76 12.74 12.24
C8A FAD J . 22.66 12.33 12.88
N7A FAD J . 22.08 13.37 13.55
C5A FAD J . 22.83 14.46 13.32
C6A FAD J . 22.81 15.89 13.73
N6A FAD J . 21.82 16.36 14.52
N1A FAD J . 23.79 16.70 13.26
C2A FAD J . 24.78 16.25 12.45
N3A FAD J . 24.86 14.96 12.05
C4A FAD J . 23.94 14.04 12.45
N1 FAD J . 22.28 -1.08 3.27
C2 FAD J . 22.50 -1.63 2.05
O2 FAD J . 22.00 -1.05 1.06
N3 FAD J . 23.22 -2.76 1.87
C4 FAD J . 23.77 -3.40 2.92
O4 FAD J . 24.45 -4.44 2.74
C4X FAD J . 23.58 -2.86 4.30
N5 FAD J . 24.11 -3.45 5.40
C5X FAD J . 23.91 -2.91 6.65
C6 FAD J . 24.47 -3.56 7.75
C7 FAD J . 24.29 -3.06 9.03
C7M FAD J . 24.90 -3.76 10.22
C8 FAD J . 23.50 -1.81 9.24
C8M FAD J . 23.28 -1.22 10.61
C9 FAD J . 22.94 -1.17 8.13
C9A FAD J . 23.11 -1.66 6.84
N10 FAD J . 22.55 -1.03 5.68
C10 FAD J . 22.77 -1.61 4.41
C1' FAD J . 21.72 0.19 5.74
C2' FAD J . 22.50 1.44 5.37
O2' FAD J . 23.64 1.59 6.23
C3' FAD J . 21.57 2.64 5.51
O3' FAD J . 20.39 2.45 4.72
C4' FAD J . 22.24 3.95 5.10
O4' FAD J . 23.37 4.20 5.94
C5' FAD J . 21.27 5.11 5.24
O5' FAD J . 21.92 6.33 4.88
P FAD J . 21.41 7.72 5.49
O1P FAD J . 22.16 8.80 4.76
O2P FAD J . 19.89 7.69 5.46
O3P FAD J . 21.84 7.69 7.04
S SCN K . 14.02 13.52 -5.08
C SCN K . 12.91 14.41 -5.50
N SCN K . 12.05 15.13 -5.82
PA FAD L . 28.96 -32.86 -28.45
O1A FAD L . 28.35 -32.52 -27.12
O2A FAD L . 30.47 -32.94 -28.57
O5B FAD L . 28.32 -34.25 -28.91
C5B FAD L . 28.80 -35.02 -30.02
C4B FAD L . 28.70 -36.49 -29.67
O4B FAD L . 28.41 -37.24 -30.86
C3B FAD L . 30.01 -37.06 -29.10
O3B FAD L . 29.74 -37.75 -27.87
C2B FAD L . 30.52 -38.00 -30.18
O2B FAD L . 31.19 -39.15 -29.63
C1B FAD L . 29.26 -38.39 -30.93
N9A FAD L . 29.44 -38.79 -32.34
C8A FAD L . 30.19 -38.19 -33.30
N7A FAD L . 30.08 -38.86 -34.47
C5A FAD L . 29.26 -39.90 -34.29
C6A FAD L . 28.71 -41.01 -35.11
N6A FAD L . 29.04 -41.13 -36.41
N1A FAD L . 27.86 -41.88 -34.51
C2A FAD L . 27.52 -41.76 -33.20
N3A FAD L . 27.99 -40.78 -32.41
C4A FAD L . 28.83 -39.84 -32.88
N1 FAD L . 30.44 -24.64 -23.96
C2 FAD L . 29.82 -23.81 -23.08
O2 FAD L . 28.67 -23.39 -23.36
N3 FAD L . 30.39 -23.42 -21.92
C4 FAD L . 31.61 -23.83 -21.57
O4 FAD L . 32.11 -23.46 -20.48
C4X FAD L . 32.36 -24.74 -22.48
N5 FAD L . 33.60 -25.20 -22.18
C5X FAD L . 34.27 -26.03 -23.01
C6 FAD L . 35.54 -26.46 -22.64
C7 FAD L . 36.27 -27.31 -23.47
C7M FAD L . 37.65 -27.77 -23.05
C8 FAD L . 35.69 -27.77 -24.75
C8M FAD L . 36.45 -28.69 -25.66
C9 FAD L . 34.41 -27.35 -25.13
C9A FAD L . 33.65 -26.48 -24.31
N10 FAD L . 32.34 -26.01 -24.64
C10 FAD L . 31.68 -25.13 -23.74
C1' FAD L . 31.65 -26.35 -25.89
C2' FAD L . 30.58 -27.41 -25.74
O2' FAD L . 31.15 -28.57 -25.16
C3' FAD L . 29.99 -27.73 -27.11
O3' FAD L . 29.51 -26.52 -27.72
C4' FAD L . 28.86 -28.74 -27.03
O4' FAD L . 29.39 -29.98 -26.51
C5' FAD L . 28.24 -29.00 -28.39
O5' FAD L . 27.25 -30.03 -28.27
P FAD L . 27.01 -31.06 -29.48
O1P FAD L . 25.93 -32.03 -29.05
O2P FAD L . 26.85 -30.25 -30.73
O3P FAD L . 28.42 -31.84 -29.58
PA FAD M . -23.47 -8.68 -6.76
O1A FAD M . -24.23 -8.63 -5.45
O2A FAD M . -22.93 -10.01 -7.23
O5B FAD M . -24.47 -8.14 -7.88
C5B FAD M . -24.14 -8.13 -9.27
C4B FAD M . -25.41 -8.35 -10.06
O4B FAD M . -25.28 -7.74 -11.35
C3B FAD M . -25.72 -9.83 -10.31
O3B FAD M . -27.03 -10.13 -9.81
C2B FAD M . -25.62 -10.02 -11.81
O2B FAD M . -26.62 -10.90 -12.32
C1B FAD M . -25.79 -8.61 -12.36
N9A FAD M . -25.10 -8.30 -13.65
C8A FAD M . -23.84 -8.61 -14.01
N7A FAD M . -23.57 -8.15 -15.26
C5A FAD M . -24.67 -7.53 -15.71
C6A FAD M . -25.09 -6.82 -16.94
N6A FAD M . -24.21 -6.68 -17.97
N1A FAD M . -26.35 -6.33 -17.00
C2A FAD M . -27.22 -6.45 -15.98
N3A FAD M . -26.91 -7.09 -14.83
C4A FAD M . -25.68 -7.63 -14.64
N1 FAD M . -19.92 -10.94 1.88
C2 FAD M . -20.06 -10.61 3.19
O2 FAD M . -19.97 -9.41 3.52
N3 FAD M . -20.31 -11.53 4.15
C4 FAD M . -20.43 -12.84 3.87
O4 FAD M . -20.65 -13.66 4.79
C4X FAD M . -20.28 -13.28 2.45
N5 FAD M . -20.39 -14.56 2.10
C5X FAD M . -20.27 -14.96 0.81
C6 FAD M . -20.39 -16.32 0.51
C7 FAD M . -20.27 -16.78 -0.80
C7M FAD M . -20.40 -18.24 -1.12
C8 FAD M . -20.00 -15.81 -1.88
C8M FAD M . -19.87 -16.28 -3.31
C9 FAD M . -19.88 -14.45 -1.59
C9A FAD M . -20.00 -13.97 -0.29
N10 FAD M . -19.89 -12.58 0.08
C10 FAD M . -20.02 -12.22 1.44
C1' FAD M . -19.60 -11.52 -0.90
C2' FAD M . -20.80 -10.67 -1.27
O2' FAD M . -21.90 -11.51 -1.65
C3' FAD M . -20.40 -9.71 -2.38
O3' FAD M . -19.32 -8.88 -1.93
C4' FAD M . -21.56 -8.82 -2.82
O4' FAD M . -22.60 -9.65 -3.38
C5' FAD M . -21.11 -7.83 -3.88
O5' FAD M . -22.20 -7.04 -4.30
P FAD M . -22.15 -6.36 -5.75
O1P FAD M . -23.37 -5.48 -5.87
O2P FAD M . -20.77 -5.77 -5.95
O3P FAD M . -22.27 -7.61 -6.76
PA FAD N . -19.99 -12.47 47.54
O1A FAD N . -19.43 -13.01 46.24
O2A FAD N . -21.42 -12.80 47.91
O5B FAD N . -19.05 -13.03 48.73
C5B FAD N . -19.32 -12.83 50.11
C4B FAD N . -18.73 -14.01 50.89
O4B FAD N . -18.41 -13.62 52.23
C3B FAD N . -19.69 -15.18 51.00
O3B FAD N . -19.04 -16.37 50.54
C2B FAD N . -20.07 -15.25 52.47
O2B FAD N . -20.27 -16.59 52.93
C1B FAD N . -18.89 -14.59 53.15
N9A FAD N . -19.18 -13.92 54.46
C8A FAD N . -20.24 -13.16 54.80
N7A FAD N . -20.13 -12.72 56.07
C5A FAD N . -18.96 -13.18 56.56
C6A FAD N . -18.22 -13.09 57.85
N6A FAD N . -18.71 -12.39 58.89
N1A FAD N . -17.03 -13.73 57.94
C2A FAD N . -16.51 -14.44 56.91
N3A FAD N . -17.14 -14.56 55.72
C4A FAD N . -18.34 -13.96 55.49
N1 FAD N . -23.38 -10.93 38.65
C2 FAD N . -22.94 -10.81 37.36
O2 FAD N . -22.05 -9.97 37.09
N3 FAD N . -23.41 -11.57 36.35
C4 FAD N . -24.37 -12.50 36.55
O4 FAD N . -24.78 -13.19 35.59
C4X FAD N . -24.91 -12.68 37.92
N5 FAD N . -25.85 -13.61 38.19
C5X FAD N . -26.35 -13.77 39.44
C6 FAD N . -27.33 -14.74 39.64
C7 FAD N . -27.86 -14.96 40.90
C7M FAD N . -28.93 -16.01 41.10
C8 FAD N . -27.37 -14.16 42.05
C8M FAD N . -27.95 -14.39 43.43
C9 FAD N . -26.39 -13.19 41.87
C9A FAD N . -25.83 -12.96 40.59
N10 FAD N . -24.82 -11.98 40.33
C10 FAD N . -24.35 -11.83 39.00
C1' FAD N . -24.27 -11.10 41.38
C2' FAD N . -22.96 -11.63 41.96
O2' FAD N . -23.15 -12.94 42.48
C3' FAD N . -22.47 -10.71 43.08
O3' FAD N . -22.53 -9.34 42.64
C4' FAD N . -21.05 -11.03 43.53
O4' FAD N . -20.99 -12.37 44.03
C5' FAD N . -20.60 -10.06 44.61
O5' FAD N . -19.36 -10.46 45.16
P FAD N . -18.95 -9.95 46.63
O1P FAD N . -17.49 -10.23 46.81
O2P FAD N . -19.46 -8.54 46.80
O3P FAD N . -19.81 -10.88 47.63
S SCN O . -10.68 1.07 44.55
C SCN O . -11.85 1.98 44.45
N SCN O . -12.76 2.68 44.39
PA FAD P . 70.65 -13.98 -70.67
O1A FAD P . 70.04 -13.36 -69.43
O2A FAD P . 71.07 -13.06 -71.78
O5B FAD P . 71.90 -14.87 -70.17
C5B FAD P . 72.84 -15.47 -71.05
C4B FAD P . 74.23 -15.42 -70.39
O4B FAD P . 75.01 -16.55 -70.81
C3B FAD P . 75.02 -14.17 -70.72
O3B FAD P . 75.42 -13.51 -69.52
C2B FAD P . 76.22 -14.65 -71.53
O2B FAD P . 77.42 -13.95 -71.20
C1B FAD P . 76.33 -16.11 -71.13
N9A FAD P . 76.90 -17.02 -72.17
C8A FAD P . 76.58 -17.08 -73.48
N7A FAD P . 77.29 -18.05 -74.11
C5A FAD P . 78.07 -18.64 -73.19
C6A FAD P . 79.07 -19.74 -73.17
N6A FAD P . 79.38 -20.43 -74.29
N1A FAD P . 79.66 -20.04 -71.98
C2A FAD P . 79.37 -19.37 -70.84
N3A FAD P . 78.47 -18.36 -70.80
C4A FAD P . 77.81 -17.96 -71.92
N1 FAD P . 62.67 -8.77 -70.53
C2 FAD P . 61.62 -8.51 -69.70
O2 FAD P . 60.95 -9.49 -69.30
N3 FAD P . 61.30 -7.27 -69.29
C4 FAD P . 61.99 -6.19 -69.69
O4 FAD P . 61.65 -5.05 -69.30
C4X FAD P . 63.15 -6.38 -70.61
N5 FAD P . 63.91 -5.36 -71.05
C5X FAD P . 64.95 -5.56 -71.88
C6 FAD P . 65.69 -4.46 -72.31
C7 FAD P . 66.78 -4.61 -73.16
C7M FAD P . 67.56 -3.40 -73.61
C8 FAD P . 67.16 -5.98 -73.62
C8M FAD P . 68.34 -6.20 -74.54
C9 FAD P . 66.44 -7.09 -73.20
C9A FAD P . 65.34 -6.94 -72.34
N10 FAD P . 64.55 -8.05 -71.87
C10 FAD P . 63.46 -7.79 -71.01
C1' FAD P . 64.81 -9.45 -72.26
C2' FAD P . 65.54 -10.23 -71.17
O2' FAD P . 66.75 -9.53 -70.81
C3' FAD P . 65.87 -11.64 -71.64
O3' FAD P . 64.67 -12.31 -72.08
C4' FAD P . 66.53 -12.48 -70.55
O4' FAD P . 67.76 -11.86 -70.12
C5' FAD P . 66.81 -13.88 -71.05
O5' FAD P . 67.55 -14.61 -70.08
P FAD P . 68.47 -15.84 -70.57
O1P FAD P . 68.99 -16.53 -69.34
O2P FAD P . 67.69 -16.61 -71.60
O3P FAD P . 69.68 -15.09 -71.34
PA FAD Q . -35.89 34.49 33.99
O1A FAD Q . -36.78 34.88 35.15
O2A FAD Q . -36.52 33.98 32.72
O5B FAD Q . -35.00 35.79 33.67
C5B FAD Q . -34.14 35.90 32.54
C4B FAD Q . -34.23 37.31 32.01
O4B FAD Q . -32.97 37.70 31.45
C3B FAD Q . -35.28 37.49 30.92
O3B FAD Q . -36.17 38.55 31.28
C2B FAD Q . -34.50 37.83 29.65
O2B FAD Q . -35.16 38.81 28.85
C1B FAD Q . -33.17 38.35 30.19
N9A FAD Q . -32.00 38.10 29.30
C8A FAD Q . -31.66 36.95 28.68
N7A FAD Q . -30.52 37.12 27.96
C5A FAD Q . -30.11 38.38 28.12
C6A FAD Q . -28.99 39.22 27.65
N6A FAD Q . -28.04 38.71 26.82
N1A FAD Q . -28.93 40.51 28.06
C2A FAD Q . -29.86 41.04 28.89
N3A FAD Q . -30.92 40.33 29.35
C4A FAD Q . -31.09 39.03 29.02
N1 FAD Q . -41.82 28.50 38.31
C2 FAD Q . -42.38 28.30 39.53
O2 FAD Q . -41.63 28.24 40.53
N3 FAD Q . -43.71 28.16 39.71
C4 FAD Q . -44.58 28.22 38.68
O4 FAD Q . -45.80 28.10 38.89
C4X FAD Q . -44.04 28.43 37.31
N5 FAD Q . -44.84 28.51 36.22
C5X FAD Q . -44.33 28.71 34.99
C6 FAD Q . -45.22 28.77 33.91
C7 FAD Q . -44.76 28.97 32.60
C7M FAD Q . -45.73 29.04 31.47
C8 FAD Q . -43.30 29.13 32.37
C8M FAD Q . -42.76 29.35 30.98
C9 FAD Q . -42.40 29.07 33.44
C9A FAD Q . -42.85 28.86 34.75
N10 FAD Q . -41.98 28.80 35.88
C10 FAD Q . -42.56 28.58 37.17
C1' FAD Q . -40.52 28.90 35.80
C2' FAD Q . -39.99 30.27 36.16
O2' FAD Q . -40.57 31.23 35.27
C3' FAD Q . -38.46 30.29 36.04
O3' FAD Q . -37.90 29.19 36.77
C4' FAD Q . -37.82 31.59 36.52
O4' FAD Q . -38.34 32.71 35.79
C5' FAD Q . -36.31 31.51 36.36
O5' FAD Q . -35.70 32.75 36.68
P FAD Q . -34.33 33.20 35.97
O1P FAD Q . -33.90 34.52 36.54
O2P FAD Q . -33.36 32.03 36.01
O3P FAD Q . -34.78 33.42 34.45
PA FAD R . -70.76 14.46 70.29
O1A FAD R . -70.22 14.23 68.91
O2A FAD R . -71.70 15.62 70.51
O5B FAD R . -71.49 13.09 70.75
C5B FAD R . -72.41 13.02 71.84
C4B FAD R . -73.59 12.15 71.44
O4B FAD R . -74.08 11.48 72.60
C3B FAD R . -74.78 12.93 70.88
O3B FAD R . -75.23 12.33 69.67
C2B FAD R . -75.85 12.86 71.94
O2B FAD R . -77.16 12.77 71.38
C1B FAD R . -75.50 11.59 72.69
N9A FAD R . -75.91 11.55 74.12
C8A FAD R . -75.82 12.53 75.05
N7A FAD R . -76.28 12.09 76.25
C5A FAD R . -76.66 10.82 76.10
C6A FAD R . -77.24 9.76 76.96
N6A FAD R . -77.50 10.00 78.27
N1A FAD R . -77.49 8.55 76.40
C2A FAD R . -77.23 8.29 75.09
N3A FAD R . -76.71 9.21 74.26
C4A FAD R . -76.41 10.46 74.70
N1 FAD R . -64.93 20.57 65.78
C2 FAD R . -63.93 20.56 64.85
O2 FAD R . -62.92 19.86 65.09
N3 FAD R . -64.00 21.25 63.69
C4 FAD R . -65.06 22.01 63.39
O4 FAD R . -65.09 22.65 62.31
C4X FAD R . -66.19 22.09 64.36
N5 FAD R . -67.29 22.83 64.13
C5X FAD R . -68.31 22.90 65.01
C6 FAD R . -69.41 23.69 64.68
C7 FAD R . -70.49 23.80 65.55
C7M FAD R . -71.67 24.65 65.17
C8 FAD R . -70.47 23.04 66.84
C8M FAD R . -71.63 23.13 67.80
C9 FAD R . -69.37 22.24 67.16
C9A FAD R . -68.27 22.13 66.29
N10 FAD R . -67.11 21.33 66.57
C10 FAD R . -66.06 21.29 65.61
C1' FAD R . -66.94 20.55 67.80
C2' FAD R . -67.21 19.06 67.57
O2' FAD R . -68.43 18.88 66.85
C3' FAD R . -67.26 18.32 68.91
O3' FAD R . -66.09 18.65 69.67
C4' FAD R . -67.34 16.81 68.70
O4' FAD R . -68.56 16.48 68.03
C5' FAD R . -67.25 16.09 70.03
O5' FAD R . -67.54 14.71 69.87
P FAD R . -68.11 13.89 71.12
O1P FAD R . -68.30 12.45 70.70
O2P FAD R . -67.27 14.23 72.31
O3P FAD R . -69.55 14.57 71.36
#